data_7WAF
#
_entry.id   7WAF
#
_cell.length_a   1.00
_cell.length_b   1.00
_cell.length_c   1.00
_cell.angle_alpha   90.00
_cell.angle_beta   90.00
_cell.angle_gamma   90.00
#
_symmetry.space_group_name_H-M   'P 1'
#
loop_
_entity.id
_entity.type
_entity.pdbx_description
1 polymer 'Cyanophycin synthase'
2 polymer 4x(beta-Asp-Arg)
3 non-polymer 'MAGNESIUM ION'
4 non-polymer 'PHOSPHOTHIOPHOSPHORIC ACID-ADENYLATE ESTER'
5 non-polymer ARGININE
#
loop_
_entity_poly.entity_id
_entity_poly.type
_entity_poly.pdbx_seq_one_letter_code
_entity_poly.pdbx_strand_id
1 'polypeptide(L)'
;MKILKLQTLRGPNYWSIHRHKLVVMRLDLEDLYEKYTSDIPGFYKGLTEVLPSLVEHLCSPGVKGGFLTRVEKGTLIGHV
IEHVAIELQELAGMPVGFGRTRETSTTGVFQVVIEYENEQAGRYAARAAVRLCQSIVDTGTYPATELQQDLEDLKELKNQ
ASLGPSTEAIVKEAEARGIPWTQLGARFMIQFGYGVNQKKIQATLSNQTGILGVELACDKEGTKRILKDAGVPVPRGTVA
RYFDELQDAIEYVGGYPIVIKPLDGNHGRGITIDVKNWQEAEEAYDLARKASKTKTVIVERYYTGKDHRVLVVNGKVVAV
AERVPAHVVGNGKSTIAELIEETNRDPQRGDGHDNILTRITVDKSALDILGKQGYSIDSIPLKGKKCFLRATANLSTGGI
AVDRTDEIHPENVWLLSRVAKIIGLDIAGIDVVTEDISQPLREVEGVIVEVNAAPGFRMHVAPSRGLARNVAGAVMDMLF
PGSKNGRIPILSVTGTNGKTTTTRLLAHIIKQTGKVVGYTTTDGTYIGEYLAETGDNTGPQSAHLILSDPTVEVAVLETA
RGGILRSGLGFSSCEVGIVLNVTADHLGIGDIDTIEQLAKLKSVVAESVMPKGYAVLNAEDPLVAAMADRVKGQVAYFSM
DPNNELLLRHTEAGGLAAIYENGYISILKGDWTLRIEKAVNVPITMAGKAPFMIANALAACLAVFTQGVKIEHIRKGLST
FVASVDQTPGRMNMFNMGSYHALVDYAHNPASYEALGGFVRNWPGKRIGVVGGPGDRRDEDFVSLGELAADIFDEIIIKE
DDDTRGRPRGNAAELICQGVKQFLNGIKNSESKATYESILDETAAINTALDRAPIDGLVVILPESVNRAISLIEGRHVIQ
DIELLQDSQREPKDQEVLKSSILEHHHHHH
;
A,B,C,D
2 'polypeptide(L)' DDDD I,J,K,L
#
loop_
_chem_comp.id
_chem_comp.type
_chem_comp.name
_chem_comp.formula
AGS non-polymer 'PHOSPHOTHIOPHOSPHORIC ACID-ADENYLATE ESTER' 'C10 H16 N5 O12 P3 S'
MG non-polymer 'MAGNESIUM ION' 'Mg 2'
#
# COMPACT_ATOMS: atom_id res chain seq x y z
N MET A 1 -6.57 57.17 33.17
CA MET A 1 -6.39 55.87 32.53
C MET A 1 -6.33 56.03 31.02
N LYS A 2 -5.35 55.39 30.39
CA LYS A 2 -5.21 55.44 28.94
C LYS A 2 -4.76 54.07 28.46
N ILE A 3 -5.56 53.46 27.58
CA ILE A 3 -5.22 52.15 27.02
C ILE A 3 -4.16 52.35 25.95
N LEU A 4 -2.98 51.78 26.16
CA LEU A 4 -1.85 51.95 25.25
C LEU A 4 -1.78 50.87 24.18
N LYS A 5 -2.07 49.62 24.53
CA LYS A 5 -2.02 48.53 23.58
C LYS A 5 -2.96 47.43 24.05
N LEU A 6 -3.62 46.79 23.09
CA LEU A 6 -4.60 45.72 23.36
C LEU A 6 -4.30 44.57 22.41
N GLN A 7 -3.79 43.47 22.95
CA GLN A 7 -3.46 42.29 22.17
C GLN A 7 -4.34 41.13 22.58
N THR A 8 -4.59 40.23 21.63
CA THR A 8 -5.38 39.03 21.89
C THR A 8 -4.53 37.80 21.60
N LEU A 9 -4.57 36.84 22.52
CA LEU A 9 -3.81 35.60 22.47
C LEU A 9 -4.78 34.46 22.21
N ARG A 10 -4.48 33.64 21.20
CA ARG A 10 -5.39 32.56 20.81
C ARG A 10 -4.82 31.17 21.02
N GLY A 11 -3.55 31.04 21.41
CA GLY A 11 -2.97 29.74 21.66
C GLY A 11 -2.19 29.74 22.95
N PRO A 12 -1.41 28.67 23.19
CA PRO A 12 -0.51 28.66 24.34
C PRO A 12 0.42 29.86 24.28
N ASN A 13 0.63 30.51 25.42
CA ASN A 13 1.25 31.82 25.44
C ASN A 13 2.11 31.96 26.69
N TYR A 14 2.71 33.14 26.82
CA TYR A 14 3.61 33.43 27.95
C TYR A 14 2.87 33.40 29.28
N TRP A 15 1.64 33.91 29.31
CA TRP A 15 0.92 34.04 30.56
C TRP A 15 0.40 32.69 31.07
N SER A 16 -0.08 31.84 30.18
CA SER A 16 -0.63 30.57 30.62
C SER A 16 -0.54 29.55 29.51
N ILE A 17 -0.65 28.28 29.90
CA ILE A 17 -0.76 27.16 28.97
C ILE A 17 -2.00 26.37 29.38
N HIS A 18 -2.78 25.96 28.37
CA HIS A 18 -4.13 25.42 28.46
C HIS A 18 -5.16 26.53 28.64
N ARG A 19 -4.74 27.78 28.83
CA ARG A 19 -5.62 28.94 28.76
C ARG A 19 -5.22 29.71 27.50
N HIS A 20 -5.78 29.29 26.37
CA HIS A 20 -5.35 29.83 25.09
C HIS A 20 -5.96 31.20 24.81
N LYS A 21 -7.25 31.38 25.12
CA LYS A 21 -7.97 32.60 24.78
C LYS A 21 -7.76 33.62 25.89
N LEU A 22 -6.90 34.61 25.64
CA LEU A 22 -6.63 35.66 26.61
C LEU A 22 -6.57 36.99 25.88
N VAL A 23 -6.71 38.07 26.65
CA VAL A 23 -6.51 39.42 26.13
C VAL A 23 -5.62 40.18 27.11
N VAL A 24 -4.59 40.82 26.60
CA VAL A 24 -3.63 41.54 27.43
C VAL A 24 -3.63 43.00 27.03
N MET A 25 -3.74 43.89 28.02
CA MET A 25 -3.76 45.32 27.77
C MET A 25 -2.70 46.01 28.59
N ARG A 26 -2.02 46.96 27.95
CA ARG A 26 -1.06 47.85 28.60
C ARG A 26 -1.83 49.08 29.05
N LEU A 27 -2.08 49.17 30.36
CA LEU A 27 -2.94 50.20 30.92
C LEU A 27 -2.09 51.25 31.62
N ASP A 28 -2.25 52.50 31.23
CA ASP A 28 -1.47 53.60 31.79
C ASP A 28 -2.21 54.19 32.98
N LEU A 29 -1.59 54.12 34.16
CA LEU A 29 -2.15 54.69 35.39
C LEU A 29 -1.49 56.05 35.61
N GLU A 30 -1.96 57.04 34.86
CA GLU A 30 -1.30 58.34 34.83
C GLU A 30 -1.37 59.05 36.18
N ASP A 31 -2.50 58.95 36.87
CA ASP A 31 -2.70 59.69 38.11
C ASP A 31 -3.05 58.81 39.30
N LEU A 32 -3.71 57.67 39.09
CA LEU A 32 -4.04 56.75 40.17
C LEU A 32 -3.02 55.63 40.32
N TYR A 33 -1.74 55.93 40.04
CA TYR A 33 -0.72 54.89 40.01
C TYR A 33 -0.55 54.20 41.35
N GLU A 34 -0.52 54.96 42.44
CA GLU A 34 -0.30 54.40 43.76
C GLU A 34 -1.44 54.79 44.69
N LYS A 35 -2.68 54.70 44.20
CA LYS A 35 -3.86 55.03 44.98
C LYS A 35 -4.64 53.73 45.22
N TYR A 36 -4.73 53.33 46.48
CA TYR A 36 -5.45 52.12 46.84
C TYR A 36 -6.95 52.40 46.95
N THR A 37 -7.74 51.33 46.96
CA THR A 37 -9.19 51.48 47.03
C THR A 37 -9.62 52.12 48.34
N SER A 38 -8.94 51.81 49.44
CA SER A 38 -9.28 52.44 50.72
C SER A 38 -8.98 53.94 50.73
N ASP A 39 -8.10 54.40 49.86
CA ASP A 39 -7.74 55.81 49.79
C ASP A 39 -8.54 56.57 48.75
N ILE A 40 -9.48 55.92 48.07
CA ILE A 40 -10.37 56.57 47.11
C ILE A 40 -11.73 56.77 47.79
N PRO A 41 -12.21 58.00 47.90
CA PRO A 41 -13.45 58.25 48.65
C PRO A 41 -14.66 57.64 47.97
N GLY A 42 -15.37 56.78 48.69
CA GLY A 42 -16.60 56.19 48.18
C GLY A 42 -16.42 55.20 47.05
N PHE A 43 -15.21 54.70 46.85
CA PHE A 43 -14.98 53.75 45.76
C PHE A 43 -15.63 52.40 46.04
N TYR A 44 -15.44 51.87 47.26
CA TYR A 44 -15.93 50.53 47.57
C TYR A 44 -17.44 50.45 47.46
N LYS A 45 -18.15 51.40 48.06
CA LYS A 45 -19.61 51.35 48.06
C LYS A 45 -20.16 51.48 46.66
N GLY A 46 -19.63 52.42 45.86
CA GLY A 46 -20.08 52.57 44.49
C GLY A 46 -19.82 51.33 43.66
N LEU A 47 -18.63 50.73 43.83
CA LEU A 47 -18.31 49.53 43.09
C LEU A 47 -19.22 48.37 43.47
N THR A 48 -19.49 48.21 44.77
CA THR A 48 -20.31 47.09 45.22
C THR A 48 -21.80 47.29 44.96
N GLU A 49 -22.24 48.53 44.75
CA GLU A 49 -23.63 48.73 44.34
C GLU A 49 -23.79 48.66 42.83
N VAL A 50 -22.76 49.05 42.07
CA VAL A 50 -22.81 48.91 40.62
C VAL A 50 -22.83 47.42 40.24
N LEU A 51 -21.98 46.62 40.85
CA LEU A 51 -21.88 45.19 40.56
C LEU A 51 -21.82 44.39 41.86
N PRO A 52 -22.98 44.06 42.45
CA PRO A 52 -22.97 43.20 43.64
C PRO A 52 -22.42 41.81 43.38
N SER A 53 -22.47 41.34 42.12
CA SER A 53 -22.02 39.99 41.80
C SER A 53 -20.56 39.76 42.13
N LEU A 54 -19.78 40.84 42.29
CA LEU A 54 -18.39 40.71 42.71
C LEU A 54 -18.25 39.96 44.02
N VAL A 55 -19.34 39.84 44.79
CA VAL A 55 -19.30 39.08 46.04
C VAL A 55 -18.97 37.61 45.80
N GLU A 56 -19.12 37.15 44.57
CA GLU A 56 -18.84 35.76 44.22
C GLU A 56 -17.37 35.52 43.86
N HIS A 57 -16.56 36.58 43.79
CA HIS A 57 -15.16 36.45 43.37
C HIS A 57 -14.33 35.89 44.52
N LEU A 58 -13.96 34.61 44.43
CA LEU A 58 -13.06 33.99 45.39
C LEU A 58 -11.62 34.36 45.01
N CYS A 59 -11.17 35.50 45.51
CA CYS A 59 -9.83 36.00 45.20
C CYS A 59 -8.78 35.31 46.06
N SER A 60 -7.57 35.89 46.08
CA SER A 60 -6.43 35.37 46.83
C SER A 60 -6.75 34.96 48.26
N PRO A 61 -7.70 35.61 48.96
CA PRO A 61 -8.17 35.02 50.23
C PRO A 61 -8.70 33.60 50.07
N GLY A 62 -9.29 33.27 48.93
CA GLY A 62 -9.79 31.94 48.69
C GLY A 62 -11.14 31.64 49.32
N VAL A 63 -11.81 32.65 49.87
CA VAL A 63 -13.08 32.47 50.54
C VAL A 63 -14.10 33.40 49.88
N LYS A 64 -15.38 33.03 49.98
CA LYS A 64 -16.48 33.82 49.44
C LYS A 64 -16.38 35.27 49.86
N GLY A 65 -16.38 36.17 48.87
CA GLY A 65 -16.23 37.58 49.13
C GLY A 65 -14.82 38.03 49.42
N GLY A 66 -13.81 37.19 49.13
CA GLY A 66 -12.43 37.55 49.43
C GLY A 66 -11.96 38.77 48.67
N PHE A 67 -12.40 38.92 47.42
CA PHE A 67 -12.03 40.10 46.65
C PHE A 67 -12.57 41.37 47.28
N LEU A 68 -13.76 41.28 47.88
CA LEU A 68 -14.31 42.44 48.59
C LEU A 68 -13.44 42.83 49.78
N THR A 69 -12.95 41.84 50.52
CA THR A 69 -12.02 42.14 51.61
C THR A 69 -10.73 42.74 51.09
N ARG A 70 -10.24 42.24 49.95
CA ARG A 70 -9.05 42.80 49.34
C ARG A 70 -9.25 44.27 48.96
N VAL A 71 -10.43 44.60 48.44
CA VAL A 71 -10.75 46.00 48.16
C VAL A 71 -10.84 46.80 49.46
N GLU A 72 -11.36 46.18 50.51
CA GLU A 72 -11.46 46.85 51.81
C GLU A 72 -10.08 47.25 52.32
N LYS A 73 -9.12 46.32 52.28
CA LYS A 73 -7.79 46.61 52.80
C LYS A 73 -7.02 47.59 51.92
N GLY A 74 -7.51 47.92 50.73
CA GLY A 74 -6.80 48.81 49.84
C GLY A 74 -6.00 48.06 48.81
N THR A 75 -6.39 48.20 47.54
CA THR A 75 -5.76 47.44 46.45
C THR A 75 -5.57 48.35 45.26
N LEU A 76 -4.57 48.03 44.43
CA LEU A 76 -4.34 48.78 43.22
C LEU A 76 -5.51 48.60 42.25
N ILE A 77 -5.76 49.63 41.45
CA ILE A 77 -6.93 49.63 40.57
C ILE A 77 -6.82 48.62 39.43
N GLY A 78 -5.62 48.15 39.10
CA GLY A 78 -5.51 47.11 38.08
C GLY A 78 -6.19 45.82 38.48
N HIS A 79 -6.07 45.46 39.75
CA HIS A 79 -6.73 44.25 40.26
C HIS A 79 -8.25 44.36 40.16
N VAL A 80 -8.81 45.48 40.60
CA VAL A 80 -10.25 45.65 40.51
C VAL A 80 -10.68 45.76 39.05
N ILE A 81 -9.81 46.27 38.19
CA ILE A 81 -10.16 46.38 36.77
C ILE A 81 -10.23 45.00 36.13
N GLU A 82 -9.26 44.13 36.41
CA GLU A 82 -9.35 42.78 35.86
C GLU A 82 -10.57 42.06 36.42
N HIS A 83 -10.85 42.23 37.72
CA HIS A 83 -12.01 41.56 38.30
C HIS A 83 -13.32 42.07 37.71
N VAL A 84 -13.42 43.38 37.46
CA VAL A 84 -14.65 43.92 36.90
C VAL A 84 -14.78 43.49 35.44
N ALA A 85 -13.68 43.32 34.72
CA ALA A 85 -13.77 42.78 33.37
C ALA A 85 -14.29 41.34 33.38
N ILE A 86 -13.73 40.51 34.29
CA ILE A 86 -14.21 39.14 34.43
C ILE A 86 -15.71 39.13 34.71
N GLU A 87 -16.15 39.93 35.68
CA GLU A 87 -17.56 39.92 36.05
C GLU A 87 -18.44 40.53 34.95
N LEU A 88 -17.92 41.52 34.23
CA LEU A 88 -18.69 42.16 33.18
C LEU A 88 -18.98 41.18 32.04
N GLN A 89 -17.98 40.40 31.64
CA GLN A 89 -18.29 39.41 30.61
C GLN A 89 -18.87 38.12 31.18
N GLU A 90 -18.83 37.93 32.50
CA GLU A 90 -19.53 36.80 33.11
C GLU A 90 -21.03 37.04 33.22
N LEU A 91 -21.44 38.28 33.47
CA LEU A 91 -22.87 38.59 33.57
C LEU A 91 -23.58 38.36 32.24
N ALA A 92 -22.86 38.48 31.13
CA ALA A 92 -23.42 38.23 29.80
C ALA A 92 -23.53 36.75 29.47
N GLY A 93 -23.37 35.87 30.46
CA GLY A 93 -23.47 34.44 30.24
C GLY A 93 -22.21 33.75 29.75
N MET A 94 -21.07 34.43 29.79
CA MET A 94 -19.82 33.86 29.31
C MET A 94 -18.90 33.57 30.49
N PRO A 95 -18.77 32.31 30.92
CA PRO A 95 -17.97 32.00 32.10
C PRO A 95 -16.48 32.07 31.81
N VAL A 96 -15.78 32.94 32.53
CA VAL A 96 -14.33 33.09 32.42
C VAL A 96 -13.77 33.20 33.83
N GLY A 97 -12.62 32.57 34.06
CA GLY A 97 -12.06 32.52 35.40
C GLY A 97 -10.55 32.69 35.51
N PHE A 98 -9.95 33.44 34.59
CA PHE A 98 -8.51 33.68 34.63
C PHE A 98 -8.23 35.17 34.52
N GLY A 99 -7.31 35.66 35.35
CA GLY A 99 -6.93 37.06 35.33
C GLY A 99 -5.62 37.32 36.04
N ARG A 100 -4.80 38.22 35.47
CA ARG A 100 -3.49 38.52 36.04
C ARG A 100 -3.19 40.01 35.88
N THR A 101 -2.37 40.54 36.79
CA THR A 101 -1.94 41.92 36.71
C THR A 101 -0.47 41.99 37.10
N ARG A 102 0.34 42.67 36.29
CA ARG A 102 1.76 42.75 36.54
C ARG A 102 2.26 44.18 36.34
N GLU A 103 3.28 44.54 37.10
CA GLU A 103 3.96 45.82 36.94
C GLU A 103 5.01 45.71 35.84
N THR A 104 4.95 46.62 34.88
CA THR A 104 5.90 46.62 33.78
C THR A 104 7.19 47.34 34.19
N SER A 105 8.20 47.24 33.33
CA SER A 105 9.47 47.90 33.59
C SER A 105 9.32 49.42 33.62
N THR A 106 8.53 49.97 32.70
CA THR A 106 8.28 51.40 32.70
C THR A 106 7.47 51.79 33.93
N THR A 107 7.51 53.10 34.25
CA THR A 107 7.06 53.55 35.56
C THR A 107 5.56 53.35 35.75
N GLY A 108 4.72 53.94 34.91
CA GLY A 108 3.31 54.04 35.19
C GLY A 108 2.37 53.09 34.47
N VAL A 109 2.89 52.07 33.78
CA VAL A 109 2.06 51.19 32.96
C VAL A 109 1.98 49.82 33.61
N PHE A 110 0.76 49.30 33.73
CA PHE A 110 0.49 47.94 34.17
C PHE A 110 0.14 47.08 32.96
N GLN A 111 0.25 45.75 33.16
CA GLN A 111 -0.21 44.79 32.18
C GLN A 111 -1.33 43.98 32.81
N VAL A 112 -2.50 43.98 32.17
CA VAL A 112 -3.69 43.33 32.71
C VAL A 112 -4.14 42.27 31.71
N VAL A 113 -4.30 41.04 32.19
CA VAL A 113 -4.60 39.88 31.36
C VAL A 113 -5.94 39.32 31.80
N ILE A 114 -6.86 39.18 30.83
CA ILE A 114 -8.24 38.79 31.07
C ILE A 114 -8.56 37.58 30.21
N GLU A 115 -9.12 36.53 30.80
CA GLU A 115 -9.61 35.42 30.01
C GLU A 115 -10.90 35.82 29.29
N TYR A 116 -11.06 35.35 28.06
CA TYR A 116 -12.25 35.63 27.28
C TYR A 116 -12.79 34.34 26.68
N GLU A 117 -14.05 34.40 26.26
CA GLU A 117 -14.67 33.35 25.46
C GLU A 117 -14.89 33.75 24.02
N ASN A 118 -15.26 35.00 23.77
CA ASN A 118 -15.36 35.58 22.44
C ASN A 118 -14.34 36.69 22.32
N GLU A 119 -13.66 36.76 21.17
CA GLU A 119 -12.59 37.73 20.99
C GLU A 119 -13.11 39.15 21.07
N GLN A 120 -14.14 39.47 20.28
CA GLN A 120 -14.71 40.82 20.31
C GLN A 120 -15.34 41.13 21.65
N ALA A 121 -16.02 40.15 22.24
CA ALA A 121 -16.61 40.36 23.56
C ALA A 121 -15.54 40.60 24.61
N GLY A 122 -14.44 39.85 24.54
CA GLY A 122 -13.36 40.06 25.49
C GLY A 122 -12.72 41.43 25.35
N ARG A 123 -12.47 41.86 24.12
CA ARG A 123 -11.90 43.18 23.90
C ARG A 123 -12.85 44.27 24.38
N TYR A 124 -14.15 44.10 24.11
CA TYR A 124 -15.13 45.09 24.56
C TYR A 124 -15.20 45.15 26.09
N ALA A 125 -15.15 43.99 26.76
CA ALA A 125 -15.17 43.98 28.21
C ALA A 125 -13.92 44.65 28.77
N ALA A 126 -12.76 44.39 28.17
CA ALA A 126 -11.54 45.04 28.63
C ALA A 126 -11.62 46.55 28.46
N ARG A 127 -12.14 47.00 27.32
CA ARG A 127 -12.29 48.45 27.10
C ARG A 127 -13.30 49.06 28.06
N ALA A 128 -14.38 48.35 28.37
CA ALA A 128 -15.43 48.90 29.22
C ALA A 128 -15.05 48.91 30.69
N ALA A 129 -14.17 47.99 31.12
CA ALA A 129 -13.80 47.92 32.53
C ALA A 129 -13.10 49.20 32.97
N VAL A 130 -12.18 49.72 32.16
CA VAL A 130 -11.45 50.93 32.55
C VAL A 130 -12.39 52.13 32.57
N ARG A 131 -13.34 52.20 31.63
CA ARG A 131 -14.32 53.28 31.64
C ARG A 131 -15.19 53.21 32.89
N LEU A 132 -15.63 52.02 33.26
CA LEU A 132 -16.44 51.86 34.47
C LEU A 132 -15.66 52.30 35.70
N CYS A 133 -14.40 51.87 35.82
CA CYS A 133 -13.61 52.24 36.99
C CYS A 133 -13.32 53.74 37.02
N GLN A 134 -13.04 54.34 35.85
CA GLN A 134 -12.81 55.79 35.81
C GLN A 134 -14.06 56.55 36.21
N SER A 135 -15.23 56.11 35.73
CA SER A 135 -16.47 56.76 36.12
C SER A 135 -16.71 56.63 37.61
N ILE A 136 -16.40 55.46 38.19
CA ILE A 136 -16.58 55.28 39.63
C ILE A 136 -15.65 56.21 40.41
N VAL A 137 -14.38 56.30 40.00
CA VAL A 137 -13.46 57.16 40.75
C VAL A 137 -13.80 58.63 40.57
N ASP A 138 -14.39 59.00 39.43
CA ASP A 138 -14.69 60.41 39.19
C ASP A 138 -16.00 60.85 39.85
N THR A 139 -17.01 59.99 39.85
CA THR A 139 -18.33 60.36 40.33
C THR A 139 -18.83 59.53 41.51
N GLY A 140 -18.18 58.43 41.84
CA GLY A 140 -18.62 57.57 42.92
C GLY A 140 -19.59 56.49 42.52
N THR A 141 -20.08 56.50 41.29
CA THR A 141 -21.01 55.49 40.82
C THR A 141 -21.01 55.45 39.30
N TYR A 142 -21.55 54.37 38.75
CA TYR A 142 -21.74 54.21 37.33
C TYR A 142 -23.22 54.16 37.01
N PRO A 143 -23.69 54.89 36.00
CA PRO A 143 -25.12 54.86 35.67
C PRO A 143 -25.58 53.46 35.31
N ALA A 144 -26.79 53.12 35.78
CA ALA A 144 -27.34 51.79 35.48
C ALA A 144 -27.69 51.65 34.01
N THR A 145 -28.09 52.74 33.36
CA THR A 145 -28.41 52.69 31.93
C THR A 145 -27.18 52.33 31.11
N GLU A 146 -26.02 52.89 31.44
CA GLU A 146 -24.79 52.56 30.72
C GLU A 146 -24.38 51.12 30.99
N LEU A 147 -24.56 50.65 32.22
CA LEU A 147 -24.25 49.26 32.54
C LEU A 147 -25.13 48.31 31.73
N GLN A 148 -26.43 48.61 31.65
CA GLN A 148 -27.32 47.78 30.85
C GLN A 148 -26.98 47.84 29.37
N GLN A 149 -26.60 49.02 28.87
CA GLN A 149 -26.18 49.13 27.48
C GLN A 149 -24.96 48.27 27.21
N ASP A 150 -23.98 48.29 28.13
CA ASP A 150 -22.78 47.49 27.95
C ASP A 150 -23.09 45.99 28.01
N LEU A 151 -23.96 45.58 28.94
CA LEU A 151 -24.33 44.17 29.00
C LEU A 151 -25.08 43.73 27.75
N GLU A 152 -25.96 44.58 27.22
CA GLU A 152 -26.66 44.24 25.99
C GLU A 152 -25.68 44.14 24.82
N ASP A 153 -24.70 45.05 24.77
CA ASP A 153 -23.70 44.98 23.72
C ASP A 153 -22.87 43.69 23.83
N LEU A 154 -22.52 43.30 25.06
CA LEU A 154 -21.78 42.06 25.25
C LEU A 154 -22.60 40.84 24.84
N LYS A 155 -23.88 40.83 25.18
CA LYS A 155 -24.75 39.73 24.77
C LYS A 155 -24.90 39.67 23.26
N GLU A 156 -25.01 40.84 22.62
CA GLU A 156 -25.08 40.88 21.16
C GLU A 156 -23.79 40.37 20.52
N LEU A 157 -22.65 40.72 21.11
CA LEU A 157 -21.38 40.22 20.60
C LEU A 157 -21.27 38.70 20.77
N LYS A 158 -21.74 38.18 21.91
CA LYS A 158 -21.73 36.74 22.12
C LYS A 158 -22.62 36.03 21.11
N ASN A 159 -23.81 36.58 20.86
CA ASN A 159 -24.71 35.97 19.90
C ASN A 159 -24.16 36.04 18.48
N GLN A 160 -23.53 37.16 18.13
CA GLN A 160 -23.05 37.36 16.76
C GLN A 160 -21.92 36.38 16.42
N ALA A 161 -20.96 36.23 17.32
CA ALA A 161 -19.83 35.32 17.11
C ALA A 161 -20.11 33.97 17.76
N SER A 162 -21.21 33.35 17.33
CA SER A 162 -21.62 32.05 17.83
C SER A 162 -21.92 31.14 16.66
N LEU A 163 -21.50 29.88 16.78
CA LEU A 163 -21.87 28.88 15.80
C LEU A 163 -23.32 28.43 16.05
N GLY A 164 -23.80 27.55 15.18
CA GLY A 164 -25.10 26.95 15.37
C GLY A 164 -25.02 25.72 16.25
N PRO A 165 -26.17 25.28 16.77
CA PRO A 165 -26.16 24.08 17.62
C PRO A 165 -25.59 22.84 16.94
N SER A 166 -25.82 22.66 15.65
CA SER A 166 -25.23 21.52 14.96
C SER A 166 -23.70 21.64 14.90
N THR A 167 -23.23 22.81 14.47
CA THR A 167 -21.79 23.06 14.46
C THR A 167 -21.22 23.04 15.87
N GLU A 168 -21.96 23.57 16.84
CA GLU A 168 -21.49 23.52 18.22
C GLU A 168 -21.30 22.09 18.70
N ALA A 169 -22.29 21.23 18.43
CA ALA A 169 -22.19 19.85 18.88
C ALA A 169 -21.04 19.12 18.19
N ILE A 170 -20.88 19.33 16.88
CA ILE A 170 -19.81 18.64 16.17
C ILE A 170 -18.44 19.13 16.65
N VAL A 171 -18.30 20.44 16.85
CA VAL A 171 -17.04 20.98 17.34
C VAL A 171 -16.74 20.49 18.75
N LYS A 172 -17.77 20.38 19.60
CA LYS A 172 -17.57 19.88 20.94
C LYS A 172 -17.11 18.43 20.92
N GLU A 173 -17.70 17.61 20.04
CA GLU A 173 -17.25 16.22 19.90
C GLU A 173 -15.80 16.17 19.42
N ALA A 174 -15.45 17.00 18.43
CA ALA A 174 -14.08 17.01 17.94
C ALA A 174 -13.09 17.43 19.03
N GLU A 175 -13.47 18.42 19.84
CA GLU A 175 -12.62 18.82 20.97
C GLU A 175 -12.48 17.68 21.97
N ALA A 176 -13.58 16.96 22.24
CA ALA A 176 -13.53 15.84 23.16
C ALA A 176 -12.61 14.74 22.64
N ARG A 177 -12.49 14.60 21.32
CA ARG A 177 -11.60 13.61 20.74
C ARG A 177 -10.19 14.14 20.49
N GLY A 178 -9.90 15.38 20.87
CA GLY A 178 -8.57 15.92 20.67
C GLY A 178 -8.21 16.23 19.24
N ILE A 179 -9.20 16.45 18.38
CA ILE A 179 -8.98 16.74 16.98
C ILE A 179 -8.99 18.26 16.80
N PRO A 180 -7.92 18.86 16.26
CA PRO A 180 -7.88 20.31 16.12
C PRO A 180 -8.98 20.81 15.18
N TRP A 181 -9.47 22.01 15.47
CA TRP A 181 -10.50 22.63 14.66
C TRP A 181 -10.24 24.12 14.56
N THR A 182 -10.46 24.68 13.37
CA THR A 182 -10.31 26.10 13.12
C THR A 182 -11.50 26.59 12.31
N GLN A 183 -11.75 27.89 12.38
CA GLN A 183 -12.86 28.51 11.67
C GLN A 183 -12.33 29.18 10.41
N LEU A 184 -12.79 28.71 9.26
CA LEU A 184 -12.44 29.34 8.00
C LEU A 184 -13.21 30.64 7.83
N GLY A 185 -12.64 31.57 7.08
CA GLY A 185 -13.20 32.89 6.94
C GLY A 185 -14.13 33.10 5.76
N ALA A 186 -14.51 32.05 5.05
CA ALA A 186 -15.30 32.20 3.84
C ALA A 186 -16.81 32.03 4.06
N ARG A 187 -17.23 30.86 4.50
CA ARG A 187 -18.65 30.50 4.46
C ARG A 187 -19.08 29.79 5.73
N PHE A 188 -18.59 30.26 6.88
CA PHE A 188 -18.86 29.63 8.17
C PHE A 188 -18.44 28.16 8.16
N MET A 189 -17.34 27.87 7.47
CA MET A 189 -16.84 26.51 7.39
C MET A 189 -15.82 26.25 8.49
N ILE A 190 -15.90 25.06 9.07
CA ILE A 190 -14.99 24.62 10.12
C ILE A 190 -14.08 23.55 9.53
N GLN A 191 -12.78 23.72 9.72
CA GLN A 191 -11.78 22.76 9.27
C GLN A 191 -11.26 21.96 10.45
N PHE A 192 -11.33 20.64 10.34
CA PHE A 192 -10.81 19.73 11.34
C PHE A 192 -9.51 19.12 10.84
N GLY A 193 -8.53 18.99 11.74
CA GLY A 193 -7.28 18.39 11.38
C GLY A 193 -6.36 19.33 10.64
N TYR A 194 -5.22 18.79 10.21
CA TYR A 194 -4.17 19.56 9.57
C TYR A 194 -3.72 18.90 8.28
N GLY A 195 -3.28 19.72 7.34
CA GLY A 195 -2.61 19.23 6.16
C GLY A 195 -3.45 18.27 5.33
N VAL A 196 -2.83 17.15 4.95
CA VAL A 196 -3.51 16.16 4.11
C VAL A 196 -4.59 15.40 4.85
N ASN A 197 -4.65 15.51 6.18
CA ASN A 197 -5.59 14.77 7.00
C ASN A 197 -6.79 15.61 7.42
N GLN A 198 -7.03 16.74 6.75
CA GLN A 198 -8.07 17.67 7.16
C GLN A 198 -9.41 17.31 6.53
N LYS A 199 -10.48 17.71 7.22
CA LYS A 199 -11.85 17.63 6.71
C LYS A 199 -12.51 18.99 6.92
N LYS A 200 -13.63 19.21 6.24
CA LYS A 200 -14.37 20.46 6.37
C LYS A 200 -15.85 20.18 6.53
N ILE A 201 -16.51 20.97 7.37
CA ILE A 201 -17.96 20.93 7.51
C ILE A 201 -18.48 22.36 7.49
N GLN A 202 -19.75 22.52 7.08
CA GLN A 202 -20.35 23.83 7.24
C GLN A 202 -21.29 23.88 8.44
N ALA A 203 -22.39 23.13 8.37
CA ALA A 203 -23.21 22.81 9.54
C ALA A 203 -23.37 21.31 9.68
N THR A 204 -23.85 20.65 8.64
CA THR A 204 -23.94 19.20 8.56
C THR A 204 -23.35 18.65 7.28
N LEU A 205 -23.32 19.44 6.21
CA LEU A 205 -22.59 19.05 5.01
C LEU A 205 -21.11 18.93 5.30
N SER A 206 -20.51 17.85 4.84
CA SER A 206 -19.06 17.68 4.91
C SER A 206 -18.45 17.96 3.53
N ASN A 207 -17.12 18.01 3.49
CA ASN A 207 -16.44 18.22 2.23
C ASN A 207 -16.57 17.01 1.29
N GLN A 208 -17.05 15.88 1.78
CA GLN A 208 -17.31 14.70 0.96
C GLN A 208 -18.77 14.56 0.56
N THR A 209 -19.63 15.49 0.94
CA THR A 209 -21.02 15.46 0.52
C THR A 209 -21.12 15.93 -0.93
N GLY A 210 -21.83 15.16 -1.75
CA GLY A 210 -21.85 15.42 -3.17
C GLY A 210 -22.85 16.50 -3.57
N ILE A 211 -22.45 17.27 -4.58
CA ILE A 211 -23.36 18.26 -5.17
C ILE A 211 -24.55 17.57 -5.81
N LEU A 212 -24.31 16.47 -6.53
CA LEU A 212 -25.39 15.78 -7.23
C LEU A 212 -26.41 15.23 -6.24
N GLY A 213 -25.95 14.64 -5.14
CA GLY A 213 -26.88 14.11 -4.15
C GLY A 213 -27.72 15.19 -3.50
N VAL A 214 -27.09 16.32 -3.15
CA VAL A 214 -27.84 17.41 -2.52
C VAL A 214 -28.88 17.97 -3.50
N GLU A 215 -28.47 18.17 -4.75
CA GLU A 215 -29.41 18.72 -5.74
C GLU A 215 -30.55 17.75 -6.01
N LEU A 216 -30.26 16.45 -6.04
CA LEU A 216 -31.32 15.46 -6.24
C LEU A 216 -32.27 15.44 -5.05
N ALA A 217 -31.73 15.55 -3.83
CA ALA A 217 -32.59 15.58 -2.65
C ALA A 217 -33.47 16.81 -2.63
N CYS A 218 -32.94 17.96 -3.05
CA CYS A 218 -33.75 19.17 -3.11
C CYS A 218 -34.87 19.08 -4.13
N ASP A 219 -34.72 18.25 -5.15
CA ASP A 219 -35.75 18.07 -6.18
C ASP A 219 -36.71 16.99 -5.71
N LYS A 220 -37.95 17.39 -5.41
CA LYS A 220 -38.93 16.44 -4.89
C LYS A 220 -39.31 15.41 -5.95
N GLU A 221 -39.66 15.87 -7.16
CA GLU A 221 -40.11 14.96 -8.20
C GLU A 221 -38.98 14.05 -8.68
N GLY A 222 -37.77 14.61 -8.83
CA GLY A 222 -36.64 13.78 -9.22
C GLY A 222 -36.32 12.71 -8.19
N THR A 223 -36.36 13.08 -6.90
CA THR A 223 -36.13 12.11 -5.85
C THR A 223 -37.20 11.02 -5.86
N LYS A 224 -38.47 11.42 -6.04
CA LYS A 224 -39.53 10.42 -6.11
C LYS A 224 -39.33 9.48 -7.29
N ARG A 225 -38.96 10.01 -8.45
CA ARG A 225 -38.74 9.17 -9.63
C ARG A 225 -37.59 8.20 -9.40
N ILE A 226 -36.48 8.69 -8.84
CA ILE A 226 -35.33 7.82 -8.59
C ILE A 226 -35.67 6.73 -7.61
N LEU A 227 -36.37 7.09 -6.52
CA LEU A 227 -36.70 6.08 -5.50
C LEU A 227 -37.71 5.08 -6.03
N LYS A 228 -38.65 5.52 -6.86
CA LYS A 228 -39.60 4.59 -7.46
C LYS A 228 -38.91 3.64 -8.42
N ASP A 229 -37.93 4.13 -9.18
CA ASP A 229 -37.16 3.26 -10.06
C ASP A 229 -36.36 2.23 -9.28
N ALA A 230 -36.06 2.49 -8.01
CA ALA A 230 -35.32 1.57 -7.17
C ALA A 230 -36.21 0.66 -6.32
N GLY A 231 -37.53 0.75 -6.50
CA GLY A 231 -38.45 -0.06 -5.73
C GLY A 231 -38.80 0.48 -4.37
N VAL A 232 -38.32 1.67 -4.02
CA VAL A 232 -38.65 2.27 -2.72
C VAL A 232 -40.10 2.71 -2.72
N PRO A 233 -40.88 2.43 -1.67
CA PRO A 233 -42.30 2.81 -1.66
C PRO A 233 -42.53 4.29 -1.45
N VAL A 234 -42.49 5.08 -2.51
CA VAL A 234 -42.80 6.51 -2.45
C VAL A 234 -44.30 6.70 -2.63
N PRO A 235 -44.86 7.82 -2.17
CA PRO A 235 -46.29 8.06 -2.38
C PRO A 235 -46.64 8.22 -3.86
N ARG A 236 -47.84 7.78 -4.20
CA ARG A 236 -48.34 7.84 -5.57
C ARG A 236 -48.87 9.25 -5.84
N GLY A 237 -48.17 9.99 -6.70
CA GLY A 237 -48.47 11.40 -6.88
C GLY A 237 -48.35 11.84 -8.32
N THR A 238 -48.59 13.13 -8.54
CA THR A 238 -48.60 13.74 -9.86
C THR A 238 -48.39 15.24 -9.67
N VAL A 239 -48.00 15.90 -10.75
CA VAL A 239 -47.80 17.35 -10.75
C VAL A 239 -48.90 17.98 -11.61
N ALA A 240 -49.26 19.21 -11.27
CA ALA A 240 -50.30 19.93 -12.01
C ALA A 240 -50.02 21.43 -11.91
N ARG A 241 -50.31 22.15 -13.00
CA ARG A 241 -50.12 23.59 -13.04
C ARG A 241 -51.37 24.37 -13.43
N TYR A 242 -52.38 23.72 -14.00
CA TYR A 242 -53.61 24.39 -14.40
C TYR A 242 -54.80 23.77 -13.68
N PHE A 243 -55.88 24.54 -13.58
CA PHE A 243 -57.06 24.12 -12.83
C PHE A 243 -57.69 22.86 -13.42
N ASP A 244 -57.77 22.79 -14.75
CA ASP A 244 -58.47 21.69 -15.41
C ASP A 244 -57.78 20.35 -15.20
N GLU A 245 -56.50 20.34 -14.83
CA GLU A 245 -55.78 19.08 -14.67
C GLU A 245 -56.05 18.43 -13.33
N LEU A 246 -56.69 19.17 -12.40
CA LEU A 246 -56.87 18.69 -11.03
C LEU A 246 -57.72 17.42 -10.97
N GLN A 247 -58.85 17.41 -11.70
CA GLN A 247 -59.74 16.26 -11.65
C GLN A 247 -59.06 15.02 -12.22
N ASP A 248 -58.35 15.20 -13.34
CA ASP A 248 -57.61 14.08 -13.94
C ASP A 248 -56.54 13.56 -13.00
N ALA A 249 -55.82 14.46 -12.32
CA ALA A 249 -54.80 14.03 -11.37
C ALA A 249 -55.41 13.26 -10.21
N ILE A 250 -56.53 13.75 -9.68
CA ILE A 250 -57.20 13.07 -8.58
C ILE A 250 -57.69 11.69 -9.01
N GLU A 251 -58.16 11.57 -10.25
CA GLU A 251 -58.48 10.24 -10.77
C GLU A 251 -57.23 9.36 -10.85
N TYR A 252 -56.10 9.92 -11.26
CA TYR A 252 -54.89 9.13 -11.40
C TYR A 252 -54.39 8.61 -10.07
N VAL A 253 -54.40 9.45 -9.02
CA VAL A 253 -53.83 9.02 -7.74
C VAL A 253 -54.59 7.87 -7.11
N GLY A 254 -55.86 7.66 -7.49
CA GLY A 254 -56.58 6.50 -7.01
C GLY A 254 -57.77 6.82 -6.12
N GLY A 255 -58.23 8.07 -6.14
CA GLY A 255 -59.41 8.43 -5.38
C GLY A 255 -59.14 9.43 -4.27
N TYR A 256 -59.67 9.16 -3.08
CA TYR A 256 -59.60 10.04 -1.94
C TYR A 256 -59.17 9.25 -0.70
N PRO A 257 -58.56 9.91 0.29
CA PRO A 257 -58.17 11.32 0.35
C PRO A 257 -56.86 11.62 -0.38
N ILE A 258 -56.55 12.90 -0.58
CA ILE A 258 -55.34 13.32 -1.30
C ILE A 258 -54.66 14.45 -0.53
N VAL A 259 -53.47 14.79 -0.99
CA VAL A 259 -52.63 15.84 -0.43
C VAL A 259 -52.25 16.80 -1.55
N ILE A 260 -52.36 18.10 -1.28
CA ILE A 260 -51.99 19.15 -2.21
C ILE A 260 -50.89 19.97 -1.57
N LYS A 261 -49.76 20.10 -2.25
CA LYS A 261 -48.59 20.79 -1.72
C LYS A 261 -47.92 21.57 -2.83
N PRO A 262 -47.10 22.57 -2.50
CA PRO A 262 -46.31 23.25 -3.53
C PRO A 262 -44.99 22.55 -3.80
N LEU A 263 -44.49 22.78 -5.02
CA LEU A 263 -43.19 22.21 -5.39
C LEU A 263 -42.07 22.81 -4.56
N ASP A 264 -42.06 24.13 -4.43
CA ASP A 264 -41.01 24.84 -3.70
C ASP A 264 -41.64 25.74 -2.65
N GLY A 265 -41.19 25.59 -1.41
CA GLY A 265 -41.70 26.39 -0.31
C GLY A 265 -40.88 26.15 0.93
N ASN A 266 -41.16 26.96 1.96
CA ASN A 266 -40.45 26.88 3.23
C ASN A 266 -41.45 26.82 4.37
N HIS A 267 -41.13 26.01 5.38
CA HIS A 267 -41.96 25.86 6.58
C HIS A 267 -43.37 25.38 6.24
N GLY A 268 -43.50 24.61 5.16
CA GLY A 268 -44.80 24.08 4.77
C GLY A 268 -45.80 25.14 4.37
N ARG A 269 -45.38 26.10 3.54
CA ARG A 269 -46.27 27.16 3.09
C ARG A 269 -47.32 26.60 2.16
N GLY A 270 -48.59 26.72 2.56
CA GLY A 270 -49.70 26.32 1.71
C GLY A 270 -49.77 24.84 1.40
N ILE A 271 -49.50 23.98 2.38
CA ILE A 271 -49.60 22.54 2.22
C ILE A 271 -50.81 22.07 3.02
N THR A 272 -51.82 21.58 2.31
CA THR A 272 -52.92 20.89 2.98
C THR A 272 -52.53 19.44 3.24
N ILE A 273 -53.09 18.86 4.28
CA ILE A 273 -52.75 17.51 4.70
C ILE A 273 -53.82 16.51 4.27
N ASP A 274 -55.08 16.78 4.60
CA ASP A 274 -56.14 15.82 4.35
C ASP A 274 -57.35 16.55 3.79
N VAL A 275 -57.71 16.22 2.55
CA VAL A 275 -58.93 16.72 1.92
C VAL A 275 -59.69 15.53 1.34
N LYS A 276 -61.01 15.57 1.41
CA LYS A 276 -61.83 14.42 1.04
C LYS A 276 -62.92 14.72 0.02
N ASN A 277 -63.03 15.95 -0.48
CA ASN A 277 -64.04 16.26 -1.48
C ASN A 277 -63.50 17.36 -2.39
N TRP A 278 -64.38 17.96 -3.18
CA TRP A 278 -63.97 18.80 -4.30
C TRP A 278 -63.57 20.20 -3.84
N GLN A 279 -64.48 20.91 -3.17
CA GLN A 279 -64.29 22.34 -2.93
C GLN A 279 -63.03 22.62 -2.11
N GLU A 280 -62.81 21.84 -1.05
CA GLU A 280 -61.62 22.03 -0.22
C GLU A 280 -60.37 21.76 -1.04
N ALA A 281 -60.43 20.80 -1.95
CA ALA A 281 -59.31 20.57 -2.86
C ALA A 281 -59.07 21.80 -3.72
N GLU A 282 -60.13 22.46 -4.17
CA GLU A 282 -59.96 23.66 -4.99
C GLU A 282 -59.30 24.79 -4.21
N GLU A 283 -59.77 25.05 -2.98
CA GLU A 283 -59.13 26.12 -2.22
C GLU A 283 -57.71 25.76 -1.81
N ALA A 284 -57.45 24.48 -1.52
CA ALA A 284 -56.08 24.07 -1.21
C ALA A 284 -55.17 24.23 -2.42
N TYR A 285 -55.68 23.91 -3.62
CA TYR A 285 -54.91 24.11 -4.83
C TYR A 285 -54.60 25.59 -5.04
N ASP A 286 -55.59 26.46 -4.83
CA ASP A 286 -55.35 27.89 -4.96
C ASP A 286 -54.30 28.37 -3.97
N LEU A 287 -54.41 27.93 -2.72
CA LEU A 287 -53.45 28.35 -1.69
C LEU A 287 -52.04 27.87 -2.01
N ALA A 288 -51.90 26.61 -2.43
CA ALA A 288 -50.58 26.08 -2.76
C ALA A 288 -50.01 26.76 -4.00
N ARG A 289 -50.85 27.03 -5.00
CA ARG A 289 -50.39 27.69 -6.21
C ARG A 289 -49.90 29.10 -5.91
N LYS A 290 -50.61 29.82 -5.05
CA LYS A 290 -50.16 31.15 -4.63
C LYS A 290 -49.03 31.08 -3.61
N ALA A 291 -48.76 29.91 -3.03
CA ALA A 291 -47.64 29.75 -2.12
C ALA A 291 -46.38 29.26 -2.82
N SER A 292 -46.52 28.52 -3.91
CA SER A 292 -45.37 28.07 -4.67
C SER A 292 -44.73 29.22 -5.44
N LYS A 293 -43.40 29.16 -5.57
CA LYS A 293 -42.66 30.18 -6.30
C LYS A 293 -42.71 29.97 -7.82
N THR A 294 -43.26 28.85 -8.29
CA THR A 294 -43.30 28.55 -9.71
C THR A 294 -44.68 28.09 -10.17
N LYS A 295 -45.73 28.34 -9.37
CA LYS A 295 -47.13 28.19 -9.77
C LYS A 295 -47.54 26.73 -9.89
N THR A 296 -46.59 25.81 -9.76
CA THR A 296 -46.85 24.39 -9.94
C THR A 296 -47.07 23.69 -8.59
N VAL A 297 -47.89 22.65 -8.60
CA VAL A 297 -48.41 22.03 -7.38
C VAL A 297 -48.38 20.52 -7.51
N ILE A 298 -47.87 19.85 -6.47
CA ILE A 298 -47.94 18.40 -6.36
C ILE A 298 -49.29 18.02 -5.76
N VAL A 299 -49.93 17.00 -6.33
CA VAL A 299 -51.10 16.37 -5.75
C VAL A 299 -50.84 14.87 -5.69
N GLU A 300 -50.97 14.29 -4.50
CA GLU A 300 -50.62 12.88 -4.31
C GLU A 300 -51.66 12.21 -3.43
N ARG A 301 -51.55 10.89 -3.33
CA ARG A 301 -52.41 10.14 -2.42
C ARG A 301 -52.04 10.44 -0.97
N TYR A 302 -53.05 10.54 -0.11
CA TYR A 302 -52.81 10.74 1.30
C TYR A 302 -52.57 9.40 1.98
N TYR A 303 -51.50 9.31 2.76
CA TYR A 303 -51.14 8.08 3.46
C TYR A 303 -51.30 8.32 4.96
N THR A 304 -52.11 7.49 5.60
CA THR A 304 -52.31 7.59 7.04
C THR A 304 -51.11 7.03 7.78
N GLY A 305 -50.87 7.57 8.97
CA GLY A 305 -49.76 7.11 9.78
C GLY A 305 -48.98 8.24 10.41
N LYS A 306 -48.13 7.90 11.38
CA LYS A 306 -47.32 8.89 12.06
C LYS A 306 -46.10 9.27 11.22
N ASP A 307 -45.56 10.46 11.50
CA ASP A 307 -44.43 11.01 10.78
C ASP A 307 -43.16 10.79 11.58
N HIS A 308 -42.21 10.06 10.99
CA HIS A 308 -40.92 9.79 11.60
C HIS A 308 -39.81 10.48 10.81
N ARG A 309 -38.81 10.96 11.51
CA ARG A 309 -37.60 11.50 10.90
C ARG A 309 -36.46 10.55 11.22
N VAL A 310 -35.85 9.99 10.19
CA VAL A 310 -34.76 9.02 10.33
C VAL A 310 -33.48 9.70 9.89
N LEU A 311 -32.47 9.67 10.74
CA LEU A 311 -31.17 10.24 10.43
C LEU A 311 -30.23 9.12 10.00
N VAL A 312 -29.62 9.29 8.84
CA VAL A 312 -28.70 8.29 8.30
C VAL A 312 -27.35 8.96 8.12
N VAL A 313 -26.33 8.41 8.78
CA VAL A 313 -24.96 8.91 8.70
C VAL A 313 -24.08 7.80 8.19
N ASN A 314 -23.33 8.08 7.11
CA ASN A 314 -22.39 7.12 6.53
C ASN A 314 -23.08 5.81 6.18
N GLY A 315 -24.32 5.89 5.72
CA GLY A 315 -25.05 4.70 5.35
C GLY A 315 -25.57 3.87 6.50
N LYS A 316 -25.58 4.41 7.71
CA LYS A 316 -26.10 3.70 8.88
C LYS A 316 -27.16 4.56 9.57
N VAL A 317 -28.24 3.92 10.00
CA VAL A 317 -29.31 4.63 10.69
C VAL A 317 -28.84 4.95 12.10
N VAL A 318 -28.74 6.23 12.42
CA VAL A 318 -28.23 6.66 13.71
C VAL A 318 -29.35 6.96 14.69
N ALA A 319 -30.40 7.65 14.25
CA ALA A 319 -31.50 8.02 15.14
C ALA A 319 -32.80 8.03 14.36
N VAL A 320 -33.87 7.61 15.03
CA VAL A 320 -35.23 7.66 14.50
C VAL A 320 -36.10 8.40 15.50
N ALA A 321 -36.79 9.43 15.04
CA ALA A 321 -37.66 10.23 15.90
C ALA A 321 -39.03 10.35 15.27
N GLU A 322 -40.06 10.00 16.03
CA GLU A 322 -41.44 10.19 15.61
C GLU A 322 -41.89 11.58 16.02
N ARG A 323 -42.42 12.34 15.07
CA ARG A 323 -42.85 13.72 15.29
C ARG A 323 -44.33 13.71 15.65
N VAL A 324 -44.63 13.93 16.92
CA VAL A 324 -46.01 14.06 17.39
C VAL A 324 -46.36 15.55 17.34
N PRO A 325 -47.43 15.95 16.65
CA PRO A 325 -47.77 17.36 16.54
C PRO A 325 -48.22 17.91 17.89
N ALA A 326 -48.37 19.24 17.93
CA ALA A 326 -48.77 19.90 19.17
C ALA A 326 -50.10 19.36 19.65
N HIS A 327 -50.14 18.95 20.92
CA HIS A 327 -51.31 18.28 21.46
C HIS A 327 -51.33 18.47 22.97
N VAL A 328 -52.52 18.25 23.54
CA VAL A 328 -52.70 18.22 24.99
C VAL A 328 -53.57 17.02 25.33
N VAL A 329 -53.39 16.49 26.54
CA VAL A 329 -54.12 15.33 27.01
C VAL A 329 -54.86 15.71 28.29
N GLY A 330 -56.16 15.45 28.33
CA GLY A 330 -56.97 15.81 29.47
C GLY A 330 -57.14 14.68 30.47
N ASN A 331 -56.03 14.03 30.84
CA ASN A 331 -56.09 12.95 31.81
C ASN A 331 -56.35 13.44 33.22
N GLY A 332 -56.16 14.74 33.48
CA GLY A 332 -56.40 15.30 34.79
C GLY A 332 -57.74 16.00 34.89
N LYS A 333 -58.66 15.64 33.99
CA LYS A 333 -60.00 16.24 33.94
C LYS A 333 -59.93 17.76 33.73
N SER A 334 -58.99 18.19 32.88
CA SER A 334 -58.83 19.59 32.52
C SER A 334 -58.90 19.72 31.00
N THR A 335 -59.41 20.85 30.53
CA THR A 335 -59.66 21.05 29.12
C THR A 335 -58.52 21.85 28.49
N ILE A 336 -58.72 22.25 27.22
CA ILE A 336 -57.67 22.88 26.43
C ILE A 336 -57.28 24.23 27.03
N ALA A 337 -58.27 24.98 27.53
CA ALA A 337 -58.04 26.36 27.92
C ALA A 337 -56.98 26.48 29.01
N GLU A 338 -56.96 25.55 29.97
CA GLU A 338 -55.93 25.59 30.99
C GLU A 338 -54.60 25.03 30.48
N LEU A 339 -54.65 23.94 29.72
CA LEU A 339 -53.42 23.24 29.34
C LEU A 339 -52.58 24.02 28.35
N ILE A 340 -53.21 24.86 27.51
CA ILE A 340 -52.44 25.60 26.51
C ILE A 340 -51.39 26.48 27.19
N GLU A 341 -51.74 27.09 28.31
CA GLU A 341 -50.80 27.89 29.08
C GLU A 341 -50.12 27.12 30.20
N GLU A 342 -50.67 25.98 30.61
CA GLU A 342 -49.98 25.12 31.56
C GLU A 342 -48.70 24.56 30.95
N THR A 343 -48.77 24.14 29.68
CA THR A 343 -47.57 23.66 29.00
C THR A 343 -46.60 24.80 28.74
N ASN A 344 -47.12 26.00 28.46
CA ASN A 344 -46.26 27.15 28.17
C ASN A 344 -45.48 27.60 29.40
N ARG A 345 -45.90 27.21 30.60
CA ARG A 345 -45.21 27.57 31.83
C ARG A 345 -44.17 26.53 32.24
N ASP A 346 -43.83 25.61 31.34
CA ASP A 346 -42.83 24.57 31.61
C ASP A 346 -41.45 25.06 31.19
N PRO A 347 -40.43 24.89 32.05
CA PRO A 347 -39.10 25.41 31.71
C PRO A 347 -38.49 24.78 30.47
N GLN A 348 -38.94 23.59 30.06
CA GLN A 348 -38.38 22.96 28.87
C GLN A 348 -38.66 23.78 27.62
N ARG A 349 -39.86 24.37 27.52
CA ARG A 349 -40.22 25.13 26.35
C ARG A 349 -39.47 26.45 26.29
N GLY A 350 -39.03 26.82 25.09
CA GLY A 350 -38.30 28.05 24.90
C GLY A 350 -38.22 28.42 23.44
N ASP A 351 -37.95 29.69 23.19
CA ASP A 351 -37.87 30.23 21.84
C ASP A 351 -36.42 30.36 21.39
N GLY A 352 -36.20 31.02 20.27
CA GLY A 352 -34.88 31.14 19.71
C GLY A 352 -34.50 29.94 18.87
N HIS A 353 -33.20 29.68 18.72
CA HIS A 353 -32.72 28.53 17.95
C HIS A 353 -31.87 27.62 18.82
N ASP A 354 -32.01 27.72 20.14
CA ASP A 354 -31.31 26.87 21.11
C ASP A 354 -32.24 25.91 21.82
N ASN A 355 -33.30 26.41 22.45
CA ASN A 355 -34.29 25.55 23.10
C ASN A 355 -35.17 24.93 22.02
N ILE A 356 -35.12 23.60 21.90
CA ILE A 356 -35.79 22.94 20.80
C ILE A 356 -37.30 22.94 21.00
N LEU A 357 -37.76 22.79 22.24
CA LEU A 357 -39.19 22.77 22.52
C LEU A 357 -39.71 24.20 22.52
N THR A 358 -40.62 24.49 21.60
CA THR A 358 -41.15 25.84 21.44
C THR A 358 -42.49 25.98 22.14
N ARG A 359 -42.81 27.21 22.52
CA ARG A 359 -44.09 27.49 23.14
C ARG A 359 -45.22 27.23 22.15
N ILE A 360 -46.35 26.76 22.67
CA ILE A 360 -47.49 26.46 21.81
C ILE A 360 -48.12 27.76 21.34
N THR A 361 -47.81 28.15 20.10
CA THR A 361 -48.29 29.41 19.55
C THR A 361 -49.73 29.22 19.08
N VAL A 362 -50.65 29.92 19.72
CA VAL A 362 -52.08 29.84 19.36
C VAL A 362 -52.32 30.92 18.31
N ASP A 363 -52.03 30.55 17.06
CA ASP A 363 -52.24 31.45 15.93
C ASP A 363 -53.68 31.35 15.44
N LYS A 364 -54.07 32.34 14.62
CA LYS A 364 -55.39 32.29 14.00
C LYS A 364 -55.53 31.08 13.09
N SER A 365 -54.46 30.73 12.36
CA SER A 365 -54.45 29.49 11.59
C SER A 365 -54.55 28.29 12.52
N ALA A 366 -53.87 28.34 13.66
CA ALA A 366 -54.03 27.27 14.65
C ALA A 366 -55.45 27.23 15.20
N LEU A 367 -56.07 28.40 15.36
CA LEU A 367 -57.48 28.43 15.77
C LEU A 367 -58.36 27.74 14.74
N ASP A 368 -58.11 27.99 13.45
CA ASP A 368 -58.86 27.31 12.40
C ASP A 368 -58.62 25.80 12.44
N ILE A 369 -57.37 25.39 12.65
CA ILE A 369 -57.04 23.97 12.68
C ILE A 369 -57.77 23.27 13.82
N LEU A 370 -57.76 23.87 15.01
CA LEU A 370 -58.53 23.31 16.12
C LEU A 370 -60.03 23.45 15.89
N GLY A 371 -60.44 24.35 15.01
CA GLY A 371 -61.83 24.35 14.57
C GLY A 371 -62.16 23.11 13.75
N LYS A 372 -61.28 22.71 12.84
CA LYS A 372 -61.46 21.47 12.10
C LYS A 372 -61.33 20.23 12.99
N GLN A 373 -60.84 20.39 14.22
CA GLN A 373 -60.73 19.26 15.13
C GLN A 373 -62.08 18.65 15.45
N GLY A 374 -63.13 19.46 15.54
CA GLY A 374 -64.43 19.00 15.97
C GLY A 374 -64.75 19.29 17.43
N TYR A 375 -63.90 20.04 18.12
CA TYR A 375 -64.13 20.42 19.51
C TYR A 375 -63.78 21.90 19.65
N SER A 376 -63.82 22.40 20.88
CA SER A 376 -63.69 23.83 21.13
C SER A 376 -62.70 24.05 22.28
N ILE A 377 -62.65 25.29 22.75
CA ILE A 377 -61.65 25.68 23.75
C ILE A 377 -61.90 24.96 25.07
N ASP A 378 -63.14 24.98 25.55
CA ASP A 378 -63.48 24.42 26.84
C ASP A 378 -64.00 22.99 26.75
N SER A 379 -64.03 22.40 25.56
CA SER A 379 -64.46 21.02 25.40
C SER A 379 -63.43 20.09 26.06
N ILE A 380 -63.82 19.49 27.18
CA ILE A 380 -62.89 18.63 27.93
C ILE A 380 -62.59 17.38 27.10
N PRO A 381 -61.33 16.96 27.01
CA PRO A 381 -61.02 15.72 26.28
C PRO A 381 -61.70 14.52 26.92
N LEU A 382 -62.10 13.57 26.06
CA LEU A 382 -62.81 12.37 26.53
C LEU A 382 -61.81 11.33 27.00
N LYS A 383 -62.01 10.85 28.24
CA LYS A 383 -61.25 9.77 28.87
C LYS A 383 -59.82 10.18 29.18
N GLY A 384 -59.38 11.36 28.75
CA GLY A 384 -57.98 11.73 28.87
C GLY A 384 -57.18 11.25 27.68
N LYS A 385 -57.61 11.64 26.49
CA LYS A 385 -56.99 11.23 25.24
C LYS A 385 -56.36 12.44 24.55
N LYS A 386 -55.35 12.17 23.74
CA LYS A 386 -54.64 13.23 23.03
C LYS A 386 -55.60 13.99 22.11
N CYS A 387 -55.51 15.32 22.16
CA CYS A 387 -56.22 16.19 21.23
C CYS A 387 -55.23 17.22 20.70
N PHE A 388 -55.15 17.34 19.38
CA PHE A 388 -54.08 18.05 18.72
C PHE A 388 -54.46 19.49 18.42
N LEU A 389 -53.44 20.33 18.27
CA LEU A 389 -53.62 21.74 17.89
C LEU A 389 -53.23 22.00 16.43
N ARG A 390 -52.34 21.21 15.87
CA ARG A 390 -51.93 21.34 14.48
C ARG A 390 -51.69 19.95 13.91
N ALA A 391 -51.36 19.90 12.61
CA ALA A 391 -51.11 18.63 11.94
C ALA A 391 -49.77 18.59 11.20
N THR A 392 -48.96 19.64 11.27
CA THR A 392 -47.69 19.65 10.56
C THR A 392 -46.63 18.79 11.26
N ALA A 393 -46.80 18.50 12.55
CA ALA A 393 -45.86 17.70 13.33
C ALA A 393 -44.44 18.26 13.22
N ASN A 394 -44.27 19.49 13.71
CA ASN A 394 -43.00 20.18 13.66
C ASN A 394 -42.67 20.76 15.03
N LEU A 395 -41.37 20.80 15.34
CA LEU A 395 -40.92 21.32 16.62
C LEU A 395 -41.15 22.82 16.73
N SER A 396 -41.09 23.53 15.61
CA SER A 396 -41.29 24.99 15.64
C SER A 396 -42.69 25.34 16.10
N THR A 397 -43.70 24.57 15.69
CA THR A 397 -45.07 24.81 16.16
C THR A 397 -45.18 24.58 17.66
N GLY A 398 -44.50 23.56 18.18
CA GLY A 398 -44.63 23.21 19.58
C GLY A 398 -44.92 21.74 19.79
N GLY A 399 -44.67 20.94 18.75
CA GLY A 399 -44.80 19.50 18.86
C GLY A 399 -43.62 18.89 19.59
N ILE A 400 -43.64 17.56 19.68
CA ILE A 400 -42.62 16.82 20.41
C ILE A 400 -42.05 15.73 19.51
N ALA A 401 -40.88 15.25 19.89
CA ALA A 401 -40.21 14.13 19.24
C ALA A 401 -40.12 12.97 20.22
N VAL A 402 -40.32 11.76 19.71
CA VAL A 402 -40.24 10.55 20.52
C VAL A 402 -39.17 9.64 19.90
N ASP A 403 -38.22 9.21 20.71
CA ASP A 403 -37.15 8.35 20.22
C ASP A 403 -37.70 6.98 19.85
N ARG A 404 -37.41 6.54 18.63
CA ARG A 404 -37.83 5.22 18.16
C ARG A 404 -36.66 4.43 17.57
N THR A 405 -35.43 4.78 17.96
CA THR A 405 -34.25 4.15 17.36
C THR A 405 -34.19 2.66 17.69
N ASP A 406 -34.58 2.28 18.91
CA ASP A 406 -34.50 0.89 19.34
C ASP A 406 -35.66 0.04 18.84
N GLU A 407 -36.65 0.63 18.18
CA GLU A 407 -37.84 -0.09 17.76
C GLU A 407 -37.96 -0.25 16.25
N ILE A 408 -37.04 0.31 15.48
CA ILE A 408 -37.17 0.25 14.03
C ILE A 408 -36.84 -1.15 13.52
N HIS A 409 -37.66 -1.64 12.61
CA HIS A 409 -37.47 -2.97 12.06
C HIS A 409 -36.16 -3.03 11.26
N PRO A 410 -35.42 -4.14 11.34
CA PRO A 410 -34.16 -4.23 10.58
C PRO A 410 -34.35 -4.08 9.08
N GLU A 411 -35.46 -4.57 8.54
CA GLU A 411 -35.75 -4.36 7.12
C GLU A 411 -35.89 -2.89 6.80
N ASN A 412 -36.52 -2.13 7.70
CA ASN A 412 -36.63 -0.69 7.52
C ASN A 412 -35.26 -0.02 7.57
N VAL A 413 -34.38 -0.49 8.46
CA VAL A 413 -33.03 0.06 8.54
C VAL A 413 -32.30 -0.17 7.22
N TRP A 414 -32.40 -1.39 6.67
CA TRP A 414 -31.78 -1.69 5.40
C TRP A 414 -32.34 -0.81 4.28
N LEU A 415 -33.67 -0.65 4.25
CA LEU A 415 -34.29 0.16 3.22
C LEU A 415 -33.85 1.62 3.30
N LEU A 416 -33.76 2.17 4.51
CA LEU A 416 -33.40 3.57 4.66
C LEU A 416 -31.92 3.79 4.34
N SER A 417 -31.06 2.84 4.70
CA SER A 417 -29.67 2.92 4.28
C SER A 417 -29.56 2.89 2.76
N ARG A 418 -30.34 2.03 2.11
CA ARG A 418 -30.37 2.01 0.66
C ARG A 418 -30.85 3.34 0.08
N VAL A 419 -31.86 3.94 0.69
CA VAL A 419 -32.37 5.22 0.21
C VAL A 419 -31.27 6.28 0.28
N ALA A 420 -30.57 6.33 1.41
CA ALA A 420 -29.49 7.31 1.58
C ALA A 420 -28.39 7.08 0.55
N LYS A 421 -28.03 5.81 0.30
CA LYS A 421 -26.98 5.54 -0.68
C LYS A 421 -27.45 5.86 -2.10
N ILE A 422 -28.72 5.58 -2.41
CA ILE A 422 -29.24 5.82 -3.74
C ILE A 422 -29.27 7.30 -4.06
N ILE A 423 -29.74 8.12 -3.11
CA ILE A 423 -29.74 9.56 -3.34
C ILE A 423 -28.32 10.09 -3.44
N GLY A 424 -27.41 9.56 -2.62
CA GLY A 424 -26.01 9.94 -2.69
C GLY A 424 -25.62 10.94 -1.62
N LEU A 425 -26.12 10.73 -0.40
CA LEU A 425 -25.86 11.63 0.72
C LEU A 425 -25.16 10.87 1.83
N ASP A 426 -24.07 11.44 2.35
CA ASP A 426 -23.39 10.83 3.49
C ASP A 426 -24.16 11.07 4.78
N ILE A 427 -24.80 12.24 4.93
CA ILE A 427 -25.69 12.52 6.04
C ILE A 427 -27.03 12.94 5.45
N ALA A 428 -28.09 12.23 5.83
CA ALA A 428 -29.40 12.47 5.26
C ALA A 428 -30.47 12.41 6.33
N GLY A 429 -31.51 13.21 6.14
CA GLY A 429 -32.69 13.13 6.98
C GLY A 429 -33.90 12.71 6.16
N ILE A 430 -34.42 11.52 6.42
CA ILE A 430 -35.48 10.93 5.62
C ILE A 430 -36.79 11.02 6.39
N ASP A 431 -37.84 11.52 5.73
CA ASP A 431 -39.15 11.64 6.33
C ASP A 431 -40.00 10.45 5.90
N VAL A 432 -40.50 9.69 6.87
CA VAL A 432 -41.30 8.50 6.62
C VAL A 432 -42.67 8.71 7.24
N VAL A 433 -43.71 8.26 6.54
CA VAL A 433 -45.07 8.26 7.08
C VAL A 433 -45.50 6.80 7.17
N THR A 434 -45.69 6.31 8.40
CA THR A 434 -46.00 4.91 8.59
C THR A 434 -46.79 4.73 9.89
N GLU A 435 -47.65 3.71 9.90
CA GLU A 435 -48.45 3.44 11.08
C GLU A 435 -47.62 2.82 12.20
N ASP A 436 -46.54 2.13 11.86
CA ASP A 436 -45.70 1.46 12.86
C ASP A 436 -44.31 1.29 12.27
N ILE A 437 -43.32 1.98 12.85
CA ILE A 437 -41.94 1.85 12.39
C ILE A 437 -41.33 0.51 12.75
N SER A 438 -41.96 -0.25 13.65
CA SER A 438 -41.44 -1.56 14.04
C SER A 438 -41.84 -2.67 13.06
N GLN A 439 -42.63 -2.35 12.04
CA GLN A 439 -43.01 -3.31 11.01
C GLN A 439 -42.48 -2.85 9.66
N PRO A 440 -42.23 -3.77 8.73
CA PRO A 440 -41.72 -3.36 7.42
C PRO A 440 -42.70 -2.45 6.70
N LEU A 441 -42.14 -1.54 5.89
CA LEU A 441 -42.93 -0.56 5.16
C LEU A 441 -43.81 -1.19 4.08
N ARG A 442 -43.68 -2.50 3.83
CA ARG A 442 -44.55 -3.17 2.88
C ARG A 442 -45.82 -3.71 3.53
N GLU A 443 -45.71 -4.25 4.75
CA GLU A 443 -46.89 -4.74 5.45
C GLU A 443 -47.89 -3.62 5.69
N VAL A 444 -47.47 -2.61 6.47
CA VAL A 444 -48.23 -1.37 6.56
C VAL A 444 -47.97 -0.59 5.29
N GLU A 445 -48.78 0.43 5.02
CA GLU A 445 -48.62 1.22 3.80
C GLU A 445 -47.72 2.43 4.06
N GLY A 446 -46.53 2.14 4.59
CA GLY A 446 -45.57 3.19 4.84
C GLY A 446 -44.92 3.69 3.56
N VAL A 447 -44.59 4.98 3.56
CA VAL A 447 -44.01 5.63 2.40
C VAL A 447 -42.84 6.51 2.83
N ILE A 448 -41.96 6.79 1.88
CA ILE A 448 -40.87 7.72 2.05
C ILE A 448 -41.32 9.06 1.48
N VAL A 449 -41.48 10.06 2.35
CA VAL A 449 -42.04 11.33 1.90
C VAL A 449 -40.99 12.19 1.22
N GLU A 450 -39.85 12.39 1.86
CA GLU A 450 -38.81 13.24 1.29
C GLU A 450 -37.46 12.89 1.91
N VAL A 451 -36.41 13.35 1.24
CA VAL A 451 -35.03 13.21 1.69
C VAL A 451 -34.43 14.60 1.78
N ASN A 452 -33.75 14.88 2.90
CA ASN A 452 -33.20 16.20 3.18
C ASN A 452 -31.70 16.11 3.34
N ALA A 453 -30.99 16.95 2.59
CA ALA A 453 -29.55 17.14 2.79
C ALA A 453 -29.34 18.18 3.87
N ALA A 454 -28.19 18.08 4.54
CA ALA A 454 -27.85 18.92 5.68
C ALA A 454 -28.97 18.97 6.71
N PRO A 455 -29.39 17.82 7.24
CA PRO A 455 -30.48 17.82 8.21
C PRO A 455 -30.03 18.32 9.57
N GLY A 456 -30.99 18.83 10.33
CA GLY A 456 -30.74 19.19 11.71
C GLY A 456 -31.04 18.02 12.63
N PHE A 457 -30.04 17.66 13.43
CA PHE A 457 -30.18 16.57 14.39
C PHE A 457 -30.53 17.11 15.77
N ARG A 458 -31.11 18.30 15.82
CA ARG A 458 -31.38 18.97 17.08
C ARG A 458 -32.45 18.23 17.88
N MET A 459 -33.32 17.47 17.20
CA MET A 459 -34.35 16.69 17.86
C MET A 459 -33.88 15.31 18.27
N HIS A 460 -32.73 14.86 17.79
CA HIS A 460 -32.22 13.54 18.14
C HIS A 460 -31.32 13.55 19.37
N VAL A 461 -30.62 14.66 19.61
CA VAL A 461 -29.78 14.77 20.80
C VAL A 461 -30.56 15.21 22.02
N ALA A 462 -31.86 15.49 21.87
CA ALA A 462 -32.73 15.85 23.00
C ALA A 462 -34.16 15.47 22.64
N PRO A 463 -34.46 14.17 22.57
CA PRO A 463 -35.79 13.75 22.11
C PRO A 463 -36.92 14.29 22.97
N SER A 464 -36.73 14.38 24.28
CA SER A 464 -37.69 14.78 25.31
C SER A 464 -38.70 13.68 25.61
N ARG A 465 -38.72 12.58 24.86
CA ARG A 465 -39.54 11.42 25.21
C ARG A 465 -38.80 10.13 24.91
N GLY A 466 -37.50 10.09 25.24
CA GLY A 466 -36.73 8.89 24.98
C GLY A 466 -35.25 9.15 25.20
N LEU A 467 -34.43 8.22 24.70
CA LEU A 467 -32.99 8.28 24.87
C LEU A 467 -32.38 9.19 23.81
N ALA A 468 -31.47 10.06 24.23
CA ALA A 468 -30.72 10.88 23.30
C ALA A 468 -29.71 10.03 22.53
N ARG A 469 -29.43 10.43 21.30
CA ARG A 469 -28.48 9.72 20.45
C ARG A 469 -27.29 10.62 20.16
N ASN A 470 -26.09 10.04 20.17
CA ASN A 470 -24.86 10.79 19.95
C ASN A 470 -24.65 10.95 18.45
N VAL A 471 -25.36 11.92 17.88
CA VAL A 471 -25.25 12.17 16.44
C VAL A 471 -23.89 12.78 16.11
N ALA A 472 -23.41 13.71 16.94
CA ALA A 472 -22.11 14.32 16.69
C ALA A 472 -21.00 13.28 16.72
N GLY A 473 -21.11 12.30 17.62
CA GLY A 473 -20.15 11.21 17.63
C GLY A 473 -20.15 10.42 16.34
N ALA A 474 -21.34 10.14 15.80
CA ALA A 474 -21.43 9.41 14.54
C ALA A 474 -20.84 10.23 13.40
N VAL A 475 -21.11 11.54 13.38
CA VAL A 475 -20.54 12.39 12.33
C VAL A 475 -19.02 12.38 12.42
N MET A 476 -18.48 12.48 13.63
CA MET A 476 -17.03 12.53 13.78
C MET A 476 -16.41 11.18 13.46
N ASP A 477 -17.12 10.08 13.75
CA ASP A 477 -16.66 8.77 13.32
C ASP A 477 -16.63 8.67 11.80
N MET A 478 -17.63 9.23 11.12
CA MET A 478 -17.61 9.25 9.66
C MET A 478 -16.42 10.07 9.14
N LEU A 479 -16.15 11.22 9.78
CA LEU A 479 -15.07 12.08 9.31
C LEU A 479 -13.71 11.47 9.61
N PHE A 480 -13.53 10.89 10.79
CA PHE A 480 -12.27 10.29 11.20
C PHE A 480 -12.55 8.87 11.68
N PRO A 481 -12.47 7.88 10.78
CA PRO A 481 -13.02 6.54 11.06
C PRO A 481 -12.44 5.86 12.29
N GLY A 482 -11.14 5.63 12.31
CA GLY A 482 -10.51 4.92 13.41
C GLY A 482 -10.35 5.78 14.63
N SER A 483 -9.34 5.46 15.44
CA SER A 483 -8.93 6.33 16.53
C SER A 483 -7.89 7.33 16.03
N LYS A 484 -8.21 7.99 14.92
CA LYS A 484 -7.28 8.87 14.23
C LYS A 484 -7.74 10.31 14.37
N ASN A 485 -6.84 11.17 14.86
CA ASN A 485 -7.02 12.60 14.79
C ASN A 485 -6.61 13.10 13.40
N GLY A 486 -6.78 14.39 13.17
CA GLY A 486 -6.43 14.93 11.88
C GLY A 486 -5.06 15.57 11.84
N ARG A 487 -4.25 15.25 12.84
CA ARG A 487 -2.96 15.91 13.01
C ARG A 487 -1.93 15.38 12.03
N ILE A 488 -1.02 16.26 11.63
CA ILE A 488 0.18 15.90 10.89
C ILE A 488 1.36 16.19 11.82
N PRO A 489 2.52 15.58 11.62
CA PRO A 489 3.66 15.87 12.50
C PRO A 489 4.07 17.32 12.42
N ILE A 490 4.10 17.98 13.58
CA ILE A 490 4.49 19.38 13.72
C ILE A 490 5.80 19.44 14.46
N LEU A 491 6.77 20.16 13.89
CA LEU A 491 8.07 20.39 14.50
C LEU A 491 8.26 21.89 14.66
N SER A 492 8.23 22.37 15.90
CA SER A 492 8.35 23.78 16.20
C SER A 492 9.76 24.07 16.69
N VAL A 493 10.48 24.91 15.96
CA VAL A 493 11.85 25.28 16.29
C VAL A 493 11.83 26.67 16.90
N THR A 494 12.35 26.80 18.12
CA THR A 494 12.49 28.09 18.77
C THR A 494 13.90 28.19 19.35
N GLY A 495 14.28 29.39 19.69
CA GLY A 495 15.63 29.66 20.15
C GLY A 495 16.04 31.07 19.75
N THR A 496 17.21 31.45 20.24
CA THR A 496 17.67 32.82 20.02
C THR A 496 18.40 33.02 18.71
N ASN A 497 19.19 32.03 18.25
CA ASN A 497 20.17 32.30 17.23
C ASN A 497 20.25 31.30 16.08
N GLY A 498 19.48 30.23 16.09
CA GLY A 498 19.63 29.25 15.02
C GLY A 498 18.34 28.70 14.44
N LYS A 499 17.26 29.47 14.51
CA LYS A 499 15.95 28.95 14.13
C LYS A 499 15.86 28.67 12.64
N THR A 500 16.30 29.63 11.81
CA THR A 500 16.10 29.51 10.37
C THR A 500 16.94 28.37 9.78
N THR A 501 18.22 28.29 10.17
CA THR A 501 19.08 27.24 9.65
C THR A 501 18.57 25.86 10.05
N THR A 502 18.19 25.70 11.32
CA THR A 502 17.67 24.42 11.78
C THR A 502 16.37 24.06 11.07
N THR A 503 15.49 25.04 10.86
CA THR A 503 14.24 24.77 10.17
C THR A 503 14.49 24.30 8.75
N ARG A 504 15.38 24.98 8.03
CA ARG A 504 15.67 24.59 6.66
C ARG A 504 16.33 23.21 6.60
N LEU A 505 17.25 22.93 7.53
CA LEU A 505 17.90 21.62 7.55
C LEU A 505 16.88 20.51 7.84
N LEU A 506 15.98 20.74 8.79
CA LEU A 506 14.93 19.77 9.08
C LEU A 506 14.05 19.55 7.86
N ALA A 507 13.68 20.63 7.17
CA ALA A 507 12.86 20.50 5.98
C ALA A 507 13.56 19.68 4.91
N HIS A 508 14.86 19.92 4.71
CA HIS A 508 15.61 19.14 3.73
C HIS A 508 15.66 17.66 4.11
N ILE A 509 15.94 17.37 5.38
CA ILE A 509 16.06 15.99 5.83
C ILE A 509 14.74 15.26 5.65
N ILE A 510 13.63 15.89 6.01
CA ILE A 510 12.33 15.25 5.82
C ILE A 510 12.00 15.15 4.34
N LYS A 511 12.45 16.11 3.53
CA LYS A 511 12.25 16.02 2.07
C LYS A 511 12.97 14.82 1.49
N GLN A 512 14.07 14.38 2.11
CA GLN A 512 14.72 13.16 1.65
C GLN A 512 13.77 11.97 1.70
N THR A 513 12.97 11.88 2.75
CA THR A 513 11.82 10.98 2.73
C THR A 513 10.77 11.51 1.77
N GLY A 514 10.04 10.59 1.15
CA GLY A 514 9.06 11.00 0.16
C GLY A 514 7.84 11.66 0.76
N LYS A 515 8.02 12.84 1.35
CA LYS A 515 6.95 13.56 2.01
C LYS A 515 6.98 15.03 1.61
N VAL A 516 5.80 15.63 1.50
CA VAL A 516 5.68 17.05 1.21
C VAL A 516 5.79 17.81 2.53
N VAL A 517 6.78 18.68 2.63
CA VAL A 517 7.08 19.41 3.86
C VAL A 517 6.67 20.86 3.67
N GLY A 518 5.79 21.34 4.55
CA GLY A 518 5.47 22.74 4.61
C GLY A 518 6.18 23.37 5.79
N TYR A 519 7.05 24.34 5.49
CA TYR A 519 7.83 24.94 6.56
C TYR A 519 7.86 26.46 6.41
N THR A 520 7.76 27.14 7.55
CA THR A 520 7.83 28.60 7.58
C THR A 520 9.09 29.02 8.31
N THR A 521 9.85 29.92 7.68
CA THR A 521 11.08 30.47 8.24
C THR A 521 11.05 31.98 8.16
N THR A 522 12.15 32.64 8.55
CA THR A 522 12.22 34.10 8.46
C THR A 522 12.22 34.58 7.02
N ASP A 523 12.85 33.82 6.11
CA ASP A 523 12.88 34.24 4.71
C ASP A 523 11.51 34.16 4.07
N GLY A 524 10.76 33.12 4.33
CA GLY A 524 9.44 32.97 3.76
C GLY A 524 8.85 31.62 4.09
N THR A 525 7.63 31.42 3.62
CA THR A 525 6.88 30.20 3.84
C THR A 525 6.92 29.36 2.57
N TYR A 526 7.40 28.12 2.70
CA TYR A 526 7.57 27.22 1.57
C TYR A 526 6.71 25.98 1.76
N ILE A 527 6.23 25.44 0.65
CA ILE A 527 5.53 24.17 0.61
C ILE A 527 6.21 23.31 -0.44
N GLY A 528 6.80 22.20 -0.01
CA GLY A 528 7.59 21.40 -0.92
C GLY A 528 8.80 22.18 -1.39
N GLU A 529 9.00 22.25 -2.70
CA GLU A 529 10.12 22.95 -3.30
C GLU A 529 9.80 24.38 -3.69
N TYR A 530 8.54 24.81 -3.57
CA TYR A 530 8.10 26.08 -4.10
C TYR A 530 7.75 27.05 -2.97
N LEU A 531 8.03 28.32 -3.20
CA LEU A 531 7.75 29.34 -2.20
C LEU A 531 6.27 29.70 -2.22
N ALA A 532 5.61 29.51 -1.08
CA ALA A 532 4.19 29.84 -0.97
C ALA A 532 3.95 31.30 -0.59
N GLU A 533 4.85 31.90 0.20
CA GLU A 533 4.64 33.28 0.61
C GLU A 533 5.98 33.91 0.97
N THR A 534 6.12 35.20 0.67
CA THR A 534 7.29 35.97 1.05
C THR A 534 7.03 36.74 2.35
N GLY A 535 8.10 37.31 2.88
CA GLY A 535 8.01 38.13 4.08
C GLY A 535 8.68 37.46 5.27
N ASP A 536 8.38 38.00 6.45
CA ASP A 536 8.95 37.47 7.69
C ASP A 536 8.40 36.08 7.97
N ASN A 537 7.08 35.97 8.14
CA ASN A 537 6.38 34.68 8.19
C ASN A 537 6.94 33.76 9.27
N THR A 538 6.87 34.24 10.52
CA THR A 538 7.40 33.47 11.64
C THR A 538 6.40 33.46 12.80
N GLY A 539 5.17 33.91 12.54
CA GLY A 539 4.13 33.90 13.54
C GLY A 539 3.01 32.93 13.20
N PRO A 540 2.00 32.85 14.07
CA PRO A 540 0.88 31.94 13.80
C PRO A 540 0.11 32.25 12.54
N GLN A 541 0.09 33.51 12.10
CA GLN A 541 -0.61 33.85 10.87
C GLN A 541 -0.01 33.15 9.66
N SER A 542 1.26 32.77 9.73
CA SER A 542 1.88 31.96 8.68
C SER A 542 1.86 30.48 8.99
N ALA A 543 1.75 30.11 10.28
CA ALA A 543 1.56 28.70 10.62
C ALA A 543 0.21 28.19 10.14
N HIS A 544 -0.81 29.05 10.14
CA HIS A 544 -2.12 28.65 9.64
C HIS A 544 -2.06 28.32 8.15
N LEU A 545 -1.24 29.05 7.39
CA LEU A 545 -1.12 28.75 5.96
C LEU A 545 -0.59 27.35 5.73
N ILE A 546 0.42 26.95 6.52
CA ILE A 546 0.98 25.61 6.36
C ILE A 546 0.00 24.55 6.86
N LEU A 547 -0.62 24.80 8.02
CA LEU A 547 -1.47 23.78 8.63
C LEU A 547 -2.78 23.60 7.90
N SER A 548 -3.20 24.56 7.08
CA SER A 548 -4.44 24.45 6.33
C SER A 548 -4.23 24.04 4.88
N ASP A 549 -2.99 23.84 4.44
CA ASP A 549 -2.75 23.45 3.06
C ASP A 549 -3.08 21.98 2.86
N PRO A 550 -3.86 21.63 1.83
CA PRO A 550 -4.30 20.24 1.67
C PRO A 550 -3.20 19.28 1.23
N THR A 551 -2.00 19.76 0.91
CA THR A 551 -0.94 18.91 0.40
C THR A 551 0.21 18.71 1.39
N VAL A 552 0.20 19.39 2.52
CA VAL A 552 1.31 19.32 3.47
C VAL A 552 1.16 18.09 4.35
N GLU A 553 2.23 17.29 4.45
CA GLU A 553 2.25 16.12 5.31
C GLU A 553 3.03 16.30 6.59
N VAL A 554 4.04 17.17 6.59
CA VAL A 554 4.82 17.48 7.79
C VAL A 554 5.02 18.99 7.85
N ALA A 555 4.73 19.58 9.00
CA ALA A 555 4.86 21.02 9.19
C ALA A 555 6.09 21.30 10.05
N VAL A 556 6.94 22.21 9.57
CA VAL A 556 8.11 22.67 10.31
C VAL A 556 7.99 24.19 10.44
N LEU A 557 7.87 24.67 11.66
CA LEU A 557 7.57 26.08 11.90
C LEU A 557 8.66 26.71 12.76
N GLU A 558 9.24 27.80 12.25
CA GLU A 558 10.17 28.60 13.05
C GLU A 558 9.33 29.51 13.94
N THR A 559 9.43 29.33 15.26
CA THR A 559 8.59 30.04 16.22
C THR A 559 9.46 31.05 16.97
N ALA A 560 9.45 32.29 16.48
CA ALA A 560 10.17 33.34 17.18
C ALA A 560 9.39 33.82 18.41
N ARG A 561 10.11 34.47 19.31
CA ARG A 561 9.49 35.01 20.52
C ARG A 561 8.48 36.10 20.19
N GLY A 562 8.65 36.81 19.07
CA GLY A 562 7.73 37.88 18.73
C GLY A 562 6.31 37.38 18.51
N GLY A 563 6.17 36.28 17.76
CA GLY A 563 4.84 35.72 17.55
C GLY A 563 4.21 35.20 18.82
N ILE A 564 4.99 34.55 19.68
CA ILE A 564 4.47 34.06 20.94
C ILE A 564 3.99 35.21 21.82
N LEU A 565 4.78 36.29 21.87
CA LEU A 565 4.38 37.45 22.65
C LEU A 565 3.12 38.10 22.07
N ARG A 566 3.05 38.20 20.74
CA ARG A 566 1.95 38.92 20.12
C ARG A 566 0.64 38.16 20.24
N SER A 567 0.61 36.91 19.75
CA SER A 567 -0.65 36.17 19.72
C SER A 567 -0.48 34.71 20.12
N GLY A 568 0.62 34.34 20.77
CA GLY A 568 0.79 32.98 21.22
C GLY A 568 1.14 32.03 20.08
N LEU A 569 0.98 30.74 20.36
CA LEU A 569 1.29 29.69 19.41
C LEU A 569 0.12 29.46 18.46
N GLY A 570 0.45 29.10 17.22
CA GLY A 570 -0.56 28.81 16.21
C GLY A 570 -1.13 27.42 16.26
N PHE A 571 -0.71 26.61 17.23
CA PHE A 571 -1.15 25.24 17.36
C PHE A 571 -1.27 24.91 18.84
N SER A 572 -2.15 23.95 19.15
CA SER A 572 -2.32 23.54 20.54
C SER A 572 -1.14 22.70 21.02
N SER A 573 -0.66 21.79 20.18
CA SER A 573 0.43 20.90 20.55
C SER A 573 1.34 20.68 19.35
N CYS A 574 2.57 20.27 19.63
CA CYS A 574 3.55 19.96 18.59
C CYS A 574 4.11 18.57 18.84
N GLU A 575 4.43 17.86 17.75
CA GLU A 575 5.05 16.55 17.88
C GLU A 575 6.47 16.67 18.39
N VAL A 576 7.22 17.65 17.89
CA VAL A 576 8.59 17.90 18.35
C VAL A 576 8.72 19.38 18.66
N GLY A 577 9.29 19.69 19.82
CA GLY A 577 9.58 21.06 20.18
C GLY A 577 11.05 21.25 20.46
N ILE A 578 11.74 22.02 19.63
CA ILE A 578 13.19 22.19 19.73
C ILE A 578 13.48 23.55 20.33
N VAL A 579 14.30 23.58 21.37
CA VAL A 579 14.81 24.81 21.96
C VAL A 579 16.33 24.79 21.81
N LEU A 580 16.86 25.73 21.03
CA LEU A 580 18.28 25.72 20.69
C LEU A 580 19.13 26.42 21.74
N ASN A 581 18.78 27.64 22.10
CA ASN A 581 19.54 28.40 23.08
C ASN A 581 18.72 29.61 23.50
N VAL A 582 19.05 30.14 24.69
CA VAL A 582 18.42 31.34 25.22
C VAL A 582 19.53 32.26 25.69
N THR A 583 19.78 33.32 24.92
CA THR A 583 20.79 34.32 25.27
C THR A 583 20.12 35.67 25.42
N ALA A 584 20.45 36.38 26.49
CA ALA A 584 19.87 37.69 26.77
C ALA A 584 20.55 38.71 25.87
N ASP A 585 20.02 38.88 24.66
CA ASP A 585 20.55 39.84 23.72
C ASP A 585 19.58 40.97 23.42
N HIS A 586 18.37 40.66 22.96
CA HIS A 586 17.38 41.69 22.64
C HIS A 586 16.36 41.80 23.78
N LEU A 587 16.83 42.30 24.91
CA LEU A 587 15.95 42.52 26.05
C LEU A 587 15.30 43.89 25.97
N GLY A 588 14.21 44.05 26.71
CA GLY A 588 13.46 45.29 26.76
C GLY A 588 12.25 45.34 25.86
N ILE A 589 12.17 44.48 24.85
CA ILE A 589 11.02 44.45 23.97
C ILE A 589 9.84 43.81 24.69
N GLY A 590 8.69 44.47 24.62
CA GLY A 590 7.53 43.99 25.37
C GLY A 590 7.78 44.07 26.86
N ASP A 591 7.25 43.11 27.59
CA ASP A 591 7.48 43.01 29.03
C ASP A 591 8.70 42.16 29.37
N ILE A 592 9.43 41.68 28.36
CA ILE A 592 10.59 40.82 28.59
C ILE A 592 11.78 41.72 28.90
N ASP A 593 12.26 41.65 30.15
CA ASP A 593 13.40 42.46 30.58
C ASP A 593 14.53 41.65 31.18
N THR A 594 14.27 40.45 31.67
CA THR A 594 15.30 39.60 32.24
C THR A 594 15.40 38.31 31.43
N ILE A 595 16.60 37.70 31.45
CA ILE A 595 16.78 36.45 30.72
C ILE A 595 15.90 35.34 31.29
N GLU A 596 15.50 35.43 32.55
CA GLU A 596 14.55 34.48 33.09
C GLU A 596 13.19 34.61 32.39
N GLN A 597 12.76 35.85 32.13
CA GLN A 597 11.52 36.06 31.39
C GLN A 597 11.63 35.54 29.97
N LEU A 598 12.80 35.74 29.34
CA LEU A 598 13.00 35.23 27.98
C LEU A 598 12.98 33.71 27.96
N ALA A 599 13.59 33.08 28.96
CA ALA A 599 13.55 31.62 29.04
C ALA A 599 12.12 31.13 29.28
N LYS A 600 11.36 31.82 30.12
CA LYS A 600 9.97 31.45 30.34
C LYS A 600 9.16 31.58 29.05
N LEU A 601 9.43 32.62 28.27
CA LEU A 601 8.73 32.81 27.01
C LEU A 601 9.08 31.72 26.00
N LYS A 602 10.37 31.41 25.86
CA LYS A 602 10.79 30.37 24.92
C LYS A 602 10.39 28.98 25.39
N SER A 603 10.11 28.80 26.69
CA SER A 603 9.69 27.52 27.20
C SER A 603 8.26 27.15 26.81
N VAL A 604 7.51 28.07 26.19
CA VAL A 604 6.17 27.76 25.74
C VAL A 604 6.20 26.63 24.71
N VAL A 605 7.18 26.66 23.81
CA VAL A 605 7.32 25.60 22.82
C VAL A 605 7.60 24.26 23.48
N ALA A 606 8.52 24.26 24.46
CA ALA A 606 8.86 23.01 25.14
C ALA A 606 7.69 22.46 25.93
N GLU A 607 6.90 23.34 26.55
CA GLU A 607 5.76 22.91 27.34
C GLU A 607 4.54 22.57 26.50
N SER A 608 4.55 22.91 25.21
CA SER A 608 3.45 22.57 24.31
C SER A 608 3.63 21.20 23.67
N VAL A 609 4.71 20.50 23.96
CA VAL A 609 4.94 19.18 23.39
C VAL A 609 3.93 18.19 23.98
N MET A 610 3.32 17.41 23.11
CA MET A 610 2.33 16.43 23.54
C MET A 610 3.00 15.31 24.32
N PRO A 611 2.24 14.58 25.15
CA PRO A 611 2.84 13.50 25.94
C PRO A 611 3.52 12.43 25.11
N LYS A 612 3.07 12.18 23.89
CA LYS A 612 3.75 11.26 22.99
C LYS A 612 4.84 11.94 22.18
N GLY A 613 5.04 13.24 22.34
CA GLY A 613 6.02 13.97 21.58
C GLY A 613 7.36 14.04 22.26
N TYR A 614 8.24 14.87 21.70
CA TYR A 614 9.60 15.02 22.18
C TYR A 614 9.96 16.49 22.30
N ALA A 615 10.76 16.80 23.31
CA ALA A 615 11.34 18.13 23.49
C ALA A 615 12.85 18.01 23.33
N VAL A 616 13.39 18.64 22.30
CA VAL A 616 14.81 18.59 21.99
C VAL A 616 15.47 19.82 22.60
N LEU A 617 16.25 19.61 23.64
CA LEU A 617 16.82 20.69 24.43
C LEU A 617 18.35 20.65 24.36
N ASN A 618 18.94 21.83 24.47
CA ASN A 618 20.40 21.97 24.51
C ASN A 618 20.86 21.73 25.95
N ALA A 619 21.48 20.58 26.18
CA ALA A 619 21.98 20.27 27.51
C ALA A 619 23.10 21.21 27.93
N GLU A 620 23.81 21.80 26.97
CA GLU A 620 24.91 22.70 27.26
C GLU A 620 24.44 24.08 27.71
N ASP A 621 23.17 24.42 27.49
CA ASP A 621 22.62 25.69 27.93
C ASP A 621 21.88 25.49 29.24
N PRO A 622 22.34 26.10 30.35
CA PRO A 622 21.68 25.84 31.64
C PRO A 622 20.20 26.25 31.67
N LEU A 623 19.85 27.36 31.03
CA LEU A 623 18.46 27.80 31.04
C LEU A 623 17.58 26.87 30.22
N VAL A 624 18.06 26.45 29.05
CA VAL A 624 17.29 25.52 28.23
C VAL A 624 17.20 24.16 28.91
N ALA A 625 18.30 23.70 29.52
CA ALA A 625 18.27 22.44 30.25
C ALA A 625 17.35 22.50 31.45
N ALA A 626 17.16 23.68 32.03
CA ALA A 626 16.23 23.84 33.14
C ALA A 626 14.79 23.58 32.72
N MET A 627 14.49 23.67 31.43
CA MET A 627 13.17 23.35 30.92
C MET A 627 12.88 21.85 30.90
N ALA A 628 13.79 21.03 31.43
CA ALA A 628 13.60 19.58 31.40
C ALA A 628 12.34 19.18 32.16
N ASP A 629 12.13 19.78 33.34
CA ASP A 629 10.89 19.56 34.06
C ASP A 629 9.76 20.35 33.40
N ARG A 630 8.56 20.24 33.98
CA ARG A 630 7.34 20.89 33.48
C ARG A 630 7.17 20.69 31.97
N VAL A 631 7.68 19.57 31.45
CA VAL A 631 7.51 19.19 30.06
C VAL A 631 6.81 17.85 30.03
N LYS A 632 5.65 17.80 29.37
CA LYS A 632 4.97 16.55 29.11
C LYS A 632 5.56 15.91 27.87
N GLY A 633 5.80 14.61 27.92
CA GLY A 633 6.48 13.92 26.86
C GLY A 633 7.97 13.79 27.11
N GLN A 634 8.62 13.02 26.25
CA GLN A 634 10.02 12.69 26.45
C GLN A 634 10.91 13.88 26.16
N VAL A 635 12.11 13.83 26.74
CA VAL A 635 13.13 14.86 26.57
C VAL A 635 14.35 14.23 25.89
N ALA A 636 14.87 14.91 24.86
CA ALA A 636 16.07 14.49 24.18
C ALA A 636 17.07 15.65 24.20
N TYR A 637 18.29 15.36 24.65
CA TYR A 637 19.31 16.39 24.80
C TYR A 637 20.29 16.33 23.63
N PHE A 638 20.74 17.50 23.20
CA PHE A 638 21.85 17.59 22.27
C PHE A 638 22.91 18.50 22.87
N SER A 639 24.17 18.11 22.72
CA SER A 639 25.29 18.84 23.30
C SER A 639 26.49 18.78 22.37
N MET A 640 27.16 19.92 22.22
CA MET A 640 28.40 19.95 21.47
C MET A 640 29.56 19.38 22.26
N ASP A 641 29.42 19.28 23.58
CA ASP A 641 30.44 18.68 24.43
C ASP A 641 30.03 17.26 24.77
N PRO A 642 30.77 16.24 24.33
CA PRO A 642 30.33 14.85 24.57
C PRO A 642 30.39 14.42 26.02
N ASN A 643 31.03 15.19 26.89
CA ASN A 643 31.19 14.82 28.30
C ASN A 643 30.20 15.53 29.21
N ASN A 644 29.12 16.07 28.65
CA ASN A 644 28.10 16.73 29.46
C ASN A 644 27.51 15.74 30.44
N GLU A 645 27.63 16.05 31.74
CA GLU A 645 27.20 15.12 32.78
C GLU A 645 25.70 14.87 32.72
N LEU A 646 24.91 15.92 32.49
CA LEU A 646 23.47 15.76 32.41
C LEU A 646 23.07 14.86 31.24
N LEU A 647 23.71 15.06 30.08
CA LEU A 647 23.40 14.24 28.92
C LEU A 647 23.78 12.78 29.15
N LEU A 648 24.95 12.53 29.74
CA LEU A 648 25.37 11.16 30.00
C LEU A 648 24.44 10.49 31.00
N ARG A 649 24.05 11.20 32.05
CA ARG A 649 23.10 10.65 33.02
C ARG A 649 21.76 10.36 32.37
N HIS A 650 21.33 11.22 31.45
CA HIS A 650 20.08 10.98 30.72
C HIS A 650 20.18 9.75 29.84
N THR A 651 21.31 9.57 29.16
CA THR A 651 21.47 8.41 28.28
C THR A 651 21.58 7.11 29.06
N GLU A 652 22.20 7.14 30.23
CA GLU A 652 22.34 5.92 31.03
C GLU A 652 20.98 5.36 31.42
N ALA A 653 20.04 6.22 31.79
CA ALA A 653 18.68 5.83 32.14
C ALA A 653 17.76 6.29 31.02
N GLY A 654 17.60 5.45 30.00
CA GLY A 654 16.79 5.82 28.86
C GLY A 654 17.63 5.97 27.59
N GLY A 655 17.77 7.20 27.11
CA GLY A 655 18.60 7.45 25.96
C GLY A 655 18.08 8.66 25.18
N LEU A 656 18.23 8.59 23.85
CA LEU A 656 17.79 9.62 22.92
C LEU A 656 18.49 10.95 23.21
N ALA A 657 19.79 10.96 22.94
CA ALA A 657 20.59 12.18 22.94
C ALA A 657 21.39 12.27 21.66
N ALA A 658 22.07 13.40 21.47
CA ALA A 658 22.91 13.62 20.30
C ALA A 658 24.16 14.39 20.73
N ILE A 659 25.32 13.95 20.24
CA ILE A 659 26.60 14.55 20.62
C ILE A 659 27.50 14.67 19.39
N TYR A 660 28.61 15.36 19.59
CA TYR A 660 29.68 15.54 18.60
C TYR A 660 30.94 15.02 19.27
N GLU A 661 31.21 13.71 19.11
CA GLU A 661 32.15 13.03 19.99
C GLU A 661 33.59 13.05 19.47
N ASN A 662 33.86 12.42 18.32
CA ASN A 662 35.18 12.42 17.71
C ASN A 662 35.00 12.74 16.23
N GLY A 663 34.89 14.02 15.92
CA GLY A 663 34.58 14.42 14.55
C GLY A 663 33.40 13.66 13.99
N TYR A 664 32.35 13.48 14.78
CA TYR A 664 31.24 12.63 14.40
C TYR A 664 29.96 13.18 15.01
N ILE A 665 28.93 13.33 14.19
CA ILE A 665 27.58 13.63 14.67
C ILE A 665 26.94 12.31 15.05
N SER A 666 26.79 12.06 16.34
CA SER A 666 26.35 10.75 16.81
C SER A 666 25.06 10.87 17.60
N ILE A 667 24.23 9.84 17.47
CA ILE A 667 22.99 9.69 18.23
C ILE A 667 23.21 8.62 19.28
N LEU A 668 22.94 8.95 20.53
CA LEU A 668 23.02 8.00 21.63
C LEU A 668 21.61 7.51 21.95
N LYS A 669 21.39 6.21 21.77
CA LYS A 669 20.11 5.57 22.07
C LYS A 669 20.18 4.80 23.38
N GLY A 670 20.88 5.35 24.36
CA GLY A 670 21.15 4.64 25.59
C GLY A 670 22.60 4.22 25.66
N ASP A 671 22.85 2.93 25.50
CA ASP A 671 24.21 2.40 25.46
C ASP A 671 24.74 2.22 24.04
N TRP A 672 23.97 2.64 23.04
CA TRP A 672 24.33 2.46 21.64
C TRP A 672 24.67 3.82 21.01
N THR A 673 25.74 3.84 20.23
CA THR A 673 26.17 5.02 19.51
C THR A 673 25.98 4.80 18.01
N LEU A 674 25.27 5.71 17.37
CA LEU A 674 24.99 5.63 15.94
C LEU A 674 25.58 6.87 15.27
N ARG A 675 26.65 6.68 14.51
CA ARG A 675 27.32 7.80 13.85
C ARG A 675 26.63 8.09 12.53
N ILE A 676 26.43 9.39 12.23
CA ILE A 676 25.75 9.80 11.01
C ILE A 676 26.78 10.20 9.97
N GLU A 677 27.60 11.20 10.31
CA GLU A 677 28.54 11.74 9.34
C GLU A 677 29.76 12.28 10.08
N LYS A 678 30.84 12.48 9.32
CA LYS A 678 32.13 12.89 9.86
C LYS A 678 32.16 14.37 10.23
N ALA A 679 31.10 15.13 9.93
CA ALA A 679 30.98 16.55 10.25
C ALA A 679 31.97 17.40 9.47
N VAL A 680 32.84 16.75 8.69
CA VAL A 680 33.62 17.44 7.66
C VAL A 680 33.06 17.16 6.28
N ASN A 681 32.21 16.13 6.13
CA ASN A 681 31.47 15.87 4.92
C ASN A 681 30.11 16.55 4.92
N VAL A 682 29.79 17.30 5.96
CA VAL A 682 28.57 18.08 6.04
C VAL A 682 28.89 19.50 5.56
N PRO A 683 28.37 19.94 4.42
CA PRO A 683 28.81 21.24 3.87
C PRO A 683 28.57 22.43 4.77
N ILE A 684 27.47 22.45 5.52
CA ILE A 684 27.14 23.63 6.31
C ILE A 684 28.12 23.82 7.47
N THR A 685 28.65 22.73 8.01
CA THR A 685 29.66 22.86 9.05
C THR A 685 30.97 23.44 8.54
N MET A 686 31.16 23.48 7.22
CA MET A 686 32.36 24.02 6.59
C MET A 686 33.61 23.30 7.09
N ALA A 687 33.64 21.99 6.84
CA ALA A 687 34.73 21.12 7.29
C ALA A 687 34.91 21.21 8.80
N GLY A 688 33.80 21.33 9.52
CA GLY A 688 33.83 21.38 10.97
C GLY A 688 34.35 22.66 11.57
N LYS A 689 34.51 23.72 10.77
CA LYS A 689 35.06 24.97 11.28
C LYS A 689 34.02 25.76 12.09
N ALA A 690 32.75 25.66 11.75
CA ALA A 690 31.71 26.41 12.44
C ALA A 690 31.02 25.52 13.45
N PRO A 691 31.20 25.75 14.76
CA PRO A 691 30.59 24.86 15.75
C PRO A 691 29.09 25.08 15.93
N PHE A 692 28.63 26.31 15.69
CA PHE A 692 27.20 26.60 15.82
C PHE A 692 26.40 25.88 14.75
N MET A 693 26.94 25.79 13.53
CA MET A 693 26.30 24.98 12.50
C MET A 693 26.25 23.52 12.90
N ILE A 694 27.29 23.04 13.58
CA ILE A 694 27.29 21.65 14.04
C ILE A 694 26.22 21.45 15.11
N ALA A 695 26.03 22.43 16.00
CA ALA A 695 24.97 22.34 16.99
C ALA A 695 23.60 22.31 16.34
N ASN A 696 23.39 23.15 15.32
CA ASN A 696 22.12 23.12 14.59
C ASN A 696 21.90 21.77 13.92
N ALA A 697 22.96 21.21 13.33
CA ALA A 697 22.85 19.90 12.70
C ALA A 697 22.52 18.83 13.74
N LEU A 698 23.13 18.92 14.92
CA LEU A 698 22.81 17.97 15.99
C LEU A 698 21.33 18.04 16.36
N ALA A 699 20.82 19.26 16.53
CA ALA A 699 19.42 19.42 16.90
C ALA A 699 18.50 18.86 15.83
N ALA A 700 18.78 19.16 14.56
CA ALA A 700 17.93 18.69 13.47
C ALA A 700 17.98 17.16 13.37
N CYS A 701 19.17 16.58 13.45
CA CYS A 701 19.30 15.12 13.35
C CYS A 701 18.59 14.43 14.49
N LEU A 702 18.72 14.95 15.72
CA LEU A 702 18.03 14.35 16.85
C LEU A 702 16.51 14.47 16.67
N ALA A 703 16.04 15.62 16.19
CA ALA A 703 14.60 15.81 16.01
C ALA A 703 14.04 14.82 14.99
N VAL A 704 14.71 14.64 13.86
CA VAL A 704 14.19 13.68 12.88
C VAL A 704 14.34 12.25 13.38
N PHE A 705 15.40 11.95 14.14
CA PHE A 705 15.58 10.60 14.64
C PHE A 705 14.49 10.22 15.63
N THR A 706 14.06 11.17 16.47
CA THR A 706 13.00 10.86 17.44
C THR A 706 11.69 10.47 16.77
N GLN A 707 11.49 10.89 15.51
CA GLN A 707 10.25 10.61 14.80
C GLN A 707 10.31 9.35 13.94
N GLY A 708 11.41 8.61 13.98
CA GLY A 708 11.52 7.36 13.25
C GLY A 708 12.15 7.46 11.88
N VAL A 709 12.71 8.60 11.52
CA VAL A 709 13.37 8.73 10.22
C VAL A 709 14.62 7.86 10.19
N LYS A 710 14.79 7.13 9.09
CA LYS A 710 15.92 6.22 8.97
C LYS A 710 17.25 6.97 8.96
N ILE A 711 18.29 6.30 9.43
CA ILE A 711 19.62 6.92 9.49
C ILE A 711 20.11 7.27 8.11
N GLU A 712 19.78 6.44 7.11
CA GLU A 712 20.21 6.71 5.74
C GLU A 712 19.64 8.03 5.22
N HIS A 713 18.35 8.28 5.47
CA HIS A 713 17.75 9.52 5.02
C HIS A 713 18.37 10.72 5.72
N ILE A 714 18.65 10.60 7.02
CA ILE A 714 19.30 11.67 7.76
C ILE A 714 20.68 11.95 7.17
N ARG A 715 21.44 10.90 6.87
CA ARG A 715 22.77 11.05 6.31
C ARG A 715 22.71 11.73 4.95
N LYS A 716 21.77 11.30 4.09
CA LYS A 716 21.65 11.90 2.76
C LYS A 716 21.26 13.37 2.85
N GLY A 717 20.31 13.70 3.72
CA GLY A 717 19.90 15.08 3.87
C GLY A 717 21.01 15.96 4.43
N LEU A 718 21.77 15.43 5.39
CA LEU A 718 22.88 16.19 5.96
C LEU A 718 23.98 16.40 4.94
N SER A 719 24.22 15.41 4.06
CA SER A 719 25.28 15.55 3.07
C SER A 719 24.88 16.47 1.93
N THR A 720 23.62 16.44 1.51
CA THR A 720 23.19 17.19 0.34
C THR A 720 22.70 18.60 0.64
N PHE A 721 22.69 19.01 1.90
CA PHE A 721 22.24 20.35 2.28
C PHE A 721 23.42 21.31 2.17
N VAL A 722 23.24 22.37 1.38
CA VAL A 722 24.32 23.30 1.08
C VAL A 722 24.05 24.63 1.76
N ALA A 723 25.14 25.31 2.12
CA ALA A 723 25.09 26.60 2.80
C ALA A 723 25.44 27.75 1.86
N SER A 724 25.00 27.66 0.61
CA SER A 724 25.23 28.68 -0.39
C SER A 724 23.91 29.36 -0.76
N VAL A 725 24.00 30.35 -1.66
CA VAL A 725 22.84 31.16 -2.03
C VAL A 725 21.75 30.32 -2.70
N ASP A 726 22.11 29.17 -3.27
CA ASP A 726 21.12 28.34 -3.93
C ASP A 726 20.05 27.86 -2.94
N GLN A 727 20.47 27.53 -1.71
CA GLN A 727 19.54 27.12 -0.67
C GLN A 727 19.46 28.14 0.46
N THR A 728 20.58 28.47 1.09
CA THR A 728 20.56 29.41 2.20
C THR A 728 20.60 30.84 1.67
N PRO A 729 19.59 31.66 1.91
CA PRO A 729 19.61 33.04 1.41
C PRO A 729 20.75 33.85 1.98
N GLY A 730 20.83 33.93 3.30
CA GLY A 730 21.86 34.73 3.94
C GLY A 730 22.51 34.08 5.15
N ARG A 731 22.49 32.76 5.20
CA ARG A 731 23.02 32.00 6.33
C ARG A 731 24.36 31.37 5.94
N MET A 732 25.44 31.94 6.46
CA MET A 732 26.79 31.38 6.27
C MET A 732 27.14 31.20 4.79
N ASN A 733 26.91 32.23 3.99
CA ASN A 733 27.10 32.11 2.54
C ASN A 733 28.50 32.57 2.17
N MET A 734 29.23 31.67 1.50
CA MET A 734 30.52 31.94 0.88
C MET A 734 30.29 32.43 -0.54
N PHE A 735 31.04 33.45 -0.96
CA PHE A 735 31.12 33.84 -2.36
C PHE A 735 32.58 34.06 -2.73
N ASN A 736 33.03 33.37 -3.78
CA ASN A 736 34.42 33.41 -4.21
C ASN A 736 34.51 34.13 -5.55
N MET A 737 35.38 35.15 -5.60
CA MET A 737 35.63 35.87 -6.85
C MET A 737 37.12 35.89 -7.19
N GLY A 738 37.89 34.93 -6.67
CA GLY A 738 39.29 34.80 -7.01
C GLY A 738 40.24 35.54 -6.10
N SER A 739 40.23 36.87 -6.14
CA SER A 739 41.18 37.65 -5.37
C SER A 739 40.93 37.55 -3.87
N TYR A 740 39.66 37.48 -3.46
CA TYR A 740 39.32 37.45 -2.05
C TYR A 740 38.05 36.60 -1.89
N HIS A 741 37.40 36.73 -0.73
CA HIS A 741 36.19 35.97 -0.45
C HIS A 741 35.21 36.83 0.34
N ALA A 742 33.92 36.55 0.17
CA ALA A 742 32.86 37.29 0.84
C ALA A 742 32.02 36.33 1.69
N LEU A 743 31.86 36.69 2.95
CA LEU A 743 31.02 35.99 3.91
C LEU A 743 29.80 36.83 4.21
N VAL A 744 28.63 36.39 3.75
CA VAL A 744 27.40 37.08 4.13
C VAL A 744 26.62 36.23 5.12
N ASP A 745 26.21 36.87 6.22
CA ASP A 745 25.57 36.22 7.34
C ASP A 745 24.35 37.03 7.79
N TYR A 746 23.78 36.61 8.92
CA TYR A 746 22.59 37.23 9.50
C TYR A 746 22.83 37.55 10.97
N ALA A 747 24.04 37.96 11.31
CA ALA A 747 24.43 38.20 12.70
C ALA A 747 24.02 39.60 13.13
N HIS A 748 23.23 39.68 14.21
CA HIS A 748 22.79 40.97 14.73
C HIS A 748 22.78 41.05 16.25
N ASN A 749 23.28 40.05 16.96
CA ASN A 749 23.31 40.05 18.42
C ASN A 749 24.64 39.49 18.89
N PRO A 750 25.03 39.77 20.14
CA PRO A 750 26.37 39.35 20.61
C PRO A 750 26.62 37.86 20.52
N ALA A 751 25.60 37.02 20.74
CA ALA A 751 25.82 35.57 20.70
C ALA A 751 26.16 35.10 19.29
N SER A 752 25.39 35.54 18.30
CA SER A 752 25.73 35.22 16.92
C SER A 752 27.02 35.90 16.49
N TYR A 753 27.34 37.06 17.06
CA TYR A 753 28.63 37.68 16.78
C TYR A 753 29.79 36.82 17.27
N GLU A 754 29.65 36.26 18.46
CA GLU A 754 30.67 35.34 18.98
C GLU A 754 30.77 34.08 18.14
N ALA A 755 29.62 33.53 17.74
CA ALA A 755 29.64 32.34 16.89
C ALA A 755 30.30 32.65 15.54
N LEU A 756 29.99 33.81 14.96
CA LEU A 756 30.60 34.23 13.71
C LEU A 756 32.12 34.39 13.86
N GLY A 757 32.55 35.01 14.96
CA GLY A 757 33.97 35.17 15.21
C GLY A 757 34.69 33.85 15.35
N GLY A 758 34.04 32.87 16.01
CA GLY A 758 34.64 31.56 16.19
C GLY A 758 34.99 30.87 14.90
N PHE A 759 34.37 31.26 13.78
CA PHE A 759 34.71 30.75 12.47
C PHE A 759 35.56 31.72 11.65
N VAL A 760 35.34 33.03 11.80
CA VAL A 760 36.09 34.01 11.01
C VAL A 760 37.55 34.06 11.46
N ARG A 761 37.79 33.95 12.77
CA ARG A 761 39.15 34.08 13.29
C ARG A 761 40.09 33.03 12.74
N ASN A 762 39.57 31.91 12.23
CA ASN A 762 40.39 30.88 11.63
C ASN A 762 40.80 31.20 10.20
N TRP A 763 40.21 32.21 9.58
CA TRP A 763 40.57 32.58 8.22
C TRP A 763 41.97 33.20 8.22
N PRO A 764 42.84 32.80 7.30
CA PRO A 764 44.21 33.32 7.27
C PRO A 764 44.38 34.64 6.55
N GLY A 765 43.31 35.20 5.99
CA GLY A 765 43.39 36.43 5.22
C GLY A 765 42.96 37.65 6.01
N LYS A 766 42.90 38.78 5.30
CA LYS A 766 42.47 40.03 5.91
C LYS A 766 41.00 39.98 6.26
N ARG A 767 40.64 40.62 7.37
CA ARG A 767 39.29 40.62 7.90
C ARG A 767 38.71 42.02 7.78
N ILE A 768 37.78 42.21 6.85
CA ILE A 768 37.00 43.43 6.72
C ILE A 768 35.57 43.11 7.14
N GLY A 769 34.95 44.02 7.89
CA GLY A 769 33.61 43.74 8.39
C GLY A 769 32.65 44.90 8.36
N VAL A 770 31.45 44.67 7.84
CA VAL A 770 30.36 45.62 7.88
C VAL A 770 29.35 45.10 8.88
N VAL A 771 29.17 45.81 9.99
CA VAL A 771 28.33 45.35 11.09
C VAL A 771 27.21 46.35 11.32
N GLY A 772 26.18 45.89 12.02
CA GLY A 772 25.05 46.74 12.33
C GLY A 772 24.06 45.98 13.20
N GLY A 773 22.99 46.69 13.56
CA GLY A 773 21.96 46.10 14.39
C GLY A 773 20.65 46.84 14.29
N PRO A 774 19.55 46.15 14.61
CA PRO A 774 18.24 46.81 14.60
C PRO A 774 18.19 47.93 15.64
N GLY A 775 17.42 48.98 15.31
CA GLY A 775 17.38 50.15 16.15
C GLY A 775 16.52 50.06 17.38
N ASP A 776 15.78 48.97 17.55
CA ASP A 776 14.89 48.80 18.69
C ASP A 776 15.55 48.05 19.85
N ARG A 777 16.88 48.00 19.88
CA ARG A 777 17.60 47.26 20.90
C ARG A 777 18.27 48.21 21.88
N ARG A 778 18.70 47.66 23.01
CA ARG A 778 19.30 48.46 24.06
C ARG A 778 20.71 48.90 23.68
N ASP A 779 21.18 49.96 24.36
CA ASP A 779 22.49 50.53 24.07
C ASP A 779 23.61 49.56 24.43
N GLU A 780 23.45 48.83 25.54
CA GLU A 780 24.49 47.90 25.97
C GLU A 780 24.72 46.82 24.92
N ASP A 781 23.66 46.41 24.23
CA ASP A 781 23.81 45.44 23.14
C ASP A 781 24.68 46.00 22.03
N PHE A 782 24.48 47.28 21.69
CA PHE A 782 25.30 47.92 20.66
C PHE A 782 26.75 48.01 21.10
N VAL A 783 26.98 48.33 22.38
CA VAL A 783 28.35 48.38 22.90
C VAL A 783 29.01 47.01 22.81
N SER A 784 28.27 45.96 23.17
CA SER A 784 28.80 44.61 23.08
C SER A 784 29.11 44.23 21.63
N LEU A 785 28.22 44.59 20.70
CA LEU A 785 28.48 44.33 19.30
C LEU A 785 29.74 45.04 18.83
N GLY A 786 29.91 46.30 19.23
CA GLY A 786 31.10 47.04 18.84
C GLY A 786 32.38 46.42 19.38
N GLU A 787 32.37 46.05 20.66
CA GLU A 787 33.58 45.46 21.24
C GLU A 787 33.88 44.10 20.64
N LEU A 788 32.86 43.29 20.35
CA LEU A 788 33.10 42.00 19.71
C LEU A 788 33.64 42.18 18.29
N ALA A 789 33.10 43.15 17.54
CA ALA A 789 33.61 43.42 16.21
C ALA A 789 35.05 43.90 16.26
N ALA A 790 35.38 44.70 17.27
CA ALA A 790 36.78 45.09 17.47
C ALA A 790 37.66 43.87 17.74
N ASP A 791 37.18 42.95 18.57
CA ASP A 791 37.96 41.77 18.91
C ASP A 791 38.21 40.88 17.70
N ILE A 792 37.19 40.67 16.88
CA ILE A 792 37.29 39.64 15.84
C ILE A 792 37.83 40.17 14.52
N PHE A 793 37.54 41.42 14.15
CA PHE A 793 37.84 41.92 12.83
C PHE A 793 39.08 42.82 12.83
N ASP A 794 39.52 43.16 11.62
CA ASP A 794 40.65 44.06 11.41
C ASP A 794 40.27 45.38 10.76
N GLU A 795 39.17 45.40 9.99
CA GLU A 795 38.63 46.63 9.43
C GLU A 795 37.15 46.70 9.76
N ILE A 796 36.71 47.85 10.28
CA ILE A 796 35.37 48.01 10.81
C ILE A 796 34.65 49.10 10.00
N ILE A 797 33.45 48.77 9.52
CA ILE A 797 32.57 49.72 8.86
C ILE A 797 31.21 49.59 9.52
N ILE A 798 30.83 50.59 10.32
CA ILE A 798 29.59 50.55 11.09
C ILE A 798 28.48 51.16 10.26
N LYS A 799 27.36 50.46 10.16
CA LYS A 799 26.17 50.95 9.46
C LYS A 799 24.94 50.72 10.32
N GLU A 800 24.00 51.66 10.24
CA GLU A 800 22.76 51.58 10.97
C GLU A 800 21.60 51.27 10.02
N ASP A 801 20.77 50.31 10.40
CA ASP A 801 19.69 49.85 9.54
C ASP A 801 18.78 51.01 9.14
N ASP A 802 18.36 51.01 7.88
CA ASP A 802 17.49 52.08 7.38
C ASP A 802 16.18 52.12 8.14
N ASP A 803 15.59 50.96 8.40
CA ASP A 803 14.41 50.86 9.25
C ASP A 803 14.89 50.85 10.69
N THR A 804 14.96 52.03 11.30
CA THR A 804 15.59 52.21 12.60
C THR A 804 14.64 51.90 13.76
N ARG A 805 13.39 51.54 13.47
CA ARG A 805 12.41 51.12 14.46
C ARG A 805 12.12 52.19 15.50
N GLY A 806 12.21 53.46 15.12
CA GLY A 806 11.90 54.57 16.00
C GLY A 806 13.11 55.22 16.65
N ARG A 807 14.25 54.54 16.67
CA ARG A 807 15.46 55.13 17.23
C ARG A 807 15.93 56.31 16.37
N PRO A 808 16.44 57.36 16.99
CA PRO A 808 16.99 58.48 16.20
C PRO A 808 18.11 58.01 15.29
N ARG A 809 18.18 58.61 14.10
CA ARG A 809 19.16 58.20 13.11
C ARG A 809 20.58 58.43 13.62
N GLY A 810 21.43 57.45 13.39
CA GLY A 810 22.83 57.53 13.79
C GLY A 810 23.20 56.95 15.14
N ASN A 811 22.38 57.24 16.16
CA ASN A 811 22.71 56.93 17.56
C ASN A 811 23.38 55.57 17.74
N ALA A 812 22.81 54.53 17.11
CA ALA A 812 23.39 53.20 17.22
C ALA A 812 24.80 53.15 16.62
N ALA A 813 25.03 53.89 15.54
CA ALA A 813 26.34 53.88 14.90
C ALA A 813 27.40 54.47 15.83
N GLU A 814 27.15 55.65 16.40
CA GLU A 814 28.13 56.23 17.30
C GLU A 814 28.26 55.43 18.60
N LEU A 815 27.21 54.71 19.02
CA LEU A 815 27.37 53.89 20.22
C LEU A 815 28.18 52.62 19.94
N ILE A 816 28.03 52.02 18.75
CA ILE A 816 28.92 50.94 18.35
C ILE A 816 30.35 51.46 18.23
N CYS A 817 30.50 52.71 17.76
CA CYS A 817 31.81 53.35 17.73
C CYS A 817 32.36 53.53 19.14
N GLN A 818 31.50 53.88 20.10
CA GLN A 818 31.93 53.98 21.48
C GLN A 818 32.41 52.63 22.01
N GLY A 819 31.70 51.56 21.67
CA GLY A 819 32.13 50.23 22.08
C GLY A 819 33.48 49.85 21.48
N VAL A 820 33.66 50.12 20.18
CA VAL A 820 34.94 49.79 19.54
C VAL A 820 36.06 50.64 20.10
N LYS A 821 35.76 51.90 20.45
CA LYS A 821 36.77 52.76 21.08
C LYS A 821 37.14 52.24 22.46
N GLN A 822 36.16 51.78 23.23
CA GLN A 822 36.45 51.20 24.54
C GLN A 822 37.33 49.97 24.41
N PHE A 823 37.01 49.09 23.46
CA PHE A 823 37.85 47.90 23.26
C PHE A 823 39.24 48.28 22.82
N LEU A 824 39.37 49.28 21.94
CA LEU A 824 40.69 49.74 21.51
C LEU A 824 41.50 50.30 22.67
N ASN A 825 40.85 51.09 23.53
CA ASN A 825 41.52 51.66 24.70
C ASN A 825 41.83 50.61 25.75
N GLY A 826 41.18 49.45 25.69
CA GLY A 826 41.49 48.38 26.62
C GLY A 826 42.73 47.58 26.31
N ILE A 827 43.45 47.93 25.25
CA ILE A 827 44.64 47.20 24.81
C ILE A 827 45.86 48.08 25.04
N LYS A 828 46.91 47.49 25.61
CA LYS A 828 48.12 48.25 25.92
C LYS A 828 48.97 48.48 24.68
N ASN A 829 49.45 47.40 24.07
CA ASN A 829 50.32 47.47 22.90
C ASN A 829 49.53 47.20 21.63
N SER A 830 50.24 47.07 20.51
CA SER A 830 49.61 46.88 19.20
C SER A 830 49.26 45.40 18.97
N GLU A 831 48.48 44.85 19.90
CA GLU A 831 47.99 43.48 19.75
C GLU A 831 46.89 43.40 18.70
N SER A 832 45.98 44.38 18.69
CA SER A 832 44.91 44.43 17.70
C SER A 832 44.46 45.89 17.59
N LYS A 833 44.82 46.54 16.48
CA LYS A 833 44.59 47.96 16.29
C LYS A 833 43.66 48.20 15.11
N ALA A 834 42.56 47.45 15.05
CA ALA A 834 41.66 47.50 13.90
C ALA A 834 41.15 48.91 13.66
N THR A 835 41.19 49.31 12.38
CA THR A 835 40.70 50.63 11.98
C THR A 835 39.18 50.65 11.96
N TYR A 836 38.61 51.81 12.28
CA TYR A 836 37.17 51.98 12.39
C TYR A 836 36.71 53.22 11.64
N GLU A 837 35.54 53.11 11.00
CA GLU A 837 34.88 54.23 10.37
C GLU A 837 33.41 53.87 10.20
N SER A 838 32.56 54.89 10.16
CA SER A 838 31.12 54.69 10.13
C SER A 838 30.50 55.44 8.96
N ILE A 839 29.75 54.73 8.13
CA ILE A 839 28.91 55.32 7.11
C ILE A 839 27.55 54.64 7.19
N LEU A 840 26.47 55.44 7.11
CA LEU A 840 25.14 55.01 7.51
C LEU A 840 24.31 54.42 6.36
N ASP A 841 24.89 54.26 5.18
CA ASP A 841 24.16 53.73 4.03
C ASP A 841 24.62 52.32 3.71
N GLU A 842 23.66 51.44 3.42
CA GLU A 842 23.99 50.04 3.15
C GLU A 842 24.78 49.91 1.86
N THR A 843 24.33 50.58 0.79
CA THR A 843 25.03 50.49 -0.48
C THR A 843 26.45 51.03 -0.37
N ALA A 844 26.60 52.19 0.28
CA ALA A 844 27.93 52.77 0.46
C ALA A 844 28.81 51.86 1.31
N ALA A 845 28.25 51.29 2.38
CA ALA A 845 29.04 50.43 3.26
C ALA A 845 29.55 49.20 2.52
N ILE A 846 28.67 48.50 1.81
CA ILE A 846 29.10 47.30 1.11
C ILE A 846 30.03 47.64 -0.04
N ASN A 847 29.79 48.77 -0.72
CA ASN A 847 30.68 49.19 -1.80
C ASN A 847 32.09 49.48 -1.27
N THR A 848 32.18 50.18 -0.14
CA THR A 848 33.49 50.44 0.46
C THR A 848 34.16 49.15 0.91
N ALA A 849 33.38 48.22 1.49
CA ALA A 849 33.95 46.96 1.93
C ALA A 849 34.51 46.15 0.76
N LEU A 850 33.77 46.10 -0.36
CA LEU A 850 34.21 45.34 -1.51
C LEU A 850 35.29 46.05 -2.33
N ASP A 851 35.41 47.37 -2.19
CA ASP A 851 36.38 48.12 -2.99
C ASP A 851 37.80 47.86 -2.52
N ARG A 852 38.02 47.85 -1.21
CA ARG A 852 39.37 47.75 -0.63
C ARG A 852 39.66 46.35 -0.11
N ALA A 853 39.16 45.33 -0.78
CA ALA A 853 39.45 43.95 -0.37
C ALA A 853 40.80 43.53 -0.92
N PRO A 854 41.78 43.18 -0.08
CA PRO A 854 43.09 42.79 -0.58
C PRO A 854 43.12 41.33 -1.04
N ILE A 855 44.31 40.84 -1.39
CA ILE A 855 44.46 39.48 -1.88
C ILE A 855 44.15 38.49 -0.76
N ASP A 856 43.33 37.49 -1.06
CA ASP A 856 42.98 36.41 -0.14
C ASP A 856 42.28 36.91 1.12
N GLY A 857 41.69 38.11 1.07
CA GLY A 857 41.00 38.65 2.21
C GLY A 857 39.59 38.09 2.36
N LEU A 858 39.00 38.37 3.51
CA LEU A 858 37.63 37.96 3.82
C LEU A 858 36.83 39.19 4.20
N VAL A 859 35.74 39.44 3.47
CA VAL A 859 34.86 40.58 3.72
C VAL A 859 33.53 40.04 4.23
N VAL A 860 33.18 40.37 5.47
CA VAL A 860 31.96 39.89 6.11
C VAL A 860 30.92 41.01 6.05
N ILE A 861 29.71 40.66 5.65
CA ILE A 861 28.61 41.59 5.48
C ILE A 861 27.46 41.14 6.36
N LEU A 862 26.90 42.07 7.13
CA LEU A 862 25.72 41.81 7.97
C LEU A 862 24.67 42.86 7.66
N PRO A 863 24.01 42.75 6.49
CA PRO A 863 23.11 43.81 6.05
C PRO A 863 21.73 43.68 6.67
N GLU A 864 20.95 44.75 6.54
CA GLU A 864 19.56 44.73 6.98
C GLU A 864 18.74 43.71 6.20
N SER A 865 18.91 43.69 4.88
CA SER A 865 18.21 42.75 4.00
C SER A 865 19.22 41.92 3.24
N VAL A 866 18.96 40.62 3.16
CA VAL A 866 19.89 39.71 2.48
C VAL A 866 19.91 39.96 0.98
N ASN A 867 18.74 40.29 0.41
CA ASN A 867 18.66 40.45 -1.03
C ASN A 867 19.53 41.59 -1.53
N ARG A 868 19.71 42.65 -0.72
CA ARG A 868 20.59 43.73 -1.11
C ARG A 868 22.02 43.23 -1.33
N ALA A 869 22.56 42.51 -0.34
CA ALA A 869 23.91 41.98 -0.47
C ALA A 869 24.01 40.97 -1.60
N ILE A 870 23.00 40.12 -1.74
CA ILE A 870 23.03 39.11 -2.80
C ILE A 870 23.08 39.76 -4.17
N SER A 871 22.23 40.77 -4.40
CA SER A 871 22.21 41.46 -5.68
C SER A 871 23.51 42.21 -5.91
N LEU A 872 24.04 42.86 -4.87
CA LEU A 872 25.26 43.65 -5.04
C LEU A 872 26.45 42.76 -5.38
N ILE A 873 26.55 41.60 -4.76
CA ILE A 873 27.65 40.69 -5.08
C ILE A 873 27.40 39.92 -6.38
N GLU A 874 26.14 39.76 -6.79
CA GLU A 874 25.86 39.13 -8.07
C GLU A 874 26.20 40.05 -9.22
N GLY A 875 25.95 41.36 -9.07
CA GLY A 875 26.27 42.29 -10.12
C GLY A 875 27.76 42.38 -10.40
N ARG A 876 28.58 42.33 -9.35
CA ARG A 876 30.03 42.43 -9.47
C ARG A 876 30.69 41.09 -9.74
N HIS A 877 29.93 40.07 -10.12
CA HIS A 877 30.45 38.75 -10.44
C HIS A 877 31.24 38.15 -9.26
N MET B 1 32.85 -37.56 -43.83
CA MET B 1 32.06 -36.72 -42.95
C MET B 1 32.91 -36.19 -41.81
N LYS B 2 32.81 -34.89 -41.54
CA LYS B 2 33.57 -34.27 -40.45
C LYS B 2 32.68 -33.23 -39.78
N ILE B 3 32.44 -33.40 -38.50
CA ILE B 3 31.63 -32.44 -37.74
C ILE B 3 32.48 -31.22 -37.43
N LEU B 4 32.07 -30.07 -37.97
CA LEU B 4 32.84 -28.84 -37.83
C LEU B 4 32.41 -28.02 -36.62
N LYS B 5 31.11 -27.94 -36.33
CA LYS B 5 30.63 -27.18 -35.19
C LYS B 5 29.30 -27.76 -34.74
N LEU B 6 29.09 -27.79 -33.43
CA LEU B 6 27.89 -28.34 -32.82
C LEU B 6 27.38 -27.35 -31.78
N GLN B 7 26.25 -26.70 -32.08
CA GLN B 7 25.65 -25.72 -31.18
C GLN B 7 24.31 -26.23 -30.69
N THR B 8 23.93 -25.79 -29.50
CA THR B 8 22.64 -26.13 -28.92
C THR B 8 21.84 -24.86 -28.65
N LEU B 9 20.57 -24.89 -29.02
CA LEU B 9 19.65 -23.77 -28.91
C LEU B 9 18.62 -24.12 -27.84
N ARG B 10 18.43 -23.22 -26.88
CA ARG B 10 17.55 -23.49 -25.74
C ARG B 10 16.33 -22.57 -25.69
N GLY B 11 16.24 -21.56 -26.55
CA GLY B 11 15.09 -20.69 -26.58
C GLY B 11 14.60 -20.46 -27.99
N PRO B 12 13.69 -19.51 -28.17
CA PRO B 12 13.29 -19.12 -29.53
C PRO B 12 14.52 -18.72 -30.34
N ASN B 13 14.57 -19.18 -31.58
CA ASN B 13 15.79 -19.10 -32.36
C ASN B 13 15.46 -18.85 -33.82
N TYR B 14 16.52 -18.79 -34.64
CA TYR B 14 16.39 -18.51 -36.06
C TYR B 14 15.61 -19.61 -36.78
N TRP B 15 15.84 -20.87 -36.40
CA TRP B 15 15.25 -21.98 -37.12
C TRP B 15 13.76 -22.14 -36.82
N SER B 16 13.35 -21.94 -35.57
CA SER B 16 11.96 -22.12 -35.22
C SER B 16 11.61 -21.28 -34.00
N ILE B 17 10.31 -21.08 -33.82
CA ILE B 17 9.76 -20.44 -32.63
C ILE B 17 8.68 -21.38 -32.09
N HIS B 18 8.67 -21.56 -30.77
CA HIS B 18 7.95 -22.57 -29.99
C HIS B 18 8.65 -23.93 -30.06
N ARG B 19 9.71 -24.07 -30.85
CA ARG B 19 10.61 -25.22 -30.79
C ARG B 19 11.94 -24.71 -30.23
N HIS B 20 12.02 -24.64 -28.90
CA HIS B 20 13.16 -24.00 -28.27
C HIS B 20 14.38 -24.91 -28.23
N LYS B 21 14.18 -26.19 -27.94
CA LYS B 21 15.29 -27.13 -27.76
C LYS B 21 15.68 -27.69 -29.11
N LEU B 22 16.80 -27.22 -29.66
CA LEU B 22 17.30 -27.69 -30.94
C LEU B 22 18.81 -27.86 -30.85
N VAL B 23 19.36 -28.64 -31.78
CA VAL B 23 20.80 -28.77 -31.93
C VAL B 23 21.14 -28.61 -33.40
N VAL B 24 22.11 -27.77 -33.71
CA VAL B 24 22.49 -27.47 -35.08
C VAL B 24 23.95 -27.85 -35.27
N MET B 25 24.23 -28.59 -36.34
CA MET B 25 25.58 -29.04 -36.63
C MET B 25 25.97 -28.65 -38.04
N ARG B 26 27.20 -28.15 -38.18
CA ARG B 26 27.82 -27.88 -39.47
C ARG B 26 28.55 -29.14 -39.90
N LEU B 27 27.97 -29.84 -40.87
CA LEU B 27 28.45 -31.15 -41.28
C LEU B 27 29.17 -31.04 -42.62
N ASP B 28 30.42 -31.49 -42.66
CA ASP B 28 31.24 -31.39 -43.87
C ASP B 28 31.07 -32.66 -44.69
N LEU B 29 30.55 -32.51 -45.91
CA LEU B 29 30.37 -33.62 -46.84
C LEU B 29 31.55 -33.60 -47.81
N GLU B 30 32.70 -34.10 -47.34
CA GLU B 30 33.94 -33.96 -48.09
C GLU B 30 33.90 -34.76 -49.39
N ASP B 31 33.32 -35.95 -49.38
CA ASP B 31 33.33 -36.84 -50.53
C ASP B 31 31.96 -37.25 -51.03
N LEU B 32 30.96 -37.32 -50.15
CA LEU B 32 29.60 -37.67 -50.55
C LEU B 32 28.73 -36.44 -50.76
N TYR B 33 29.32 -35.33 -51.25
CA TYR B 33 28.60 -34.07 -51.32
C TYR B 33 27.39 -34.15 -52.25
N GLU B 34 27.55 -34.79 -53.41
CA GLU B 34 26.46 -34.88 -54.38
C GLU B 34 26.20 -36.33 -54.73
N LYS B 35 26.13 -37.18 -53.73
CA LYS B 35 25.85 -38.60 -53.89
C LYS B 35 24.49 -38.91 -53.28
N TYR B 36 23.53 -39.29 -54.11
CA TYR B 36 22.20 -39.62 -53.66
C TYR B 36 22.15 -41.05 -53.13
N THR B 37 21.09 -41.36 -52.39
CA THR B 37 20.95 -42.69 -51.81
C THR B 37 20.83 -43.76 -52.89
N SER B 38 20.14 -43.46 -53.99
CA SER B 38 20.03 -44.42 -55.09
C SER B 38 21.36 -44.69 -55.77
N ASP B 39 22.32 -43.78 -55.65
CA ASP B 39 23.64 -43.94 -56.25
C ASP B 39 24.67 -44.54 -55.29
N ILE B 40 24.26 -44.88 -54.08
CA ILE B 40 25.14 -45.54 -53.11
C ILE B 40 24.78 -47.02 -53.09
N PRO B 41 25.71 -47.92 -53.38
CA PRO B 41 25.39 -49.35 -53.50
C PRO B 41 24.98 -49.94 -52.15
N GLY B 42 23.77 -50.50 -52.10
CA GLY B 42 23.30 -51.19 -50.91
C GLY B 42 23.01 -50.29 -49.73
N PHE B 43 22.86 -48.98 -49.95
CA PHE B 43 22.59 -48.07 -48.85
C PHE B 43 21.18 -48.26 -48.30
N TYR B 44 20.19 -48.34 -49.17
CA TYR B 44 18.80 -48.38 -48.73
C TYR B 44 18.52 -49.63 -47.89
N LYS B 45 18.95 -50.79 -48.39
CA LYS B 45 18.67 -52.04 -47.69
C LYS B 45 19.36 -52.08 -46.33
N GLY B 46 20.64 -51.67 -46.28
CA GLY B 46 21.33 -51.64 -45.00
C GLY B 46 20.70 -50.67 -44.02
N LEU B 47 20.29 -49.50 -44.51
CA LEU B 47 19.65 -48.52 -43.63
C LEU B 47 18.31 -49.04 -43.11
N THR B 48 17.52 -49.68 -43.97
CA THR B 48 16.21 -50.16 -43.55
C THR B 48 16.27 -51.43 -42.72
N GLU B 49 17.37 -52.18 -42.76
CA GLU B 49 17.52 -53.31 -41.84
C GLU B 49 18.15 -52.89 -40.52
N VAL B 50 19.01 -51.86 -40.53
CA VAL B 50 19.55 -51.33 -39.29
C VAL B 50 18.45 -50.69 -38.46
N LEU B 51 17.59 -49.88 -39.08
CA LEU B 51 16.50 -49.20 -38.39
C LEU B 51 15.21 -49.32 -39.19
N PRO B 52 14.47 -50.42 -39.00
CA PRO B 52 13.16 -50.53 -39.66
C PRO B 52 12.16 -49.47 -39.22
N SER B 53 12.34 -48.91 -38.01
CA SER B 53 11.38 -47.94 -37.48
C SER B 53 11.27 -46.70 -38.35
N LEU B 54 12.26 -46.46 -39.22
CA LEU B 54 12.18 -45.35 -40.17
C LEU B 54 10.93 -45.43 -41.04
N VAL B 55 10.28 -46.59 -41.11
CA VAL B 55 9.05 -46.73 -41.88
C VAL B 55 7.94 -45.84 -41.33
N GLU B 56 8.08 -45.37 -40.09
CA GLU B 56 7.10 -44.51 -39.45
C GLU B 56 7.29 -43.04 -39.78
N HIS B 57 8.37 -42.68 -40.49
CA HIS B 57 8.67 -41.28 -40.75
C HIS B 57 7.80 -40.76 -41.87
N LEU B 58 6.79 -39.95 -41.52
CA LEU B 58 5.95 -39.27 -42.50
C LEU B 58 6.67 -38.03 -42.99
N CYS B 59 7.50 -38.22 -44.02
CA CYS B 59 8.30 -37.13 -44.57
C CYS B 59 7.47 -36.27 -45.52
N SER B 60 8.15 -35.45 -46.33
CA SER B 60 7.53 -34.53 -47.28
C SER B 60 6.45 -35.17 -48.15
N PRO B 61 6.53 -36.47 -48.48
CA PRO B 61 5.34 -37.12 -49.08
C PRO B 61 4.11 -37.03 -48.21
N GLY B 62 4.27 -37.01 -46.88
CA GLY B 62 3.14 -36.91 -45.99
C GLY B 62 2.38 -38.19 -45.75
N VAL B 63 2.89 -39.32 -46.24
CA VAL B 63 2.22 -40.60 -46.12
C VAL B 63 3.17 -41.57 -45.43
N LYS B 64 2.60 -42.58 -44.78
CA LYS B 64 3.35 -43.63 -44.10
C LYS B 64 4.43 -44.20 -45.00
N GLY B 65 5.67 -44.18 -44.52
CA GLY B 65 6.79 -44.64 -45.30
C GLY B 65 7.27 -43.67 -46.36
N GLY B 66 6.84 -42.41 -46.30
CA GLY B 66 7.23 -41.46 -47.33
C GLY B 66 8.73 -41.20 -47.36
N PHE B 67 9.37 -41.19 -46.19
CA PHE B 67 10.82 -41.00 -46.15
C PHE B 67 11.54 -42.15 -46.86
N LEU B 68 10.99 -43.36 -46.76
CA LEU B 68 11.58 -44.49 -47.47
C LEU B 68 11.48 -44.29 -48.98
N THR B 69 10.35 -43.78 -49.47
CA THR B 69 10.25 -43.46 -50.89
C THR B 69 11.22 -42.37 -51.30
N ARG B 70 11.41 -41.37 -50.42
CA ARG B 70 12.39 -40.32 -50.70
C ARG B 70 13.80 -40.89 -50.81
N VAL B 71 14.14 -41.84 -49.93
CA VAL B 71 15.43 -42.53 -50.05
C VAL B 71 15.49 -43.33 -51.34
N GLU B 72 14.38 -43.95 -51.73
CA GLU B 72 14.34 -44.71 -52.98
C GLU B 72 14.67 -43.84 -54.18
N LYS B 73 14.03 -42.67 -54.27
CA LYS B 73 14.26 -41.80 -55.42
C LYS B 73 15.63 -41.17 -55.43
N GLY B 74 16.40 -41.29 -54.34
CA GLY B 74 17.70 -40.68 -54.27
C GLY B 74 17.67 -39.35 -53.54
N THR B 75 18.34 -39.28 -52.39
CA THR B 75 18.29 -38.10 -51.54
C THR B 75 19.69 -37.83 -50.99
N LEU B 76 19.94 -36.56 -50.68
CA LEU B 76 21.21 -36.20 -50.06
C LEU B 76 21.31 -36.80 -48.67
N ILE B 77 22.55 -37.10 -48.27
CA ILE B 77 22.78 -37.80 -47.00
C ILE B 77 22.45 -36.96 -45.78
N GLY B 78 22.39 -35.63 -45.91
CA GLY B 78 22.01 -34.81 -44.78
C GLY B 78 20.58 -35.09 -44.33
N HIS B 79 19.68 -35.31 -45.28
CA HIS B 79 18.29 -35.63 -44.95
C HIS B 79 18.19 -36.94 -44.20
N VAL B 80 18.86 -37.99 -44.69
CA VAL B 80 18.81 -39.26 -43.99
C VAL B 80 19.53 -39.16 -42.66
N ILE B 81 20.53 -38.28 -42.54
CA ILE B 81 21.23 -38.13 -41.26
C ILE B 81 20.32 -37.48 -40.23
N GLU B 82 19.60 -36.43 -40.61
CA GLU B 82 18.67 -35.84 -39.65
C GLU B 82 17.58 -36.84 -39.27
N HIS B 83 17.07 -37.60 -40.25
CA HIS B 83 16.03 -38.57 -39.93
C HIS B 83 16.54 -39.67 -39.02
N VAL B 84 17.78 -40.14 -39.24
CA VAL B 84 18.30 -41.19 -38.39
C VAL B 84 18.60 -40.65 -37.00
N ALA B 85 18.98 -39.38 -36.87
CA ALA B 85 19.13 -38.78 -35.54
C ALA B 85 17.79 -38.72 -34.81
N ILE B 86 16.73 -38.28 -35.51
CA ILE B 86 15.40 -38.26 -34.91
C ILE B 86 15.02 -39.65 -34.42
N GLU B 87 15.17 -40.66 -35.29
CA GLU B 87 14.76 -42.01 -34.91
C GLU B 87 15.67 -42.59 -33.84
N LEU B 88 16.95 -42.24 -33.84
CA LEU B 88 17.89 -42.76 -32.85
C LEU B 88 17.53 -42.27 -31.45
N GLN B 89 17.21 -40.98 -31.32
CA GLN B 89 16.79 -40.53 -30.00
C GLN B 89 15.32 -40.80 -29.73
N GLU B 90 14.53 -41.16 -30.74
CA GLU B 90 13.16 -41.57 -30.51
C GLU B 90 13.07 -43.00 -29.97
N LEU B 91 13.95 -43.88 -30.42
CA LEU B 91 13.94 -45.26 -29.94
C LEU B 91 14.25 -45.33 -28.45
N ALA B 92 15.01 -44.37 -27.92
CA ALA B 92 15.32 -44.32 -26.50
C ALA B 92 14.17 -43.75 -25.67
N GLY B 93 12.98 -43.64 -26.23
CA GLY B 93 11.82 -43.15 -25.50
C GLY B 93 11.66 -41.65 -25.46
N MET B 94 12.41 -40.91 -26.28
CA MET B 94 12.35 -39.45 -26.27
C MET B 94 11.69 -38.97 -27.56
N PRO B 95 10.42 -38.57 -27.52
CA PRO B 95 9.70 -38.17 -28.74
C PRO B 95 10.15 -36.80 -29.23
N VAL B 96 10.68 -36.76 -30.45
CA VAL B 96 11.09 -35.53 -31.10
C VAL B 96 10.61 -35.56 -32.55
N GLY B 97 10.13 -34.43 -33.05
CA GLY B 97 9.55 -34.39 -34.37
C GLY B 97 9.88 -33.19 -35.23
N PHE B 98 11.07 -32.60 -35.05
CA PHE B 98 11.49 -31.45 -35.84
C PHE B 98 12.88 -31.71 -36.41
N GLY B 99 13.07 -31.37 -37.68
CA GLY B 99 14.35 -31.53 -38.34
C GLY B 99 14.46 -30.74 -39.62
N ARG B 100 15.62 -30.14 -39.86
CA ARG B 100 15.84 -29.32 -41.05
C ARG B 100 17.25 -29.52 -41.58
N THR B 101 17.41 -29.32 -42.89
CA THR B 101 18.71 -29.40 -43.53
C THR B 101 18.82 -28.29 -44.55
N ARG B 102 19.92 -27.55 -44.52
CA ARG B 102 20.12 -26.43 -45.42
C ARG B 102 21.53 -26.43 -45.99
N GLU B 103 21.65 -25.92 -47.21
CA GLU B 103 22.94 -25.73 -47.85
C GLU B 103 23.54 -24.40 -47.42
N THR B 104 24.78 -24.44 -46.94
CA THR B 104 25.46 -23.23 -46.50
C THR B 104 26.10 -22.52 -47.69
N SER B 105 26.57 -21.29 -47.43
CA SER B 105 27.22 -20.52 -48.48
C SER B 105 28.50 -21.20 -48.97
N THR B 106 29.28 -21.75 -48.05
CA THR B 106 30.49 -22.48 -48.44
C THR B 106 30.11 -23.75 -49.20
N THR B 107 31.08 -24.29 -49.92
CA THR B 107 30.79 -25.31 -50.93
C THR B 107 30.28 -26.60 -50.30
N GLY B 108 31.07 -27.23 -49.44
CA GLY B 108 30.80 -28.59 -49.02
C GLY B 108 30.16 -28.81 -47.67
N VAL B 109 29.67 -27.77 -47.00
CA VAL B 109 29.15 -27.89 -45.65
C VAL B 109 27.64 -27.71 -45.64
N PHE B 110 26.95 -28.63 -44.98
CA PHE B 110 25.52 -28.54 -44.73
C PHE B 110 25.28 -28.10 -43.29
N GLN B 111 24.07 -27.61 -43.03
CA GLN B 111 23.62 -27.32 -41.68
C GLN B 111 22.44 -28.23 -41.38
N VAL B 112 22.55 -29.02 -40.31
CA VAL B 112 21.55 -30.01 -39.96
C VAL B 112 21.03 -29.68 -38.57
N VAL B 113 19.70 -29.56 -38.44
CA VAL B 113 19.04 -29.12 -37.22
C VAL B 113 18.14 -30.23 -36.74
N ILE B 114 18.32 -30.64 -35.48
CA ILE B 114 17.64 -31.78 -34.88
C ILE B 114 16.95 -31.31 -33.61
N GLU B 115 15.67 -31.65 -33.46
CA GLU B 115 15.01 -31.40 -32.19
C GLU B 115 15.47 -32.41 -31.15
N TYR B 116 15.63 -31.94 -29.90
CA TYR B 116 16.04 -32.80 -28.82
C TYR B 116 15.12 -32.60 -27.62
N GLU B 117 15.17 -33.57 -26.71
CA GLU B 117 14.52 -33.46 -25.41
C GLU B 117 15.52 -33.29 -24.27
N ASN B 118 16.67 -33.96 -24.35
CA ASN B 118 17.77 -33.78 -23.43
C ASN B 118 18.96 -33.24 -24.20
N GLU B 119 19.66 -32.28 -23.60
CA GLU B 119 20.76 -31.62 -24.31
C GLU B 119 21.88 -32.60 -24.64
N GLN B 120 22.37 -33.33 -23.62
CA GLN B 120 23.44 -34.29 -23.85
C GLN B 120 22.97 -35.42 -24.76
N ALA B 121 21.73 -35.89 -24.56
CA ALA B 121 21.20 -36.95 -25.42
C ALA B 121 21.08 -36.47 -26.86
N GLY B 122 20.63 -35.23 -27.06
CA GLY B 122 20.54 -34.71 -28.42
C GLY B 122 21.89 -34.58 -29.09
N ARG B 123 22.88 -34.06 -28.36
CA ARG B 123 24.23 -33.97 -28.92
C ARG B 123 24.80 -35.34 -29.24
N TYR B 124 24.58 -36.32 -28.35
CA TYR B 124 25.06 -37.67 -28.60
C TYR B 124 24.39 -38.28 -29.82
N ALA B 125 23.07 -38.08 -29.97
CA ALA B 125 22.38 -38.61 -31.13
C ALA B 125 22.89 -37.97 -32.41
N ALA B 126 23.12 -36.65 -32.39
CA ALA B 126 23.67 -35.98 -33.56
C ALA B 126 25.05 -36.53 -33.92
N ARG B 127 25.90 -36.74 -32.92
CA ARG B 127 27.23 -37.29 -33.19
C ARG B 127 27.16 -38.72 -33.68
N ALA B 128 26.21 -39.52 -33.18
CA ALA B 128 26.12 -40.92 -33.57
C ALA B 128 25.50 -41.11 -34.94
N ALA B 129 24.64 -40.18 -35.37
CA ALA B 129 23.98 -40.34 -36.67
C ALA B 129 24.99 -40.34 -37.81
N VAL B 130 25.97 -39.43 -37.76
CA VAL B 130 26.96 -39.37 -38.84
C VAL B 130 27.84 -40.60 -38.84
N ARG B 131 28.18 -41.12 -37.66
CA ARG B 131 28.96 -42.36 -37.58
C ARG B 131 28.18 -43.52 -38.16
N LEU B 132 26.89 -43.62 -37.83
CA LEU B 132 26.06 -44.69 -38.38
C LEU B 132 25.99 -44.61 -39.90
N CYS B 133 25.77 -43.41 -40.43
CA CYS B 133 25.66 -43.26 -41.88
C CYS B 133 26.99 -43.55 -42.56
N GLN B 134 28.11 -43.11 -41.97
CA GLN B 134 29.42 -43.41 -42.55
C GLN B 134 29.70 -44.90 -42.54
N SER B 135 29.34 -45.59 -41.46
CA SER B 135 29.52 -47.03 -41.42
C SER B 135 28.66 -47.72 -42.46
N ILE B 136 27.43 -47.24 -42.67
CA ILE B 136 26.58 -47.84 -43.69
C ILE B 136 27.15 -47.63 -45.08
N VAL B 137 27.63 -46.42 -45.39
CA VAL B 137 28.16 -46.19 -46.72
C VAL B 137 29.47 -46.95 -46.93
N ASP B 138 30.24 -47.19 -45.86
CA ASP B 138 31.52 -47.86 -46.02
C ASP B 138 31.38 -49.38 -46.10
N THR B 139 30.47 -49.96 -45.31
CA THR B 139 30.36 -51.40 -45.21
C THR B 139 29.00 -51.96 -45.64
N GLY B 140 27.99 -51.11 -45.82
CA GLY B 140 26.67 -51.58 -46.19
C GLY B 140 25.75 -51.89 -45.02
N THR B 141 26.28 -51.88 -43.80
CA THR B 141 25.46 -52.17 -42.63
C THR B 141 26.15 -51.61 -41.39
N TYR B 142 25.38 -51.51 -40.31
CA TYR B 142 25.89 -51.11 -39.01
C TYR B 142 25.75 -52.26 -38.04
N PRO B 143 26.78 -52.57 -37.26
CA PRO B 143 26.68 -53.69 -36.31
C PRO B 143 25.55 -53.47 -35.31
N ALA B 144 24.85 -54.54 -34.99
CA ALA B 144 23.75 -54.46 -34.03
C ALA B 144 24.27 -54.19 -32.62
N THR B 145 25.47 -54.69 -32.30
CA THR B 145 26.04 -54.45 -30.98
C THR B 145 26.31 -52.96 -30.76
N GLU B 146 26.83 -52.28 -31.78
CA GLU B 146 27.07 -50.84 -31.65
C GLU B 146 25.76 -50.07 -31.55
N LEU B 147 24.75 -50.50 -32.31
CA LEU B 147 23.43 -49.86 -32.22
C LEU B 147 22.85 -50.01 -30.82
N GLN B 148 22.95 -51.20 -30.24
CA GLN B 148 22.45 -51.41 -28.88
C GLN B 148 23.26 -50.61 -27.87
N GLN B 149 24.58 -50.52 -28.06
CA GLN B 149 25.40 -49.70 -27.17
C GLN B 149 24.98 -48.24 -27.24
N ASP B 150 24.73 -47.72 -28.44
CA ASP B 150 24.30 -46.34 -28.58
C ASP B 150 22.94 -46.10 -27.96
N LEU B 151 22.00 -47.04 -28.14
CA LEU B 151 20.68 -46.88 -27.53
C LEU B 151 20.78 -46.93 -26.00
N GLU B 152 21.61 -47.82 -25.46
CA GLU B 152 21.79 -47.87 -24.02
C GLU B 152 22.42 -46.59 -23.49
N ASP B 153 23.39 -46.03 -24.23
CA ASP B 153 23.98 -44.75 -23.84
C ASP B 153 22.95 -43.64 -23.86
N LEU B 154 22.08 -43.62 -24.88
CA LEU B 154 21.04 -42.61 -24.95
C LEU B 154 20.06 -42.74 -23.80
N LYS B 155 19.67 -43.98 -23.47
CA LYS B 155 18.77 -44.20 -22.34
C LYS B 155 19.41 -43.77 -21.02
N GLU B 156 20.71 -44.06 -20.87
CA GLU B 156 21.41 -43.62 -19.67
C GLU B 156 21.48 -42.10 -19.58
N LEU B 157 21.69 -41.43 -20.72
CA LEU B 157 21.69 -39.98 -20.72
C LEU B 157 20.33 -39.42 -20.38
N LYS B 158 19.26 -40.03 -20.90
CA LYS B 158 17.91 -39.59 -20.57
C LYS B 158 17.62 -39.76 -19.08
N ASN B 159 18.02 -40.90 -18.51
CA ASN B 159 17.80 -41.13 -17.09
C ASN B 159 18.61 -40.17 -16.23
N GLN B 160 19.85 -39.89 -16.64
CA GLN B 160 20.74 -39.06 -15.84
C GLN B 160 20.23 -37.63 -15.75
N ALA B 161 19.83 -37.05 -16.88
CA ALA B 161 19.33 -35.68 -16.90
C ALA B 161 17.80 -35.67 -16.82
N SER B 162 17.30 -36.26 -15.73
CA SER B 162 15.86 -36.35 -15.48
C SER B 162 15.57 -35.87 -14.06
N LEU B 163 14.49 -35.12 -13.91
CA LEU B 163 14.03 -34.73 -12.59
C LEU B 163 13.30 -35.88 -11.93
N GLY B 164 12.86 -35.66 -10.70
CA GLY B 164 12.04 -36.63 -10.01
C GLY B 164 10.58 -36.46 -10.37
N PRO B 165 9.77 -37.49 -10.11
CA PRO B 165 8.33 -37.37 -10.41
C PRO B 165 7.65 -36.21 -9.68
N SER B 166 8.07 -35.90 -8.46
CA SER B 166 7.51 -34.74 -7.77
C SER B 166 7.89 -33.45 -8.50
N THR B 167 9.19 -33.29 -8.79
CA THR B 167 9.65 -32.12 -9.52
C THR B 167 9.05 -32.11 -10.92
N GLU B 168 8.94 -33.28 -11.56
CA GLU B 168 8.32 -33.34 -12.89
C GLU B 168 6.89 -32.84 -12.86
N ALA B 169 6.12 -33.30 -11.87
CA ALA B 169 4.71 -32.88 -11.78
C ALA B 169 4.60 -31.38 -11.52
N ILE B 170 5.42 -30.87 -10.61
CA ILE B 170 5.33 -29.44 -10.29
C ILE B 170 5.75 -28.59 -11.50
N VAL B 171 6.81 -29.00 -12.19
CA VAL B 171 7.26 -28.28 -13.37
C VAL B 171 6.21 -28.34 -14.48
N LYS B 172 5.56 -29.50 -14.63
CA LYS B 172 4.51 -29.61 -15.64
C LYS B 172 3.34 -28.69 -15.33
N GLU B 173 2.95 -28.61 -14.05
CA GLU B 173 1.89 -27.68 -13.68
C GLU B 173 2.30 -26.23 -13.94
N ALA B 174 3.54 -25.88 -13.60
CA ALA B 174 4.01 -24.52 -13.85
C ALA B 174 4.02 -24.20 -15.34
N GLU B 175 4.43 -25.15 -16.18
CA GLU B 175 4.38 -24.96 -17.62
C GLU B 175 2.95 -24.79 -18.10
N ALA B 176 2.02 -25.59 -17.55
CA ALA B 176 0.62 -25.46 -17.92
C ALA B 176 0.06 -24.10 -17.55
N ARG B 177 0.59 -23.48 -16.49
CA ARG B 177 0.14 -22.15 -16.09
C ARG B 177 0.95 -21.04 -16.74
N GLY B 178 1.89 -21.35 -17.61
CA GLY B 178 2.67 -20.33 -18.28
C GLY B 178 3.67 -19.61 -17.41
N ILE B 179 4.11 -20.24 -16.32
CA ILE B 179 5.06 -19.64 -15.39
C ILE B 179 6.46 -20.14 -15.77
N PRO B 180 7.41 -19.24 -16.04
CA PRO B 180 8.73 -19.68 -16.46
C PRO B 180 9.44 -20.48 -15.36
N TRP B 181 10.26 -21.43 -15.79
CA TRP B 181 11.02 -22.26 -14.87
C TRP B 181 12.40 -22.52 -15.44
N THR B 182 13.39 -22.49 -14.56
CA THR B 182 14.77 -22.77 -14.93
C THR B 182 15.38 -23.70 -13.88
N GLN B 183 16.44 -24.39 -14.28
CA GLN B 183 17.14 -25.32 -13.41
C GLN B 183 18.39 -24.65 -12.87
N LEU B 184 18.45 -24.47 -11.55
CA LEU B 184 19.65 -23.95 -10.93
C LEU B 184 20.74 -25.02 -10.89
N GLY B 185 21.98 -24.57 -10.88
CA GLY B 185 23.11 -25.47 -10.96
C GLY B 185 23.69 -25.94 -9.65
N ALA B 186 23.06 -25.66 -8.52
CA ALA B 186 23.63 -25.96 -7.22
C ALA B 186 23.17 -27.29 -6.64
N ARG B 187 21.87 -27.42 -6.36
CA ARG B 187 21.37 -28.54 -5.56
C ARG B 187 20.09 -29.08 -6.14
N PHE B 188 20.02 -29.20 -7.47
CA PHE B 188 18.82 -29.66 -8.16
C PHE B 188 17.61 -28.79 -7.82
N MET B 189 17.85 -27.49 -7.67
CA MET B 189 16.79 -26.56 -7.36
C MET B 189 16.20 -25.97 -8.65
N ILE B 190 14.88 -25.83 -8.66
CA ILE B 190 14.14 -25.26 -9.77
C ILE B 190 13.64 -23.88 -9.35
N GLN B 191 13.91 -22.88 -10.19
CA GLN B 191 13.46 -21.52 -9.95
C GLN B 191 12.29 -21.19 -10.88
N PHE B 192 11.19 -20.75 -10.28
CA PHE B 192 10.01 -20.33 -11.02
C PHE B 192 9.93 -18.81 -11.02
N GLY B 193 9.54 -18.24 -12.15
CA GLY B 193 9.39 -16.80 -12.24
C GLY B 193 10.72 -16.09 -12.41
N TYR B 194 10.63 -14.76 -12.40
CA TYR B 194 11.77 -13.89 -12.66
C TYR B 194 11.88 -12.82 -11.59
N GLY B 195 13.11 -12.40 -11.33
CA GLY B 195 13.35 -11.22 -10.52
C GLY B 195 12.78 -11.33 -9.12
N VAL B 196 12.10 -10.25 -8.70
CA VAL B 196 11.52 -10.19 -7.36
C VAL B 196 10.33 -11.12 -7.18
N ASN B 197 9.78 -11.67 -8.27
CA ASN B 197 8.60 -12.52 -8.21
C ASN B 197 8.93 -14.00 -8.29
N GLN B 198 10.18 -14.37 -8.04
CA GLN B 198 10.63 -15.75 -8.21
C GLN B 198 10.41 -16.56 -6.93
N LYS B 199 10.25 -17.87 -7.13
CA LYS B 199 10.20 -18.85 -6.04
C LYS B 199 11.17 -19.97 -6.38
N LYS B 200 11.50 -20.78 -5.39
CA LYS B 200 12.41 -21.91 -5.57
C LYS B 200 11.85 -23.16 -4.91
N ILE B 201 12.02 -24.30 -5.56
CA ILE B 201 11.69 -25.60 -4.98
C ILE B 201 12.85 -26.54 -5.20
N GLN B 202 12.97 -27.55 -4.33
CA GLN B 202 13.95 -28.60 -4.61
C GLN B 202 13.29 -29.85 -5.16
N ALA B 203 12.49 -30.52 -4.32
CA ALA B 203 11.54 -31.52 -4.78
C ALA B 203 10.13 -31.20 -4.30
N THR B 204 9.97 -31.01 -3.00
CA THR B 204 8.73 -30.55 -2.39
C THR B 204 8.96 -29.40 -1.43
N LEU B 205 10.15 -29.25 -0.87
CA LEU B 205 10.49 -28.05 -0.10
C LEU B 205 10.50 -26.83 -1.00
N SER B 206 9.86 -25.77 -0.54
CA SER B 206 9.93 -24.48 -1.21
C SER B 206 10.91 -23.57 -0.48
N ASN B 207 11.18 -22.42 -1.09
CA ASN B 207 12.07 -21.46 -0.46
C ASN B 207 11.46 -20.82 0.78
N GLN B 208 10.16 -21.00 1.01
CA GLN B 208 9.49 -20.52 2.21
C GLN B 208 9.32 -21.60 3.27
N THR B 209 9.82 -22.81 3.04
CA THR B 209 9.76 -23.86 4.04
C THR B 209 10.83 -23.60 5.10
N GLY B 210 10.42 -23.65 6.37
CA GLY B 210 11.31 -23.26 7.44
C GLY B 210 12.27 -24.36 7.85
N ILE B 211 13.49 -23.94 8.19
CA ILE B 211 14.47 -24.87 8.75
C ILE B 211 14.00 -25.42 10.08
N LEU B 212 13.44 -24.58 10.94
CA LEU B 212 12.99 -25.02 12.26
C LEU B 212 11.89 -26.07 12.14
N GLY B 213 10.92 -25.84 11.24
CA GLY B 213 9.86 -26.81 11.07
C GLY B 213 10.35 -28.15 10.56
N VAL B 214 11.26 -28.14 9.59
CA VAL B 214 11.79 -29.38 9.04
C VAL B 214 12.57 -30.14 10.12
N GLU B 215 13.42 -29.43 10.86
CA GLU B 215 14.21 -30.09 11.89
C GLU B 215 13.33 -30.62 13.02
N LEU B 216 12.27 -29.90 13.36
CA LEU B 216 11.33 -30.40 14.36
C LEU B 216 10.59 -31.63 13.86
N ALA B 217 10.20 -31.65 12.59
CA ALA B 217 9.51 -32.81 12.03
C ALA B 217 10.43 -34.03 12.01
N CYS B 218 11.71 -33.83 11.68
CA CYS B 218 12.66 -34.94 11.69
C CYS B 218 12.88 -35.52 13.08
N ASP B 219 12.66 -34.73 14.13
CA ASP B 219 12.81 -35.20 15.50
C ASP B 219 11.50 -35.81 15.96
N LYS B 220 11.50 -37.14 16.16
CA LYS B 220 10.27 -37.82 16.54
C LYS B 220 9.82 -37.42 17.94
N GLU B 221 10.74 -37.46 18.91
CA GLU B 221 10.37 -37.16 20.29
C GLU B 221 9.99 -35.69 20.47
N GLY B 222 10.73 -34.79 19.82
CA GLY B 222 10.38 -33.38 19.90
C GLY B 222 9.02 -33.09 19.28
N THR B 223 8.73 -33.71 18.14
CA THR B 223 7.43 -33.54 17.51
C THR B 223 6.32 -34.08 18.41
N LYS B 224 6.54 -35.25 19.02
CA LYS B 224 5.54 -35.79 19.92
C LYS B 224 5.30 -34.88 21.11
N ARG B 225 6.37 -34.33 21.69
CA ARG B 225 6.23 -33.44 22.83
C ARG B 225 5.47 -32.17 22.44
N ILE B 226 5.80 -31.59 21.30
CA ILE B 226 5.14 -30.37 20.86
C ILE B 226 3.66 -30.63 20.61
N LEU B 227 3.34 -31.74 19.93
CA LEU B 227 1.95 -32.03 19.62
C LEU B 227 1.16 -32.36 20.88
N LYS B 228 1.78 -33.04 21.84
CA LYS B 228 1.10 -33.33 23.10
C LYS B 228 0.83 -32.05 23.88
N ASP B 229 1.79 -31.11 23.86
CA ASP B 229 1.57 -29.82 24.52
C ASP B 229 0.44 -29.04 23.87
N ALA B 230 0.12 -29.32 22.61
CA ALA B 230 -0.96 -28.65 21.90
C ALA B 230 -2.28 -29.41 21.95
N GLY B 231 -2.35 -30.51 22.69
CA GLY B 231 -3.56 -31.29 22.78
C GLY B 231 -3.79 -32.27 21.65
N VAL B 232 -2.85 -32.40 20.74
CA VAL B 232 -2.99 -33.35 19.63
C VAL B 232 -2.85 -34.77 20.16
N PRO B 233 -3.72 -35.71 19.78
CA PRO B 233 -3.62 -37.08 20.31
C PRO B 233 -2.47 -37.88 19.72
N VAL B 234 -1.28 -37.74 20.29
CA VAL B 234 -0.12 -38.54 19.89
C VAL B 234 -0.10 -39.85 20.66
N PRO B 235 0.56 -40.89 20.16
CA PRO B 235 0.64 -42.14 20.92
C PRO B 235 1.41 -41.98 22.21
N ARG B 236 0.99 -42.75 23.22
CA ARG B 236 1.61 -42.72 24.54
C ARG B 236 2.88 -43.57 24.50
N GLY B 237 4.04 -42.93 24.63
CA GLY B 237 5.30 -43.62 24.41
C GLY B 237 6.38 -43.15 25.36
N THR B 238 7.56 -43.76 25.20
CA THR B 238 8.71 -43.51 26.06
C THR B 238 9.96 -43.92 25.28
N VAL B 239 11.11 -43.42 25.72
CA VAL B 239 12.39 -43.76 25.12
C VAL B 239 13.17 -44.62 26.11
N ALA B 240 14.02 -45.50 25.58
CA ALA B 240 14.82 -46.39 26.40
C ALA B 240 16.11 -46.72 25.68
N ARG B 241 17.20 -46.85 26.43
CA ARG B 241 18.50 -47.18 25.87
C ARG B 241 19.15 -48.40 26.50
N TYR B 242 18.70 -48.87 27.66
CA TYR B 242 19.27 -50.03 28.32
C TYR B 242 18.20 -51.09 28.52
N PHE B 243 18.65 -52.33 28.69
CA PHE B 243 17.73 -53.47 28.77
C PHE B 243 16.83 -53.37 30.00
N ASP B 244 17.38 -52.94 31.13
CA ASP B 244 16.62 -52.93 32.38
C ASP B 244 15.48 -51.93 32.36
N GLU B 245 15.51 -50.95 31.46
CA GLU B 245 14.46 -49.93 31.45
C GLU B 245 13.21 -50.41 30.71
N LEU B 246 13.30 -51.55 30.02
CA LEU B 246 12.21 -52.02 29.18
C LEU B 246 10.95 -52.33 29.96
N GLN B 247 11.10 -53.04 31.09
CA GLN B 247 9.94 -53.43 31.88
C GLN B 247 9.25 -52.20 32.46
N ASP B 248 10.04 -51.24 32.95
CA ASP B 248 9.46 -50.00 33.48
C ASP B 248 8.75 -49.22 32.39
N ALA B 249 9.32 -49.16 31.19
CA ALA B 249 8.67 -48.47 30.09
C ALA B 249 7.36 -49.13 29.71
N ILE B 250 7.35 -50.47 29.65
CA ILE B 250 6.12 -51.20 29.33
C ILE B 250 5.07 -50.98 30.40
N GLU B 251 5.47 -50.89 31.67
CA GLU B 251 4.53 -50.50 32.70
C GLU B 251 3.99 -49.10 32.47
N TYR B 252 4.86 -48.16 32.07
CA TYR B 252 4.43 -46.78 31.89
C TYR B 252 3.42 -46.64 30.76
N VAL B 253 3.65 -47.31 29.62
CA VAL B 253 2.80 -47.11 28.45
C VAL B 253 1.38 -47.57 28.70
N GLY B 254 1.17 -48.49 29.66
CA GLY B 254 -0.18 -48.88 30.04
C GLY B 254 -0.52 -50.33 29.76
N GLY B 255 0.49 -51.17 29.58
CA GLY B 255 0.26 -52.59 29.38
C GLY B 255 0.65 -53.11 28.02
N TYR B 256 -0.24 -53.89 27.41
CA TYR B 256 0.00 -54.53 26.14
C TYR B 256 -1.20 -54.33 25.21
N PRO B 257 -1.00 -54.37 23.88
CA PRO B 257 0.27 -54.55 23.16
C PRO B 257 1.07 -53.25 23.02
N ILE B 258 2.33 -53.36 22.59
CA ILE B 258 3.22 -52.22 22.45
C ILE B 258 3.95 -52.29 21.11
N VAL B 259 4.66 -51.22 20.80
CA VAL B 259 5.44 -51.06 19.58
C VAL B 259 6.86 -50.68 19.97
N ILE B 260 7.84 -51.33 19.35
CA ILE B 260 9.25 -51.04 19.56
C ILE B 260 9.84 -50.61 18.23
N LYS B 261 10.45 -49.42 18.21
CA LYS B 261 10.99 -48.85 16.98
C LYS B 261 12.31 -48.15 17.30
N PRO B 262 13.13 -47.91 16.29
CA PRO B 262 14.35 -47.11 16.51
C PRO B 262 14.08 -45.62 16.36
N LEU B 263 14.93 -44.83 17.02
CA LEU B 263 14.83 -43.38 16.91
C LEU B 263 15.14 -42.91 15.49
N ASP B 264 16.23 -43.41 14.92
CA ASP B 264 16.68 -43.00 13.59
C ASP B 264 16.84 -44.24 12.72
N GLY B 265 16.20 -44.25 11.57
CA GLY B 265 16.28 -45.36 10.64
C GLY B 265 15.62 -45.00 9.33
N ASN B 266 15.79 -45.90 8.36
CA ASN B 266 15.23 -45.69 7.02
C ASN B 266 14.48 -46.95 6.59
N HIS B 267 13.37 -46.75 5.89
CA HIS B 267 12.55 -47.83 5.36
C HIS B 267 12.07 -48.77 6.45
N GLY B 268 11.85 -48.24 7.66
CA GLY B 268 11.38 -49.05 8.77
C GLY B 268 12.33 -50.14 9.19
N ARG B 269 13.61 -49.80 9.35
CA ARG B 269 14.60 -50.80 9.76
C ARG B 269 14.40 -51.17 11.22
N GLY B 270 14.12 -52.45 11.46
CA GLY B 270 13.99 -52.96 12.81
C GLY B 270 12.84 -52.39 13.61
N ILE B 271 11.69 -52.22 12.98
CA ILE B 271 10.49 -51.74 13.66
C ILE B 271 9.51 -52.91 13.76
N THR B 272 9.25 -53.36 14.98
CA THR B 272 8.17 -54.30 15.20
C THR B 272 6.86 -53.54 15.31
N ILE B 273 5.77 -54.20 14.91
CA ILE B 273 4.46 -53.57 14.89
C ILE B 273 3.61 -53.99 16.09
N ASP B 274 3.49 -55.29 16.33
CA ASP B 274 2.61 -55.79 17.38
C ASP B 274 3.32 -56.89 18.15
N VAL B 275 3.55 -56.65 19.44
CA VAL B 275 4.09 -57.66 20.35
C VAL B 275 3.20 -57.68 21.59
N LYS B 276 2.99 -58.88 22.15
CA LYS B 276 2.04 -59.05 23.23
C LYS B 276 2.60 -59.75 24.46
N ASN B 277 3.87 -60.10 24.49
CA ASN B 277 4.46 -60.74 25.67
C ASN B 277 5.92 -60.33 25.76
N TRP B 278 6.68 -61.05 26.60
CA TRP B 278 8.00 -60.58 27.02
C TRP B 278 9.07 -60.89 25.98
N GLN B 279 9.22 -62.16 25.61
CA GLN B 279 10.38 -62.57 24.83
C GLN B 279 10.43 -61.88 23.47
N GLU B 280 9.29 -61.79 22.78
CA GLU B 280 9.27 -61.12 21.49
C GLU B 280 9.62 -59.64 21.65
N ALA B 281 9.20 -59.04 22.76
CA ALA B 281 9.61 -57.67 23.06
C ALA B 281 11.13 -57.58 23.20
N GLU B 282 11.74 -58.59 23.84
CA GLU B 282 13.19 -58.57 24.00
C GLU B 282 13.90 -58.66 22.66
N GLU B 283 13.49 -59.60 21.79
CA GLU B 283 14.16 -59.69 20.49
C GLU B 283 13.87 -58.46 19.62
N ALA B 284 12.67 -57.89 19.71
CA ALA B 284 12.38 -56.67 18.97
C ALA B 284 13.25 -55.51 19.47
N TYR B 285 13.45 -55.42 20.78
CA TYR B 285 14.33 -54.40 21.32
C TYR B 285 15.76 -54.58 20.83
N ASP B 286 16.24 -55.82 20.81
CA ASP B 286 17.59 -56.08 20.30
C ASP B 286 17.70 -55.69 18.83
N LEU B 287 16.70 -56.06 18.02
CA LEU B 287 16.74 -55.74 16.60
C LEU B 287 16.71 -54.24 16.36
N ALA B 288 15.84 -53.53 17.09
CA ALA B 288 15.75 -52.08 16.92
C ALA B 288 17.02 -51.39 17.40
N ARG B 289 17.59 -51.86 18.51
CA ARG B 289 18.82 -51.28 19.04
C ARG B 289 19.97 -51.45 18.06
N LYS B 290 20.07 -52.64 17.45
CA LYS B 290 21.09 -52.85 16.43
C LYS B 290 20.74 -52.21 15.09
N ALA B 291 19.50 -51.77 14.92
CA ALA B 291 19.10 -51.06 13.71
C ALA B 291 19.22 -49.55 13.86
N SER B 292 19.07 -49.03 15.08
CA SER B 292 19.21 -47.60 15.32
C SER B 292 20.67 -47.18 15.22
N LYS B 293 20.88 -45.97 14.70
CA LYS B 293 22.23 -45.42 14.58
C LYS B 293 22.76 -44.85 15.89
N THR B 294 21.93 -44.76 16.94
CA THR B 294 22.34 -44.18 18.21
C THR B 294 21.94 -45.06 19.39
N LYS B 295 21.61 -46.33 19.15
CA LYS B 295 21.45 -47.35 20.19
C LYS B 295 20.17 -47.14 21.01
N THR B 296 19.45 -46.05 20.77
CA THR B 296 18.27 -45.71 21.54
C THR B 296 16.99 -46.13 20.80
N VAL B 297 15.96 -46.47 21.57
CA VAL B 297 14.77 -47.13 21.05
C VAL B 297 13.52 -46.52 21.66
N ILE B 298 12.54 -46.22 20.81
CA ILE B 298 11.21 -45.81 21.27
C ILE B 298 10.38 -47.06 21.55
N VAL B 299 9.67 -47.06 22.68
CA VAL B 299 8.66 -48.05 22.98
C VAL B 299 7.37 -47.31 23.34
N GLU B 300 6.29 -47.64 22.64
CA GLU B 300 5.04 -46.91 22.82
C GLU B 300 3.87 -47.89 22.83
N ARG B 301 2.69 -47.37 23.17
CA ARG B 301 1.48 -48.18 23.11
C ARG B 301 1.11 -48.45 21.66
N TYR B 302 0.64 -49.67 21.40
CA TYR B 302 0.18 -50.03 20.07
C TYR B 302 -1.27 -49.58 19.89
N TYR B 303 -1.54 -48.90 18.78
CA TYR B 303 -2.87 -48.40 18.47
C TYR B 303 -3.40 -49.15 17.25
N THR B 304 -4.55 -49.78 17.40
CA THR B 304 -5.17 -50.50 16.30
C THR B 304 -5.81 -49.52 15.33
N GLY B 305 -5.87 -49.92 14.07
CA GLY B 305 -6.49 -49.09 13.05
C GLY B 305 -5.68 -49.04 11.77
N LYS B 306 -6.29 -48.52 10.71
CA LYS B 306 -5.62 -48.40 9.43
C LYS B 306 -4.70 -47.19 9.40
N ASP B 307 -3.73 -47.24 8.50
CA ASP B 307 -2.72 -46.20 8.36
C ASP B 307 -3.08 -45.30 7.19
N HIS B 308 -3.26 -44.01 7.48
CA HIS B 308 -3.59 -43.01 6.48
C HIS B 308 -2.43 -42.03 6.35
N ARG B 309 -2.18 -41.57 5.14
CA ARG B 309 -1.24 -40.50 4.87
C ARG B 309 -2.03 -39.28 4.40
N VAL B 310 -1.94 -38.19 5.16
CA VAL B 310 -2.66 -36.96 4.86
C VAL B 310 -1.66 -35.93 4.38
N LEU B 311 -1.92 -35.35 3.21
CA LEU B 311 -1.07 -34.31 2.66
C LEU B 311 -1.69 -32.95 2.96
N VAL B 312 -0.90 -32.06 3.56
CA VAL B 312 -1.36 -30.73 3.91
C VAL B 312 -0.48 -29.72 3.19
N VAL B 313 -1.09 -28.89 2.35
CA VAL B 313 -0.40 -27.86 1.60
C VAL B 313 -0.98 -26.51 2.00
N ASN B 314 -0.11 -25.58 2.41
CA ASN B 314 -0.51 -24.24 2.78
C ASN B 314 -1.60 -24.23 3.85
N GLY B 315 -1.51 -25.19 4.77
CA GLY B 315 -2.48 -25.27 5.85
C GLY B 315 -3.83 -25.83 5.45
N LYS B 316 -3.94 -26.45 4.28
CA LYS B 316 -5.19 -27.07 3.83
C LYS B 316 -4.94 -28.52 3.47
N VAL B 317 -5.87 -29.38 3.86
CA VAL B 317 -5.76 -30.80 3.55
C VAL B 317 -6.08 -31.01 2.08
N VAL B 318 -5.09 -31.48 1.32
CA VAL B 318 -5.24 -31.65 -0.12
C VAL B 318 -5.62 -33.07 -0.49
N ALA B 319 -4.99 -34.07 0.13
CA ALA B 319 -5.27 -35.45 -0.21
C ALA B 319 -5.10 -36.32 1.03
N VAL B 320 -5.95 -37.34 1.14
CA VAL B 320 -5.88 -38.34 2.19
C VAL B 320 -5.85 -39.71 1.54
N ALA B 321 -4.85 -40.52 1.88
CA ALA B 321 -4.71 -41.85 1.31
C ALA B 321 -4.53 -42.86 2.43
N GLU B 322 -5.36 -43.90 2.42
CA GLU B 322 -5.22 -45.02 3.33
C GLU B 322 -4.27 -46.04 2.72
N ARG B 323 -3.25 -46.43 3.48
CA ARG B 323 -2.24 -47.37 3.02
C ARG B 323 -2.65 -48.77 3.43
N VAL B 324 -3.12 -49.56 2.46
CA VAL B 324 -3.44 -50.97 2.69
C VAL B 324 -2.18 -51.78 2.38
N PRO B 325 -1.70 -52.59 3.30
CA PRO B 325 -0.47 -53.35 3.04
C PRO B 325 -0.69 -54.42 1.98
N ALA B 326 0.41 -55.02 1.55
CA ALA B 326 0.35 -56.04 0.50
C ALA B 326 -0.57 -57.17 0.93
N HIS B 327 -1.54 -57.51 0.07
CA HIS B 327 -2.57 -58.47 0.42
C HIS B 327 -3.12 -59.10 -0.85
N VAL B 328 -3.76 -60.25 -0.69
CA VAL B 328 -4.50 -60.91 -1.75
C VAL B 328 -5.84 -61.36 -1.20
N VAL B 329 -6.84 -61.43 -2.07
CA VAL B 329 -8.19 -61.83 -1.70
C VAL B 329 -8.58 -63.05 -2.53
N GLY B 330 -9.02 -64.10 -1.85
CA GLY B 330 -9.40 -65.34 -2.52
C GLY B 330 -10.86 -65.44 -2.86
N ASN B 331 -11.43 -64.39 -3.45
CA ASN B 331 -12.83 -64.40 -3.82
C ASN B 331 -13.11 -65.30 -5.01
N GLY B 332 -12.08 -65.67 -5.77
CA GLY B 332 -12.25 -66.54 -6.91
C GLY B 332 -11.90 -67.99 -6.60
N LYS B 333 -11.94 -68.35 -5.31
CA LYS B 333 -11.60 -69.70 -4.85
C LYS B 333 -10.18 -70.09 -5.25
N SER B 334 -9.26 -69.14 -5.15
CA SER B 334 -7.85 -69.37 -5.42
C SER B 334 -7.03 -68.93 -4.21
N THR B 335 -5.91 -69.61 -3.99
CA THR B 335 -5.11 -69.38 -2.80
C THR B 335 -3.94 -68.46 -3.11
N ILE B 336 -3.03 -68.32 -2.13
CA ILE B 336 -1.94 -67.36 -2.23
C ILE B 336 -0.99 -67.71 -3.37
N ALA B 337 -0.75 -69.01 -3.58
CA ALA B 337 0.31 -69.45 -4.49
C ALA B 337 0.07 -68.95 -5.91
N GLU B 338 -1.19 -68.93 -6.36
CA GLU B 338 -1.47 -68.41 -7.69
C GLU B 338 -1.50 -66.88 -7.70
N LEU B 339 -2.09 -66.27 -6.68
CA LEU B 339 -2.32 -64.84 -6.71
C LEU B 339 -1.04 -64.03 -6.58
N ILE B 340 -0.02 -64.57 -5.91
CA ILE B 340 1.22 -63.81 -5.73
C ILE B 340 1.83 -63.46 -7.07
N GLU B 341 1.77 -64.38 -8.04
CA GLU B 341 2.26 -64.12 -9.38
C GLU B 341 1.16 -63.66 -10.34
N GLU B 342 -0.11 -63.88 -10.00
CA GLU B 342 -1.19 -63.30 -10.79
C GLU B 342 -1.19 -61.78 -10.71
N THR B 343 -0.97 -61.25 -9.51
CA THR B 343 -0.87 -59.79 -9.36
C THR B 343 0.41 -59.27 -10.00
N ASN B 344 1.50 -60.04 -9.94
CA ASN B 344 2.76 -59.60 -10.51
C ASN B 344 2.71 -59.51 -12.04
N ARG B 345 1.75 -60.16 -12.68
CA ARG B 345 1.60 -60.10 -14.13
C ARG B 345 0.69 -58.97 -14.58
N ASP B 346 0.33 -58.05 -13.69
CA ASP B 346 -0.52 -56.92 -14.01
C ASP B 346 0.33 -55.75 -14.51
N PRO B 347 -0.05 -55.11 -15.61
CA PRO B 347 0.78 -54.01 -16.14
C PRO B 347 0.91 -52.82 -15.21
N GLN B 348 -0.01 -52.65 -14.25
CA GLN B 348 0.10 -51.53 -13.33
C GLN B 348 1.36 -51.64 -12.47
N ARG B 349 1.70 -52.84 -12.03
CA ARG B 349 2.86 -53.02 -11.17
C ARG B 349 4.16 -52.81 -11.95
N GLY B 350 5.11 -52.14 -11.32
CA GLY B 350 6.39 -51.88 -11.95
C GLY B 350 7.42 -51.44 -10.92
N ASP B 351 8.69 -51.55 -11.31
CA ASP B 351 9.80 -51.20 -10.44
C ASP B 351 10.34 -49.83 -10.82
N GLY B 352 11.47 -49.46 -10.21
CA GLY B 352 12.06 -48.16 -10.44
C GLY B 352 11.48 -47.11 -9.51
N HIS B 353 11.55 -45.84 -9.92
CA HIS B 353 11.00 -44.74 -9.13
C HIS B 353 9.92 -43.99 -9.91
N ASP B 354 9.36 -44.62 -10.94
CA ASP B 354 8.29 -44.04 -11.75
C ASP B 354 6.96 -44.76 -11.56
N ASN B 355 6.93 -46.08 -11.75
CA ASN B 355 5.71 -46.86 -11.51
C ASN B 355 5.55 -47.03 -10.01
N ILE B 356 4.47 -46.48 -9.47
CA ILE B 356 4.31 -46.43 -8.02
C ILE B 356 3.95 -47.79 -7.46
N LEU B 357 3.17 -48.58 -8.19
CA LEU B 357 2.78 -49.90 -7.74
C LEU B 357 3.92 -50.88 -8.00
N THR B 358 4.47 -51.44 -6.94
CA THR B 358 5.63 -52.32 -7.03
C THR B 358 5.19 -53.77 -7.03
N ARG B 359 6.03 -54.62 -7.61
CA ARG B 359 5.78 -56.05 -7.60
C ARG B 359 5.84 -56.59 -6.17
N ILE B 360 5.02 -57.59 -5.91
CA ILE B 360 4.95 -58.17 -4.56
C ILE B 360 6.21 -59.00 -4.34
N THR B 361 7.17 -58.44 -3.62
CA THR B 361 8.46 -59.09 -3.37
C THR B 361 8.28 -60.12 -2.26
N VAL B 362 8.44 -61.40 -2.59
CA VAL B 362 8.32 -62.47 -1.60
C VAL B 362 9.71 -62.69 -1.01
N ASP B 363 10.03 -61.87 -0.01
CA ASP B 363 11.30 -61.99 0.68
C ASP B 363 11.23 -63.04 1.79
N LYS B 364 12.40 -63.42 2.30
CA LYS B 364 12.45 -64.34 3.43
C LYS B 364 11.80 -63.71 4.66
N SER B 365 12.03 -62.40 4.86
CA SER B 365 11.31 -61.69 5.92
C SER B 365 9.81 -61.68 5.64
N ALA B 366 9.42 -61.51 4.38
CA ALA B 366 8.01 -61.62 4.03
C ALA B 366 7.48 -63.03 4.28
N LEU B 367 8.32 -64.04 4.03
CA LEU B 367 7.92 -65.41 4.36
C LEU B 367 7.68 -65.57 5.85
N ASP B 368 8.55 -64.99 6.67
CA ASP B 368 8.33 -65.03 8.12
C ASP B 368 7.04 -64.30 8.50
N ILE B 369 6.79 -63.15 7.87
CA ILE B 369 5.59 -62.37 8.20
C ILE B 369 4.33 -63.17 7.87
N LEU B 370 4.29 -63.79 6.69
CA LEU B 370 3.16 -64.64 6.37
C LEU B 370 3.14 -65.91 7.21
N GLY B 371 4.28 -66.28 7.81
CA GLY B 371 4.26 -67.32 8.82
C GLY B 371 3.52 -66.90 10.07
N LYS B 372 3.74 -65.67 10.52
CA LYS B 372 2.99 -65.13 11.65
C LYS B 372 1.52 -64.90 11.32
N GLN B 373 1.15 -64.96 10.03
CA GLN B 373 -0.24 -64.78 9.64
C GLN B 373 -1.14 -65.85 10.24
N GLY B 374 -0.65 -67.08 10.36
CA GLY B 374 -1.45 -68.20 10.78
C GLY B 374 -1.94 -69.08 9.66
N TYR B 375 -1.48 -68.86 8.43
CA TYR B 375 -1.86 -69.67 7.28
C TYR B 375 -0.58 -69.94 6.47
N SER B 376 -0.73 -70.59 5.32
CA SER B 376 0.41 -71.06 4.55
C SER B 376 0.21 -70.67 3.09
N ILE B 377 1.07 -71.23 2.23
CA ILE B 377 1.09 -70.85 0.81
C ILE B 377 -0.20 -71.28 0.13
N ASP B 378 -0.60 -72.54 0.32
CA ASP B 378 -1.75 -73.10 -0.36
C ASP B 378 -3.03 -73.01 0.47
N SER B 379 -2.97 -72.40 1.65
CA SER B 379 -4.16 -72.22 2.47
C SER B 379 -5.10 -71.25 1.78
N ILE B 380 -6.22 -71.76 1.26
CA ILE B 380 -7.17 -70.92 0.53
C ILE B 380 -7.81 -69.92 1.49
N PRO B 381 -7.94 -68.65 1.12
CA PRO B 381 -8.62 -67.68 1.99
C PRO B 381 -10.07 -68.08 2.22
N LEU B 382 -10.54 -67.80 3.44
CA LEU B 382 -11.91 -68.15 3.82
C LEU B 382 -12.89 -67.09 3.33
N LYS B 383 -13.92 -67.53 2.60
CA LYS B 383 -15.03 -66.72 2.11
C LYS B 383 -14.59 -65.72 1.04
N GLY B 384 -13.29 -65.61 0.76
CA GLY B 384 -12.81 -64.57 -0.12
C GLY B 384 -12.54 -63.29 0.64
N LYS B 385 -11.70 -63.38 1.66
CA LYS B 385 -11.38 -62.26 2.52
C LYS B 385 -9.90 -61.90 2.35
N LYS B 386 -9.59 -60.64 2.63
CA LYS B 386 -8.23 -60.15 2.49
C LYS B 386 -7.28 -60.91 3.42
N CYS B 387 -6.13 -61.31 2.88
CA CYS B 387 -5.06 -61.89 3.66
C CYS B 387 -3.76 -61.24 3.26
N PHE B 388 -3.01 -60.75 4.24
CA PHE B 388 -1.90 -59.83 4.01
C PHE B 388 -0.58 -60.58 3.93
N LEU B 389 0.39 -59.93 3.27
CA LEU B 389 1.74 -60.44 3.17
C LEU B 389 2.73 -59.70 4.06
N ARG B 390 2.46 -58.44 4.39
CA ARG B 390 3.30 -57.66 5.28
C ARG B 390 2.40 -56.74 6.11
N ALA B 391 3.01 -55.98 7.01
CA ALA B 391 2.27 -55.08 7.88
C ALA B 391 2.80 -53.64 7.86
N THR B 392 3.82 -53.34 7.05
CA THR B 392 4.35 -51.99 7.01
C THR B 392 3.45 -51.02 6.25
N ALA B 393 2.57 -51.51 5.40
CA ALA B 393 1.65 -50.69 4.60
C ALA B 393 2.42 -49.62 3.82
N ASN B 394 3.29 -50.09 2.92
CA ASN B 394 4.13 -49.22 2.12
C ASN B 394 4.02 -49.61 0.65
N LEU B 395 4.12 -48.61 -0.22
CA LEU B 395 4.03 -48.86 -1.65
C LEU B 395 5.26 -49.63 -2.16
N SER B 396 6.42 -49.43 -1.55
CA SER B 396 7.62 -50.13 -1.98
C SER B 396 7.49 -51.63 -1.81
N THR B 397 6.85 -52.08 -0.73
CA THR B 397 6.62 -53.51 -0.53
C THR B 397 5.69 -54.08 -1.61
N GLY B 398 4.67 -53.30 -1.98
CA GLY B 398 3.69 -53.79 -2.93
C GLY B 398 2.27 -53.59 -2.45
N GLY B 399 2.10 -52.72 -1.47
CA GLY B 399 0.78 -52.36 -0.97
C GLY B 399 0.08 -51.39 -1.91
N ILE B 400 -1.11 -50.96 -1.51
CA ILE B 400 -1.93 -50.08 -2.32
C ILE B 400 -2.36 -48.88 -1.48
N ALA B 401 -2.76 -47.83 -2.18
CA ALA B 401 -3.32 -46.63 -1.57
C ALA B 401 -4.77 -46.49 -1.98
N VAL B 402 -5.60 -46.05 -1.06
CA VAL B 402 -7.03 -45.83 -1.33
C VAL B 402 -7.35 -44.37 -1.01
N ASP B 403 -7.95 -43.67 -1.97
CA ASP B 403 -8.28 -42.27 -1.76
C ASP B 403 -9.39 -42.14 -0.73
N ARG B 404 -9.16 -41.28 0.27
CA ARG B 404 -10.14 -41.02 1.33
C ARG B 404 -10.36 -39.53 1.52
N THR B 405 -10.04 -38.71 0.51
CA THR B 405 -10.12 -37.26 0.67
C THR B 405 -11.56 -36.80 0.89
N ASP B 406 -12.52 -37.44 0.22
CA ASP B 406 -13.91 -37.03 0.32
C ASP B 406 -14.61 -37.56 1.57
N GLU B 407 -13.94 -38.40 2.37
CA GLU B 407 -14.56 -39.03 3.52
C GLU B 407 -14.00 -38.56 4.85
N ILE B 408 -13.01 -37.67 4.85
CA ILE B 408 -12.40 -37.25 6.10
C ILE B 408 -13.32 -36.31 6.85
N HIS B 409 -13.45 -36.52 8.15
CA HIS B 409 -14.31 -35.67 8.97
C HIS B 409 -13.78 -34.25 9.03
N PRO B 410 -14.65 -33.24 8.99
CA PRO B 410 -14.17 -31.84 9.06
C PRO B 410 -13.36 -31.53 10.30
N GLU B 411 -13.71 -32.13 11.44
CA GLU B 411 -12.91 -31.95 12.64
C GLU B 411 -11.50 -32.49 12.45
N ASN B 412 -11.38 -33.63 11.75
CA ASN B 412 -10.06 -34.16 11.43
C ASN B 412 -9.28 -33.22 10.52
N VAL B 413 -9.97 -32.62 9.55
CA VAL B 413 -9.30 -31.66 8.66
C VAL B 413 -8.76 -30.48 9.46
N TRP B 414 -9.58 -29.96 10.38
CA TRP B 414 -9.14 -28.85 11.23
C TRP B 414 -7.95 -29.26 12.08
N LEU B 415 -8.00 -30.46 12.67
CA LEU B 415 -6.91 -30.92 13.51
C LEU B 415 -5.62 -31.09 12.73
N LEU B 416 -5.70 -31.62 11.51
CA LEU B 416 -4.49 -31.86 10.73
C LEU B 416 -3.91 -30.55 10.21
N SER B 417 -4.77 -29.59 9.85
CA SER B 417 -4.27 -28.26 9.50
C SER B 417 -3.57 -27.62 10.69
N ARG B 418 -4.13 -27.77 11.89
CA ARG B 418 -3.47 -27.27 13.09
C ARG B 418 -2.12 -27.95 13.31
N VAL B 419 -2.05 -29.27 13.07
CA VAL B 419 -0.79 -29.98 13.26
C VAL B 419 0.27 -29.43 12.30
N ALA B 420 -0.11 -29.24 11.04
CA ALA B 420 0.83 -28.71 10.06
C ALA B 420 1.30 -27.30 10.45
N LYS B 421 0.37 -26.46 10.92
CA LYS B 421 0.78 -25.11 11.32
C LYS B 421 1.64 -25.13 12.58
N ILE B 422 1.34 -26.03 13.52
CA ILE B 422 2.09 -26.08 14.77
C ILE B 422 3.53 -26.53 14.51
N ILE B 423 3.71 -27.56 13.68
CA ILE B 423 5.07 -27.99 13.36
C ILE B 423 5.79 -26.90 12.59
N GLY B 424 5.10 -26.22 11.68
CA GLY B 424 5.69 -25.13 10.95
C GLY B 424 6.12 -25.52 9.54
N LEU B 425 5.29 -26.30 8.87
CA LEU B 425 5.58 -26.78 7.52
C LEU B 425 4.50 -26.31 6.56
N ASP B 426 4.92 -25.73 5.44
CA ASP B 426 3.97 -25.33 4.41
C ASP B 426 3.44 -26.54 3.64
N ILE B 427 4.29 -27.54 3.41
CA ILE B 427 3.86 -28.80 2.82
C ILE B 427 4.28 -29.92 3.79
N ALA B 428 3.32 -30.71 4.22
CA ALA B 428 3.59 -31.73 5.23
C ALA B 428 2.86 -33.02 4.89
N GLY B 429 3.46 -34.14 5.26
CA GLY B 429 2.81 -35.43 5.16
C GLY B 429 2.64 -36.04 6.54
N ILE B 430 1.40 -36.15 6.99
CA ILE B 430 1.09 -36.59 8.35
C ILE B 430 0.61 -38.03 8.31
N ASP B 431 1.19 -38.88 9.15
CA ASP B 431 0.79 -40.27 9.24
C ASP B 431 -0.17 -40.44 10.42
N VAL B 432 -1.36 -40.95 10.13
CA VAL B 432 -2.41 -41.14 11.12
C VAL B 432 -2.74 -42.62 11.21
N VAL B 433 -2.96 -43.11 12.41
CA VAL B 433 -3.44 -44.47 12.62
C VAL B 433 -4.82 -44.37 13.26
N THR B 434 -5.84 -44.78 12.54
CA THR B 434 -7.21 -44.64 13.02
C THR B 434 -8.10 -45.71 12.41
N GLU B 435 -9.13 -46.10 13.17
CA GLU B 435 -10.05 -47.12 12.67
C GLU B 435 -10.99 -46.57 11.61
N ASP B 436 -11.24 -45.27 11.60
CA ASP B 436 -12.15 -44.66 10.64
C ASP B 436 -11.80 -43.18 10.52
N ILE B 437 -11.34 -42.78 9.34
CA ILE B 437 -11.02 -41.37 9.11
C ILE B 437 -12.25 -40.49 9.01
N SER B 438 -13.43 -41.09 8.85
CA SER B 438 -14.67 -40.32 8.76
C SER B 438 -15.22 -39.93 10.12
N GLN B 439 -14.60 -40.37 11.20
CA GLN B 439 -15.00 -40.00 12.55
C GLN B 439 -13.87 -39.22 13.22
N PRO B 440 -14.20 -38.36 14.18
CA PRO B 440 -13.14 -37.59 14.86
C PRO B 440 -12.17 -38.50 15.58
N LEU B 441 -10.91 -38.06 15.65
CA LEU B 441 -9.85 -38.84 16.28
C LEU B 441 -10.03 -38.99 17.79
N ARG B 442 -11.02 -38.34 18.38
CA ARG B 442 -11.32 -38.51 19.80
C ARG B 442 -12.29 -39.65 20.06
N GLU B 443 -13.31 -39.80 19.21
CA GLU B 443 -14.25 -40.89 19.37
C GLU B 443 -13.55 -42.24 19.24
N VAL B 444 -12.98 -42.51 18.07
CA VAL B 444 -12.07 -43.64 17.91
C VAL B 444 -10.75 -43.23 18.55
N GLU B 445 -9.87 -44.21 18.79
CA GLU B 445 -8.59 -43.92 19.42
C GLU B 445 -7.51 -43.65 18.36
N GLY B 446 -7.82 -42.70 17.48
CA GLY B 446 -6.87 -42.33 16.45
C GLY B 446 -5.73 -41.50 17.00
N VAL B 447 -4.55 -41.66 16.40
CA VAL B 447 -3.35 -40.97 16.84
C VAL B 447 -2.60 -40.43 15.62
N ILE B 448 -1.76 -39.43 15.87
CA ILE B 448 -0.86 -38.88 14.88
C ILE B 448 0.50 -39.55 15.09
N VAL B 449 0.94 -40.34 14.12
CA VAL B 449 2.15 -41.13 14.30
C VAL B 449 3.39 -40.29 14.05
N GLU B 450 3.43 -39.57 12.93
CA GLU B 450 4.60 -38.77 12.60
C GLU B 450 4.24 -37.70 11.59
N VAL B 451 5.12 -36.72 11.48
CA VAL B 451 5.00 -35.63 10.51
C VAL B 451 6.26 -35.63 9.66
N ASN B 452 6.09 -35.54 8.34
CA ASN B 452 7.19 -35.62 7.40
C ASN B 452 7.28 -34.34 6.59
N ALA B 453 8.48 -33.77 6.55
CA ALA B 453 8.77 -32.67 5.65
C ALA B 453 9.21 -33.21 4.30
N ALA B 454 9.00 -32.42 3.25
CA ALA B 454 9.25 -32.83 1.88
C ALA B 454 8.62 -34.18 1.55
N PRO B 455 7.29 -34.31 1.73
CA PRO B 455 6.65 -35.60 1.47
C PRO B 455 6.52 -35.87 -0.02
N GLY B 456 6.45 -37.14 -0.36
CA GLY B 456 6.15 -37.56 -1.72
C GLY B 456 4.65 -37.72 -1.91
N PHE B 457 4.12 -37.01 -2.90
CA PHE B 457 2.71 -37.08 -3.24
C PHE B 457 2.46 -38.06 -4.38
N ARG B 458 3.38 -39.00 -4.56
CA ARG B 458 3.31 -39.91 -5.69
C ARG B 458 2.13 -40.86 -5.56
N MET B 459 1.66 -41.11 -4.34
CA MET B 459 0.51 -41.97 -4.11
C MET B 459 -0.82 -41.22 -4.19
N HIS B 460 -0.80 -39.89 -4.18
CA HIS B 460 -2.03 -39.11 -4.24
C HIS B 460 -2.45 -38.77 -5.66
N VAL B 461 -1.49 -38.64 -6.58
CA VAL B 461 -1.81 -38.37 -7.98
C VAL B 461 -2.13 -39.64 -8.75
N ALA B 462 -2.01 -40.81 -8.12
CA ALA B 462 -2.38 -42.08 -8.74
C ALA B 462 -2.77 -43.07 -7.65
N PRO B 463 -3.92 -42.84 -7.00
CA PRO B 463 -4.27 -43.68 -5.85
C PRO B 463 -4.40 -45.16 -6.19
N SER B 464 -4.91 -45.49 -7.37
CA SER B 464 -5.21 -46.81 -7.89
C SER B 464 -6.48 -47.40 -7.28
N ARG B 465 -7.08 -46.76 -6.27
CA ARG B 465 -8.38 -47.19 -5.75
C ARG B 465 -9.23 -45.98 -5.42
N GLY B 466 -9.23 -44.97 -6.28
CA GLY B 466 -10.01 -43.78 -6.02
C GLY B 466 -9.64 -42.66 -6.98
N LEU B 467 -10.08 -41.46 -6.63
CA LEU B 467 -9.87 -40.28 -7.46
C LEU B 467 -8.49 -39.70 -7.21
N ALA B 468 -7.78 -39.36 -8.29
CA ALA B 468 -6.52 -38.67 -8.17
C ALA B 468 -6.74 -37.23 -7.74
N ARG B 469 -5.76 -36.70 -7.01
CA ARG B 469 -5.81 -35.33 -6.51
C ARG B 469 -4.70 -34.51 -7.16
N ASN B 470 -5.02 -33.28 -7.53
CA ASN B 470 -4.07 -32.39 -8.20
C ASN B 470 -3.19 -31.73 -7.14
N VAL B 471 -2.18 -32.49 -6.68
CA VAL B 471 -1.27 -31.97 -5.66
C VAL B 471 -0.37 -30.90 -6.25
N ALA B 472 0.12 -31.10 -7.48
CA ALA B 472 0.97 -30.11 -8.11
C ALA B 472 0.24 -28.78 -8.29
N GLY B 473 -1.05 -28.84 -8.61
CA GLY B 473 -1.84 -27.63 -8.70
C GLY B 473 -1.92 -26.90 -7.38
N ALA B 474 -2.11 -27.64 -6.28
CA ALA B 474 -2.16 -27.01 -4.96
C ALA B 474 -0.82 -26.39 -4.60
N VAL B 475 0.29 -27.08 -4.91
CA VAL B 475 1.60 -26.52 -4.63
C VAL B 475 1.82 -25.24 -5.42
N MET B 476 1.41 -25.23 -6.68
CA MET B 476 1.62 -24.05 -7.51
C MET B 476 0.71 -22.91 -7.07
N ASP B 477 -0.49 -23.24 -6.58
CA ASP B 477 -1.36 -22.23 -5.99
C ASP B 477 -0.73 -21.62 -4.74
N MET B 478 -0.07 -22.45 -3.92
CA MET B 478 0.63 -21.92 -2.76
C MET B 478 1.77 -21.01 -3.19
N LEU B 479 2.51 -21.41 -4.23
CA LEU B 479 3.65 -20.60 -4.67
C LEU B 479 3.20 -19.31 -5.34
N PHE B 480 2.17 -19.38 -6.17
CA PHE B 480 1.65 -18.21 -6.90
C PHE B 480 0.16 -18.13 -6.65
N PRO B 481 -0.26 -17.39 -5.61
CA PRO B 481 -1.64 -17.50 -5.11
C PRO B 481 -2.73 -17.19 -6.14
N GLY B 482 -2.72 -15.98 -6.70
CA GLY B 482 -3.76 -15.57 -7.62
C GLY B 482 -3.56 -16.16 -8.99
N SER B 483 -4.07 -15.45 -9.99
CA SER B 483 -3.76 -15.79 -11.38
C SER B 483 -2.49 -15.06 -11.82
N LYS B 484 -1.44 -15.20 -11.02
CA LYS B 484 -0.20 -14.45 -11.21
C LYS B 484 0.92 -15.41 -11.61
N ASN B 485 1.56 -15.11 -12.73
CA ASN B 485 2.81 -15.74 -13.09
C ASN B 485 3.95 -15.08 -12.35
N GLY B 486 5.16 -15.60 -12.52
CA GLY B 486 6.30 -15.03 -11.83
C GLY B 486 7.09 -14.06 -12.68
N ARG B 487 6.47 -13.59 -13.75
CA ARG B 487 7.18 -12.77 -14.73
C ARG B 487 7.34 -11.33 -14.23
N ILE B 488 8.45 -10.73 -14.63
CA ILE B 488 8.69 -9.29 -14.48
C ILE B 488 8.68 -8.71 -15.89
N PRO B 489 8.43 -7.42 -16.06
CA PRO B 489 8.45 -6.83 -17.41
C PRO B 489 9.81 -6.96 -18.06
N ILE B 490 9.84 -7.57 -19.24
CA ILE B 490 11.05 -7.77 -20.02
C ILE B 490 10.97 -6.93 -21.27
N LEU B 491 12.02 -6.14 -21.52
CA LEU B 491 12.14 -5.31 -22.71
C LEU B 491 13.40 -5.73 -23.45
N SER B 492 13.21 -6.35 -24.60
CA SER B 492 14.32 -6.86 -25.41
C SER B 492 14.57 -5.91 -26.57
N VAL B 493 15.76 -5.33 -26.61
CA VAL B 493 16.14 -4.39 -27.66
C VAL B 493 17.06 -5.10 -28.62
N THR B 494 16.68 -5.14 -29.90
CA THR B 494 17.52 -5.69 -30.95
C THR B 494 17.55 -4.72 -32.11
N GLY B 495 18.50 -4.93 -33.00
CA GLY B 495 18.74 -4.02 -34.10
C GLY B 495 20.21 -4.02 -34.46
N THR B 496 20.51 -3.31 -35.55
CA THR B 496 21.86 -3.32 -36.07
C THR B 496 22.77 -2.28 -35.42
N ASN B 497 22.25 -1.10 -35.08
CA ASN B 497 23.13 0.02 -34.82
C ASN B 497 22.81 0.85 -33.57
N GLY B 498 21.75 0.54 -32.83
CA GLY B 498 21.44 1.40 -31.70
C GLY B 498 21.03 0.68 -30.43
N LYS B 499 21.49 -0.56 -30.25
CA LYS B 499 21.01 -1.37 -29.14
C LYS B 499 21.46 -0.83 -27.79
N THR B 500 22.75 -0.49 -27.67
CA THR B 500 23.28 -0.10 -26.37
C THR B 500 22.71 1.22 -25.89
N THR B 501 22.67 2.22 -26.77
CA THR B 501 22.14 3.53 -26.38
C THR B 501 20.68 3.44 -25.99
N THR B 502 19.88 2.71 -26.78
CA THR B 502 18.47 2.55 -26.46
C THR B 502 18.28 1.81 -25.15
N THR B 503 19.09 0.78 -24.91
CA THR B 503 18.98 0.02 -23.66
C THR B 503 19.29 0.91 -22.47
N ARG B 504 20.36 1.69 -22.55
CA ARG B 504 20.71 2.57 -21.43
C ARG B 504 19.65 3.65 -21.22
N LEU B 505 19.11 4.21 -22.30
CA LEU B 505 18.06 5.23 -22.16
C LEU B 505 16.80 4.64 -21.52
N LEU B 506 16.42 3.43 -21.95
CA LEU B 506 15.27 2.77 -21.35
C LEU B 506 15.51 2.51 -19.86
N ALA B 507 16.71 2.06 -19.52
CA ALA B 507 17.04 1.81 -18.12
C ALA B 507 16.93 3.08 -17.29
N HIS B 508 17.45 4.20 -17.82
CA HIS B 508 17.36 5.47 -17.11
C HIS B 508 15.90 5.90 -16.93
N ILE B 509 15.10 5.79 -17.99
CA ILE B 509 13.71 6.23 -17.92
C ILE B 509 12.95 5.40 -16.88
N ILE B 510 13.15 4.09 -16.88
CA ILE B 510 12.47 3.26 -15.89
C ILE B 510 13.03 3.52 -14.50
N LYS B 511 14.32 3.88 -14.39
CA LYS B 511 14.88 4.24 -13.10
C LYS B 511 14.24 5.49 -12.54
N GLN B 512 13.74 6.38 -13.41
CA GLN B 512 13.01 7.54 -12.90
C GLN B 512 11.80 7.11 -12.08
N THR B 513 11.09 6.08 -12.52
CA THR B 513 10.14 5.41 -11.64
C THR B 513 10.88 4.65 -10.56
N GLY B 514 10.27 4.56 -9.38
CA GLY B 514 10.93 3.91 -8.27
C GLY B 514 11.02 2.41 -8.42
N LYS B 515 11.79 1.95 -9.40
CA LYS B 515 11.93 0.53 -9.68
C LYS B 515 13.39 0.18 -9.88
N VAL B 516 13.77 -1.02 -9.45
CA VAL B 516 15.12 -1.52 -9.67
C VAL B 516 15.17 -2.17 -11.04
N VAL B 517 16.04 -1.64 -11.91
CA VAL B 517 16.14 -2.07 -13.29
C VAL B 517 17.42 -2.87 -13.45
N GLY B 518 17.30 -4.11 -13.92
CA GLY B 518 18.43 -4.91 -14.31
C GLY B 518 18.53 -4.92 -15.82
N TYR B 519 19.65 -4.42 -16.34
CA TYR B 519 19.80 -4.33 -17.77
C TYR B 519 21.19 -4.78 -18.21
N THR B 520 21.22 -5.51 -19.31
CA THR B 520 22.47 -5.98 -19.88
C THR B 520 22.71 -5.29 -21.22
N THR B 521 23.91 -4.73 -21.38
CA THR B 521 24.32 -4.05 -22.60
C THR B 521 25.67 -4.59 -23.06
N THR B 522 26.23 -3.99 -24.11
CA THR B 522 27.54 -4.42 -24.59
C THR B 522 28.64 -4.08 -23.59
N ASP B 523 28.53 -2.95 -22.89
CA ASP B 523 29.55 -2.57 -21.92
C ASP B 523 29.56 -3.51 -20.73
N GLY B 524 28.41 -3.89 -20.23
CA GLY B 524 28.33 -4.79 -19.09
C GLY B 524 26.91 -4.94 -18.60
N THR B 525 26.77 -5.76 -17.57
CA THR B 525 25.48 -6.05 -16.97
C THR B 525 25.36 -5.27 -15.67
N TYR B 526 24.30 -4.46 -15.56
CA TYR B 526 24.07 -3.59 -14.43
C TYR B 526 22.79 -3.97 -13.73
N ILE B 527 22.76 -3.81 -12.41
CA ILE B 527 21.55 -3.95 -11.60
C ILE B 527 21.42 -2.67 -10.78
N GLY B 528 20.36 -1.93 -11.02
CA GLY B 528 20.23 -0.64 -10.38
C GLY B 528 21.32 0.30 -10.84
N GLU B 529 22.03 0.91 -9.90
CA GLU B 529 23.10 1.84 -10.19
C GLU B 529 24.47 1.19 -10.21
N TYR B 530 24.57 -0.09 -9.88
CA TYR B 530 25.85 -0.76 -9.68
C TYR B 530 26.09 -1.80 -10.76
N LEU B 531 27.34 -1.92 -11.18
CA LEU B 531 27.73 -2.87 -12.22
C LEU B 531 27.80 -4.26 -11.63
N ALA B 532 27.00 -5.18 -12.16
CA ALA B 532 27.00 -6.56 -11.70
C ALA B 532 28.04 -7.41 -12.40
N GLU B 533 28.35 -7.13 -13.66
CA GLU B 533 29.32 -7.93 -14.38
C GLU B 533 29.91 -7.13 -15.54
N THR B 534 31.19 -7.35 -15.80
CA THR B 534 31.87 -6.74 -16.94
C THR B 534 31.90 -7.69 -18.13
N GLY B 535 32.30 -7.16 -19.27
CA GLY B 535 32.44 -7.94 -20.49
C GLY B 535 31.42 -7.54 -21.53
N ASP B 536 31.29 -8.42 -22.53
CA ASP B 536 30.32 -8.16 -23.61
C ASP B 536 28.89 -8.25 -23.07
N ASN B 537 28.50 -9.42 -22.56
CA ASN B 537 27.25 -9.59 -21.82
C ASN B 537 26.04 -9.15 -22.64
N THR B 538 25.82 -9.85 -23.76
CA THR B 538 24.72 -9.51 -24.65
C THR B 538 23.98 -10.77 -25.09
N GLY B 539 24.35 -11.92 -24.54
CA GLY B 539 23.68 -13.17 -24.85
C GLY B 539 22.82 -13.66 -23.70
N PRO B 540 22.17 -14.81 -23.89
CA PRO B 540 21.32 -15.36 -22.82
C PRO B 540 22.08 -15.69 -21.54
N GLN B 541 23.36 -16.00 -21.63
CA GLN B 541 24.14 -16.29 -20.43
C GLN B 541 24.19 -15.12 -19.48
N SER B 542 24.03 -13.89 -19.99
CA SER B 542 23.92 -12.71 -19.15
C SER B 542 22.48 -12.32 -18.87
N ALA B 543 21.54 -12.73 -19.72
CA ALA B 543 20.13 -12.51 -19.43
C ALA B 543 19.70 -13.33 -18.22
N HIS B 544 20.27 -14.52 -18.05
CA HIS B 544 19.94 -15.33 -16.88
C HIS B 544 20.38 -14.65 -15.58
N LEU B 545 21.50 -13.93 -15.61
CA LEU B 545 21.94 -13.22 -14.41
C LEU B 545 20.92 -12.17 -13.98
N ILE B 546 20.36 -11.44 -14.94
CA ILE B 546 19.36 -10.43 -14.62
C ILE B 546 18.06 -11.08 -14.18
N LEU B 547 17.62 -12.11 -14.92
CA LEU B 547 16.32 -12.70 -14.66
C LEU B 547 16.28 -13.52 -13.37
N SER B 548 17.43 -13.94 -12.86
CA SER B 548 17.49 -14.71 -11.62
C SER B 548 17.85 -13.87 -10.40
N ASP B 549 18.10 -12.58 -10.57
CA ASP B 549 18.44 -11.74 -9.43
C ASP B 549 17.22 -11.45 -8.59
N PRO B 550 17.28 -11.62 -7.28
CA PRO B 550 16.07 -11.45 -6.45
C PRO B 550 15.63 -10.01 -6.27
N THR B 551 16.39 -9.03 -6.75
CA THR B 551 16.06 -7.63 -6.54
C THR B 551 15.61 -6.90 -7.81
N VAL B 552 15.66 -7.56 -8.97
CA VAL B 552 15.34 -6.90 -10.22
C VAL B 552 13.83 -6.91 -10.43
N GLU B 553 13.26 -5.74 -10.74
CA GLU B 553 11.84 -5.62 -11.01
C GLU B 553 11.52 -5.45 -12.50
N VAL B 554 12.43 -4.88 -13.28
CA VAL B 554 12.26 -4.73 -14.72
C VAL B 554 13.57 -5.11 -15.40
N ALA B 555 13.50 -5.98 -16.39
CA ALA B 555 14.67 -6.44 -17.12
C ALA B 555 14.71 -5.78 -18.49
N VAL B 556 15.86 -5.20 -18.82
CA VAL B 556 16.11 -4.61 -20.14
C VAL B 556 17.34 -5.29 -20.72
N LEU B 557 17.16 -6.00 -21.82
CA LEU B 557 18.21 -6.84 -22.37
C LEU B 557 18.54 -6.42 -23.79
N GLU B 558 19.81 -6.12 -24.05
CA GLU B 558 20.27 -5.88 -25.41
C GLU B 558 20.52 -7.24 -26.06
N THR B 559 19.77 -7.54 -27.11
CA THR B 559 19.79 -8.86 -27.74
C THR B 559 20.44 -8.73 -29.11
N ALA B 560 21.73 -9.01 -29.18
CA ALA B 560 22.43 -8.99 -30.46
C ALA B 560 22.15 -10.27 -31.25
N ARG B 561 22.42 -10.19 -32.55
CA ARG B 561 22.22 -11.35 -33.42
C ARG B 561 23.15 -12.50 -33.06
N GLY B 562 24.31 -12.20 -32.47
CA GLY B 562 25.25 -13.26 -32.12
C GLY B 562 24.69 -14.23 -31.11
N GLY B 563 24.06 -13.71 -30.05
CA GLY B 563 23.47 -14.58 -29.05
C GLY B 563 22.32 -15.40 -29.59
N ILE B 564 21.48 -14.80 -30.43
CA ILE B 564 20.36 -15.52 -31.02
C ILE B 564 20.88 -16.64 -31.91
N LEU B 565 21.91 -16.37 -32.70
CA LEU B 565 22.49 -17.40 -33.56
C LEU B 565 23.12 -18.51 -32.72
N ARG B 566 23.83 -18.14 -31.66
CA ARG B 566 24.57 -19.14 -30.88
C ARG B 566 23.64 -20.04 -30.09
N SER B 567 22.79 -19.45 -29.25
CA SER B 567 21.96 -20.27 -28.37
C SER B 567 20.52 -19.75 -28.26
N GLY B 568 20.08 -18.90 -29.17
CA GLY B 568 18.71 -18.42 -29.14
C GLY B 568 18.49 -17.39 -28.05
N LEU B 569 17.20 -17.17 -27.74
CA LEU B 569 16.81 -16.19 -26.75
C LEU B 569 16.86 -16.79 -25.35
N GLY B 570 17.20 -15.94 -24.37
CA GLY B 570 17.25 -16.36 -22.99
C GLY B 570 15.93 -16.36 -22.26
N PHE B 571 14.84 -16.07 -22.97
CA PHE B 571 13.51 -16.03 -22.38
C PHE B 571 12.51 -16.53 -23.39
N SER B 572 11.38 -17.06 -22.89
CA SER B 572 10.36 -17.56 -23.79
C SER B 572 9.58 -16.41 -24.44
N SER B 573 9.27 -15.37 -23.68
CA SER B 573 8.49 -14.25 -24.17
C SER B 573 9.01 -12.96 -23.56
N CYS B 574 8.73 -11.85 -24.22
CA CYS B 574 9.10 -10.53 -23.74
C CYS B 574 7.88 -9.63 -23.71
N GLU B 575 7.83 -8.73 -22.73
CA GLU B 575 6.73 -7.78 -22.66
C GLU B 575 6.82 -6.75 -23.78
N VAL B 576 8.03 -6.27 -24.08
CA VAL B 576 8.25 -5.35 -25.18
C VAL B 576 9.41 -5.86 -26.02
N GLY B 577 9.22 -5.89 -27.34
CA GLY B 577 10.29 -6.23 -28.25
C GLY B 577 10.56 -5.12 -29.23
N ILE B 578 11.73 -4.51 -29.16
CA ILE B 578 12.06 -3.35 -29.98
C ILE B 578 13.01 -3.78 -31.07
N VAL B 579 12.67 -3.44 -32.32
CA VAL B 579 13.55 -3.64 -33.46
C VAL B 579 13.85 -2.27 -34.05
N LEU B 580 15.11 -1.87 -34.01
CA LEU B 580 15.49 -0.51 -34.40
C LEU B 580 15.74 -0.39 -35.90
N ASN B 581 16.59 -1.26 -36.45
CA ASN B 581 16.90 -1.22 -37.88
C ASN B 581 17.61 -2.50 -38.25
N VAL B 582 17.57 -2.82 -39.54
CA VAL B 582 18.25 -3.98 -40.10
C VAL B 582 19.01 -3.50 -41.33
N THR B 583 20.33 -3.38 -41.21
CA THR B 583 21.20 -2.99 -42.31
C THR B 583 22.19 -4.10 -42.59
N ALA B 584 22.34 -4.44 -43.87
CA ALA B 584 23.27 -5.50 -44.28
C ALA B 584 24.68 -4.96 -44.24
N ASP B 585 25.31 -5.05 -43.07
CA ASP B 585 26.68 -4.58 -42.89
C ASP B 585 27.64 -5.73 -42.60
N HIS B 586 27.40 -6.49 -41.54
CA HIS B 586 28.28 -7.61 -41.19
C HIS B 586 27.66 -8.93 -41.66
N LEU B 587 27.63 -9.11 -42.97
CA LEU B 587 27.14 -10.34 -43.56
C LEU B 587 28.27 -11.37 -43.66
N GLY B 588 27.87 -12.63 -43.80
CA GLY B 588 28.80 -13.72 -43.93
C GLY B 588 29.09 -14.48 -42.65
N ILE B 589 28.80 -13.88 -41.49
CA ILE B 589 29.02 -14.56 -40.22
C ILE B 589 27.94 -15.62 -40.02
N GLY B 590 28.35 -16.83 -39.66
CA GLY B 590 27.41 -17.92 -39.54
C GLY B 590 26.81 -18.26 -40.89
N ASP B 591 25.54 -18.65 -40.88
CA ASP B 591 24.81 -18.93 -42.11
C ASP B 591 24.10 -17.69 -42.67
N ILE B 592 24.28 -16.54 -42.04
CA ILE B 592 23.63 -15.30 -42.47
C ILE B 592 24.45 -14.70 -43.60
N ASP B 593 23.88 -14.69 -44.81
CA ASP B 593 24.55 -14.14 -45.99
C ASP B 593 23.76 -13.09 -46.72
N THR B 594 22.44 -13.06 -46.58
CA THR B 594 21.59 -12.06 -47.22
C THR B 594 20.87 -11.24 -46.16
N ILE B 595 20.53 -10.00 -46.53
CA ILE B 595 19.82 -9.13 -45.59
C ILE B 595 18.46 -9.70 -45.24
N GLU B 596 17.87 -10.52 -46.11
CA GLU B 596 16.64 -11.21 -45.75
C GLU B 596 16.85 -12.17 -44.59
N GLN B 597 17.98 -12.90 -44.62
CA GLN B 597 18.30 -13.79 -43.51
C GLN B 597 18.55 -13.00 -42.22
N LEU B 598 19.22 -11.84 -42.33
CA LEU B 598 19.44 -11.01 -41.16
C LEU B 598 18.13 -10.49 -40.60
N ALA B 599 17.21 -10.08 -41.47
CA ALA B 599 15.90 -9.63 -41.01
C ALA B 599 15.13 -10.78 -40.35
N LYS B 600 15.21 -11.98 -40.91
CA LYS B 600 14.56 -13.13 -40.31
C LYS B 600 15.15 -13.42 -38.93
N LEU B 601 16.46 -13.29 -38.78
CA LEU B 601 17.11 -13.53 -37.50
C LEU B 601 16.70 -12.48 -36.47
N LYS B 602 16.70 -11.20 -36.86
CA LYS B 602 16.31 -10.14 -35.93
C LYS B 602 14.81 -10.16 -35.63
N SER B 603 14.01 -10.80 -36.48
CA SER B 603 12.58 -10.89 -36.24
C SER B 603 12.22 -11.86 -35.12
N VAL B 604 13.19 -12.61 -34.60
CA VAL B 604 12.92 -13.51 -33.49
C VAL B 604 12.43 -12.72 -32.28
N VAL B 605 13.05 -11.56 -32.02
CA VAL B 605 12.62 -10.72 -30.91
C VAL B 605 11.19 -10.24 -31.11
N ALA B 606 10.87 -9.79 -32.32
CA ALA B 606 9.52 -9.29 -32.59
C ALA B 606 8.48 -10.40 -32.49
N GLU B 607 8.83 -11.60 -32.92
CA GLU B 607 7.90 -12.73 -32.87
C GLU B 607 7.81 -13.37 -31.50
N SER B 608 8.72 -13.02 -30.58
CA SER B 608 8.66 -13.53 -29.22
C SER B 608 7.81 -12.68 -28.29
N VAL B 609 7.24 -11.59 -28.80
CA VAL B 609 6.40 -10.73 -27.99
C VAL B 609 5.11 -11.46 -27.64
N MET B 610 4.74 -11.42 -26.36
CA MET B 610 3.54 -12.09 -25.91
C MET B 610 2.29 -11.39 -26.45
N PRO B 611 1.16 -12.08 -26.51
CA PRO B 611 -0.06 -11.46 -27.07
C PRO B 611 -0.49 -10.19 -26.35
N LYS B 612 -0.21 -10.07 -25.06
CA LYS B 612 -0.48 -8.84 -24.33
C LYS B 612 0.67 -7.84 -24.42
N GLY B 613 1.75 -8.19 -25.10
CA GLY B 613 2.91 -7.33 -25.21
C GLY B 613 2.86 -6.41 -26.41
N TYR B 614 3.99 -5.76 -26.66
CA TYR B 614 4.12 -4.79 -27.74
C TYR B 614 5.39 -5.05 -28.53
N ALA B 615 5.30 -4.81 -29.84
CA ALA B 615 6.46 -4.85 -30.72
C ALA B 615 6.68 -3.44 -31.26
N VAL B 616 7.80 -2.83 -30.90
CA VAL B 616 8.13 -1.47 -31.30
C VAL B 616 9.02 -1.54 -32.54
N LEU B 617 8.47 -1.16 -33.68
CA LEU B 617 9.13 -1.32 -34.97
C LEU B 617 9.38 0.04 -35.62
N ASN B 618 10.44 0.10 -36.40
CA ASN B 618 10.79 1.29 -37.17
C ASN B 618 9.97 1.27 -38.46
N ALA B 619 8.96 2.15 -38.55
CA ALA B 619 8.14 2.21 -39.75
C ALA B 619 8.93 2.71 -40.94
N GLU B 620 10.02 3.44 -40.70
CA GLU B 620 10.85 3.98 -41.77
C GLU B 620 11.75 2.94 -42.40
N ASP B 621 11.94 1.79 -41.75
CA ASP B 621 12.75 0.71 -42.30
C ASP B 621 11.84 -0.33 -42.94
N PRO B 622 11.92 -0.53 -44.26
CA PRO B 622 10.99 -1.48 -44.90
C PRO B 622 11.09 -2.89 -44.37
N LEU B 623 12.30 -3.38 -44.09
CA LEU B 623 12.45 -4.74 -43.59
C LEU B 623 11.88 -4.89 -42.18
N VAL B 624 12.14 -3.91 -41.31
CA VAL B 624 11.60 -3.96 -39.96
C VAL B 624 10.08 -3.79 -40.00
N ALA B 625 9.58 -2.89 -40.84
CA ALA B 625 8.14 -2.72 -40.97
C ALA B 625 7.47 -3.97 -41.53
N ALA B 626 8.19 -4.76 -42.33
CA ALA B 626 7.65 -6.01 -42.84
C ALA B 626 7.38 -7.01 -41.73
N MET B 627 8.03 -6.85 -40.58
CA MET B 627 7.78 -7.72 -39.42
C MET B 627 6.45 -7.43 -38.75
N ALA B 628 5.63 -6.53 -39.31
CA ALA B 628 4.36 -6.18 -38.69
C ALA B 628 3.46 -7.41 -38.57
N ASP B 629 3.38 -8.21 -39.63
CA ASP B 629 2.66 -9.46 -39.57
C ASP B 629 3.47 -10.49 -38.77
N ARG B 630 2.90 -11.69 -38.63
CA ARG B 630 3.51 -12.79 -37.88
C ARG B 630 4.02 -12.35 -36.51
N VAL B 631 3.38 -11.32 -35.94
CA VAL B 631 3.67 -10.84 -34.60
C VAL B 631 2.41 -10.98 -33.76
N LYS B 632 2.50 -11.73 -32.67
CA LYS B 632 1.42 -11.79 -31.70
C LYS B 632 1.56 -10.61 -30.75
N GLY B 633 0.44 -9.97 -30.45
CA GLY B 633 0.44 -8.76 -29.67
C GLY B 633 0.47 -7.51 -30.53
N GLN B 634 0.30 -6.37 -29.86
CA GLN B 634 0.14 -5.11 -30.57
C GLN B 634 1.46 -4.65 -31.18
N VAL B 635 1.35 -3.80 -32.19
CA VAL B 635 2.48 -3.21 -32.89
C VAL B 635 2.44 -1.71 -32.69
N ALA B 636 3.60 -1.14 -32.36
CA ALA B 636 3.76 0.30 -32.22
C ALA B 636 4.90 0.75 -33.12
N TYR B 637 4.65 1.75 -33.95
CA TYR B 637 5.62 2.22 -34.92
C TYR B 637 6.29 3.50 -34.42
N PHE B 638 7.58 3.63 -34.69
CA PHE B 638 8.27 4.90 -34.51
C PHE B 638 8.96 5.29 -35.81
N SER B 639 8.89 6.57 -36.15
CA SER B 639 9.43 7.06 -37.40
C SER B 639 10.01 8.46 -37.19
N MET B 640 11.18 8.70 -37.79
CA MET B 640 11.76 10.03 -37.78
C MET B 640 11.07 10.96 -38.78
N ASP B 641 10.33 10.40 -39.74
CA ASP B 641 9.59 11.19 -40.70
C ASP B 641 8.12 11.21 -40.27
N PRO B 642 7.57 12.37 -39.90
CA PRO B 642 6.18 12.39 -39.39
C PRO B 642 5.13 12.09 -40.45
N ASN B 643 5.49 12.07 -41.73
CA ASN B 643 4.55 11.85 -42.81
C ASN B 643 4.57 10.42 -43.33
N ASN B 644 5.14 9.49 -42.56
CA ASN B 644 5.16 8.09 -42.95
C ASN B 644 3.73 7.58 -43.12
N GLU B 645 3.40 7.15 -44.34
CA GLU B 645 2.03 6.77 -44.64
C GLU B 645 1.60 5.56 -43.81
N LEU B 646 2.48 4.58 -43.64
CA LEU B 646 2.14 3.41 -42.84
C LEU B 646 1.85 3.79 -41.40
N LEU B 647 2.68 4.66 -40.82
CA LEU B 647 2.48 5.08 -39.44
C LEU B 647 1.17 5.85 -39.28
N LEU B 648 0.87 6.74 -40.23
CA LEU B 648 -0.39 7.49 -40.16
C LEU B 648 -1.59 6.57 -40.28
N ARG B 649 -1.53 5.60 -41.19
CA ARG B 649 -2.62 4.64 -41.33
C ARG B 649 -2.79 3.82 -40.06
N HIS B 650 -1.67 3.45 -39.43
CA HIS B 650 -1.73 2.72 -38.17
C HIS B 650 -2.36 3.55 -37.06
N THR B 651 -2.00 4.84 -36.98
CA THR B 651 -2.56 5.69 -35.94
C THR B 651 -4.04 5.98 -36.16
N GLU B 652 -4.48 6.08 -37.42
CA GLU B 652 -5.88 6.37 -37.69
C GLU B 652 -6.78 5.25 -37.17
N ALA B 653 -6.37 4.01 -37.34
CA ALA B 653 -7.11 2.85 -36.85
C ALA B 653 -6.31 2.25 -35.69
N GLY B 654 -6.56 2.75 -34.48
CA GLY B 654 -5.81 2.32 -33.33
C GLY B 654 -4.96 3.43 -32.73
N GLY B 655 -3.65 3.31 -32.84
CA GLY B 655 -2.76 4.34 -32.37
C GLY B 655 -1.43 3.75 -31.92
N LEU B 656 -0.85 4.37 -30.89
CA LEU B 656 0.42 3.95 -30.29
C LEU B 656 1.55 3.99 -31.32
N ALA B 657 1.88 5.21 -31.73
CA ALA B 657 3.07 5.46 -32.54
C ALA B 657 3.89 6.58 -31.91
N ALA B 658 5.06 6.84 -32.48
CA ALA B 658 5.93 7.91 -32.02
C ALA B 658 6.60 8.56 -33.22
N ILE B 659 6.64 9.90 -33.21
CA ILE B 659 7.19 10.66 -34.34
C ILE B 659 8.01 11.83 -33.82
N TYR B 660 8.69 12.48 -34.75
CA TYR B 660 9.48 13.70 -34.51
C TYR B 660 8.92 14.75 -35.46
N GLU B 661 7.91 15.49 -35.00
CA GLU B 661 7.05 16.23 -35.91
C GLU B 661 7.55 17.66 -36.18
N ASN B 662 7.58 18.51 -35.15
CA ASN B 662 8.09 19.88 -35.28
C ASN B 662 9.04 20.13 -34.12
N GLY B 663 10.28 19.68 -34.27
CA GLY B 663 11.22 19.76 -33.16
C GLY B 663 10.65 19.21 -31.88
N TYR B 664 9.93 18.09 -31.96
CA TYR B 664 9.22 17.55 -30.83
C TYR B 664 9.19 16.03 -30.91
N ILE B 665 9.53 15.39 -29.81
CA ILE B 665 9.36 13.95 -29.67
C ILE B 665 7.93 13.71 -29.20
N SER B 666 7.08 13.21 -30.08
CA SER B 666 5.65 13.13 -29.80
C SER B 666 5.17 11.68 -29.86
N ILE B 667 4.20 11.37 -29.01
CA ILE B 667 3.52 10.09 -28.99
C ILE B 667 2.13 10.29 -29.56
N LEU B 668 1.78 9.49 -30.56
CA LEU B 668 0.45 9.51 -31.16
C LEU B 668 -0.35 8.36 -30.57
N LYS B 669 -1.43 8.68 -29.87
CA LYS B 669 -2.32 7.70 -29.28
C LYS B 669 -3.60 7.56 -30.10
N GLY B 670 -3.47 7.62 -31.41
CA GLY B 670 -4.63 7.67 -32.29
C GLY B 670 -4.78 9.05 -32.88
N ASP B 671 -5.80 9.78 -32.42
CA ASP B 671 -6.01 11.15 -32.85
C ASP B 671 -5.40 12.17 -31.89
N TRP B 672 -4.69 11.72 -30.86
CA TRP B 672 -4.14 12.60 -29.84
C TRP B 672 -2.62 12.64 -29.96
N THR B 673 -2.05 13.83 -29.84
CA THR B 673 -0.62 14.05 -29.89
C THR B 673 -0.13 14.49 -28.52
N LEU B 674 0.85 13.78 -27.97
CA LEU B 674 1.40 14.06 -26.66
C LEU B 674 2.88 14.38 -26.83
N ARG B 675 3.24 15.64 -26.66
CA ARG B 675 4.63 16.05 -26.83
C ARG B 675 5.41 15.81 -25.54
N ILE B 676 6.62 15.29 -25.67
CA ILE B 676 7.45 14.98 -24.50
C ILE B 676 8.45 16.10 -24.29
N GLU B 677 9.29 16.35 -25.30
CA GLU B 677 10.37 17.30 -25.15
C GLU B 677 10.69 17.92 -26.51
N LYS B 678 11.39 19.06 -26.47
CA LYS B 678 11.71 19.84 -27.66
C LYS B 678 12.82 19.22 -28.49
N ALA B 679 13.45 18.14 -28.01
CA ALA B 679 14.51 17.43 -28.72
C ALA B 679 15.78 18.26 -28.85
N VAL B 680 15.72 19.51 -28.40
CA VAL B 680 16.93 20.30 -28.18
C VAL B 680 17.25 20.40 -26.69
N ASN B 681 16.29 20.08 -25.82
CA ASN B 681 16.52 19.95 -24.39
C ASN B 681 16.88 18.52 -24.00
N VAL B 682 17.00 17.62 -24.96
CA VAL B 682 17.44 16.25 -24.72
C VAL B 682 18.95 16.21 -25.00
N PRO B 683 19.80 16.00 -23.98
CA PRO B 683 21.25 16.12 -24.20
C PRO B 683 21.81 15.18 -25.24
N ILE B 684 21.29 13.95 -25.33
CA ILE B 684 21.90 12.97 -26.22
C ILE B 684 21.67 13.33 -27.68
N THR B 685 20.55 14.00 -28.00
CA THR B 685 20.33 14.47 -29.36
C THR B 685 21.28 15.57 -29.76
N MET B 686 21.98 16.18 -28.80
CA MET B 686 22.94 17.26 -29.05
C MET B 686 22.28 18.42 -29.80
N ALA B 687 21.26 19.00 -29.14
CA ALA B 687 20.48 20.09 -29.71
C ALA B 687 19.87 19.69 -31.05
N GLY B 688 19.45 18.42 -31.16
CA GLY B 688 18.82 17.94 -32.36
C GLY B 688 19.73 17.72 -33.54
N LYS B 689 21.06 17.76 -33.34
CA LYS B 689 21.98 17.61 -34.45
C LYS B 689 22.11 16.16 -34.89
N ALA B 690 22.00 15.20 -33.97
CA ALA B 690 22.16 13.79 -34.31
C ALA B 690 20.79 13.15 -34.48
N PRO B 691 20.41 12.76 -35.70
CA PRO B 691 19.07 12.20 -35.90
C PRO B 691 18.94 10.75 -35.42
N PHE B 692 20.03 10.00 -35.45
CA PHE B 692 20.00 8.62 -34.97
C PHE B 692 19.74 8.56 -33.47
N MET B 693 20.33 9.48 -32.71
CA MET B 693 20.01 9.59 -31.30
C MET B 693 18.54 9.91 -31.09
N ILE B 694 17.97 10.75 -31.96
CA ILE B 694 16.55 11.07 -31.85
C ILE B 694 15.70 9.83 -32.13
N ALA B 695 16.11 9.01 -33.10
CA ALA B 695 15.38 7.78 -33.38
C ALA B 695 15.44 6.82 -32.18
N ASN B 696 16.62 6.71 -31.57
CA ASN B 696 16.73 5.88 -30.37
C ASN B 696 15.85 6.40 -29.25
N ALA B 697 15.80 7.72 -29.07
CA ALA B 697 14.94 8.31 -28.05
C ALA B 697 13.47 8.04 -28.36
N LEU B 698 13.08 8.12 -29.63
CA LEU B 698 11.72 7.80 -30.02
C LEU B 698 11.37 6.36 -29.64
N ALA B 699 12.25 5.43 -29.96
CA ALA B 699 11.99 4.03 -29.66
C ALA B 699 11.86 3.81 -28.16
N ALA B 700 12.78 4.39 -27.38
CA ALA B 700 12.73 4.21 -25.93
C ALA B 700 11.47 4.82 -25.33
N CYS B 701 11.11 6.03 -25.75
CA CYS B 701 9.93 6.69 -25.23
C CYS B 701 8.67 5.91 -25.56
N LEU B 702 8.57 5.42 -26.80
CA LEU B 702 7.40 4.63 -27.17
C LEU B 702 7.33 3.34 -26.36
N ALA B 703 8.48 2.69 -26.14
CA ALA B 703 8.51 1.44 -25.39
C ALA B 703 8.05 1.66 -23.96
N VAL B 704 8.52 2.71 -23.29
CA VAL B 704 8.09 2.94 -21.92
C VAL B 704 6.62 3.39 -21.89
N PHE B 705 6.18 4.16 -22.90
CA PHE B 705 4.80 4.61 -22.91
C PHE B 705 3.83 3.44 -23.05
N THR B 706 4.17 2.44 -23.87
CA THR B 706 3.29 1.29 -24.04
C THR B 706 3.06 0.54 -22.74
N GLN B 707 3.98 0.65 -21.79
CA GLN B 707 3.88 -0.07 -20.52
C GLN B 707 3.21 0.73 -19.41
N GLY B 708 2.71 1.93 -19.72
CA GLY B 708 2.00 2.72 -18.75
C GLY B 708 2.83 3.71 -17.96
N VAL B 709 4.09 3.92 -18.33
CA VAL B 709 4.92 4.90 -17.65
C VAL B 709 4.37 6.31 -17.89
N LYS B 710 4.29 7.10 -16.84
CA LYS B 710 3.74 8.44 -16.95
C LYS B 710 4.61 9.33 -17.83
N ILE B 711 3.97 10.31 -18.47
CA ILE B 711 4.69 11.21 -19.37
C ILE B 711 5.73 12.01 -18.60
N GLU B 712 5.43 12.36 -17.35
CA GLU B 712 6.38 13.12 -16.54
C GLU B 712 7.67 12.35 -16.30
N HIS B 713 7.56 11.06 -15.99
CA HIS B 713 8.75 10.24 -15.79
C HIS B 713 9.57 10.12 -17.07
N ILE B 714 8.89 9.95 -18.21
CA ILE B 714 9.58 9.88 -19.50
C ILE B 714 10.32 11.18 -19.76
N ARG B 715 9.66 12.32 -19.51
CA ARG B 715 10.29 13.61 -19.73
C ARG B 715 11.50 13.80 -18.83
N LYS B 716 11.39 13.44 -17.55
CA LYS B 716 12.51 13.60 -16.64
C LYS B 716 13.68 12.71 -17.03
N GLY B 717 13.41 11.45 -17.41
CA GLY B 717 14.47 10.56 -17.82
C GLY B 717 15.14 11.02 -19.11
N LEU B 718 14.35 11.53 -20.05
CA LEU B 718 14.91 12.03 -21.30
C LEU B 718 15.76 13.26 -21.07
N SER B 719 15.36 14.12 -20.13
CA SER B 719 16.12 15.35 -19.88
C SER B 719 17.39 15.08 -19.09
N THR B 720 17.35 14.14 -18.16
CA THR B 720 18.49 13.92 -17.25
C THR B 720 19.47 12.88 -17.77
N PHE B 721 19.24 12.29 -18.94
CA PHE B 721 20.14 11.29 -19.49
C PHE B 721 21.22 12.01 -20.31
N VAL B 722 22.48 11.78 -19.96
CA VAL B 722 23.60 12.50 -20.56
C VAL B 722 24.40 11.55 -21.45
N ALA B 723 25.00 12.12 -22.49
CA ALA B 723 25.80 11.39 -23.46
C ALA B 723 27.30 11.60 -23.25
N SER B 724 27.74 11.72 -22.00
CA SER B 724 29.14 11.91 -21.67
C SER B 724 29.68 10.65 -21.00
N VAL B 725 30.97 10.69 -20.66
CA VAL B 725 31.65 9.53 -20.09
C VAL B 725 31.07 9.12 -18.75
N ASP B 726 30.40 10.04 -18.05
CA ASP B 726 29.82 9.71 -16.76
C ASP B 726 28.77 8.61 -16.88
N GLN B 727 27.98 8.64 -17.97
CA GLN B 727 26.98 7.61 -18.22
C GLN B 727 27.32 6.78 -19.45
N THR B 728 27.48 7.41 -20.61
CA THR B 728 27.78 6.67 -21.83
C THR B 728 29.27 6.39 -21.91
N PRO B 729 29.71 5.14 -21.92
CA PRO B 729 31.14 4.85 -22.00
C PRO B 729 31.78 5.35 -23.29
N GLY B 730 31.22 4.96 -24.43
CA GLY B 730 31.79 5.35 -25.71
C GLY B 730 30.76 5.71 -26.77
N ARG B 731 29.58 6.13 -26.34
CA ARG B 731 28.49 6.44 -27.25
C ARG B 731 28.33 7.96 -27.34
N MET B 732 28.74 8.52 -28.47
CA MET B 732 28.56 9.95 -28.78
C MET B 732 29.17 10.83 -27.69
N ASN B 733 30.41 10.55 -27.31
CA ASN B 733 31.01 11.24 -26.17
C ASN B 733 31.82 12.44 -26.66
N MET B 734 31.48 13.62 -26.15
CA MET B 734 32.22 14.86 -26.34
C MET B 734 33.27 14.99 -25.25
N PHE B 735 34.46 15.44 -25.63
CA PHE B 735 35.48 15.86 -24.68
C PHE B 735 36.08 17.18 -25.15
N ASN B 736 36.04 18.18 -24.28
CA ASN B 736 36.50 19.53 -24.59
C ASN B 736 37.77 19.83 -23.80
N MET B 737 38.81 20.24 -24.51
CA MET B 737 40.07 20.65 -23.90
C MET B 737 40.50 22.05 -24.31
N GLY B 738 39.55 22.87 -24.76
CA GLY B 738 39.82 24.25 -25.10
C GLY B 738 40.18 24.49 -26.55
N SER B 739 41.36 24.02 -26.97
CA SER B 739 41.82 24.30 -28.32
C SER B 739 40.99 23.59 -29.38
N TYR B 740 40.53 22.38 -29.10
CA TYR B 740 39.78 21.59 -30.06
C TYR B 740 38.77 20.74 -29.31
N HIS B 741 38.23 19.73 -29.98
CA HIS B 741 37.24 18.83 -29.37
C HIS B 741 37.45 17.42 -29.86
N ALA B 742 37.07 16.46 -29.01
CA ALA B 742 37.22 15.04 -29.30
C ALA B 742 35.87 14.36 -29.27
N LEU B 743 35.56 13.62 -30.32
CA LEU B 743 34.36 12.81 -30.46
C LEU B 743 34.76 11.35 -30.42
N VAL B 744 34.40 10.65 -29.36
CA VAL B 744 34.63 9.20 -29.33
C VAL B 744 33.29 8.48 -29.47
N ASP B 745 33.27 7.50 -30.37
CA ASP B 745 32.07 6.79 -30.76
C ASP B 745 32.36 5.30 -30.82
N TYR B 746 31.37 4.54 -31.32
CA TYR B 746 31.44 3.10 -31.46
C TYR B 746 31.05 2.67 -32.87
N ALA B 747 31.47 3.46 -33.87
CA ALA B 747 31.07 3.23 -35.25
C ALA B 747 32.01 2.22 -35.90
N HIS B 748 31.45 1.13 -36.43
CA HIS B 748 32.25 0.11 -37.09
C HIS B 748 31.60 -0.47 -38.34
N ASN B 749 30.48 0.08 -38.80
CA ASN B 749 29.79 -0.42 -39.98
C ASN B 749 29.29 0.77 -40.80
N PRO B 750 29.02 0.56 -42.09
CA PRO B 750 28.64 1.70 -42.95
C PRO B 750 27.43 2.48 -42.48
N ALA B 751 26.43 1.82 -41.87
CA ALA B 751 25.24 2.54 -41.43
C ALA B 751 25.56 3.50 -40.29
N SER B 752 26.28 3.02 -39.28
CA SER B 752 26.72 3.91 -38.21
C SER B 752 27.71 4.94 -38.72
N TYR B 753 28.50 4.61 -39.74
CA TYR B 753 29.38 5.60 -40.34
C TYR B 753 28.58 6.74 -40.96
N GLU B 754 27.50 6.40 -41.67
CA GLU B 754 26.64 7.43 -42.25
C GLU B 754 25.96 8.26 -41.17
N ALA B 755 25.48 7.60 -40.10
CA ALA B 755 24.87 8.33 -39.01
C ALA B 755 25.88 9.27 -38.34
N LEU B 756 27.10 8.79 -38.13
CA LEU B 756 28.16 9.63 -37.57
C LEU B 756 28.47 10.81 -38.46
N GLY B 757 28.55 10.58 -39.78
CA GLY B 757 28.81 11.67 -40.69
C GLY B 757 27.71 12.71 -40.69
N GLY B 758 26.46 12.26 -40.57
CA GLY B 758 25.33 13.18 -40.53
C GLY B 758 25.39 14.19 -39.41
N PHE B 759 26.15 13.90 -38.36
CA PHE B 759 26.39 14.84 -37.27
C PHE B 759 27.76 15.52 -37.35
N VAL B 760 28.77 14.82 -37.84
CA VAL B 760 30.12 15.39 -37.90
C VAL B 760 30.20 16.48 -38.97
N ARG B 761 29.52 16.28 -40.11
CA ARG B 761 29.60 17.22 -41.21
C ARG B 761 29.11 18.61 -40.84
N ASN B 762 28.30 18.72 -39.78
CA ASN B 762 27.82 20.02 -39.33
C ASN B 762 28.84 20.77 -38.48
N TRP B 763 29.91 20.11 -38.05
CA TRP B 763 30.93 20.78 -37.26
C TRP B 763 31.70 21.77 -38.12
N PRO B 764 31.91 22.99 -37.65
CA PRO B 764 32.59 24.01 -38.46
C PRO B 764 34.11 23.95 -38.43
N GLY B 765 34.70 23.01 -37.67
CA GLY B 765 36.13 22.93 -37.52
C GLY B 765 36.76 21.85 -38.39
N LYS B 766 38.05 21.64 -38.17
CA LYS B 766 38.78 20.61 -38.90
C LYS B 766 38.33 19.22 -38.47
N ARG B 767 38.31 18.30 -39.43
CA ARG B 767 37.84 16.94 -39.22
C ARG B 767 39.02 15.98 -39.34
N ILE B 768 39.46 15.44 -38.21
CA ILE B 768 40.46 14.37 -38.17
C ILE B 768 39.75 13.11 -37.72
N GLY B 769 40.08 11.99 -38.35
CA GLY B 769 39.39 10.75 -38.03
C GLY B 769 40.25 9.51 -37.96
N VAL B 770 40.10 8.74 -36.89
CA VAL B 770 40.74 7.44 -36.75
C VAL B 770 39.64 6.39 -36.89
N VAL B 771 39.71 5.61 -37.96
CA VAL B 771 38.65 4.65 -38.28
C VAL B 771 39.24 3.24 -38.29
N GLY B 772 38.34 2.26 -38.21
CA GLY B 772 38.74 0.88 -38.21
C GLY B 772 37.52 -0.02 -38.19
N GLY B 773 37.78 -1.32 -38.25
CA GLY B 773 36.72 -2.30 -38.24
C GLY B 773 37.20 -3.66 -37.79
N PRO B 774 36.27 -4.49 -37.29
CA PRO B 774 36.63 -5.85 -36.90
C PRO B 774 37.11 -6.66 -38.10
N GLY B 775 38.05 -7.57 -37.84
CA GLY B 775 38.68 -8.32 -38.91
C GLY B 775 37.87 -9.47 -39.47
N ASP B 776 36.73 -9.80 -38.87
CA ASP B 776 35.90 -10.90 -39.32
C ASP B 776 34.83 -10.47 -40.30
N ARG B 777 34.97 -9.31 -40.92
CA ARG B 777 33.96 -8.77 -41.83
C ARG B 777 34.44 -8.86 -43.27
N ARG B 778 33.50 -8.70 -44.20
CA ARG B 778 33.79 -8.83 -45.61
C ARG B 778 34.59 -7.64 -46.12
N ASP B 779 35.25 -7.84 -47.27
CA ASP B 779 36.09 -6.81 -47.85
C ASP B 779 35.27 -5.62 -48.34
N GLU B 780 34.09 -5.89 -48.91
CA GLU B 780 33.24 -4.81 -49.41
C GLU B 780 32.83 -3.87 -48.30
N ASP B 781 32.63 -4.40 -47.09
CA ASP B 781 32.33 -3.54 -45.94
C ASP B 781 33.49 -2.60 -45.64
N PHE B 782 34.72 -3.10 -45.73
CA PHE B 782 35.88 -2.25 -45.51
C PHE B 782 35.99 -1.17 -46.59
N VAL B 783 35.70 -1.53 -47.84
CA VAL B 783 35.72 -0.55 -48.92
C VAL B 783 34.67 0.53 -48.67
N SER B 784 33.48 0.13 -48.24
CA SER B 784 32.43 1.10 -47.94
C SER B 784 32.84 2.01 -46.79
N LEU B 785 33.45 1.44 -45.75
CA LEU B 785 33.92 2.26 -44.64
C LEU B 785 34.96 3.27 -45.11
N GLY B 786 35.90 2.83 -45.96
CA GLY B 786 36.91 3.74 -46.45
C GLY B 786 36.33 4.87 -47.28
N GLU B 787 35.39 4.55 -48.18
CA GLU B 787 34.81 5.59 -49.02
C GLU B 787 33.97 6.56 -48.19
N LEU B 788 33.23 6.05 -47.19
CA LEU B 788 32.46 6.93 -46.34
C LEU B 788 33.36 7.83 -45.50
N ALA B 789 34.46 7.29 -44.98
CA ALA B 789 35.41 8.11 -44.23
C ALA B 789 36.03 9.18 -45.12
N ALA B 790 36.31 8.83 -46.38
CA ALA B 790 36.78 9.83 -47.34
C ALA B 790 35.74 10.92 -47.54
N ASP B 791 34.47 10.53 -47.66
CA ASP B 791 33.42 11.52 -47.90
C ASP B 791 33.26 12.47 -46.71
N ILE B 792 33.30 11.95 -45.49
CA ILE B 792 32.91 12.76 -44.34
C ILE B 792 34.08 13.51 -43.71
N PHE B 793 35.28 12.96 -43.74
CA PHE B 793 36.40 13.50 -42.97
C PHE B 793 37.37 14.27 -43.87
N ASP B 794 38.32 14.94 -43.23
CA ASP B 794 39.38 15.67 -43.90
C ASP B 794 40.77 15.10 -43.66
N GLU B 795 40.98 14.42 -42.54
CA GLU B 795 42.23 13.71 -42.26
C GLU B 795 41.89 12.29 -41.86
N ILE B 796 42.57 11.32 -42.47
CA ILE B 796 42.24 9.92 -42.33
C ILE B 796 43.44 9.19 -41.72
N ILE B 797 43.20 8.44 -40.65
CA ILE B 797 44.19 7.57 -40.03
C ILE B 797 43.54 6.20 -39.87
N ILE B 798 43.97 5.24 -40.69
CA ILE B 798 43.37 3.91 -40.71
C ILE B 798 44.11 3.02 -39.73
N LYS B 799 43.36 2.33 -38.87
CA LYS B 799 43.93 1.39 -37.91
C LYS B 799 43.13 0.09 -37.96
N GLU B 800 43.84 -1.02 -37.78
CA GLU B 800 43.22 -2.34 -37.76
C GLU B 800 43.22 -2.89 -36.34
N ASP B 801 42.07 -3.42 -35.91
CA ASP B 801 41.91 -3.89 -34.55
C ASP B 801 42.94 -4.95 -34.20
N ASP B 802 43.47 -4.87 -32.98
CA ASP B 802 44.50 -5.81 -32.55
C ASP B 802 43.96 -7.24 -32.56
N ASP B 803 42.74 -7.43 -32.06
CA ASP B 803 42.05 -8.71 -32.17
C ASP B 803 41.44 -8.80 -33.56
N THR B 804 42.19 -9.37 -34.50
CA THR B 804 41.83 -9.35 -35.91
C THR B 804 40.86 -10.46 -36.28
N ARG B 805 40.49 -11.32 -35.34
CA ARG B 805 39.50 -12.37 -35.53
C ARG B 805 39.89 -13.37 -36.62
N GLY B 806 41.19 -13.60 -36.80
CA GLY B 806 41.68 -14.56 -37.76
C GLY B 806 42.14 -13.98 -39.08
N ARG B 807 41.73 -12.75 -39.40
CA ARG B 807 42.17 -12.11 -40.62
C ARG B 807 43.66 -11.83 -40.56
N PRO B 808 44.38 -11.98 -41.67
CA PRO B 808 45.80 -11.61 -41.68
C PRO B 808 46.01 -10.16 -41.31
N ARG B 809 47.10 -9.89 -40.59
CA ARG B 809 47.36 -8.54 -40.12
C ARG B 809 47.56 -7.57 -41.27
N GLY B 810 46.94 -6.41 -41.17
CA GLY B 810 47.06 -5.37 -42.17
C GLY B 810 45.99 -5.32 -43.23
N ASN B 811 45.61 -6.49 -43.78
CA ASN B 811 44.75 -6.58 -44.95
C ASN B 811 43.59 -5.59 -44.94
N ALA B 812 42.89 -5.49 -43.80
CA ALA B 812 41.78 -4.55 -43.69
C ALA B 812 42.24 -3.11 -43.84
N ALA B 813 43.43 -2.80 -43.34
CA ALA B 813 43.93 -1.42 -43.44
C ALA B 813 44.17 -1.03 -44.89
N GLU B 814 44.89 -1.87 -45.65
CA GLU B 814 45.12 -1.54 -47.05
C GLU B 814 43.84 -1.61 -47.88
N LEU B 815 42.85 -2.41 -47.46
CA LEU B 815 41.60 -2.39 -48.23
C LEU B 815 40.76 -1.15 -47.93
N ILE B 816 40.77 -0.66 -46.69
CA ILE B 816 40.17 0.63 -46.41
C ILE B 816 40.91 1.73 -47.17
N CYS B 817 42.24 1.59 -47.30
CA CYS B 817 43.01 2.51 -48.12
C CYS B 817 42.59 2.42 -49.58
N GLN B 818 42.30 1.22 -50.07
CA GLN B 818 41.80 1.07 -51.43
C GLN B 818 40.47 1.77 -51.60
N GLY B 819 39.58 1.66 -50.61
CA GLY B 819 38.32 2.37 -50.67
C GLY B 819 38.48 3.88 -50.69
N VAL B 820 39.36 4.40 -49.82
CA VAL B 820 39.58 5.85 -49.79
C VAL B 820 40.24 6.32 -51.08
N LYS B 821 41.12 5.49 -51.67
CA LYS B 821 41.73 5.84 -52.95
C LYS B 821 40.69 5.86 -54.06
N GLN B 822 39.77 4.89 -54.06
CA GLN B 822 38.69 4.89 -55.06
C GLN B 822 37.84 6.14 -54.93
N PHE B 823 37.47 6.51 -53.70
CA PHE B 823 36.67 7.72 -53.51
C PHE B 823 37.44 8.96 -53.96
N LEU B 824 38.73 9.03 -53.66
CA LEU B 824 39.55 10.16 -54.09
C LEU B 824 39.62 10.24 -55.62
N ASN B 825 39.79 9.10 -56.28
CA ASN B 825 39.84 9.07 -57.73
C ASN B 825 38.48 9.34 -58.37
N GLY B 826 37.40 9.21 -57.60
CA GLY B 826 36.09 9.53 -58.12
C GLY B 826 35.74 11.01 -58.16
N ILE B 827 36.67 11.87 -57.78
CA ILE B 827 36.44 13.32 -57.72
C ILE B 827 37.28 13.98 -58.79
N LYS B 828 36.67 14.92 -59.54
CA LYS B 828 37.38 15.57 -60.63
C LYS B 828 38.30 16.67 -60.11
N ASN B 829 37.73 17.68 -59.45
CA ASN B 829 38.47 18.82 -58.95
C ASN B 829 38.72 18.67 -57.45
N SER B 830 39.25 19.72 -56.83
CA SER B 830 39.60 19.71 -55.41
C SER B 830 38.38 20.01 -54.54
N GLU B 831 37.33 19.20 -54.74
CA GLU B 831 36.14 19.31 -53.91
C GLU B 831 36.39 18.75 -52.51
N SER B 832 37.08 17.61 -52.43
CA SER B 832 37.42 17.01 -51.15
C SER B 832 38.67 16.16 -51.35
N LYS B 833 39.81 16.64 -50.85
CA LYS B 833 41.10 16.00 -51.09
C LYS B 833 41.71 15.53 -49.78
N ALA B 834 40.90 14.85 -48.95
CA ALA B 834 41.34 14.46 -47.62
C ALA B 834 42.60 13.62 -47.66
N THR B 835 43.56 13.95 -46.79
CA THR B 835 44.80 13.22 -46.69
C THR B 835 44.59 11.89 -45.97
N TYR B 836 45.36 10.89 -46.36
CA TYR B 836 45.21 9.53 -45.84
C TYR B 836 46.57 8.96 -45.44
N GLU B 837 46.57 8.20 -44.34
CA GLU B 837 47.74 7.44 -43.93
C GLU B 837 47.26 6.36 -42.97
N SER B 838 48.04 5.27 -42.90
CA SER B 838 47.65 4.09 -42.14
C SER B 838 48.76 3.72 -41.17
N ILE B 839 48.40 3.60 -39.88
CA ILE B 839 49.27 3.02 -38.86
C ILE B 839 48.42 2.05 -38.05
N LEU B 840 48.99 0.89 -37.75
CA LEU B 840 48.21 -0.26 -37.29
C LEU B 840 48.11 -0.37 -35.77
N ASP B 841 48.62 0.61 -35.03
CA ASP B 841 48.59 0.56 -33.57
C ASP B 841 47.59 1.58 -33.03
N GLU B 842 46.80 1.16 -32.04
CA GLU B 842 45.78 2.03 -31.48
C GLU B 842 46.40 3.22 -30.77
N THR B 843 47.40 2.96 -29.92
CA THR B 843 48.04 4.05 -29.19
C THR B 843 48.68 5.04 -30.15
N ALA B 844 49.40 4.53 -31.15
CA ALA B 844 50.03 5.41 -32.13
C ALA B 844 48.99 6.20 -32.92
N ALA B 845 47.89 5.55 -33.31
CA ALA B 845 46.86 6.23 -34.09
C ALA B 845 46.23 7.36 -33.30
N ILE B 846 45.83 7.09 -32.06
CA ILE B 846 45.18 8.14 -31.27
C ILE B 846 46.18 9.23 -30.91
N ASN B 847 47.44 8.87 -30.64
CA ASN B 847 48.45 9.87 -30.34
C ASN B 847 48.68 10.79 -31.53
N THR B 848 48.77 10.23 -32.74
CA THR B 848 48.93 11.05 -33.94
C THR B 848 47.71 11.93 -34.17
N ALA B 849 46.51 11.39 -33.93
CA ALA B 849 45.29 12.18 -34.11
C ALA B 849 45.25 13.36 -33.14
N LEU B 850 45.60 13.13 -31.88
CA LEU B 850 45.57 14.19 -30.89
C LEU B 850 46.74 15.15 -30.99
N ASP B 851 47.85 14.73 -31.62
CA ASP B 851 49.02 15.58 -31.68
C ASP B 851 48.81 16.75 -32.64
N ARG B 852 48.21 16.48 -33.80
CA ARG B 852 48.07 17.49 -34.87
C ARG B 852 46.66 18.04 -34.93
N ALA B 853 46.01 18.21 -33.79
CA ALA B 853 44.67 18.81 -33.76
C ALA B 853 44.79 20.33 -33.82
N PRO B 854 44.24 20.99 -34.83
CA PRO B 854 44.35 22.45 -34.90
C PRO B 854 43.31 23.14 -34.04
N ILE B 855 43.24 24.47 -34.14
CA ILE B 855 42.32 25.25 -33.34
C ILE B 855 40.88 24.94 -33.76
N ASP B 856 40.02 24.70 -32.78
CA ASP B 856 38.58 24.46 -32.98
C ASP B 856 38.31 23.24 -33.85
N GLY B 857 39.27 22.32 -33.94
CA GLY B 857 39.08 21.13 -34.74
C GLY B 857 38.30 20.05 -34.00
N LEU B 858 37.92 19.02 -34.75
CA LEU B 858 37.19 17.88 -34.20
C LEU B 858 37.95 16.62 -34.56
N VAL B 859 38.33 15.84 -33.55
CA VAL B 859 39.06 14.59 -33.73
C VAL B 859 38.14 13.44 -33.31
N VAL B 860 37.77 12.60 -34.27
CA VAL B 860 36.86 11.48 -34.05
C VAL B 860 37.68 10.21 -33.91
N ILE B 861 37.37 9.41 -32.89
CA ILE B 861 38.08 8.18 -32.58
C ILE B 861 37.09 7.03 -32.58
N LEU B 862 37.45 5.95 -33.26
CA LEU B 862 36.65 4.73 -33.31
C LEU B 862 37.54 3.56 -32.92
N PRO B 863 37.88 3.44 -31.64
CA PRO B 863 38.85 2.43 -31.21
C PRO B 863 38.22 1.06 -31.01
N GLU B 864 39.10 0.06 -30.92
CA GLU B 864 38.64 -1.29 -30.62
C GLU B 864 38.00 -1.36 -29.24
N SER B 865 38.63 -0.76 -28.24
CA SER B 865 38.12 -0.72 -26.88
C SER B 865 37.93 0.72 -26.44
N VAL B 866 36.79 0.99 -25.80
CA VAL B 866 36.46 2.34 -25.38
C VAL B 866 37.38 2.80 -24.25
N ASN B 867 37.75 1.88 -23.35
CA ASN B 867 38.56 2.25 -22.20
C ASN B 867 39.93 2.78 -22.61
N ARG B 868 40.49 2.28 -23.72
CA ARG B 868 41.76 2.80 -24.21
C ARG B 868 41.65 4.29 -24.52
N ALA B 869 40.66 4.67 -25.33
CA ALA B 869 40.48 6.07 -25.68
C ALA B 869 40.15 6.91 -24.45
N ILE B 870 39.31 6.38 -23.56
CA ILE B 870 38.93 7.14 -22.35
C ILE B 870 40.17 7.44 -21.51
N SER B 871 41.00 6.42 -21.27
CA SER B 871 42.20 6.62 -20.47
C SER B 871 43.18 7.57 -21.16
N LEU B 872 43.34 7.42 -22.48
CA LEU B 872 44.30 8.27 -23.19
C LEU B 872 43.87 9.73 -23.16
N ILE B 873 42.58 10.01 -23.32
CA ILE B 873 42.13 11.39 -23.25
C ILE B 873 42.02 11.90 -21.82
N GLU B 874 41.88 11.01 -20.83
CA GLU B 874 41.89 11.44 -19.44
C GLU B 874 43.30 11.83 -18.99
N GLY B 875 44.31 11.09 -19.46
CA GLY B 875 45.68 11.42 -19.08
C GLY B 875 46.12 12.77 -19.60
N ARG B 876 45.72 13.11 -20.83
CA ARG B 876 46.09 14.38 -21.44
C ARG B 876 45.16 15.53 -21.07
N HIS B 877 44.34 15.36 -20.03
CA HIS B 877 43.42 16.38 -19.56
C HIS B 877 42.47 16.84 -20.66
N MET C 1 -52.96 -0.72 -44.54
CA MET C 1 -51.99 -0.11 -43.64
C MET C 1 -52.54 0.05 -42.23
N LYS C 2 -52.21 -0.88 -41.35
CA LYS C 2 -52.57 -0.76 -39.94
C LYS C 2 -51.38 -1.23 -39.10
N ILE C 3 -50.99 -0.41 -38.13
CA ILE C 3 -49.84 -0.71 -37.29
C ILE C 3 -50.33 -1.51 -36.09
N LEU C 4 -50.01 -2.80 -36.07
CA LEU C 4 -50.50 -3.67 -34.99
C LEU C 4 -49.73 -3.44 -33.70
N LYS C 5 -48.41 -3.59 -33.76
CA LYS C 5 -47.56 -3.43 -32.58
C LYS C 5 -46.27 -2.74 -32.98
N LEU C 6 -45.76 -1.90 -32.07
CA LEU C 6 -44.53 -1.15 -32.28
C LEU C 6 -43.67 -1.32 -31.03
N GLN C 7 -42.69 -2.24 -31.10
CA GLN C 7 -41.80 -2.51 -29.99
C GLN C 7 -40.44 -1.88 -30.25
N THR C 8 -39.74 -1.56 -29.17
CA THR C 8 -38.38 -1.02 -29.24
C THR C 8 -37.43 -1.91 -28.44
N LEU C 9 -36.32 -2.28 -29.06
CA LEU C 9 -35.30 -3.12 -28.45
C LEU C 9 -34.08 -2.26 -28.16
N ARG C 10 -33.56 -2.38 -26.94
CA ARG C 10 -32.46 -1.55 -26.47
C ARG C 10 -31.17 -2.32 -26.20
N GLY C 11 -31.21 -3.65 -26.16
CA GLY C 11 -30.02 -4.43 -25.95
C GLY C 11 -29.88 -5.52 -27.00
N PRO C 12 -28.99 -6.47 -26.76
CA PRO C 12 -28.91 -7.64 -27.66
C PRO C 12 -30.25 -8.35 -27.72
N ASN C 13 -30.63 -8.76 -28.93
CA ASN C 13 -31.99 -9.18 -29.18
C ASN C 13 -32.00 -10.34 -30.17
N TYR C 14 -33.22 -10.82 -30.45
CA TYR C 14 -33.40 -11.92 -31.38
C TYR C 14 -32.96 -11.56 -32.79
N TRP C 15 -33.20 -10.31 -33.19
CA TRP C 15 -32.91 -9.90 -34.56
C TRP C 15 -31.42 -9.72 -34.80
N SER C 16 -30.70 -9.16 -33.84
CA SER C 16 -29.28 -8.93 -34.03
C SER C 16 -28.58 -8.84 -32.68
N ILE C 17 -27.27 -9.06 -32.72
CA ILE C 17 -26.37 -8.86 -31.59
C ILE C 17 -25.30 -7.88 -32.06
N HIS C 18 -24.98 -6.91 -31.20
CA HIS C 18 -24.16 -5.72 -31.45
C HIS C 18 -24.99 -4.64 -32.16
N ARG C 19 -26.24 -4.91 -32.49
CA ARG C 19 -27.19 -3.87 -32.92
C ARG C 19 -28.26 -3.81 -31.84
N HIS C 20 -27.97 -3.04 -30.78
CA HIS C 20 -28.85 -3.02 -29.63
C HIS C 20 -30.11 -2.21 -29.88
N LYS C 21 -29.97 -1.07 -30.56
CA LYS C 21 -31.09 -0.14 -30.75
C LYS C 21 -31.83 -0.51 -32.02
N LEU C 22 -33.01 -1.09 -31.88
CA LEU C 22 -33.83 -1.47 -33.02
C LEU C 22 -35.29 -1.17 -32.71
N VAL C 23 -36.09 -1.04 -33.77
CA VAL C 23 -37.54 -0.91 -33.64
C VAL C 23 -38.18 -1.96 -34.51
N VAL C 24 -39.15 -2.69 -33.96
CA VAL C 24 -39.82 -3.80 -34.64
C VAL C 24 -41.29 -3.43 -34.75
N MET C 25 -41.81 -3.45 -35.97
CA MET C 25 -43.18 -3.05 -36.25
C MET C 25 -43.91 -4.20 -36.93
N ARG C 26 -45.10 -4.51 -36.43
CA ARG C 26 -45.98 -5.50 -37.04
C ARG C 26 -46.96 -4.76 -37.96
N LEU C 27 -46.73 -4.87 -39.26
CA LEU C 27 -47.44 -4.08 -40.25
C LEU C 27 -48.42 -4.96 -41.02
N ASP C 28 -49.67 -4.52 -41.08
CA ASP C 28 -50.70 -5.23 -41.82
C ASP C 28 -50.80 -4.71 -43.25
N LEU C 29 -50.90 -5.64 -44.20
CA LEU C 29 -50.97 -5.30 -45.62
C LEU C 29 -52.28 -5.81 -46.22
N GLU C 30 -53.40 -5.55 -45.54
CA GLU C 30 -54.69 -6.14 -45.86
C GLU C 30 -54.99 -6.18 -47.35
N ASP C 31 -55.06 -5.00 -47.98
CA ASP C 31 -55.45 -4.92 -49.38
C ASP C 31 -54.28 -5.00 -50.35
N LEU C 32 -53.06 -4.80 -49.89
CA LEU C 32 -51.89 -4.81 -50.78
C LEU C 32 -50.89 -5.87 -50.31
N TYR C 33 -51.38 -7.09 -50.09
CA TYR C 33 -50.53 -8.12 -49.49
C TYR C 33 -49.51 -8.66 -50.49
N GLU C 34 -49.95 -9.08 -51.67
CA GLU C 34 -49.11 -9.86 -52.57
C GLU C 34 -49.05 -9.21 -53.95
N LYS C 35 -48.79 -7.91 -54.00
CA LYS C 35 -48.53 -7.22 -55.25
C LYS C 35 -47.20 -6.49 -55.14
N TYR C 36 -46.41 -6.58 -56.21
CA TYR C 36 -45.07 -6.01 -56.22
C TYR C 36 -45.13 -4.52 -56.59
N THR C 37 -43.96 -3.88 -56.56
CA THR C 37 -43.90 -2.46 -56.94
C THR C 37 -44.22 -2.27 -58.42
N SER C 38 -43.77 -3.20 -59.26
CA SER C 38 -44.09 -3.13 -60.69
C SER C 38 -45.58 -3.26 -60.95
N ASP C 39 -46.32 -3.91 -60.04
CA ASP C 39 -47.77 -4.04 -60.15
C ASP C 39 -48.51 -2.77 -59.75
N ILE C 40 -47.84 -1.84 -59.09
CA ILE C 40 -48.43 -0.58 -58.65
C ILE C 40 -48.10 0.49 -59.69
N PRO C 41 -49.08 1.13 -60.31
CA PRO C 41 -48.79 2.09 -61.39
C PRO C 41 -48.14 3.35 -60.84
N GLY C 42 -47.01 3.74 -61.43
CA GLY C 42 -46.34 4.96 -61.07
C GLY C 42 -45.73 4.99 -59.68
N PHE C 43 -45.66 3.85 -59.00
CA PHE C 43 -45.09 3.82 -57.66
C PHE C 43 -43.60 4.14 -57.70
N TYR C 44 -42.87 3.58 -58.65
CA TYR C 44 -41.42 3.77 -58.71
C TYR C 44 -41.08 5.24 -58.92
N LYS C 45 -41.78 5.89 -59.87
CA LYS C 45 -41.48 7.29 -60.18
C LYS C 45 -41.76 8.19 -58.99
N GLY C 46 -42.92 8.02 -58.35
CA GLY C 46 -43.23 8.82 -57.18
C GLY C 46 -42.26 8.59 -56.04
N LEU C 47 -41.89 7.33 -55.81
CA LEU C 47 -40.94 7.03 -54.74
C LEU C 47 -39.58 7.66 -55.02
N THR C 48 -39.11 7.58 -56.26
CA THR C 48 -37.78 8.10 -56.60
C THR C 48 -37.77 9.61 -56.73
N GLU C 49 -38.93 10.26 -56.90
CA GLU C 49 -38.94 11.72 -56.89
C GLU C 49 -39.15 12.29 -55.49
N VAL C 50 -39.86 11.56 -54.62
CA VAL C 50 -39.99 12.01 -53.23
C VAL C 50 -38.67 11.84 -52.50
N LEU C 51 -38.01 10.70 -52.68
CA LEU C 51 -36.76 10.38 -51.97
C LEU C 51 -35.70 9.94 -52.96
N PRO C 52 -35.08 10.89 -53.67
CA PRO C 52 -33.99 10.52 -54.58
C PRO C 52 -32.81 9.89 -53.88
N SER C 53 -32.57 10.24 -52.61
CA SER C 53 -31.40 9.73 -51.90
C SER C 53 -31.41 8.22 -51.76
N LEU C 54 -32.57 7.58 -51.95
CA LEU C 54 -32.65 6.12 -51.98
C LEU C 54 -31.67 5.52 -52.97
N VAL C 55 -31.19 6.30 -53.95
CA VAL C 55 -30.22 5.81 -54.91
C VAL C 55 -28.95 5.32 -54.24
N GLU C 56 -28.66 5.79 -53.01
CA GLU C 56 -27.46 5.36 -52.31
C GLU C 56 -27.59 3.95 -51.72
N HIS C 57 -28.81 3.50 -51.45
CA HIS C 57 -29.03 2.23 -50.77
C HIS C 57 -28.40 1.04 -51.51
N LEU C 58 -27.41 0.41 -50.89
CA LEU C 58 -26.78 -0.79 -51.43
C LEU C 58 -27.50 -2.00 -50.84
N CYS C 59 -28.42 -2.55 -51.63
CA CYS C 59 -29.18 -3.72 -51.19
C CYS C 59 -28.35 -4.99 -51.38
N SER C 60 -29.00 -6.15 -51.29
CA SER C 60 -28.30 -7.40 -51.53
C SER C 60 -27.57 -7.46 -52.87
N PRO C 61 -28.02 -6.78 -53.94
CA PRO C 61 -27.13 -6.65 -55.12
C PRO C 61 -25.78 -6.03 -54.78
N GLY C 62 -25.71 -5.14 -53.81
CA GLY C 62 -24.46 -4.58 -53.36
C GLY C 62 -23.86 -3.51 -54.26
N VAL C 63 -24.61 -3.02 -55.23
CA VAL C 63 -24.11 -2.02 -56.18
C VAL C 63 -24.96 -0.76 -56.02
N LYS C 64 -24.38 0.38 -56.40
CA LYS C 64 -25.08 1.65 -56.35
C LYS C 64 -26.41 1.58 -57.08
N GLY C 65 -27.48 1.94 -56.38
CA GLY C 65 -28.81 1.84 -56.95
C GLY C 65 -29.40 0.45 -56.93
N GLY C 66 -28.82 -0.48 -56.18
CA GLY C 66 -29.34 -1.84 -56.17
C GLY C 66 -30.77 -1.93 -55.66
N PHE C 67 -31.09 -1.15 -54.63
CA PHE C 67 -32.47 -1.13 -54.13
C PHE C 67 -33.42 -0.59 -55.20
N LEU C 68 -32.97 0.42 -55.96
CA LEU C 68 -33.80 0.94 -57.05
C LEU C 68 -34.01 -0.12 -58.13
N THR C 69 -32.97 -0.89 -58.43
CA THR C 69 -33.13 -2.00 -59.38
C THR C 69 -34.14 -3.03 -58.86
N ARG C 70 -34.08 -3.33 -57.55
CA ARG C 70 -35.05 -4.24 -56.97
C ARG C 70 -36.47 -3.70 -57.07
N VAL C 71 -36.64 -2.40 -56.84
CA VAL C 71 -37.95 -1.78 -56.99
C VAL C 71 -38.41 -1.88 -58.45
N GLU C 72 -37.49 -1.69 -59.39
CA GLU C 72 -37.82 -1.86 -60.81
C GLU C 72 -38.31 -3.28 -61.10
N LYS C 73 -37.60 -4.28 -60.57
CA LYS C 73 -38.03 -5.66 -60.77
C LYS C 73 -39.36 -5.95 -60.09
N GLY C 74 -39.61 -5.32 -58.95
CA GLY C 74 -40.88 -5.51 -58.25
C GLY C 74 -40.77 -6.46 -57.08
N THR C 75 -40.94 -5.94 -55.87
CA THR C 75 -40.91 -6.74 -54.65
C THR C 75 -42.02 -6.27 -53.72
N LEU C 76 -42.14 -6.96 -52.59
CA LEU C 76 -43.13 -6.61 -51.59
C LEU C 76 -42.79 -5.27 -50.97
N ILE C 77 -43.83 -4.58 -50.47
CA ILE C 77 -43.62 -3.23 -49.97
C ILE C 77 -42.97 -3.19 -48.60
N GLY C 78 -42.90 -4.32 -47.89
CA GLY C 78 -42.21 -4.32 -46.61
C GLY C 78 -40.77 -3.87 -46.76
N HIS C 79 -40.09 -4.35 -47.79
CA HIS C 79 -38.71 -3.96 -48.04
C HIS C 79 -38.59 -2.47 -48.31
N VAL C 80 -39.48 -1.92 -49.14
CA VAL C 80 -39.37 -0.50 -49.48
C VAL C 80 -39.74 0.37 -48.29
N ILE C 81 -40.69 -0.07 -47.46
CA ILE C 81 -41.02 0.68 -46.24
C ILE C 81 -39.85 0.69 -45.28
N GLU C 82 -39.19 -0.47 -45.13
CA GLU C 82 -37.94 -0.51 -44.35
C GLU C 82 -36.93 0.49 -44.88
N HIS C 83 -36.71 0.48 -46.20
CA HIS C 83 -35.69 1.35 -46.80
C HIS C 83 -36.06 2.82 -46.65
N VAL C 84 -37.34 3.17 -46.82
CA VAL C 84 -37.72 4.58 -46.73
C VAL C 84 -37.68 5.05 -45.28
N ALA C 85 -37.98 4.18 -44.31
CA ALA C 85 -37.79 4.56 -42.92
C ALA C 85 -36.33 4.81 -42.61
N ILE C 86 -35.46 3.92 -43.10
CA ILE C 86 -34.02 4.10 -42.89
C ILE C 86 -33.56 5.42 -43.48
N GLU C 87 -33.94 5.69 -44.73
CA GLU C 87 -33.49 6.91 -45.39
C GLU C 87 -34.13 8.15 -44.79
N LEU C 88 -35.37 8.03 -44.31
CA LEU C 88 -36.06 9.18 -43.72
C LEU C 88 -35.40 9.59 -42.42
N GLN C 89 -35.05 8.62 -41.56
CA GLN C 89 -34.35 9.01 -40.35
C GLN C 89 -32.86 9.25 -40.58
N GLU C 90 -32.32 8.85 -41.73
CA GLU C 90 -30.94 9.18 -42.05
C GLU C 90 -30.82 10.60 -42.61
N LEU C 91 -31.85 11.08 -43.32
CA LEU C 91 -31.83 12.44 -43.84
C LEU C 91 -31.84 13.48 -42.74
N ALA C 92 -32.37 13.14 -41.56
CA ALA C 92 -32.37 14.05 -40.42
C ALA C 92 -31.05 14.07 -39.67
N GLY C 93 -29.99 13.51 -40.25
CA GLY C 93 -28.68 13.53 -39.64
C GLY C 93 -28.37 12.36 -38.73
N MET C 94 -29.15 11.29 -38.78
CA MET C 94 -28.92 10.12 -37.93
C MET C 94 -28.55 8.92 -38.80
N PRO C 95 -27.26 8.60 -38.95
CA PRO C 95 -26.86 7.50 -39.82
C PRO C 95 -27.25 6.15 -39.23
N VAL C 96 -28.04 5.39 -39.98
CA VAL C 96 -28.48 4.06 -39.60
C VAL C 96 -28.30 3.13 -40.79
N GLY C 97 -27.85 1.91 -40.54
CA GLY C 97 -27.54 1.00 -41.63
C GLY C 97 -27.95 -0.45 -41.42
N PHE C 98 -29.03 -0.70 -40.66
CA PHE C 98 -29.52 -2.04 -40.45
C PHE C 98 -31.03 -2.07 -40.65
N GLY C 99 -31.49 -3.10 -41.36
CA GLY C 99 -32.91 -3.25 -41.60
C GLY C 99 -33.24 -4.66 -42.03
N ARG C 100 -34.43 -5.10 -41.65
CA ARG C 100 -34.89 -6.44 -41.98
C ARG C 100 -36.40 -6.43 -42.18
N THR C 101 -36.88 -7.41 -42.94
CA THR C 101 -38.31 -7.63 -43.09
C THR C 101 -38.57 -9.13 -43.18
N ARG C 102 -39.63 -9.58 -42.51
CA ARG C 102 -39.93 -11.00 -42.43
C ARG C 102 -41.43 -11.23 -42.50
N GLU C 103 -41.82 -12.31 -43.15
CA GLU C 103 -43.23 -12.69 -43.21
C GLU C 103 -43.59 -13.54 -41.99
N THR C 104 -44.62 -13.14 -41.28
CA THR C 104 -45.02 -13.82 -40.06
C THR C 104 -45.90 -15.02 -40.37
N SER C 105 -46.18 -15.82 -39.33
CA SER C 105 -47.02 -17.01 -39.50
C SER C 105 -48.44 -16.62 -39.90
N THR C 106 -48.98 -15.54 -39.33
CA THR C 106 -50.31 -15.11 -39.66
C THR C 106 -50.40 -14.66 -41.12
N THR C 107 -51.63 -14.59 -41.62
CA THR C 107 -51.84 -14.51 -43.07
C THR C 107 -51.30 -13.21 -43.65
N GLY C 108 -51.45 -12.09 -42.95
CA GLY C 108 -51.17 -10.82 -43.57
C GLY C 108 -50.02 -9.99 -42.99
N VAL C 109 -49.76 -10.15 -41.70
CA VAL C 109 -48.86 -9.25 -40.99
C VAL C 109 -47.42 -9.57 -41.35
N PHE C 110 -46.64 -8.52 -41.60
CA PHE C 110 -45.19 -8.58 -41.75
C PHE C 110 -44.53 -7.98 -40.52
N GLN C 111 -43.25 -8.27 -40.35
CA GLN C 111 -42.43 -7.68 -39.29
C GLN C 111 -41.29 -6.91 -39.95
N VAL C 112 -41.19 -5.62 -39.63
CA VAL C 112 -40.16 -4.75 -40.18
C VAL C 112 -39.29 -4.27 -39.02
N VAL C 113 -37.98 -4.45 -39.15
CA VAL C 113 -37.01 -4.11 -38.12
C VAL C 113 -36.11 -3.01 -38.68
N ILE C 114 -36.05 -1.89 -37.98
CA ILE C 114 -35.32 -0.71 -38.43
C ILE C 114 -34.35 -0.28 -37.34
N GLU C 115 -33.09 -0.06 -37.72
CA GLU C 115 -32.12 0.48 -36.77
C GLU C 115 -32.41 1.95 -36.51
N TYR C 116 -32.19 2.38 -35.27
CA TYR C 116 -32.41 3.77 -34.91
C TYR C 116 -31.23 4.29 -34.09
N GLU C 117 -31.06 5.60 -34.12
CA GLU C 117 -30.13 6.30 -33.24
C GLU C 117 -30.83 6.92 -32.04
N ASN C 118 -32.06 7.39 -32.22
CA ASN C 118 -32.89 7.93 -31.16
C ASN C 118 -34.19 7.14 -31.11
N GLU C 119 -34.64 6.80 -29.91
CA GLU C 119 -35.82 5.95 -29.75
C GLU C 119 -37.06 6.63 -30.32
N GLN C 120 -37.34 7.85 -29.87
CA GLN C 120 -38.50 8.57 -30.38
C GLN C 120 -38.37 8.86 -31.87
N ALA C 121 -37.17 9.24 -32.31
CA ALA C 121 -36.96 9.49 -33.73
C ALA C 121 -37.17 8.21 -34.55
N GLY C 122 -36.69 7.07 -34.05
CA GLY C 122 -36.89 5.82 -34.76
C GLY C 122 -38.35 5.44 -34.86
N ARG C 123 -39.08 5.57 -33.75
CA ARG C 123 -40.51 5.25 -33.77
C ARG C 123 -41.25 6.19 -34.72
N TYR C 124 -40.91 7.48 -34.70
CA TYR C 124 -41.59 8.44 -35.57
C TYR C 124 -41.28 8.15 -37.04
N ALA C 125 -40.04 7.77 -37.34
CA ALA C 125 -39.70 7.42 -38.72
C ALA C 125 -40.45 6.17 -39.17
N ALA C 126 -40.57 5.19 -38.28
CA ALA C 126 -41.35 3.99 -38.61
C ALA C 126 -42.81 4.34 -38.88
N ARG C 127 -43.38 5.22 -38.06
CA ARG C 127 -44.77 5.63 -38.27
C ARG C 127 -44.95 6.43 -39.55
N ALA C 128 -43.96 7.26 -39.89
CA ALA C 128 -44.06 8.11 -41.07
C ALA C 128 -43.83 7.35 -42.37
N ALA C 129 -43.03 6.27 -42.33
CA ALA C 129 -42.74 5.52 -43.55
C ALA C 129 -43.99 4.90 -44.13
N VAL C 130 -44.86 4.35 -43.28
CA VAL C 130 -46.07 3.71 -43.78
C VAL C 130 -47.03 4.74 -44.36
N ARG C 131 -47.12 5.92 -43.75
CA ARG C 131 -47.95 6.99 -44.31
C ARG C 131 -47.41 7.43 -45.67
N LEU C 132 -46.09 7.58 -45.77
CA LEU C 132 -45.48 8.00 -47.05
C LEU C 132 -45.75 6.98 -48.13
N CYS C 133 -45.56 5.69 -47.83
CA CYS C 133 -45.77 4.67 -48.85
C CYS C 133 -47.25 4.53 -49.21
N GLN C 134 -48.14 4.65 -48.22
CA GLN C 134 -49.58 4.61 -48.52
C GLN C 134 -49.98 5.78 -49.41
N SER C 135 -49.44 6.97 -49.13
CA SER C 135 -49.75 8.13 -49.96
C SER C 135 -49.24 7.95 -51.38
N ILE C 136 -48.06 7.35 -51.53
CA ILE C 136 -47.55 7.12 -52.89
C ILE C 136 -48.40 6.08 -53.62
N VAL C 137 -48.77 5.00 -52.95
CA VAL C 137 -49.58 3.98 -53.64
C VAL C 137 -51.00 4.46 -53.88
N ASP C 138 -51.45 5.50 -53.16
CA ASP C 138 -52.81 6.01 -53.37
C ASP C 138 -52.86 7.11 -54.41
N THR C 139 -51.96 8.09 -54.34
CA THR C 139 -52.00 9.26 -55.20
C THR C 139 -50.82 9.35 -56.16
N GLY C 140 -49.82 8.48 -56.04
CA GLY C 140 -48.67 8.51 -56.91
C GLY C 140 -47.54 9.40 -56.45
N THR C 141 -47.74 10.20 -55.41
CA THR C 141 -46.70 11.10 -54.92
C THR C 141 -47.01 11.50 -53.48
N TYR C 142 -46.00 12.05 -52.83
CA TYR C 142 -46.11 12.57 -51.47
C TYR C 142 -45.84 14.07 -51.48
N PRO C 143 -46.68 14.86 -50.81
CA PRO C 143 -46.45 16.31 -50.79
C PRO C 143 -45.09 16.67 -50.20
N ALA C 144 -44.44 17.66 -50.83
CA ALA C 144 -43.15 18.12 -50.33
C ALA C 144 -43.28 18.83 -48.99
N THR C 145 -44.41 19.51 -48.76
CA THR C 145 -44.63 20.16 -47.47
C THR C 145 -44.70 19.14 -46.34
N GLU C 146 -45.36 18.01 -46.57
CA GLU C 146 -45.43 16.97 -45.55
C GLU C 146 -44.06 16.34 -45.33
N LEU C 147 -43.28 16.16 -46.40
CA LEU C 147 -41.93 15.63 -46.25
C LEU C 147 -41.06 16.56 -45.43
N GLN C 148 -41.13 17.87 -45.69
CA GLN C 148 -40.36 18.82 -44.90
C GLN C 148 -40.84 18.86 -43.45
N GLN C 149 -42.15 18.77 -43.22
CA GLN C 149 -42.67 18.74 -41.86
C GLN C 149 -42.16 17.51 -41.11
N ASP C 150 -42.18 16.34 -41.75
CA ASP C 150 -41.66 15.14 -41.12
C ASP C 150 -40.16 15.23 -40.86
N LEU C 151 -39.40 15.78 -41.81
CA LEU C 151 -37.95 15.90 -41.61
C LEU C 151 -37.64 16.85 -40.47
N GLU C 152 -38.36 17.97 -40.37
CA GLU C 152 -38.09 18.91 -39.29
C GLU C 152 -38.55 18.34 -37.96
N ASP C 153 -39.62 17.54 -37.95
CA ASP C 153 -40.02 16.86 -36.71
C ASP C 153 -38.96 15.86 -36.28
N LEU C 154 -38.37 15.12 -37.22
CA LEU C 154 -37.29 14.21 -36.90
C LEU C 154 -36.08 14.95 -36.35
N LYS C 155 -35.73 16.08 -36.96
CA LYS C 155 -34.60 16.87 -36.48
C LYS C 155 -34.87 17.41 -35.07
N GLU C 156 -36.10 17.86 -34.82
CA GLU C 156 -36.45 18.34 -33.49
C GLU C 156 -36.38 17.21 -32.46
N LEU C 157 -36.84 16.01 -32.84
CA LEU C 157 -36.74 14.87 -31.93
C LEU C 157 -35.29 14.51 -31.63
N LYS C 158 -34.44 14.56 -32.66
CA LYS C 158 -33.02 14.28 -32.44
C LYS C 158 -32.39 15.31 -31.51
N ASN C 159 -32.69 16.60 -31.74
CA ASN C 159 -32.12 17.64 -30.89
C ASN C 159 -32.62 17.55 -29.46
N GLN C 160 -33.91 17.26 -29.28
CA GLN C 160 -34.49 17.20 -27.94
C GLN C 160 -33.86 16.09 -27.11
N ALA C 161 -33.73 14.90 -27.70
CA ALA C 161 -33.12 13.76 -27.01
C ALA C 161 -31.64 13.67 -27.35
N SER C 162 -30.91 14.72 -26.96
CA SER C 162 -29.48 14.80 -27.19
C SER C 162 -28.81 15.35 -25.93
N LEU C 163 -27.61 14.88 -25.67
CA LEU C 163 -26.81 15.33 -24.54
C LEU C 163 -26.05 16.61 -24.93
N GLY C 164 -25.43 17.24 -23.95
CA GLY C 164 -24.54 18.35 -24.21
C GLY C 164 -23.12 17.89 -24.47
N PRO C 165 -22.36 18.75 -25.17
CA PRO C 165 -21.10 18.28 -25.77
C PRO C 165 -20.13 17.63 -24.79
N SER C 166 -20.04 18.16 -23.57
CA SER C 166 -19.23 17.51 -22.55
C SER C 166 -19.71 16.09 -22.29
N THR C 167 -21.04 15.91 -22.26
CA THR C 167 -21.58 14.60 -21.94
C THR C 167 -21.33 13.60 -23.07
N GLU C 168 -21.47 14.00 -24.34
CA GLU C 168 -21.08 13.07 -25.41
C GLU C 168 -19.59 12.74 -25.33
N ALA C 169 -18.74 13.74 -25.06
CA ALA C 169 -17.32 13.44 -24.98
C ALA C 169 -17.04 12.39 -23.92
N ILE C 170 -17.60 12.58 -22.73
CA ILE C 170 -17.34 11.65 -21.63
C ILE C 170 -17.95 10.27 -21.93
N VAL C 171 -19.17 10.25 -22.47
CA VAL C 171 -19.84 9.00 -22.77
C VAL C 171 -19.09 8.23 -23.86
N LYS C 172 -18.59 8.95 -24.87
CA LYS C 172 -17.83 8.31 -25.93
C LYS C 172 -16.53 7.73 -25.40
N GLU C 173 -15.86 8.45 -24.49
CA GLU C 173 -14.67 7.88 -23.87
C GLU C 173 -15.01 6.61 -23.09
N ALA C 174 -16.12 6.64 -22.33
CA ALA C 174 -16.52 5.47 -21.57
C ALA C 174 -16.83 4.29 -22.49
N GLU C 175 -17.50 4.55 -23.60
CA GLU C 175 -17.77 3.49 -24.58
C GLU C 175 -16.47 2.94 -25.16
N ALA C 176 -15.51 3.83 -25.44
CA ALA C 176 -14.23 3.39 -25.96
C ALA C 176 -13.49 2.50 -24.96
N ARG C 177 -13.69 2.75 -23.66
CA ARG C 177 -13.06 1.93 -22.63
C ARG C 177 -13.91 0.74 -22.21
N GLY C 178 -15.07 0.54 -22.82
CA GLY C 178 -15.91 -0.58 -22.47
C GLY C 178 -16.62 -0.45 -21.14
N ILE C 179 -16.80 0.77 -20.65
CA ILE C 179 -17.49 1.01 -19.39
C ILE C 179 -18.98 1.16 -19.69
N PRO C 180 -19.84 0.35 -19.10
CA PRO C 180 -21.29 0.51 -19.32
C PRO C 180 -21.77 1.87 -18.85
N TRP C 181 -22.70 2.44 -19.61
CA TRP C 181 -23.28 3.74 -19.26
C TRP C 181 -24.77 3.72 -19.51
N THR C 182 -25.52 4.32 -18.60
CA THR C 182 -26.96 4.42 -18.71
C THR C 182 -27.39 5.83 -18.33
N GLN C 183 -28.58 6.22 -18.77
CA GLN C 183 -29.12 7.54 -18.51
C GLN C 183 -30.15 7.45 -17.39
N LEU C 184 -29.89 8.15 -16.29
CA LEU C 184 -30.85 8.23 -15.20
C LEU C 184 -31.98 9.17 -15.58
N GLY C 185 -33.12 8.99 -14.90
CA GLY C 185 -34.33 9.72 -15.25
C GLY C 185 -34.63 10.95 -14.41
N ALA C 186 -33.71 11.42 -13.57
CA ALA C 186 -34.00 12.53 -12.67
C ALA C 186 -33.54 13.88 -13.23
N ARG C 187 -32.24 14.06 -13.42
CA ARG C 187 -31.69 15.38 -13.72
C ARG C 187 -30.61 15.29 -14.79
N PHE C 188 -30.88 14.52 -15.85
CA PHE C 188 -29.94 14.34 -16.95
C PHE C 188 -28.61 13.78 -16.45
N MET C 189 -28.68 12.89 -15.47
CA MET C 189 -27.50 12.26 -14.90
C MET C 189 -27.19 10.96 -15.64
N ILE C 190 -25.89 10.70 -15.78
CA ILE C 190 -25.39 9.49 -16.43
C ILE C 190 -24.71 8.63 -15.39
N GLN C 191 -25.08 7.35 -15.35
CA GLN C 191 -24.48 6.37 -14.46
C GLN C 191 -23.52 5.50 -15.25
N PHE C 192 -22.28 5.43 -14.80
CA PHE C 192 -21.26 4.57 -15.39
C PHE C 192 -21.05 3.36 -14.50
N GLY C 193 -20.94 2.18 -15.10
CA GLY C 193 -20.69 0.98 -14.33
C GLY C 193 -21.93 0.44 -13.67
N TYR C 194 -21.72 -0.59 -12.83
CA TYR C 194 -22.80 -1.33 -12.21
C TYR C 194 -22.56 -1.46 -10.72
N GLY C 195 -23.65 -1.50 -9.96
CA GLY C 195 -23.59 -1.90 -8.56
C GLY C 195 -22.68 -1.01 -7.72
N VAL C 196 -21.83 -1.65 -6.92
CA VAL C 196 -20.93 -0.93 -6.03
C VAL C 196 -19.82 -0.20 -6.78
N ASN C 197 -19.62 -0.50 -8.05
CA ASN C 197 -18.57 0.10 -8.85
C ASN C 197 -19.04 1.26 -9.70
N GLN C 198 -20.28 1.72 -9.49
CA GLN C 198 -20.85 2.75 -10.34
C GLN C 198 -20.36 4.14 -9.95
N LYS C 199 -20.44 5.06 -10.91
CA LYS C 199 -20.18 6.47 -10.71
C LYS C 199 -21.29 7.25 -11.42
N LYS C 200 -21.40 8.53 -11.09
CA LYS C 200 -22.42 9.38 -11.70
C LYS C 200 -21.80 10.70 -12.14
N ILE C 201 -22.25 11.19 -13.29
CA ILE C 201 -21.88 12.52 -13.75
C ILE C 201 -23.14 13.24 -14.21
N GLN C 202 -23.13 14.57 -14.14
CA GLN C 202 -24.25 15.30 -14.72
C GLN C 202 -23.87 15.90 -16.06
N ALA C 203 -22.95 16.87 -16.06
CA ALA C 203 -22.24 17.29 -17.26
C ALA C 203 -20.74 17.19 -17.08
N THR C 204 -20.21 17.84 -16.04
CA THR C 204 -18.83 17.71 -15.62
C THR C 204 -18.70 17.47 -14.13
N LEU C 205 -19.74 17.72 -13.35
CA LEU C 205 -19.75 17.35 -11.94
C LEU C 205 -19.92 15.85 -11.79
N SER C 206 -19.04 15.23 -11.01
CA SER C 206 -19.17 13.83 -10.71
C SER C 206 -19.88 13.64 -9.37
N ASN C 207 -20.20 12.39 -9.04
CA ASN C 207 -20.83 12.12 -7.76
C ASN C 207 -19.90 12.36 -6.58
N GLN C 208 -18.61 12.55 -6.82
CA GLN C 208 -17.65 12.85 -5.78
C GLN C 208 -17.31 14.33 -5.68
N THR C 209 -17.91 15.18 -6.52
CA THR C 209 -17.69 16.61 -6.42
C THR C 209 -18.43 17.16 -5.20
N GLY C 210 -17.71 17.93 -4.38
CA GLY C 210 -18.25 18.34 -3.11
C GLY C 210 -19.20 19.54 -3.23
N ILE C 211 -20.24 19.53 -2.39
CA ILE C 211 -21.14 20.67 -2.29
C ILE C 211 -20.39 21.91 -1.81
N LEU C 212 -19.52 21.74 -0.82
CA LEU C 212 -18.82 22.89 -0.24
C LEU C 212 -17.89 23.55 -1.26
N GLY C 213 -17.15 22.75 -2.02
CA GLY C 213 -16.26 23.32 -3.02
C GLY C 213 -17.01 24.03 -4.13
N VAL C 214 -18.11 23.45 -4.61
CA VAL C 214 -18.89 24.08 -5.65
C VAL C 214 -19.48 25.39 -5.17
N GLU C 215 -20.02 25.39 -3.94
CA GLU C 215 -20.62 26.61 -3.42
C GLU C 215 -19.58 27.67 -3.10
N LEU C 216 -18.37 27.26 -2.74
CA LEU C 216 -17.30 28.23 -2.51
C LEU C 216 -16.81 28.83 -3.82
N ALA C 217 -16.76 28.02 -4.88
CA ALA C 217 -16.35 28.54 -6.18
C ALA C 217 -17.32 29.58 -6.70
N CYS C 218 -18.62 29.36 -6.50
CA CYS C 218 -19.63 30.32 -6.95
C CYS C 218 -19.61 31.61 -6.15
N ASP C 219 -18.98 31.63 -4.98
CA ASP C 219 -18.85 32.84 -4.17
C ASP C 219 -17.52 33.49 -4.52
N LYS C 220 -17.58 34.62 -5.23
CA LYS C 220 -16.35 35.29 -5.67
C LYS C 220 -15.54 35.79 -4.49
N GLU C 221 -16.18 36.50 -3.57
CA GLU C 221 -15.45 37.09 -2.44
C GLU C 221 -14.91 36.02 -1.51
N GLY C 222 -15.71 34.97 -1.24
CA GLY C 222 -15.21 33.88 -0.42
C GLY C 222 -14.03 33.17 -1.04
N THR C 223 -14.09 32.93 -2.35
CA THR C 223 -12.96 32.31 -3.04
C THR C 223 -11.72 33.19 -2.97
N LYS C 224 -11.89 34.50 -3.18
CA LYS C 224 -10.75 35.41 -3.09
C LYS C 224 -10.16 35.39 -1.69
N ARG C 225 -11.00 35.42 -0.66
CA ARG C 225 -10.52 35.41 0.72
C ARG C 225 -9.75 34.13 1.02
N ILE C 226 -10.30 32.98 0.62
CA ILE C 226 -9.64 31.71 0.90
C ILE C 226 -8.31 31.62 0.16
N LEU C 227 -8.28 32.04 -1.11
CA LEU C 227 -7.04 31.96 -1.87
C LEU C 227 -5.99 32.92 -1.32
N LYS C 228 -6.42 34.11 -0.89
CA LYS C 228 -5.48 35.06 -0.30
C LYS C 228 -4.92 34.53 1.02
N ASP C 229 -5.75 33.87 1.82
CA ASP C 229 -5.27 33.25 3.04
C ASP C 229 -4.25 32.16 2.77
N ALA C 230 -4.22 31.60 1.56
CA ALA C 230 -3.30 30.54 1.18
C ALA C 230 -2.08 31.04 0.43
N GLY C 231 -1.92 32.36 0.32
CA GLY C 231 -0.79 32.93 -0.39
C GLY C 231 -0.93 32.99 -1.89
N VAL C 232 -2.09 32.65 -2.42
CA VAL C 232 -2.34 32.68 -3.87
C VAL C 232 -2.45 34.14 -4.33
N PRO C 233 -1.83 34.52 -5.43
CA PRO C 233 -1.93 35.91 -5.90
C PRO C 233 -3.28 36.25 -6.52
N VAL C 234 -4.26 36.63 -5.70
CA VAL C 234 -5.56 37.06 -6.20
C VAL C 234 -5.55 38.56 -6.43
N PRO C 235 -6.41 39.10 -7.29
CA PRO C 235 -6.43 40.55 -7.50
C PRO C 235 -6.88 41.30 -6.26
N ARG C 236 -6.32 42.49 -6.09
CA ARG C 236 -6.64 43.35 -4.95
C ARG C 236 -7.90 44.14 -5.24
N GLY C 237 -8.89 44.06 -4.35
CA GLY C 237 -10.14 44.75 -4.58
C GLY C 237 -11.06 44.65 -3.38
N THR C 238 -12.25 45.24 -3.54
CA THR C 238 -13.24 45.28 -2.48
C THR C 238 -14.62 45.46 -3.09
N VAL C 239 -15.62 45.16 -2.29
CA VAL C 239 -17.02 45.24 -2.73
C VAL C 239 -17.56 46.64 -2.45
N ALA C 240 -18.56 47.05 -3.22
CA ALA C 240 -19.19 48.36 -3.05
C ALA C 240 -20.65 48.22 -3.43
N ARG C 241 -21.55 48.32 -2.44
CA ARG C 241 -22.96 48.12 -2.70
C ARG C 241 -23.64 49.38 -3.22
N TYR C 242 -23.23 50.55 -2.74
CA TYR C 242 -23.89 51.81 -3.06
C TYR C 242 -22.98 52.70 -3.89
N PHE C 243 -23.56 53.83 -4.33
CA PHE C 243 -22.81 54.78 -5.16
C PHE C 243 -21.83 55.59 -4.33
N ASP C 244 -22.16 55.88 -3.07
CA ASP C 244 -21.32 56.74 -2.25
C ASP C 244 -19.97 56.10 -1.93
N GLU C 245 -19.87 54.78 -2.06
CA GLU C 245 -18.66 54.05 -1.69
C GLU C 245 -17.68 53.90 -2.85
N LEU C 246 -17.97 54.48 -4.02
CA LEU C 246 -17.14 54.26 -5.19
C LEU C 246 -15.73 54.80 -4.99
N GLN C 247 -15.61 56.08 -4.61
CA GLN C 247 -14.30 56.65 -4.31
C GLN C 247 -13.57 55.80 -3.28
N ASP C 248 -14.13 55.68 -2.08
CA ASP C 248 -13.46 55.03 -0.96
C ASP C 248 -12.96 53.64 -1.35
N ALA C 249 -13.69 52.97 -2.23
CA ALA C 249 -13.22 51.70 -2.79
C ALA C 249 -12.07 51.90 -3.76
N ILE C 250 -12.12 52.96 -4.59
CA ILE C 250 -11.06 53.16 -5.58
C ILE C 250 -9.72 53.46 -4.91
N GLU C 251 -9.71 54.30 -3.88
CA GLU C 251 -8.43 54.54 -3.21
C GLU C 251 -7.91 53.29 -2.50
N TYR C 252 -8.77 52.30 -2.23
CA TYR C 252 -8.31 51.09 -1.58
C TYR C 252 -7.42 50.25 -2.48
N VAL C 253 -7.82 50.09 -3.76
CA VAL C 253 -7.10 49.17 -4.64
C VAL C 253 -5.71 49.68 -5.01
N GLY C 254 -5.48 50.99 -4.90
CA GLY C 254 -4.15 51.52 -5.14
C GLY C 254 -4.00 52.34 -6.40
N GLY C 255 -5.04 53.08 -6.78
CA GLY C 255 -4.97 54.02 -7.89
C GLY C 255 -5.77 53.54 -9.08
N TYR C 256 -5.20 53.73 -10.27
CA TYR C 256 -5.82 53.43 -11.54
C TYR C 256 -4.87 52.61 -12.39
N PRO C 257 -5.39 51.82 -13.35
CA PRO C 257 -6.81 51.59 -13.67
C PRO C 257 -7.46 50.53 -12.79
N ILE C 258 -8.79 50.46 -12.81
CA ILE C 258 -9.54 49.52 -12.00
C ILE C 258 -10.55 48.77 -12.87
N VAL C 259 -11.17 47.77 -12.28
CA VAL C 259 -12.18 46.92 -12.92
C VAL C 259 -13.43 46.93 -12.07
N ILE C 260 -14.58 47.07 -12.72
CA ILE C 260 -15.89 47.11 -12.08
C ILE C 260 -16.69 45.92 -12.59
N LYS C 261 -17.21 45.10 -11.68
CA LYS C 261 -17.98 43.94 -12.17
C LYS C 261 -18.97 43.41 -11.14
N PRO C 262 -20.14 42.95 -11.55
CA PRO C 262 -21.10 42.39 -10.59
C PRO C 262 -20.62 41.05 -10.05
N LEU C 263 -21.03 40.75 -8.81
CA LEU C 263 -20.70 39.48 -8.19
C LEU C 263 -21.71 38.38 -8.50
N ASP C 264 -22.95 38.74 -8.82
CA ASP C 264 -23.97 37.78 -9.20
C ASP C 264 -24.00 37.55 -10.71
N GLY C 265 -22.87 37.73 -11.39
CA GLY C 265 -22.80 37.63 -12.83
C GLY C 265 -21.92 36.48 -13.30
N ASN C 266 -22.12 36.12 -14.57
CA ASN C 266 -21.36 35.05 -15.20
C ASN C 266 -21.36 35.31 -16.71
N HIS C 267 -20.38 34.71 -17.38
CA HIS C 267 -20.22 34.86 -18.84
C HIS C 267 -20.09 36.33 -19.25
N GLY C 268 -19.51 37.13 -18.38
CA GLY C 268 -19.32 38.55 -18.66
C GLY C 268 -20.60 39.36 -18.76
N ARG C 269 -21.55 39.15 -17.86
CA ARG C 269 -22.79 39.92 -17.85
C ARG C 269 -22.50 41.30 -17.26
N GLY C 270 -22.37 42.29 -18.12
CA GLY C 270 -22.21 43.67 -17.68
C GLY C 270 -20.93 43.94 -16.93
N ILE C 271 -19.80 43.44 -17.41
CA ILE C 271 -18.50 43.67 -16.79
C ILE C 271 -17.72 44.66 -17.65
N THR C 272 -17.15 45.67 -17.00
CA THR C 272 -16.27 46.63 -17.66
C THR C 272 -14.85 46.34 -17.23
N ILE C 273 -13.93 46.28 -18.20
CA ILE C 273 -12.58 45.84 -17.90
C ILE C 273 -11.70 47.02 -17.48
N ASP C 274 -11.51 47.99 -18.38
CA ASP C 274 -10.56 49.07 -18.18
C ASP C 274 -11.30 50.40 -18.05
N VAL C 275 -11.08 51.09 -16.93
CA VAL C 275 -11.58 52.44 -16.71
C VAL C 275 -10.46 53.27 -16.11
N LYS C 276 -10.33 54.53 -16.56
CA LYS C 276 -9.23 55.38 -16.13
C LYS C 276 -9.68 56.75 -15.63
N ASN C 277 -10.99 56.96 -15.42
CA ASN C 277 -11.48 58.24 -14.95
C ASN C 277 -12.82 58.04 -14.25
N TRP C 278 -13.29 59.11 -13.61
CA TRP C 278 -14.50 59.01 -12.80
C TRP C 278 -15.77 58.90 -13.64
N GLN C 279 -15.80 59.52 -14.81
CA GLN C 279 -16.97 59.37 -15.68
C GLN C 279 -17.13 57.92 -16.13
N GLU C 280 -16.03 57.31 -16.58
CA GLU C 280 -16.05 55.90 -16.91
C GLU C 280 -16.38 55.06 -15.69
N ALA C 281 -15.87 55.44 -14.51
CA ALA C 281 -16.13 54.68 -13.30
C ALA C 281 -17.62 54.68 -12.97
N GLU C 282 -18.27 55.85 -13.05
CA GLU C 282 -19.69 55.92 -12.68
C GLU C 282 -20.57 55.25 -13.73
N GLU C 283 -20.25 55.42 -15.02
CA GLU C 283 -20.99 54.69 -16.04
C GLU C 283 -20.84 53.19 -15.86
N ALA C 284 -19.63 52.75 -15.51
CA ALA C 284 -19.36 51.34 -15.26
C ALA C 284 -20.16 50.83 -14.08
N TYR C 285 -20.20 51.59 -12.99
CA TYR C 285 -20.97 51.17 -11.82
C TYR C 285 -22.44 51.05 -12.16
N ASP C 286 -22.97 52.02 -12.90
CA ASP C 286 -24.39 51.98 -13.27
C ASP C 286 -24.68 50.76 -14.13
N LEU C 287 -23.83 50.50 -15.13
CA LEU C 287 -24.07 49.37 -16.03
C LEU C 287 -23.97 48.04 -15.29
N ALA C 288 -22.97 47.89 -14.42
CA ALA C 288 -22.83 46.65 -13.66
C ALA C 288 -23.98 46.46 -12.69
N ARG C 289 -24.44 47.54 -12.05
CA ARG C 289 -25.58 47.45 -11.16
C ARG C 289 -26.83 47.04 -11.92
N LYS C 290 -27.01 47.55 -13.13
CA LYS C 290 -28.11 47.09 -13.98
C LYS C 290 -27.97 45.61 -14.29
N ALA C 291 -26.76 45.15 -14.60
CA ALA C 291 -26.54 43.74 -14.84
C ALA C 291 -26.57 42.91 -13.56
N SER C 292 -26.38 43.54 -12.41
CA SER C 292 -26.38 42.82 -11.14
C SER C 292 -27.79 42.43 -10.73
N LYS C 293 -27.97 41.18 -10.29
CA LYS C 293 -29.25 40.71 -9.80
C LYS C 293 -29.52 41.14 -8.37
N THR C 294 -28.50 41.58 -7.63
CA THR C 294 -28.66 41.99 -6.24
C THR C 294 -28.13 43.40 -6.00
N LYS C 295 -27.90 44.17 -7.06
CA LYS C 295 -27.46 45.57 -6.98
C LYS C 295 -26.13 45.71 -6.24
N THR C 296 -25.25 44.71 -6.33
CA THR C 296 -23.97 44.73 -5.63
C THR C 296 -22.86 44.50 -6.64
N VAL C 297 -21.78 45.27 -6.51
CA VAL C 297 -20.69 45.26 -7.49
C VAL C 297 -19.36 45.18 -6.74
N ILE C 298 -18.32 44.77 -7.46
CA ILE C 298 -16.96 44.67 -6.93
C ILE C 298 -16.06 45.58 -7.75
N VAL C 299 -15.23 46.36 -7.06
CA VAL C 299 -14.14 47.10 -7.67
C VAL C 299 -12.87 46.31 -7.39
N GLU C 300 -11.91 46.39 -8.29
CA GLU C 300 -10.61 45.78 -8.02
C GLU C 300 -9.55 46.42 -8.90
N ARG C 301 -8.29 46.13 -8.59
CA ARG C 301 -7.19 46.60 -9.41
C ARG C 301 -7.24 45.92 -10.77
N TYR C 302 -6.84 46.66 -11.81
CA TYR C 302 -6.79 46.10 -13.16
C TYR C 302 -5.40 45.53 -13.40
N TYR C 303 -5.35 44.28 -13.86
CA TYR C 303 -4.11 43.58 -14.13
C TYR C 303 -3.96 43.38 -15.63
N THR C 304 -2.86 43.88 -16.18
CA THR C 304 -2.57 43.69 -17.59
C THR C 304 -2.04 42.28 -17.82
N GLY C 305 -2.36 41.73 -18.98
CA GLY C 305 -1.92 40.41 -19.36
C GLY C 305 -3.03 39.65 -20.07
N LYS C 306 -2.64 38.55 -20.73
CA LYS C 306 -3.58 37.74 -21.45
C LYS C 306 -4.40 36.88 -20.49
N ASP C 307 -5.57 36.47 -20.97
CA ASP C 307 -6.51 35.67 -20.19
C ASP C 307 -6.35 34.19 -20.56
N HIS C 308 -6.05 33.36 -19.56
CA HIS C 308 -5.88 31.93 -19.75
C HIS C 308 -6.93 31.17 -18.96
N ARG C 309 -7.39 30.07 -19.53
CA ARG C 309 -8.25 29.12 -18.85
C ARG C 309 -7.45 27.84 -18.61
N VAL C 310 -7.34 27.44 -17.36
CA VAL C 310 -6.60 26.23 -16.98
C VAL C 310 -7.59 25.21 -16.45
N LEU C 311 -7.59 24.03 -17.04
CA LEU C 311 -8.46 22.95 -16.61
C LEU C 311 -7.67 22.03 -15.68
N VAL C 312 -8.21 21.77 -14.50
CA VAL C 312 -7.58 20.91 -13.51
C VAL C 312 -8.52 19.74 -13.26
N VAL C 313 -8.05 18.53 -13.50
CA VAL C 313 -8.80 17.31 -13.28
C VAL C 313 -8.02 16.45 -12.30
N ASN C 314 -8.69 16.02 -11.23
CA ASN C 314 -8.09 15.16 -10.21
C ASN C 314 -6.80 15.76 -9.64
N GLY C 315 -6.76 17.07 -9.52
CA GLY C 315 -5.59 17.74 -8.98
C GLY C 315 -4.43 17.87 -9.93
N LYS C 316 -4.61 17.59 -11.22
CA LYS C 316 -3.55 17.74 -12.21
C LYS C 316 -4.01 18.67 -13.32
N VAL C 317 -3.10 19.51 -13.80
CA VAL C 317 -3.39 20.42 -14.89
C VAL C 317 -3.46 19.59 -16.18
N VAL C 318 -4.62 19.61 -16.84
CA VAL C 318 -4.83 18.80 -18.04
C VAL C 318 -4.69 19.64 -19.30
N ALA C 319 -5.26 20.84 -19.31
CA ALA C 319 -5.22 21.68 -20.49
C ALA C 319 -5.14 23.14 -20.07
N VAL C 320 -4.37 23.92 -20.83
CA VAL C 320 -4.26 25.37 -20.64
C VAL C 320 -4.59 26.03 -21.96
N ALA C 321 -5.51 26.99 -21.95
CA ALA C 321 -5.92 27.68 -23.15
C ALA C 321 -5.93 29.18 -22.89
N GLU C 322 -5.30 29.93 -23.80
CA GLU C 322 -5.35 31.38 -23.78
C GLU C 322 -6.52 31.85 -24.63
N ARG C 323 -7.35 32.71 -24.05
CA ARG C 323 -8.57 33.22 -24.75
C ARG C 323 -8.29 34.58 -25.38
N VAL C 324 -8.21 34.61 -26.72
CA VAL C 324 -7.99 35.84 -27.47
C VAL C 324 -9.35 36.34 -27.94
N PRO C 325 -9.73 37.58 -27.65
CA PRO C 325 -11.04 38.07 -28.06
C PRO C 325 -11.11 38.22 -29.58
N ALA C 326 -12.33 38.41 -30.08
CA ALA C 326 -12.57 38.55 -31.51
C ALA C 326 -11.70 39.64 -32.10
N HIS C 327 -10.86 39.27 -33.06
CA HIS C 327 -9.91 40.21 -33.65
C HIS C 327 -9.74 39.88 -35.12
N VAL C 328 -9.20 40.84 -35.85
CA VAL C 328 -8.86 40.66 -37.26
C VAL C 328 -7.48 41.25 -37.51
N VAL C 329 -6.74 40.65 -38.43
CA VAL C 329 -5.39 41.10 -38.78
C VAL C 329 -5.40 41.48 -40.26
N GLY C 330 -4.99 42.72 -40.54
CA GLY C 330 -4.99 43.23 -41.90
C GLY C 330 -3.67 43.08 -42.63
N ASN C 331 -3.09 41.89 -42.59
CA ASN C 331 -1.85 41.65 -43.31
C ASN C 331 -2.04 41.48 -44.81
N GLY C 332 -3.28 41.32 -45.26
CA GLY C 332 -3.57 41.22 -46.68
C GLY C 332 -3.96 42.54 -47.30
N LYS C 333 -3.61 43.64 -46.62
CA LYS C 333 -3.94 45.00 -47.06
C LYS C 333 -5.44 45.17 -47.22
N SER C 334 -6.21 44.62 -46.27
CA SER C 334 -7.65 44.73 -46.26
C SER C 334 -8.10 45.23 -44.89
N THR C 335 -9.20 45.99 -44.88
CA THR C 335 -9.68 46.61 -43.66
C THR C 335 -10.71 45.72 -42.97
N ILE C 336 -11.29 46.25 -41.89
CA ILE C 336 -12.23 45.47 -41.08
C ILE C 336 -13.50 45.17 -41.86
N ALA C 337 -13.92 46.11 -42.72
CA ALA C 337 -15.21 45.99 -43.42
C ALA C 337 -15.30 44.71 -44.25
N GLU C 338 -14.17 44.26 -44.80
CA GLU C 338 -14.17 43.01 -45.55
C GLU C 338 -13.95 41.81 -44.65
N LEU C 339 -13.05 41.94 -43.68
CA LEU C 339 -12.67 40.79 -42.86
C LEU C 339 -13.81 40.32 -41.96
N ILE C 340 -14.71 41.22 -41.56
CA ILE C 340 -15.80 40.83 -40.67
C ILE C 340 -16.62 39.70 -41.29
N GLU C 341 -16.89 39.79 -42.60
CA GLU C 341 -17.61 38.73 -43.29
C GLU C 341 -16.68 37.72 -43.97
N GLU C 342 -15.41 38.08 -44.17
CA GLU C 342 -14.44 37.10 -44.66
C GLU C 342 -14.25 35.98 -43.65
N THR C 343 -14.15 36.34 -42.37
CA THR C 343 -14.08 35.32 -41.32
C THR C 343 -15.40 34.58 -41.19
N ASN C 344 -16.52 35.28 -41.39
CA ASN C 344 -17.83 34.66 -41.27
C ASN C 344 -18.06 33.58 -42.31
N ARG C 345 -17.33 33.61 -43.42
CA ARG C 345 -17.47 32.61 -44.47
C ARG C 345 -16.62 31.37 -44.23
N ASP C 346 -15.84 31.35 -43.15
CA ASP C 346 -15.05 30.18 -42.79
C ASP C 346 -15.99 29.05 -42.38
N PRO C 347 -15.83 27.85 -42.93
CA PRO C 347 -16.67 26.72 -42.48
C PRO C 347 -16.53 26.41 -41.00
N GLN C 348 -15.44 26.83 -40.36
CA GLN C 348 -15.32 26.68 -38.91
C GLN C 348 -16.39 27.44 -38.15
N ARG C 349 -16.95 28.49 -38.75
CA ARG C 349 -18.01 29.26 -38.09
C ARG C 349 -19.25 28.39 -37.89
N GLY C 350 -19.83 28.48 -36.70
CA GLY C 350 -21.01 27.72 -36.37
C GLY C 350 -21.70 28.18 -35.11
N ASP C 351 -23.02 28.26 -35.15
CA ASP C 351 -23.82 28.71 -34.02
C ASP C 351 -24.32 27.51 -33.23
N GLY C 352 -25.23 27.75 -32.29
CA GLY C 352 -25.82 26.69 -31.50
C GLY C 352 -24.96 26.27 -30.33
N HIS C 353 -24.99 24.96 -30.00
CA HIS C 353 -24.22 24.44 -28.89
C HIS C 353 -23.32 23.29 -29.32
N ASP C 354 -23.01 23.19 -30.61
CA ASP C 354 -22.13 22.15 -31.12
C ASP C 354 -20.82 22.70 -31.67
N ASN C 355 -20.87 23.66 -32.58
CA ASN C 355 -19.66 24.28 -33.10
C ASN C 355 -19.18 25.33 -32.12
N ILE C 356 -17.95 25.16 -31.62
CA ILE C 356 -17.44 26.03 -30.58
C ILE C 356 -17.11 27.41 -31.13
N LEU C 357 -16.63 27.48 -32.37
CA LEU C 357 -16.12 28.72 -32.95
C LEU C 357 -17.31 29.49 -33.52
N THR C 358 -17.88 30.36 -32.69
CA THR C 358 -19.06 31.13 -33.06
C THR C 358 -18.67 32.25 -34.03
N ARG C 359 -19.59 32.57 -34.93
CA ARG C 359 -19.37 33.64 -35.89
C ARG C 359 -19.26 34.98 -35.17
N ILE C 360 -18.56 35.91 -35.81
CA ILE C 360 -18.35 37.24 -35.25
C ILE C 360 -19.66 38.00 -35.28
N THR C 361 -20.29 38.15 -34.12
CA THR C 361 -21.57 38.86 -34.03
C THR C 361 -21.29 40.35 -33.84
N VAL C 362 -21.69 41.15 -34.83
CA VAL C 362 -21.47 42.60 -34.79
C VAL C 362 -22.74 43.23 -34.22
N ASP C 363 -22.70 43.53 -32.93
CA ASP C 363 -23.81 44.17 -32.25
C ASP C 363 -23.50 45.65 -32.02
N LYS C 364 -24.51 46.39 -31.57
CA LYS C 364 -24.30 47.80 -31.25
C LYS C 364 -23.29 47.97 -30.12
N SER C 365 -23.27 47.03 -29.17
CA SER C 365 -22.23 47.04 -28.15
C SER C 365 -20.85 46.82 -28.78
N ALA C 366 -20.76 45.90 -29.73
CA ALA C 366 -19.51 45.72 -30.47
C ALA C 366 -19.15 46.98 -31.24
N LEU C 367 -20.14 47.66 -31.82
CA LEU C 367 -19.87 48.92 -32.50
C LEU C 367 -19.31 49.96 -31.54
N ASP C 368 -19.87 50.03 -30.33
CA ASP C 368 -19.35 50.95 -29.32
C ASP C 368 -17.91 50.58 -28.94
N ILE C 369 -17.62 49.30 -28.79
CA ILE C 369 -16.29 48.87 -28.40
C ILE C 369 -15.28 49.23 -29.50
N LEU C 370 -15.63 48.96 -30.76
CA LEU C 370 -14.72 49.32 -31.84
C LEU C 370 -14.63 50.83 -32.05
N GLY C 371 -15.65 51.58 -31.62
CA GLY C 371 -15.50 53.02 -31.55
C GLY C 371 -14.49 53.44 -30.51
N LYS C 372 -14.52 52.81 -29.33
CA LYS C 372 -13.50 53.03 -28.32
C LYS C 372 -12.13 52.57 -28.77
N GLN C 373 -12.08 51.65 -29.74
CA GLN C 373 -10.81 51.10 -30.22
C GLN C 373 -9.87 52.18 -30.73
N GLY C 374 -10.41 53.24 -31.33
CA GLY C 374 -9.60 54.27 -31.95
C GLY C 374 -9.49 54.18 -33.45
N TYR C 375 -10.15 53.22 -34.08
CA TYR C 375 -10.19 53.08 -35.53
C TYR C 375 -11.63 52.83 -35.95
N SER C 376 -11.85 52.79 -37.27
CA SER C 376 -13.21 52.70 -37.80
C SER C 376 -13.38 51.50 -38.71
N ILE C 377 -14.53 51.43 -39.39
CA ILE C 377 -14.85 50.29 -40.23
C ILE C 377 -13.85 50.16 -41.37
N ASP C 378 -13.52 51.29 -42.00
CA ASP C 378 -12.63 51.31 -43.16
C ASP C 378 -11.20 51.68 -42.80
N SER C 379 -10.86 51.70 -41.52
CA SER C 379 -9.50 51.97 -41.08
C SER C 379 -8.65 50.72 -41.27
N ILE C 380 -7.77 50.74 -42.25
CA ILE C 380 -6.93 49.57 -42.55
C ILE C 380 -5.97 49.34 -41.38
N PRO C 381 -5.81 48.10 -40.91
CA PRO C 381 -4.86 47.84 -39.83
C PRO C 381 -3.44 48.19 -40.25
N LEU C 382 -2.66 48.71 -39.30
CA LEU C 382 -1.30 49.15 -39.57
C LEU C 382 -0.35 47.96 -39.53
N LYS C 383 0.48 47.83 -40.58
CA LYS C 383 1.52 46.82 -40.67
C LYS C 383 0.97 45.40 -40.63
N GLY C 384 -0.35 45.25 -40.76
CA GLY C 384 -0.96 43.96 -40.61
C GLY C 384 -0.85 43.44 -39.20
N LYS C 385 -1.39 44.20 -38.25
CA LYS C 385 -1.33 43.86 -36.83
C LYS C 385 -2.74 43.58 -36.32
N LYS C 386 -2.82 42.75 -35.29
CA LYS C 386 -4.11 42.38 -34.72
C LYS C 386 -4.84 43.60 -34.21
N CYS C 387 -6.12 43.72 -34.58
CA CYS C 387 -7.00 44.76 -34.06
C CYS C 387 -8.26 44.09 -33.56
N PHE C 388 -8.66 44.41 -32.34
CA PHE C 388 -9.68 43.65 -31.62
C PHE C 388 -11.08 44.18 -31.91
N LEU C 389 -12.07 43.39 -31.50
CA LEU C 389 -13.47 43.79 -31.57
C LEU C 389 -14.11 43.98 -30.20
N ARG C 390 -13.62 43.30 -29.18
CA ARG C 390 -14.14 43.44 -27.82
C ARG C 390 -13.03 43.04 -26.84
N ALA C 391 -13.41 42.85 -25.58
CA ALA C 391 -12.44 42.52 -24.54
C ALA C 391 -12.89 41.41 -23.62
N THR C 392 -14.07 40.81 -23.83
CA THR C 392 -14.53 39.76 -22.93
C THR C 392 -13.78 38.45 -23.16
N ALA C 393 -13.26 38.23 -24.37
CA ALA C 393 -12.50 37.03 -24.71
C ALA C 393 -13.28 35.76 -24.38
N ASN C 394 -14.45 35.63 -25.02
CA ASN C 394 -15.34 34.45 -24.78
C ASN C 394 -15.63 33.77 -26.11
N LEU C 395 -15.56 32.43 -26.13
CA LEU C 395 -15.83 31.65 -27.33
C LEU C 395 -17.28 31.74 -27.77
N SER C 396 -18.18 32.10 -26.86
CA SER C 396 -19.60 32.23 -27.19
C SER C 396 -19.88 33.43 -28.09
N THR C 397 -18.91 34.32 -28.29
CA THR C 397 -19.11 35.54 -29.06
C THR C 397 -18.30 35.57 -30.35
N GLY C 398 -17.23 34.81 -30.46
CA GLY C 398 -16.41 34.84 -31.65
C GLY C 398 -14.92 34.97 -31.39
N GLY C 399 -14.50 34.74 -30.15
CA GLY C 399 -13.09 34.69 -29.82
C GLY C 399 -12.48 33.36 -30.21
N ILE C 400 -11.17 33.25 -29.95
CA ILE C 400 -10.43 32.03 -30.26
C ILE C 400 -9.68 31.57 -29.03
N ALA C 401 -9.32 30.29 -29.02
CA ALA C 401 -8.52 29.69 -27.97
C ALA C 401 -7.19 29.22 -28.56
N VAL C 402 -6.13 29.38 -27.78
CA VAL C 402 -4.80 28.94 -28.18
C VAL C 402 -4.28 27.97 -27.13
N ASP C 403 -3.85 26.79 -27.56
CA ASP C 403 -3.36 25.79 -26.63
C ASP C 403 -2.01 26.23 -26.05
N ARG C 404 -1.91 26.20 -24.72
CA ARG C 404 -0.68 26.56 -24.03
C ARG C 404 -0.30 25.51 -22.98
N THR C 405 -0.77 24.28 -23.14
CA THR C 405 -0.54 23.25 -22.14
C THR C 405 0.94 22.91 -22.01
N ASP C 406 1.66 22.88 -23.13
CA ASP C 406 3.06 22.51 -23.14
C ASP C 406 3.99 23.66 -22.78
N GLU C 407 3.46 24.87 -22.57
CA GLU C 407 4.27 26.04 -22.30
C GLU C 407 4.15 26.55 -20.86
N ILE C 408 3.33 25.92 -20.03
CA ILE C 408 3.09 26.41 -18.68
C ILE C 408 4.26 26.05 -17.79
N HIS C 409 4.65 26.99 -16.94
CA HIS C 409 5.77 26.77 -16.03
C HIS C 409 5.40 25.73 -14.97
N PRO C 410 6.34 24.87 -14.58
CA PRO C 410 6.02 23.86 -13.54
C PRO C 410 5.55 24.47 -12.23
N GLU C 411 6.11 25.63 -11.85
CA GLU C 411 5.64 26.29 -10.64
C GLU C 411 4.18 26.70 -10.78
N ASN C 412 3.79 27.18 -11.96
CA ASN C 412 2.39 27.51 -12.18
C ASN C 412 1.50 26.27 -12.12
N VAL C 413 2.00 25.14 -12.63
CA VAL C 413 1.23 23.89 -12.53
C VAL C 413 1.01 23.52 -11.07
N TRP C 414 2.06 23.61 -10.26
CA TRP C 414 1.94 23.31 -8.84
C TRP C 414 0.95 24.27 -8.18
N LEU C 415 1.05 25.57 -8.48
CA LEU C 415 0.17 26.54 -7.87
C LEU C 415 -1.30 26.29 -8.24
N LEU C 416 -1.56 25.99 -9.51
CA LEU C 416 -2.94 25.79 -9.94
C LEU C 416 -3.52 24.50 -9.38
N SER C 417 -2.71 23.44 -9.31
CA SER C 417 -3.17 22.23 -8.64
C SER C 417 -3.49 22.50 -7.17
N ARG C 418 -2.63 23.27 -6.51
CA ARG C 418 -2.89 23.63 -5.12
C ARG C 418 -4.17 24.44 -4.98
N VAL C 419 -4.42 25.35 -5.92
CA VAL C 419 -5.64 26.16 -5.88
C VAL C 419 -6.87 25.27 -6.00
N ALA C 420 -6.83 24.33 -6.96
CA ALA C 420 -7.95 23.42 -7.14
C ALA C 420 -8.19 22.57 -5.91
N LYS C 421 -7.11 22.12 -5.26
CA LYS C 421 -7.28 21.34 -4.03
C LYS C 421 -7.79 22.20 -2.88
N ILE C 422 -7.36 23.46 -2.81
CA ILE C 422 -7.79 24.35 -1.73
C ILE C 422 -9.27 24.64 -1.84
N ILE C 423 -9.75 24.95 -3.04
CA ILE C 423 -11.18 25.21 -3.22
C ILE C 423 -11.98 23.94 -2.93
N GLY C 424 -11.48 22.79 -3.38
CA GLY C 424 -12.13 21.53 -3.10
C GLY C 424 -12.93 20.99 -4.27
N LEU C 425 -12.36 21.09 -5.47
CA LEU C 425 -13.03 20.67 -6.70
C LEU C 425 -12.21 19.59 -7.38
N ASP C 426 -12.85 18.49 -7.77
CA ASP C 426 -12.16 17.45 -8.52
C ASP C 426 -11.97 17.86 -9.98
N ILE C 427 -12.90 18.62 -10.55
CA ILE C 427 -12.74 19.21 -11.87
C ILE C 427 -13.00 20.70 -11.74
N ALA C 428 -12.01 21.51 -12.11
CA ALA C 428 -12.10 22.95 -11.92
C ALA C 428 -11.58 23.68 -13.15
N GLY C 429 -12.16 24.83 -13.42
CA GLY C 429 -11.65 25.72 -14.44
C GLY C 429 -11.19 27.03 -13.84
N ILE C 430 -9.89 27.28 -13.86
CA ILE C 430 -9.30 28.44 -13.21
C ILE C 430 -8.99 29.49 -14.27
N ASP C 431 -9.42 30.72 -14.02
CA ASP C 431 -9.15 31.84 -14.91
C ASP C 431 -7.95 32.62 -14.39
N VAL C 432 -6.93 32.75 -15.22
CA VAL C 432 -5.68 33.42 -14.87
C VAL C 432 -5.49 34.61 -15.80
N VAL C 433 -5.00 35.71 -15.25
CA VAL C 433 -4.60 36.86 -16.06
C VAL C 433 -3.10 37.02 -15.87
N THR C 434 -2.34 36.80 -16.93
CA THR C 434 -0.89 36.84 -16.83
C THR C 434 -0.29 37.23 -18.17
N GLU C 435 0.82 37.95 -18.11
CA GLU C 435 1.52 38.35 -19.33
C GLU C 435 2.23 37.19 -20.01
N ASP C 436 2.61 36.15 -19.25
CA ASP C 436 3.33 35.03 -19.82
C ASP C 436 3.10 33.82 -18.93
N ILE C 437 2.40 32.81 -19.45
CA ILE C 437 2.15 31.59 -18.69
C ILE C 437 3.38 30.72 -18.54
N SER C 438 4.44 31.00 -19.30
CA SER C 438 5.68 30.24 -19.19
C SER C 438 6.56 30.70 -18.05
N GLN C 439 6.21 31.80 -17.38
CA GLN C 439 6.94 32.28 -16.23
C GLN C 439 6.07 32.16 -14.98
N PRO C 440 6.67 32.02 -13.81
CA PRO C 440 5.87 31.91 -12.58
C PRO C 440 5.07 33.17 -12.33
N LEU C 441 3.91 33.00 -11.69
CA LEU C 441 2.98 34.10 -11.48
C LEU C 441 3.51 35.15 -10.53
N ARG C 442 4.68 34.96 -9.92
CA ARG C 442 5.24 35.93 -9.01
C ARG C 442 6.13 36.96 -9.72
N GLU C 443 6.95 36.51 -10.67
CA GLU C 443 7.78 37.43 -11.43
C GLU C 443 6.92 38.43 -12.19
N VAL C 444 6.10 37.96 -13.11
CA VAL C 444 5.06 38.78 -13.71
C VAL C 444 3.97 38.96 -12.67
N GLU C 445 3.09 39.92 -12.87
CA GLU C 445 2.02 40.18 -11.91
C GLU C 445 0.75 39.41 -12.29
N GLY C 446 0.91 38.10 -12.43
CA GLY C 446 -0.22 37.24 -12.72
C GLY C 446 -1.13 37.07 -11.52
N VAL C 447 -2.43 36.89 -11.80
CA VAL C 447 -3.43 36.74 -10.75
C VAL C 447 -4.40 35.63 -11.12
N ILE C 448 -5.03 35.07 -10.09
CA ILE C 448 -6.10 34.10 -10.25
C ILE C 448 -7.41 34.86 -10.15
N VAL C 449 -8.16 34.94 -11.25
CA VAL C 449 -9.36 35.75 -11.26
C VAL C 449 -10.53 35.02 -10.63
N GLU C 450 -10.79 33.79 -11.05
CA GLU C 450 -11.91 33.04 -10.51
C GLU C 450 -11.70 31.55 -10.71
N VAL C 451 -12.46 30.76 -9.97
CA VAL C 451 -12.49 29.31 -10.09
C VAL C 451 -13.92 28.89 -10.38
N ASN C 452 -14.11 28.08 -11.42
CA ASN C 452 -15.42 27.65 -11.86
C ASN C 452 -15.57 26.15 -11.66
N ALA C 453 -16.66 25.76 -11.02
CA ALA C 453 -17.06 24.36 -10.95
C ALA C 453 -17.87 24.01 -12.18
N ALA C 454 -17.82 22.73 -12.55
CA ALA C 454 -18.47 22.22 -13.76
C ALA C 454 -18.07 23.04 -15.00
N PRO C 455 -16.78 23.11 -15.32
CA PRO C 455 -16.36 23.88 -16.48
C PRO C 455 -16.64 23.14 -17.79
N GLY C 456 -16.82 23.92 -18.83
CA GLY C 456 -16.92 23.38 -20.18
C GLY C 456 -15.54 23.29 -20.81
N PHE C 457 -15.27 22.16 -21.45
CA PHE C 457 -13.96 21.90 -22.04
C PHE C 457 -14.00 21.76 -23.55
N ARG C 458 -15.06 22.26 -24.19
CA ARG C 458 -15.12 22.21 -25.64
C ARG C 458 -14.07 23.10 -26.28
N MET C 459 -13.52 24.05 -25.53
CA MET C 459 -12.41 24.87 -26.01
C MET C 459 -11.07 24.15 -25.94
N HIS C 460 -10.96 23.09 -25.12
CA HIS C 460 -9.72 22.37 -24.98
C HIS C 460 -9.61 21.19 -25.93
N VAL C 461 -10.74 20.60 -26.32
CA VAL C 461 -10.74 19.48 -27.27
C VAL C 461 -10.70 19.94 -28.71
N ALA C 462 -10.78 21.25 -28.97
CA ALA C 462 -10.68 21.80 -30.32
C ALA C 462 -10.13 23.22 -30.22
N PRO C 463 -8.86 23.36 -29.86
CA PRO C 463 -8.32 24.72 -29.62
C PRO C 463 -8.40 25.63 -30.83
N SER C 464 -8.20 25.08 -32.03
CA SER C 464 -8.15 25.75 -33.33
C SER C 464 -6.84 26.49 -33.55
N ARG C 465 -5.96 26.59 -32.55
CA ARG C 465 -4.60 27.10 -32.76
C ARG C 465 -3.63 26.29 -31.92
N GLY C 466 -3.77 24.98 -31.93
CA GLY C 466 -2.87 24.13 -31.17
C GLY C 466 -3.37 22.70 -31.11
N LEU C 467 -2.77 21.95 -30.21
CA LEU C 467 -3.09 20.53 -30.06
C LEU C 467 -4.30 20.35 -29.16
N ALA C 468 -5.22 19.49 -29.59
CA ALA C 468 -6.36 19.13 -28.77
C ALA C 468 -5.91 18.27 -27.59
N ARG C 469 -6.62 18.40 -26.47
CA ARG C 469 -6.31 17.66 -25.26
C ARG C 469 -7.45 16.69 -24.95
N ASN C 470 -7.08 15.46 -24.55
CA ASN C 470 -8.06 14.43 -24.25
C ASN C 470 -8.58 14.67 -22.83
N VAL C 471 -9.51 15.61 -22.72
CA VAL C 471 -10.09 15.94 -21.42
C VAL C 471 -11.00 14.82 -20.94
N ALA C 472 -11.82 14.26 -21.84
CA ALA C 472 -12.70 13.18 -21.46
C ALA C 472 -11.91 11.97 -20.99
N GLY C 473 -10.74 11.73 -21.59
CA GLY C 473 -9.88 10.66 -21.12
C GLY C 473 -9.41 10.89 -19.70
N ALA C 474 -9.04 12.12 -19.36
CA ALA C 474 -8.64 12.43 -18.00
C ALA C 474 -9.80 12.27 -17.03
N VAL C 475 -11.01 12.68 -17.44
CA VAL C 475 -12.18 12.51 -16.58
C VAL C 475 -12.45 11.04 -16.32
N MET C 476 -12.38 10.21 -17.36
CA MET C 476 -12.58 8.77 -17.19
C MET C 476 -11.48 8.16 -16.34
N ASP C 477 -10.25 8.64 -16.48
CA ASP C 477 -9.17 8.17 -15.61
C ASP C 477 -9.44 8.50 -14.15
N MET C 478 -9.95 9.71 -13.88
CA MET C 478 -10.33 10.05 -12.52
C MET C 478 -11.45 9.15 -12.01
N LEU C 479 -12.46 8.90 -12.85
CA LEU C 479 -13.60 8.11 -12.41
C LEU C 479 -13.23 6.64 -12.23
N PHE C 480 -12.43 6.09 -13.14
CA PHE C 480 -12.01 4.70 -13.10
C PHE C 480 -10.50 4.66 -13.23
N PRO C 481 -9.77 4.67 -12.09
CA PRO C 481 -8.33 4.93 -12.12
C PRO C 481 -7.50 3.99 -12.98
N GLY C 482 -7.53 2.69 -12.67
CA GLY C 482 -6.71 1.72 -13.37
C GLY C 482 -7.30 1.33 -14.71
N SER C 483 -6.99 0.11 -15.13
CA SER C 483 -7.66 -0.49 -16.29
C SER C 483 -8.91 -1.22 -15.84
N LYS C 484 -9.75 -0.52 -15.07
CA LYS C 484 -10.93 -1.10 -14.46
C LYS C 484 -12.18 -0.46 -15.04
N ASN C 485 -13.09 -1.29 -15.53
CA ASN C 485 -14.43 -0.84 -15.85
C ASN C 485 -15.30 -0.85 -14.61
N GLY C 486 -16.54 -0.40 -14.75
CA GLY C 486 -17.42 -0.33 -13.61
C GLY C 486 -18.30 -1.56 -13.47
N ARG C 487 -17.92 -2.64 -14.13
CA ARG C 487 -18.75 -3.83 -14.19
C ARG C 487 -18.71 -4.62 -12.89
N ILE C 488 -19.80 -5.31 -12.62
CA ILE C 488 -19.87 -6.31 -11.56
C ILE C 488 -20.19 -7.65 -12.24
N PRO C 489 -19.85 -8.77 -11.61
CA PRO C 489 -20.20 -10.06 -12.20
C PRO C 489 -21.70 -10.18 -12.44
N ILE C 490 -22.05 -10.59 -13.66
CA ILE C 490 -23.43 -10.78 -14.08
C ILE C 490 -23.61 -12.23 -14.51
N LEU C 491 -24.59 -12.90 -13.95
CA LEU C 491 -24.93 -14.28 -14.29
C LEU C 491 -26.36 -14.29 -14.80
N SER C 492 -26.52 -14.50 -16.10
CA SER C 492 -27.83 -14.50 -16.74
C SER C 492 -28.26 -15.94 -16.99
N VAL C 493 -29.38 -16.33 -16.39
CA VAL C 493 -29.90 -17.68 -16.51
C VAL C 493 -31.11 -17.67 -17.42
N THR C 494 -31.07 -18.50 -18.46
CA THR C 494 -32.21 -18.67 -19.36
C THR C 494 -32.45 -20.16 -19.58
N GLY C 495 -33.58 -20.47 -20.18
CA GLY C 495 -33.99 -21.85 -20.37
C GLY C 495 -35.48 -21.99 -20.24
N THR C 496 -36.02 -23.11 -20.70
CA THR C 496 -37.47 -23.25 -20.74
C THR C 496 -38.08 -23.54 -19.37
N ASN C 497 -37.39 -24.34 -18.54
CA ASN C 497 -38.08 -24.97 -17.42
C ASN C 497 -37.48 -24.77 -16.05
N GLY C 498 -36.22 -24.36 -15.91
CA GLY C 498 -35.63 -24.30 -14.59
C GLY C 498 -34.98 -23.00 -14.20
N LYS C 499 -35.45 -21.88 -14.74
CA LYS C 499 -34.77 -20.60 -14.54
C LYS C 499 -34.81 -20.15 -13.08
N THR C 500 -36.00 -20.16 -12.48
CA THR C 500 -36.16 -19.61 -11.13
C THR C 500 -35.37 -20.40 -10.10
N THR C 501 -35.45 -21.73 -10.15
CA THR C 501 -34.75 -22.56 -9.17
C THR C 501 -33.24 -22.37 -9.28
N THR C 502 -32.72 -22.37 -10.51
CA THR C 502 -31.28 -22.19 -10.71
C THR C 502 -30.84 -20.80 -10.26
N THR C 503 -31.65 -19.77 -10.54
CA THR C 503 -31.30 -18.42 -10.11
C THR C 503 -31.23 -18.32 -8.59
N ARG C 504 -32.24 -18.88 -7.90
CA ARG C 504 -32.23 -18.83 -6.44
C ARG C 504 -31.07 -19.64 -5.87
N LEU C 505 -30.77 -20.80 -6.45
CA LEU C 505 -29.64 -21.59 -5.98
C LEU C 505 -28.33 -20.87 -6.18
N LEU C 506 -28.15 -20.21 -7.33
CA LEU C 506 -26.94 -19.44 -7.57
C LEU C 506 -26.81 -18.31 -6.57
N ALA C 507 -27.90 -17.60 -6.30
CA ALA C 507 -27.85 -16.52 -5.31
C ALA C 507 -27.48 -17.05 -3.94
N HIS C 508 -28.07 -18.18 -3.55
CA HIS C 508 -27.77 -18.75 -2.24
C HIS C 508 -26.31 -19.18 -2.15
N ILE C 509 -25.77 -19.79 -3.21
CA ILE C 509 -24.38 -20.22 -3.21
C ILE C 509 -23.45 -19.03 -3.10
N ILE C 510 -23.71 -17.98 -3.89
CA ILE C 510 -22.86 -16.79 -3.84
C ILE C 510 -22.97 -16.07 -2.50
N LYS C 511 -24.13 -16.17 -1.83
CA LYS C 511 -24.28 -15.57 -0.52
C LYS C 511 -23.32 -16.17 0.51
N GLN C 512 -22.87 -17.42 0.28
CA GLN C 512 -21.93 -18.03 1.21
C GLN C 512 -20.63 -17.25 1.26
N THR C 513 -20.14 -16.81 0.10
CA THR C 513 -19.11 -15.79 0.08
C THR C 513 -19.69 -14.47 0.56
N GLY C 514 -18.87 -13.69 1.25
CA GLY C 514 -19.38 -12.46 1.85
C GLY C 514 -19.66 -11.37 0.82
N LYS C 515 -20.66 -11.60 -0.02
CA LYS C 515 -21.01 -10.68 -1.09
C LYS C 515 -22.51 -10.42 -1.09
N VAL C 516 -22.89 -9.18 -1.38
CA VAL C 516 -24.29 -8.83 -1.52
C VAL C 516 -24.74 -9.20 -2.93
N VAL C 517 -25.73 -10.06 -3.04
CA VAL C 517 -26.22 -10.57 -4.31
C VAL C 517 -27.56 -9.95 -4.61
N GLY C 518 -27.67 -9.30 -5.77
CA GLY C 518 -28.93 -8.84 -6.28
C GLY C 518 -29.41 -9.76 -7.37
N TYR C 519 -30.55 -10.40 -7.15
CA TYR C 519 -31.05 -11.36 -8.11
C TYR C 519 -32.53 -11.14 -8.38
N THR C 520 -32.91 -11.27 -9.64
CA THR C 520 -34.30 -11.17 -10.05
C THR C 520 -34.77 -12.52 -10.56
N THR C 521 -35.92 -12.96 -10.03
CA THR C 521 -36.56 -14.20 -10.46
C THR C 521 -38.03 -13.93 -10.79
N THR C 522 -38.80 -14.98 -11.03
CA THR C 522 -40.23 -14.80 -11.29
C THR C 522 -40.96 -14.35 -10.03
N ASP C 523 -40.53 -14.83 -8.86
CA ASP C 523 -41.18 -14.44 -7.61
C ASP C 523 -41.02 -12.95 -7.33
N GLY C 524 -39.82 -12.42 -7.56
CA GLY C 524 -39.59 -11.01 -7.33
C GLY C 524 -38.11 -10.70 -7.32
N THR C 525 -37.82 -9.42 -7.18
CA THR C 525 -36.46 -8.91 -7.19
C THR C 525 -35.97 -8.77 -5.74
N TYR C 526 -34.86 -9.44 -5.44
CA TYR C 526 -34.28 -9.44 -4.10
C TYR C 526 -32.88 -8.83 -4.15
N ILE C 527 -32.53 -8.12 -3.09
CA ILE C 527 -31.18 -7.60 -2.88
C ILE C 527 -30.72 -8.10 -1.53
N GLY C 528 -29.74 -8.99 -1.53
CA GLY C 528 -29.34 -9.65 -0.30
C GLY C 528 -30.44 -10.52 0.27
N GLU C 529 -30.79 -10.30 1.52
CA GLU C 529 -31.81 -11.09 2.21
C GLU C 529 -33.19 -10.44 2.18
N TYR C 530 -33.34 -9.29 1.54
CA TYR C 530 -34.58 -8.54 1.59
C TYR C 530 -35.17 -8.38 0.20
N LEU C 531 -36.50 -8.33 0.14
CA LEU C 531 -37.23 -8.25 -1.12
C LEU C 531 -37.26 -6.80 -1.60
N ALA C 532 -36.58 -6.52 -2.71
CA ALA C 532 -36.57 -5.18 -3.26
C ALA C 532 -37.86 -4.84 -4.01
N GLU C 533 -38.45 -5.82 -4.69
CA GLU C 533 -39.65 -5.54 -5.48
C GLU C 533 -40.46 -6.82 -5.67
N THR C 534 -41.78 -6.68 -5.66
CA THR C 534 -42.69 -7.79 -5.91
C THR C 534 -43.00 -7.89 -7.41
N GLY C 535 -43.81 -8.89 -7.76
CA GLY C 535 -44.27 -9.05 -9.12
C GLY C 535 -43.44 -10.07 -9.89
N ASP C 536 -43.66 -10.07 -11.21
CA ASP C 536 -42.95 -11.00 -12.08
C ASP C 536 -41.45 -10.69 -12.09
N ASN C 537 -41.08 -9.49 -12.55
CA ASN C 537 -39.71 -8.98 -12.46
C ASN C 537 -38.71 -9.93 -13.13
N THR C 538 -38.87 -10.08 -14.44
CA THR C 538 -37.97 -10.93 -15.23
C THR C 538 -37.35 -10.21 -16.41
N GLY C 539 -37.97 -9.16 -16.95
CA GLY C 539 -37.41 -8.44 -18.05
C GLY C 539 -36.34 -7.45 -17.61
N PRO C 540 -35.82 -6.70 -18.59
CA PRO C 540 -34.76 -5.73 -18.27
C PRO C 540 -35.19 -4.62 -17.32
N GLN C 541 -36.48 -4.31 -17.25
CA GLN C 541 -36.94 -3.26 -16.34
C GLN C 541 -36.66 -3.60 -14.89
N SER C 542 -36.51 -4.87 -14.55
CA SER C 542 -36.08 -5.28 -13.23
C SER C 542 -34.58 -5.52 -13.15
N ALA C 543 -33.93 -5.78 -14.28
CA ALA C 543 -32.48 -5.88 -14.29
C ALA C 543 -31.83 -4.54 -14.00
N HIS C 544 -32.44 -3.45 -14.49
CA HIS C 544 -31.91 -2.13 -14.19
C HIS C 544 -31.94 -1.82 -12.70
N LEU C 545 -32.96 -2.30 -11.99
CA LEU C 545 -33.01 -2.09 -10.55
C LEU C 545 -31.84 -2.74 -9.85
N ILE C 546 -31.47 -3.96 -10.27
CA ILE C 546 -30.33 -4.64 -9.67
C ILE C 546 -29.03 -3.93 -10.04
N LEU C 547 -28.87 -3.60 -11.33
CA LEU C 547 -27.60 -3.07 -11.80
C LEU C 547 -27.35 -1.64 -11.33
N SER C 548 -28.38 -0.91 -10.92
CA SER C 548 -28.23 0.46 -10.45
C SER C 548 -28.15 0.56 -8.94
N ASP C 549 -28.33 -0.54 -8.22
CA ASP C 549 -28.28 -0.48 -6.76
C ASP C 549 -26.85 -0.29 -6.29
N PRO C 550 -26.57 0.70 -5.45
CA PRO C 550 -25.19 0.97 -5.04
C PRO C 550 -24.61 -0.06 -4.08
N THR C 551 -25.37 -1.06 -3.66
CA THR C 551 -24.88 -2.06 -2.71
C THR C 551 -24.72 -3.44 -3.32
N VAL C 552 -25.06 -3.63 -4.58
CA VAL C 552 -25.03 -4.96 -5.19
C VAL C 552 -23.64 -5.22 -5.76
N GLU C 553 -23.06 -6.37 -5.41
CA GLU C 553 -21.74 -6.76 -5.89
C GLU C 553 -21.80 -7.84 -6.97
N VAL C 554 -22.81 -8.70 -6.94
CA VAL C 554 -23.00 -9.74 -7.95
C VAL C 554 -24.47 -9.76 -8.35
N ALA C 555 -24.73 -9.77 -9.65
CA ALA C 555 -26.09 -9.77 -10.18
C ALA C 555 -26.41 -11.14 -10.76
N VAL C 556 -27.56 -11.68 -10.38
CA VAL C 556 -28.08 -12.93 -10.94
C VAL C 556 -29.46 -12.63 -11.50
N LEU C 557 -29.62 -12.81 -12.81
CA LEU C 557 -30.81 -12.36 -13.51
C LEU C 557 -31.46 -13.54 -14.21
N GLU C 558 -32.72 -13.82 -13.88
CA GLU C 558 -33.50 -14.77 -14.66
C GLU C 558 -33.99 -14.06 -15.92
N THR C 559 -33.63 -14.59 -17.08
CA THR C 559 -33.88 -13.95 -18.36
C THR C 559 -34.83 -14.84 -19.16
N ALA C 560 -36.13 -14.53 -19.10
CA ALA C 560 -37.11 -15.30 -19.84
C ALA C 560 -37.17 -14.83 -21.29
N ARG C 561 -37.80 -15.65 -22.12
CA ARG C 561 -37.95 -15.33 -23.54
C ARG C 561 -38.80 -14.08 -23.76
N GLY C 562 -39.76 -13.84 -22.88
CA GLY C 562 -40.65 -12.70 -23.06
C GLY C 562 -39.91 -11.38 -23.04
N GLY C 563 -39.01 -11.21 -22.07
CA GLY C 563 -38.25 -9.97 -21.99
C GLY C 563 -37.33 -9.78 -23.18
N ILE C 564 -36.66 -10.84 -23.62
CA ILE C 564 -35.77 -10.75 -24.77
C ILE C 564 -36.55 -10.37 -26.02
N LEU C 565 -37.72 -10.99 -26.21
CA LEU C 565 -38.55 -10.65 -27.37
C LEU C 565 -39.05 -9.21 -27.29
N ARG C 566 -39.48 -8.78 -26.11
CA ARG C 566 -40.11 -7.47 -25.98
C ARG C 566 -39.10 -6.34 -26.15
N SER C 567 -37.97 -6.42 -25.43
CA SER C 567 -37.03 -5.31 -25.45
C SER C 567 -35.57 -5.74 -25.43
N GLY C 568 -35.28 -7.00 -25.73
CA GLY C 568 -33.91 -7.46 -25.72
C GLY C 568 -33.35 -7.62 -24.32
N LEU C 569 -32.03 -7.74 -24.25
CA LEU C 569 -31.35 -7.91 -22.97
C LEU C 569 -31.17 -6.58 -22.27
N GLY C 570 -31.11 -6.64 -20.95
CA GLY C 570 -30.88 -5.49 -20.11
C GLY C 570 -29.43 -5.11 -19.91
N PHE C 571 -28.52 -5.78 -20.62
CA PHE C 571 -27.10 -5.55 -20.47
C PHE C 571 -26.41 -5.88 -21.78
N SER C 572 -25.24 -5.27 -21.99
CA SER C 572 -24.49 -5.52 -23.22
C SER C 572 -23.79 -6.88 -23.16
N SER C 573 -23.27 -7.26 -22.00
CA SER C 573 -22.54 -8.50 -21.86
C SER C 573 -22.76 -9.07 -20.46
N CYS C 574 -22.55 -10.37 -20.34
CA CYS C 574 -22.67 -11.07 -19.07
C CYS C 574 -21.41 -11.88 -18.82
N GLU C 575 -20.99 -11.94 -17.55
CA GLU C 575 -19.82 -12.74 -17.22
C GLU C 575 -20.11 -14.22 -17.34
N VAL C 576 -21.32 -14.66 -16.96
CA VAL C 576 -21.73 -16.05 -17.10
C VAL C 576 -23.10 -16.09 -17.75
N GLY C 577 -23.23 -16.91 -18.79
CA GLY C 577 -24.51 -17.11 -19.42
C GLY C 577 -24.92 -18.57 -19.40
N ILE C 578 -25.99 -18.88 -18.67
CA ILE C 578 -26.44 -20.26 -18.49
C ILE C 578 -27.64 -20.51 -19.38
N VAL C 579 -27.59 -21.59 -20.17
CA VAL C 579 -28.74 -22.06 -20.93
C VAL C 579 -29.06 -23.47 -20.43
N LEU C 580 -30.24 -23.62 -19.83
CA LEU C 580 -30.58 -24.89 -19.18
C LEU C 580 -31.14 -25.90 -20.17
N ASN C 581 -32.16 -25.51 -20.91
CA ASN C 581 -32.80 -26.41 -21.88
C ASN C 581 -33.67 -25.58 -22.81
N VAL C 582 -34.01 -26.18 -23.94
CA VAL C 582 -34.91 -25.57 -24.93
C VAL C 582 -35.91 -26.63 -25.35
N THR C 583 -37.16 -26.48 -24.93
CA THR C 583 -38.23 -27.39 -25.30
C THR C 583 -39.40 -26.59 -25.84
N ALA C 584 -40.02 -27.10 -26.90
CA ALA C 584 -41.14 -26.43 -27.55
C ALA C 584 -42.42 -26.77 -26.79
N ASP C 585 -42.74 -25.94 -25.80
CA ASP C 585 -43.95 -26.10 -25.01
C ASP C 585 -44.93 -24.97 -25.25
N HIS C 586 -44.52 -23.73 -25.06
CA HIS C 586 -45.35 -22.56 -25.34
C HIS C 586 -44.88 -21.97 -26.68
N LEU C 587 -45.42 -22.54 -27.75
CA LEU C 587 -45.00 -22.20 -29.11
C LEU C 587 -46.12 -21.48 -29.83
N GLY C 588 -45.75 -20.52 -30.69
CA GLY C 588 -46.68 -19.70 -31.40
C GLY C 588 -46.83 -18.28 -30.87
N ILE C 589 -46.38 -18.04 -29.63
CA ILE C 589 -46.41 -16.69 -29.09
C ILE C 589 -45.39 -15.82 -29.82
N GLY C 590 -45.78 -14.59 -30.14
CA GLY C 590 -44.92 -13.73 -30.93
C GLY C 590 -44.73 -14.32 -32.32
N ASP C 591 -43.52 -14.15 -32.84
CA ASP C 591 -43.14 -14.76 -34.12
C ASP C 591 -42.46 -16.10 -33.94
N ILE C 592 -42.36 -16.60 -32.72
CA ILE C 592 -41.67 -17.86 -32.42
C ILE C 592 -42.65 -18.99 -32.71
N ASP C 593 -42.50 -19.63 -33.87
CA ASP C 593 -43.38 -20.71 -34.28
C ASP C 593 -42.68 -22.05 -34.44
N THR C 594 -41.35 -22.08 -34.47
CA THR C 594 -40.59 -23.31 -34.56
C THR C 594 -39.60 -23.38 -33.41
N ILE C 595 -39.24 -24.60 -33.02
CA ILE C 595 -38.27 -24.78 -31.95
C ILE C 595 -36.90 -24.25 -32.34
N GLU C 596 -36.59 -24.19 -33.64
CA GLU C 596 -35.36 -23.55 -34.08
C GLU C 596 -35.37 -22.07 -33.77
N GLN C 597 -36.52 -21.42 -33.95
CA GLN C 597 -36.64 -20.01 -33.58
C GLN C 597 -36.50 -19.82 -32.07
N LEU C 598 -37.07 -20.74 -31.29
CA LEU C 598 -36.92 -20.66 -29.84
C LEU C 598 -35.47 -20.83 -29.43
N ALA C 599 -34.75 -21.76 -30.06
CA ALA C 599 -33.33 -21.92 -29.77
C ALA C 599 -32.55 -20.69 -30.16
N LYS C 600 -32.86 -20.09 -31.31
CA LYS C 600 -32.20 -18.86 -31.73
C LYS C 600 -32.45 -17.74 -30.74
N LEU C 601 -33.67 -17.64 -30.22
CA LEU C 601 -33.99 -16.60 -29.25
C LEU C 601 -33.27 -16.82 -27.92
N LYS C 602 -33.25 -18.06 -27.44
CA LYS C 602 -32.57 -18.35 -26.18
C LYS C 602 -31.05 -18.28 -26.32
N SER C 603 -30.53 -18.37 -27.54
CA SER C 603 -29.09 -18.26 -27.76
C SER C 603 -28.56 -16.84 -27.61
N VAL C 604 -29.44 -15.85 -27.47
CA VAL C 604 -28.99 -14.48 -27.26
C VAL C 604 -28.19 -14.38 -25.98
N VAL C 605 -28.62 -15.08 -24.93
CA VAL C 605 -27.89 -15.08 -23.67
C VAL C 605 -26.50 -15.68 -23.84
N ALA C 606 -26.42 -16.81 -24.55
CA ALA C 606 -25.13 -17.47 -24.75
C ALA C 606 -24.20 -16.63 -25.61
N GLU C 607 -24.73 -15.95 -26.62
CA GLU C 607 -23.91 -15.16 -27.52
C GLU C 607 -23.50 -13.81 -26.95
N SER C 608 -24.15 -13.36 -25.88
CA SER C 608 -23.79 -12.10 -25.23
C SER C 608 -22.72 -12.26 -24.17
N VAL C 609 -22.21 -13.48 -23.98
CA VAL C 609 -21.16 -13.72 -23.01
C VAL C 609 -19.88 -13.04 -23.49
N MET C 610 -19.21 -12.33 -22.57
CA MET C 610 -18.00 -11.61 -22.90
C MET C 610 -16.87 -12.60 -23.23
N PRO C 611 -15.84 -12.14 -23.95
CA PRO C 611 -14.76 -13.06 -24.34
C PRO C 611 -14.05 -13.72 -23.16
N LYS C 612 -14.03 -13.08 -21.99
CA LYS C 612 -13.45 -13.68 -20.80
C LYS C 612 -14.46 -14.46 -19.98
N GLY C 613 -15.72 -14.50 -20.41
CA GLY C 613 -16.77 -15.15 -19.66
C GLY C 613 -16.92 -16.62 -19.99
N TYR C 614 -18.01 -17.19 -19.50
CA TYR C 614 -18.33 -18.60 -19.72
C TYR C 614 -19.78 -18.76 -20.13
N ALA C 615 -20.02 -19.70 -21.05
CA ALA C 615 -21.36 -20.11 -21.43
C ALA C 615 -21.58 -21.51 -20.88
N VAL C 616 -22.48 -21.63 -19.91
CA VAL C 616 -22.79 -22.92 -19.29
C VAL C 616 -23.96 -23.53 -20.04
N LEU C 617 -23.68 -24.58 -20.81
CA LEU C 617 -24.65 -25.19 -21.71
C LEU C 617 -24.93 -26.63 -21.30
N ASN C 618 -26.15 -27.07 -21.59
CA ASN C 618 -26.54 -28.46 -21.38
C ASN C 618 -26.05 -29.28 -22.56
N ALA C 619 -25.07 -30.16 -22.31
CA ALA C 619 -24.57 -31.02 -23.37
C ALA C 619 -25.58 -32.09 -23.76
N GLU C 620 -26.52 -32.41 -22.88
CA GLU C 620 -27.53 -33.43 -23.17
C GLU C 620 -28.61 -32.92 -24.10
N ASP C 621 -28.80 -31.61 -24.21
CA ASP C 621 -29.80 -31.04 -25.10
C ASP C 621 -29.15 -30.70 -26.43
N PRO C 622 -29.58 -31.32 -27.54
CA PRO C 622 -28.90 -31.06 -28.82
C PRO C 622 -28.98 -29.61 -29.27
N LEU C 623 -30.13 -28.96 -29.09
CA LEU C 623 -30.26 -27.57 -29.52
C LEU C 623 -29.39 -26.64 -28.66
N VAL C 624 -29.35 -26.89 -27.36
CA VAL C 624 -28.50 -26.07 -26.48
C VAL C 624 -27.03 -26.33 -26.77
N ALA C 625 -26.66 -27.60 -26.96
CA ALA C 625 -25.27 -27.93 -27.28
C ALA C 625 -24.84 -27.35 -28.62
N ALA C 626 -25.78 -27.20 -29.56
CA ALA C 626 -25.47 -26.61 -30.85
C ALA C 626 -25.05 -25.15 -30.75
N MET C 627 -25.39 -24.47 -29.64
CA MET C 627 -24.94 -23.11 -29.41
C MET C 627 -23.48 -23.02 -29.03
N ALA C 628 -22.73 -24.13 -29.07
CA ALA C 628 -21.33 -24.10 -28.67
C ALA C 628 -20.53 -23.16 -29.55
N ASP C 629 -20.75 -23.22 -30.86
CA ASP C 629 -20.14 -22.27 -31.77
C ASP C 629 -20.81 -20.90 -31.62
N ARG C 630 -20.34 -19.93 -32.41
CA ARG C 630 -20.81 -18.55 -32.38
C ARG C 630 -20.94 -18.01 -30.96
N VAL C 631 -20.08 -18.48 -30.06
CA VAL C 631 -20.00 -17.98 -28.69
C VAL C 631 -18.59 -17.49 -28.44
N LYS C 632 -18.48 -16.22 -28.05
CA LYS C 632 -17.22 -15.66 -27.61
C LYS C 632 -17.00 -15.99 -26.14
N GLY C 633 -15.83 -16.47 -25.81
CA GLY C 633 -15.55 -16.95 -24.47
C GLY C 633 -15.70 -18.45 -24.35
N GLN C 634 -15.26 -18.97 -23.21
CA GLN C 634 -15.20 -20.40 -23.01
C GLN C 634 -16.59 -20.99 -22.85
N VAL C 635 -16.68 -22.30 -23.11
CA VAL C 635 -17.91 -23.06 -23.00
C VAL C 635 -17.71 -24.12 -21.92
N ALA C 636 -18.67 -24.24 -21.02
CA ALA C 636 -18.67 -25.26 -19.98
C ALA C 636 -19.95 -26.06 -20.09
N TYR C 637 -19.81 -27.38 -20.18
CA TYR C 637 -20.94 -28.27 -20.37
C TYR C 637 -21.35 -28.89 -19.05
N PHE C 638 -22.66 -29.06 -18.86
CA PHE C 638 -23.17 -29.88 -17.77
C PHE C 638 -24.11 -30.93 -18.34
N SER C 639 -24.07 -32.12 -17.74
CA SER C 639 -24.85 -33.23 -18.26
C SER C 639 -25.21 -34.18 -17.12
N MET C 640 -26.47 -34.62 -17.10
CA MET C 640 -26.90 -35.64 -16.15
C MET C 640 -26.44 -37.03 -16.53
N ASP C 641 -25.94 -37.22 -17.75
CA ASP C 641 -25.38 -38.49 -18.18
C ASP C 641 -23.87 -38.38 -18.20
N PRO C 642 -23.14 -39.08 -17.32
CA PRO C 642 -21.68 -38.92 -17.27
C PRO C 642 -20.94 -39.40 -18.50
N ASN C 643 -21.58 -40.17 -19.37
CA ASN C 643 -20.95 -40.72 -20.55
C ASN C 643 -21.24 -39.94 -21.82
N ASN C 644 -21.59 -38.66 -21.69
CA ASN C 644 -21.83 -37.82 -22.85
C ASN C 644 -20.55 -37.66 -23.67
N GLU C 645 -20.60 -38.08 -24.93
CA GLU C 645 -19.41 -38.06 -25.77
C GLU C 645 -18.90 -36.64 -25.98
N LEU C 646 -19.81 -35.70 -26.23
CA LEU C 646 -19.40 -34.31 -26.42
C LEU C 646 -18.74 -33.75 -25.17
N LEU C 647 -19.33 -34.03 -24.01
CA LEU C 647 -18.76 -33.55 -22.75
C LEU C 647 -17.38 -34.15 -22.49
N LEU C 648 -17.24 -35.46 -22.72
CA LEU C 648 -15.95 -36.11 -22.50
C LEU C 648 -14.89 -35.59 -23.46
N ARG C 649 -15.25 -35.40 -24.72
CA ARG C 649 -14.30 -34.83 -25.68
C ARG C 649 -13.91 -33.42 -25.28
N HIS C 650 -14.86 -32.64 -24.77
CA HIS C 650 -14.56 -31.29 -24.32
C HIS C 650 -13.63 -31.30 -23.12
N THR C 651 -13.83 -32.23 -22.20
CA THR C 651 -12.98 -32.31 -21.01
C THR C 651 -11.58 -32.81 -21.35
N GLU C 652 -11.46 -33.68 -22.35
CA GLU C 652 -10.15 -34.20 -22.73
C GLU C 652 -9.22 -33.08 -23.18
N ALA C 653 -9.73 -32.13 -23.95
CA ALA C 653 -8.96 -30.98 -24.43
C ALA C 653 -9.54 -29.74 -23.76
N GLY C 654 -9.00 -29.40 -22.59
CA GLY C 654 -9.52 -28.30 -21.81
C GLY C 654 -10.15 -28.75 -20.52
N GLY C 655 -11.47 -28.65 -20.42
CA GLY C 655 -12.18 -29.14 -19.25
C GLY C 655 -13.37 -28.24 -18.93
N LEU C 656 -13.58 -28.05 -17.62
CA LEU C 656 -14.68 -27.24 -17.09
C LEU C 656 -16.04 -27.79 -17.54
N ALA C 657 -16.35 -28.97 -17.02
CA ALA C 657 -17.67 -29.57 -17.16
C ALA C 657 -18.21 -29.96 -15.80
N ALA C 658 -19.48 -30.38 -15.76
CA ALA C 658 -20.10 -30.87 -14.55
C ALA C 658 -20.98 -32.07 -14.88
N ILE C 659 -20.88 -33.12 -14.07
CA ILE C 659 -21.59 -34.38 -14.33
C ILE C 659 -22.18 -34.90 -13.03
N TYR C 660 -23.01 -35.93 -13.19
CA TYR C 660 -23.62 -36.68 -12.09
C TYR C 660 -23.19 -38.13 -12.29
N GLU C 661 -22.08 -38.51 -11.66
CA GLU C 661 -21.37 -39.73 -12.05
C GLU C 661 -21.80 -40.97 -11.25
N ASN C 662 -21.55 -40.98 -9.94
CA ASN C 662 -21.95 -42.09 -9.07
C ASN C 662 -22.59 -41.48 -7.83
N GLY C 663 -23.87 -41.11 -7.95
CA GLY C 663 -24.51 -40.38 -6.86
C GLY C 663 -23.71 -39.19 -6.40
N TYR C 664 -23.04 -38.50 -7.32
CA TYR C 664 -22.16 -37.40 -6.97
C TYR C 664 -22.34 -36.28 -7.97
N ILE C 665 -22.35 -35.05 -7.47
CA ILE C 665 -22.32 -33.86 -8.31
C ILE C 665 -20.84 -33.47 -8.45
N SER C 666 -20.26 -33.70 -9.62
CA SER C 666 -18.83 -33.58 -9.80
C SER C 666 -18.50 -32.53 -10.84
N ILE C 667 -17.38 -31.84 -10.62
CA ILE C 667 -16.81 -30.90 -11.57
C ILE C 667 -15.60 -31.55 -12.21
N LEU C 668 -15.57 -31.57 -13.54
CA LEU C 668 -14.43 -32.08 -14.29
C LEU C 668 -13.61 -30.89 -14.78
N LYS C 669 -12.38 -30.80 -14.31
CA LYS C 669 -11.47 -29.73 -14.69
C LYS C 669 -10.44 -30.21 -15.69
N GLY C 670 -10.86 -31.07 -16.61
CA GLY C 670 -9.94 -31.72 -17.53
C GLY C 670 -9.78 -33.18 -17.16
N ASP C 671 -8.62 -33.52 -16.60
CA ASP C 671 -8.35 -34.88 -16.13
C ASP C 671 -8.65 -35.07 -14.65
N TRP C 672 -9.17 -34.05 -13.99
CA TRP C 672 -9.40 -34.08 -12.55
C TRP C 672 -10.88 -34.04 -12.25
N THR C 673 -11.31 -34.84 -11.26
CA THR C 673 -12.69 -34.88 -10.81
C THR C 673 -12.75 -34.32 -9.39
N LEU C 674 -13.64 -33.35 -9.17
CA LEU C 674 -13.84 -32.74 -7.87
C LEU C 674 -15.29 -32.95 -7.47
N ARG C 675 -15.52 -33.82 -6.51
CA ARG C 675 -16.88 -34.11 -6.06
C ARG C 675 -17.33 -33.08 -5.04
N ILE C 676 -18.56 -32.59 -5.19
CA ILE C 676 -19.09 -31.56 -4.31
C ILE C 676 -19.91 -32.22 -3.20
N GLU C 677 -20.89 -33.02 -3.60
CA GLU C 677 -21.82 -33.59 -2.62
C GLU C 677 -22.40 -34.88 -3.17
N LYS C 678 -23.00 -35.67 -2.27
CA LYS C 678 -23.54 -36.98 -2.59
C LYS C 678 -24.91 -36.92 -3.26
N ALA C 679 -25.47 -35.72 -3.47
CA ALA C 679 -26.71 -35.52 -4.19
C ALA C 679 -27.91 -36.10 -3.45
N VAL C 680 -27.65 -36.79 -2.33
CA VAL C 680 -28.70 -37.17 -1.40
C VAL C 680 -28.64 -36.31 -0.15
N ASN C 681 -27.54 -35.60 0.08
CA ASN C 681 -27.43 -34.60 1.12
C ASN C 681 -27.85 -33.22 0.64
N VAL C 682 -28.28 -33.11 -0.61
CA VAL C 682 -28.77 -31.84 -1.17
C VAL C 682 -30.28 -31.84 -1.01
N PRO C 683 -30.86 -30.97 -0.19
CA PRO C 683 -32.30 -31.05 0.09
C PRO C 683 -33.19 -30.90 -1.14
N ILE C 684 -32.81 -30.04 -2.09
CA ILE C 684 -33.71 -29.77 -3.22
C ILE C 684 -33.83 -30.99 -4.13
N THR C 685 -32.80 -31.84 -4.17
CA THR C 685 -32.87 -33.04 -5.00
C THR C 685 -33.86 -34.07 -4.47
N MET C 686 -34.37 -33.88 -3.26
CA MET C 686 -35.29 -34.81 -2.62
C MET C 686 -34.68 -36.21 -2.52
N ALA C 687 -33.50 -36.26 -1.91
CA ALA C 687 -32.72 -37.48 -1.75
C ALA C 687 -32.43 -38.12 -3.11
N GLY C 688 -32.14 -37.29 -4.10
CA GLY C 688 -31.79 -37.79 -5.42
C GLY C 688 -32.94 -38.32 -6.23
N LYS C 689 -34.18 -38.03 -5.83
CA LYS C 689 -35.36 -38.50 -6.55
C LYS C 689 -35.87 -37.52 -7.59
N ALA C 690 -35.25 -36.34 -7.70
CA ALA C 690 -35.68 -35.32 -8.65
C ALA C 690 -34.55 -35.01 -9.62
N PRO C 691 -34.50 -35.67 -10.78
CA PRO C 691 -33.39 -35.41 -11.72
C PRO C 691 -33.34 -33.98 -12.22
N PHE C 692 -34.49 -33.30 -12.35
CA PHE C 692 -34.48 -31.91 -12.78
C PHE C 692 -33.75 -31.03 -11.78
N MET C 693 -33.98 -31.25 -10.49
CA MET C 693 -33.27 -30.48 -9.46
C MET C 693 -31.78 -30.78 -9.51
N ILE C 694 -31.41 -32.03 -9.79
CA ILE C 694 -30.00 -32.37 -9.90
C ILE C 694 -29.35 -31.65 -11.08
N ALA C 695 -30.06 -31.57 -12.21
CA ALA C 695 -29.52 -30.83 -13.35
C ALA C 695 -29.38 -29.35 -13.04
N ASN C 696 -30.37 -28.77 -12.36
CA ASN C 696 -30.28 -27.37 -11.97
C ASN C 696 -29.09 -27.13 -11.04
N ALA C 697 -28.89 -28.03 -10.08
CA ALA C 697 -27.75 -27.93 -9.17
C ALA C 697 -26.45 -28.05 -9.94
N LEU C 698 -26.39 -28.95 -10.92
CA LEU C 698 -25.20 -29.08 -11.75
C LEU C 698 -24.88 -27.76 -12.44
N ALA C 699 -25.89 -27.14 -13.06
CA ALA C 699 -25.66 -25.89 -13.77
C ALA C 699 -25.20 -24.80 -12.82
N ALA C 700 -25.84 -24.68 -11.66
CA ALA C 700 -25.48 -23.63 -10.72
C ALA C 700 -24.06 -23.83 -10.18
N CYS C 701 -23.72 -25.07 -9.82
CA CYS C 701 -22.38 -25.35 -9.31
C CYS C 701 -21.32 -25.08 -10.36
N LEU C 702 -21.57 -25.48 -11.61
CA LEU C 702 -20.61 -25.19 -12.68
C LEU C 702 -20.45 -23.69 -12.88
N ALA C 703 -21.56 -22.95 -12.83
CA ALA C 703 -21.50 -21.51 -13.03
C ALA C 703 -20.68 -20.83 -11.95
N VAL C 704 -20.90 -21.20 -10.69
CA VAL C 704 -20.12 -20.56 -9.63
C VAL C 704 -18.66 -21.02 -9.67
N PHE C 705 -18.41 -22.27 -10.07
CA PHE C 705 -17.04 -22.76 -10.15
C PHE C 705 -16.25 -22.02 -11.23
N THR C 706 -16.88 -21.72 -12.36
CA THR C 706 -16.18 -21.01 -13.42
C THR C 706 -15.71 -19.62 -12.98
N GLN C 707 -16.31 -19.06 -11.94
CA GLN C 707 -15.96 -17.73 -11.46
C GLN C 707 -14.98 -17.77 -10.30
N GLY C 708 -14.42 -18.93 -9.97
CA GLY C 708 -13.44 -19.05 -8.93
C GLY C 708 -13.98 -19.23 -7.53
N VAL C 709 -15.28 -19.47 -7.37
CA VAL C 709 -15.84 -19.73 -6.06
C VAL C 709 -15.29 -21.03 -5.51
N LYS C 710 -14.80 -21.00 -4.27
CA LYS C 710 -14.15 -22.15 -3.67
C LYS C 710 -15.13 -23.30 -3.46
N ILE C 711 -14.59 -24.52 -3.43
CA ILE C 711 -15.42 -25.71 -3.40
C ILE C 711 -16.23 -25.78 -2.10
N GLU C 712 -15.64 -25.37 -0.99
CA GLU C 712 -16.35 -25.48 0.29
C GLU C 712 -17.55 -24.55 0.35
N HIS C 713 -17.44 -23.35 -0.25
CA HIS C 713 -18.59 -22.46 -0.31
C HIS C 713 -19.70 -23.05 -1.16
N ILE C 714 -19.36 -23.66 -2.29
CA ILE C 714 -20.35 -24.33 -3.12
C ILE C 714 -21.03 -25.44 -2.34
N ARG C 715 -20.23 -26.24 -1.60
CA ARG C 715 -20.77 -27.34 -0.82
C ARG C 715 -21.74 -26.84 0.24
N LYS C 716 -21.35 -25.80 0.98
CA LYS C 716 -22.20 -25.26 2.03
C LYS C 716 -23.49 -24.68 1.46
N GLY C 717 -23.39 -23.92 0.38
CA GLY C 717 -24.59 -23.35 -0.23
C GLY C 717 -25.51 -24.42 -0.79
N LEU C 718 -24.94 -25.48 -1.38
CA LEU C 718 -25.76 -26.55 -1.93
C LEU C 718 -26.42 -27.36 -0.82
N SER C 719 -25.74 -27.53 0.32
CA SER C 719 -26.32 -28.28 1.42
C SER C 719 -27.38 -27.50 2.17
N THR C 720 -27.22 -26.19 2.32
CA THR C 720 -28.13 -25.39 3.12
C THR C 720 -29.28 -24.79 2.33
N PHE C 721 -29.34 -25.00 1.02
CA PHE C 721 -30.41 -24.42 0.21
C PHE C 721 -31.65 -25.29 0.28
N VAL C 722 -32.77 -24.70 0.69
CA VAL C 722 -34.03 -25.41 0.85
C VAL C 722 -34.97 -25.01 -0.27
N ALA C 723 -35.74 -25.99 -0.75
CA ALA C 723 -36.69 -25.75 -1.85
C ALA C 723 -37.86 -24.95 -1.32
N SER C 724 -38.04 -23.76 -1.87
CA SER C 724 -39.14 -22.89 -1.47
C SER C 724 -39.48 -21.87 -2.56
N MET D 1 11.89 -30.00 61.25
CA MET D 1 12.15 -29.66 59.86
C MET D 1 11.52 -30.66 58.90
N LYS D 2 10.36 -30.31 58.36
CA LYS D 2 9.72 -31.10 57.31
C LYS D 2 9.03 -30.16 56.34
N ILE D 3 9.44 -30.20 55.08
CA ILE D 3 8.85 -29.38 54.04
C ILE D 3 7.61 -30.10 53.52
N LEU D 4 6.44 -29.54 53.78
CA LEU D 4 5.19 -30.19 53.41
C LEU D 4 4.93 -30.06 51.91
N LYS D 5 4.98 -28.84 51.39
CA LYS D 5 4.70 -28.57 49.99
C LYS D 5 5.69 -27.56 49.45
N LEU D 6 6.07 -27.73 48.19
CA LEU D 6 7.01 -26.84 47.51
C LEU D 6 6.41 -26.47 46.16
N GLN D 7 5.83 -25.27 46.09
CA GLN D 7 5.21 -24.78 44.86
C GLN D 7 6.10 -23.73 44.21
N THR D 8 5.99 -23.63 42.89
CA THR D 8 6.72 -22.62 42.13
C THR D 8 5.72 -21.77 41.33
N LEU D 9 5.88 -20.45 41.43
CA LEU D 9 5.03 -19.49 40.75
C LEU D 9 5.83 -18.85 39.63
N ARG D 10 5.23 -18.78 38.44
CA ARG D 10 5.90 -18.28 37.25
C ARG D 10 5.32 -16.98 36.70
N GLY D 11 4.14 -16.56 37.15
CA GLY D 11 3.55 -15.34 36.71
C GLY D 11 3.13 -14.45 37.87
N PRO D 12 2.33 -13.42 37.60
CA PRO D 12 1.77 -12.64 38.69
C PRO D 12 0.97 -13.52 39.62
N ASN D 13 1.12 -13.28 40.93
CA ASN D 13 0.64 -14.22 41.93
C ASN D 13 0.12 -13.47 43.13
N TYR D 14 -0.38 -14.25 44.11
CA TYR D 14 -0.92 -13.68 45.33
C TYR D 14 0.14 -12.93 46.12
N TRP D 15 1.37 -13.44 46.13
CA TRP D 15 2.41 -12.85 46.96
C TRP D 15 2.92 -11.54 46.38
N SER D 16 3.07 -11.46 45.06
CA SER D 16 3.60 -10.24 44.46
C SER D 16 3.14 -10.14 43.01
N ILE D 17 3.18 -8.91 42.51
CA ILE D 17 2.97 -8.61 41.10
C ILE D 17 4.21 -7.87 40.62
N HIS D 18 4.70 -8.23 39.44
CA HIS D 18 5.98 -7.87 38.83
C HIS D 18 7.11 -8.72 39.40
N ARG D 19 6.84 -9.58 40.38
CA ARG D 19 7.78 -10.61 40.81
C ARG D 19 7.15 -11.95 40.41
N HIS D 20 7.36 -12.34 39.15
CA HIS D 20 6.69 -13.51 38.61
C HIS D 20 7.31 -14.80 39.13
N LYS D 21 8.64 -14.85 39.23
CA LYS D 21 9.35 -16.07 39.58
C LYS D 21 9.52 -16.14 41.09
N LEU D 22 8.76 -17.02 41.74
CA LEU D 22 8.83 -17.19 43.19
C LEU D 22 8.72 -18.67 43.53
N VAL D 23 9.19 -19.03 44.71
CA VAL D 23 9.04 -20.38 45.23
C VAL D 23 8.46 -20.27 46.64
N VAL D 24 7.43 -21.07 46.92
CA VAL D 24 6.73 -21.03 48.20
C VAL D 24 6.83 -22.41 48.83
N MET D 25 7.36 -22.47 50.04
CA MET D 25 7.47 -23.72 50.77
C MET D 25 6.65 -23.65 52.05
N ARG D 26 5.89 -24.71 52.32
CA ARG D 26 5.20 -24.88 53.59
C ARG D 26 6.12 -25.67 54.51
N LEU D 27 6.72 -24.99 55.48
CA LEU D 27 7.76 -25.54 56.33
C LEU D 27 7.23 -25.81 57.73
N ASP D 28 7.44 -27.02 58.23
CA ASP D 28 7.00 -27.39 59.57
C ASP D 28 8.13 -27.15 60.57
N LEU D 29 7.76 -26.59 61.72
CA LEU D 29 8.71 -26.27 62.78
C LEU D 29 8.33 -27.00 64.06
N GLU D 30 8.07 -28.31 63.95
CA GLU D 30 7.48 -29.10 65.03
C GLU D 30 8.12 -28.83 66.39
N ASP D 31 9.42 -29.11 66.52
CA ASP D 31 10.10 -28.99 67.80
C ASP D 31 10.69 -27.62 68.06
N LEU D 32 10.77 -26.76 67.05
CA LEU D 32 11.36 -25.43 67.21
C LEU D 32 10.40 -24.35 66.73
N TYR D 33 9.16 -24.41 67.22
CA TYR D 33 8.13 -23.51 66.71
C TYR D 33 8.30 -22.08 67.22
N GLU D 34 8.41 -21.90 68.53
CA GLU D 34 8.31 -20.58 69.13
C GLU D 34 9.52 -20.29 70.01
N LYS D 35 10.72 -20.51 69.46
CA LYS D 35 11.96 -20.08 70.10
C LYS D 35 12.75 -19.22 69.14
N TYR D 36 13.30 -18.12 69.64
CA TYR D 36 14.03 -17.17 68.83
C TYR D 36 15.46 -17.62 68.63
N THR D 37 16.21 -16.85 67.82
CA THR D 37 17.62 -17.16 67.61
C THR D 37 18.43 -16.99 68.89
N SER D 38 18.10 -15.96 69.68
CA SER D 38 18.78 -15.76 70.96
C SER D 38 18.53 -16.91 71.93
N ASP D 39 17.44 -17.65 71.76
CA ASP D 39 17.15 -18.81 72.59
C ASP D 39 17.93 -20.05 72.16
N ILE D 40 18.56 -20.02 70.98
CA ILE D 40 19.34 -21.14 70.47
C ILE D 40 20.80 -20.86 70.78
N PRO D 41 21.49 -21.73 71.52
CA PRO D 41 22.88 -21.44 71.91
C PRO D 41 23.82 -21.52 70.72
N GLY D 42 24.61 -20.46 70.54
CA GLY D 42 25.62 -20.43 69.50
C GLY D 42 25.08 -20.41 68.09
N PHE D 43 23.79 -20.15 67.90
CA PHE D 43 23.23 -20.12 66.55
C PHE D 43 23.75 -18.93 65.75
N TYR D 44 23.83 -17.75 66.39
CA TYR D 44 24.26 -16.57 65.67
C TYR D 44 25.70 -16.71 65.18
N LYS D 45 26.59 -17.21 66.04
CA LYS D 45 28.00 -17.34 65.66
C LYS D 45 28.17 -18.32 64.52
N GLY D 46 27.53 -19.48 64.60
CA GLY D 46 27.62 -20.46 63.52
C GLY D 46 27.04 -19.93 62.23
N LEU D 47 25.90 -19.26 62.30
CA LEU D 47 25.30 -18.70 61.10
C LEU D 47 26.18 -17.65 60.46
N THR D 48 26.77 -16.76 61.27
CA THR D 48 27.60 -15.69 60.73
C THR D 48 28.98 -16.16 60.29
N GLU D 49 29.44 -17.33 60.75
CA GLU D 49 30.69 -17.87 60.24
C GLU D 49 30.49 -18.74 59.01
N VAL D 50 29.34 -19.41 58.90
CA VAL D 50 29.05 -20.17 57.69
C VAL D 50 28.78 -19.23 56.52
N LEU D 51 27.99 -18.17 56.75
CA LEU D 51 27.58 -17.24 55.70
C LEU D 51 27.84 -15.81 56.16
N PRO D 52 29.10 -15.36 56.10
CA PRO D 52 29.38 -13.96 56.46
C PRO D 52 28.68 -12.96 55.56
N SER D 53 28.44 -13.31 54.30
CA SER D 53 27.84 -12.39 53.34
C SER D 53 26.47 -11.91 53.77
N LEU D 54 25.82 -12.63 54.69
CA LEU D 54 24.55 -12.17 55.26
C LEU D 54 24.65 -10.76 55.82
N VAL D 55 25.87 -10.28 56.11
CA VAL D 55 26.05 -8.92 56.61
C VAL D 55 25.51 -7.88 55.64
N GLU D 56 25.39 -8.22 54.35
CA GLU D 56 24.88 -7.28 53.37
C GLU D 56 23.37 -7.10 53.44
N HIS D 57 22.64 -8.08 53.97
CA HIS D 57 21.18 -8.06 53.97
C HIS D 57 20.61 -6.84 54.68
N LEU D 58 19.94 -5.97 53.93
CA LEU D 58 19.25 -4.80 54.48
C LEU D 58 17.81 -5.21 54.78
N CYS D 59 17.54 -5.55 56.03
CA CYS D 59 16.21 -5.96 56.45
C CYS D 59 15.34 -4.73 56.66
N SER D 60 14.18 -4.92 57.30
CA SER D 60 13.31 -3.79 57.63
C SER D 60 14.02 -2.66 58.38
N PRO D 61 15.04 -2.91 59.21
CA PRO D 61 15.86 -1.78 59.68
C PRO D 61 16.43 -0.94 58.57
N GLY D 62 16.76 -1.54 57.43
CA GLY D 62 17.24 -0.80 56.27
C GLY D 62 18.67 -0.34 56.35
N VAL D 63 19.44 -0.82 57.31
CA VAL D 63 20.83 -0.40 57.49
C VAL D 63 21.71 -1.64 57.33
N LYS D 64 22.97 -1.40 56.97
CA LYS D 64 23.94 -2.47 56.80
C LYS D 64 24.01 -3.33 58.06
N GLY D 65 23.83 -4.63 57.87
CA GLY D 65 23.80 -5.56 58.98
C GLY D 65 22.49 -5.61 59.74
N GLY D 66 21.42 -5.03 59.19
CA GLY D 66 20.16 -5.02 59.91
C GLY D 66 19.61 -6.40 60.20
N PHE D 67 19.75 -7.32 59.25
CA PHE D 67 19.32 -8.70 59.48
C PHE D 67 20.13 -9.34 60.60
N LEU D 68 21.43 -9.04 60.66
CA LEU D 68 22.26 -9.56 61.75
C LEU D 68 21.82 -8.99 63.09
N THR D 69 21.45 -7.70 63.12
CA THR D 69 20.92 -7.13 64.35
C THR D 69 19.62 -7.82 64.76
N ARG D 70 18.76 -8.11 63.78
CA ARG D 70 17.52 -8.84 64.09
C ARG D 70 17.83 -10.22 64.64
N VAL D 71 18.81 -10.92 64.08
CA VAL D 71 19.22 -12.21 64.61
C VAL D 71 19.72 -12.08 66.04
N GLU D 72 20.49 -11.01 66.31
CA GLU D 72 20.95 -10.74 67.67
C GLU D 72 19.79 -10.56 68.63
N LYS D 73 18.79 -9.77 68.22
CA LYS D 73 17.62 -9.58 69.07
C LYS D 73 16.84 -10.87 69.25
N GLY D 74 16.79 -11.72 68.23
CA GLY D 74 16.10 -12.98 68.33
C GLY D 74 14.74 -12.98 67.66
N THR D 75 14.60 -13.72 66.56
CA THR D 75 13.34 -13.83 65.84
C THR D 75 13.13 -15.30 65.44
N LEU D 76 11.97 -15.56 64.84
CA LEU D 76 11.66 -16.91 64.38
C LEU D 76 12.59 -17.30 63.24
N ILE D 77 12.79 -18.61 63.08
CA ILE D 77 13.74 -19.09 62.11
C ILE D 77 13.22 -19.03 60.68
N GLY D 78 11.91 -18.81 60.48
CA GLY D 78 11.42 -18.66 59.12
C GLY D 78 12.11 -17.52 58.39
N HIS D 79 12.29 -16.40 59.09
CA HIS D 79 12.97 -15.25 58.49
C HIS D 79 14.42 -15.58 58.12
N VAL D 80 15.14 -16.26 59.01
CA VAL D 80 16.53 -16.54 58.74
C VAL D 80 16.67 -17.60 57.64
N ILE D 81 15.74 -18.56 57.57
CA ILE D 81 15.77 -19.53 56.50
C ILE D 81 15.52 -18.85 55.16
N GLU D 82 14.55 -17.93 55.12
CA GLU D 82 14.34 -17.11 53.93
C GLU D 82 15.63 -16.40 53.53
N HIS D 83 16.27 -15.73 54.49
CA HIS D 83 17.47 -14.95 54.19
C HIS D 83 18.62 -15.84 53.72
N VAL D 84 18.79 -17.00 54.35
CA VAL D 84 19.91 -17.86 53.96
C VAL D 84 19.65 -18.49 52.60
N ALA D 85 18.39 -18.80 52.27
CA ALA D 85 18.10 -19.27 50.92
C ALA D 85 18.39 -18.18 49.89
N ILE D 86 17.99 -16.94 50.18
CA ILE D 86 18.28 -15.82 49.29
C ILE D 86 19.78 -15.69 49.07
N GLU D 87 20.54 -15.67 50.17
CA GLU D 87 21.99 -15.49 50.07
C GLU D 87 22.68 -16.70 49.44
N LEU D 88 22.15 -17.90 49.68
CA LEU D 88 22.75 -19.10 49.13
C LEU D 88 22.60 -19.14 47.62
N GLN D 89 21.42 -18.79 47.10
CA GLN D 89 21.29 -18.74 45.64
C GLN D 89 21.86 -17.45 45.05
N GLU D 90 22.13 -16.43 45.87
CA GLU D 90 22.81 -15.24 45.37
C GLU D 90 24.31 -15.46 45.25
N LEU D 91 24.90 -16.26 46.14
CA LEU D 91 26.32 -16.55 46.08
C LEU D 91 26.70 -17.32 44.83
N ALA D 92 25.76 -18.07 44.24
CA ALA D 92 26.01 -18.80 43.01
C ALA D 92 25.89 -17.92 41.77
N GLY D 93 25.86 -16.60 41.94
CA GLY D 93 25.80 -15.69 40.82
C GLY D 93 24.41 -15.32 40.34
N MET D 94 23.37 -15.60 41.13
CA MET D 94 22.00 -15.29 40.74
C MET D 94 21.44 -14.24 41.69
N PRO D 95 21.42 -12.96 41.32
CA PRO D 95 20.94 -11.92 42.22
C PRO D 95 19.43 -11.99 42.41
N VAL D 96 19.00 -12.12 43.66
CA VAL D 96 17.60 -12.17 44.02
C VAL D 96 17.39 -11.25 45.23
N GLY D 97 16.28 -10.52 45.24
CA GLY D 97 16.05 -9.55 46.29
C GLY D 97 14.63 -9.47 46.83
N PHE D 98 13.90 -10.58 46.80
CA PHE D 98 12.54 -10.61 47.33
C PHE D 98 12.38 -11.84 48.22
N GLY D 99 11.73 -11.63 49.37
CA GLY D 99 11.48 -12.74 50.28
C GLY D 99 10.41 -12.36 51.28
N ARG D 100 9.66 -13.37 51.70
CA ARG D 100 8.57 -13.19 52.65
C ARG D 100 8.44 -14.43 53.52
N THR D 101 7.87 -14.24 54.71
CA THR D 101 7.53 -15.35 55.58
C THR D 101 6.24 -15.02 56.31
N ARG D 102 5.35 -16.01 56.42
CA ARG D 102 4.04 -15.81 57.01
C ARG D 102 3.65 -17.00 57.86
N GLU D 103 2.92 -16.72 58.95
CA GLU D 103 2.39 -17.78 59.79
C GLU D 103 1.03 -18.22 59.29
N THR D 104 0.88 -19.52 59.04
CA THR D 104 -0.35 -20.06 58.48
C THR D 104 -1.40 -20.27 59.58
N SER D 105 -2.61 -20.62 59.15
CA SER D 105 -3.69 -20.87 60.11
C SER D 105 -3.40 -22.10 60.96
N THR D 106 -2.82 -23.13 60.37
CA THR D 106 -2.51 -24.34 61.13
C THR D 106 -1.45 -24.06 62.19
N THR D 107 -1.35 -24.98 63.15
CA THR D 107 -0.63 -24.68 64.39
C THR D 107 0.87 -24.46 64.15
N GLY D 108 1.48 -25.23 63.25
CA GLY D 108 2.93 -25.21 63.17
C GLY D 108 3.53 -24.72 61.88
N VAL D 109 2.84 -24.90 60.77
CA VAL D 109 3.43 -24.68 59.45
C VAL D 109 3.55 -23.19 59.16
N PHE D 110 4.70 -22.79 58.63
CA PHE D 110 4.94 -21.46 58.09
C PHE D 110 4.99 -21.54 56.57
N GLN D 111 4.87 -20.38 55.93
CA GLN D 111 5.02 -20.25 54.49
C GLN D 111 6.18 -19.33 54.21
N VAL D 112 7.15 -19.81 53.43
CA VAL D 112 8.35 -19.05 53.08
C VAL D 112 8.37 -18.86 51.58
N VAL D 113 8.50 -17.60 51.15
CA VAL D 113 8.46 -17.23 49.74
C VAL D 113 9.82 -16.64 49.39
N ILE D 114 10.46 -17.20 48.38
CA ILE D 114 11.81 -16.82 47.98
C ILE D 114 11.82 -16.51 46.49
N GLU D 115 12.38 -15.37 46.12
CA GLU D 115 12.57 -15.06 44.71
C GLU D 115 13.67 -15.93 44.12
N TYR D 116 13.50 -16.32 42.86
CA TYR D 116 14.49 -17.13 42.18
C TYR D 116 14.75 -16.59 40.79
N GLU D 117 15.94 -16.90 40.26
CA GLU D 117 16.27 -16.64 38.87
C GLU D 117 16.13 -17.89 38.01
N ASN D 118 16.43 -19.06 38.57
CA ASN D 118 16.24 -20.35 37.91
C ASN D 118 15.34 -21.21 38.77
N GLU D 119 14.39 -21.90 38.12
CA GLU D 119 13.41 -22.67 38.86
C GLU D 119 14.04 -23.79 39.66
N GLN D 120 14.87 -24.62 39.00
CA GLN D 120 15.54 -25.71 39.70
C GLN D 120 16.51 -25.17 40.74
N ALA D 121 17.24 -24.10 40.41
CA ALA D 121 18.16 -23.50 41.37
C ALA D 121 17.41 -22.95 42.57
N GLY D 122 16.26 -22.32 42.34
CA GLY D 122 15.48 -21.80 43.46
C GLY D 122 14.96 -22.91 44.36
N ARG D 123 14.44 -23.98 43.75
CA ARG D 123 13.96 -25.11 44.57
C ARG D 123 15.09 -25.75 45.34
N TYR D 124 16.26 -25.90 44.71
CA TYR D 124 17.40 -26.49 45.39
C TYR D 124 17.88 -25.61 46.54
N ALA D 125 17.89 -24.30 46.34
CA ALA D 125 18.28 -23.38 47.42
C ALA D 125 17.29 -23.45 48.57
N ALA D 126 15.99 -23.54 48.26
CA ALA D 126 14.99 -23.66 49.32
C ALA D 126 15.19 -24.96 50.10
N ARG D 127 15.47 -26.06 49.40
CA ARG D 127 15.70 -27.33 50.08
C ARG D 127 16.98 -27.31 50.91
N ALA D 128 18.02 -26.62 50.43
CA ALA D 128 19.29 -26.60 51.14
C ALA D 128 19.27 -25.67 52.34
N ALA D 129 18.46 -24.61 52.31
CA ALA D 129 18.43 -23.67 53.42
C ALA D 129 17.96 -24.33 54.71
N VAL D 130 16.93 -25.18 54.62
CA VAL D 130 16.41 -25.83 55.81
C VAL D 130 17.44 -26.81 56.37
N ARG D 131 18.15 -27.53 55.51
CA ARG D 131 19.21 -28.42 55.98
C ARG D 131 20.32 -27.64 56.67
N LEU D 132 20.72 -26.51 56.08
CA LEU D 132 21.78 -25.69 56.66
C LEU D 132 21.36 -25.18 58.05
N CYS D 133 20.13 -24.67 58.16
CA CYS D 133 19.68 -24.13 59.44
C CYS D 133 19.50 -25.23 60.47
N GLN D 134 19.00 -26.40 60.06
CA GLN D 134 18.87 -27.53 60.98
C GLN D 134 20.24 -27.98 61.48
N SER D 135 21.22 -28.03 60.58
CA SER D 135 22.57 -28.41 60.99
C SER D 135 23.17 -27.40 61.95
N ILE D 136 22.93 -26.11 61.74
CA ILE D 136 23.45 -25.12 62.68
C ILE D 136 22.76 -25.24 64.03
N VAL D 137 21.43 -25.41 64.05
CA VAL D 137 20.75 -25.50 65.34
C VAL D 137 21.06 -26.82 66.04
N ASP D 138 21.53 -27.83 65.31
CA ASP D 138 21.85 -29.12 65.94
C ASP D 138 23.30 -29.18 66.42
N THR D 139 24.25 -28.77 65.58
CA THR D 139 25.67 -28.91 65.90
C THR D 139 26.39 -27.58 66.08
N GLY D 140 25.74 -26.46 65.82
CA GLY D 140 26.36 -25.16 65.98
C GLY D 140 27.09 -24.65 64.76
N THR D 141 27.26 -25.47 63.72
CA THR D 141 27.97 -25.06 62.53
C THR D 141 27.60 -25.97 61.38
N TYR D 142 27.92 -25.52 60.16
CA TYR D 142 27.72 -26.29 58.94
C TYR D 142 29.06 -26.58 58.28
N PRO D 143 29.30 -27.83 57.87
CA PRO D 143 30.59 -28.16 57.23
C PRO D 143 30.85 -27.31 56.00
N ALA D 144 32.11 -26.89 55.84
CA ALA D 144 32.47 -26.10 54.67
C ALA D 144 32.44 -26.93 53.40
N THR D 145 32.74 -28.23 53.50
CA THR D 145 32.66 -29.10 52.33
C THR D 145 31.24 -29.20 51.80
N GLU D 146 30.25 -29.31 52.70
CA GLU D 146 28.86 -29.35 52.27
C GLU D 146 28.42 -28.01 51.68
N LEU D 147 28.90 -26.90 52.24
CA LEU D 147 28.60 -25.59 51.68
C LEU D 147 29.15 -25.47 50.26
N GLN D 148 30.39 -25.90 50.05
CA GLN D 148 30.97 -25.83 48.70
C GLN D 148 30.25 -26.77 47.75
N GLN D 149 29.84 -27.95 48.23
CA GLN D 149 29.09 -28.87 47.38
C GLN D 149 27.76 -28.26 46.95
N ASP D 150 27.03 -27.66 47.90
CA ASP D 150 25.78 -27.01 47.56
C ASP D 150 25.98 -25.82 46.61
N LEU D 151 27.02 -25.02 46.84
CA LEU D 151 27.27 -23.88 45.96
C LEU D 151 27.61 -24.34 44.55
N GLU D 152 28.43 -25.38 44.41
CA GLU D 152 28.78 -25.87 43.08
C GLU D 152 27.58 -26.53 42.41
N ASP D 153 26.72 -27.18 43.19
CA ASP D 153 25.49 -27.73 42.62
C ASP D 153 24.58 -26.61 42.11
N LEU D 154 24.48 -25.52 42.87
CA LEU D 154 23.69 -24.37 42.42
C LEU D 154 24.27 -23.77 41.15
N LYS D 155 25.60 -23.65 41.08
CA LYS D 155 26.23 -23.11 39.88
C LYS D 155 26.01 -24.02 38.67
N GLU D 156 26.08 -25.34 38.89
CA GLU D 156 25.80 -26.28 37.81
C GLU D 156 24.36 -26.18 37.34
N LEU D 157 23.42 -26.03 38.29
CA LEU D 157 22.02 -25.87 37.92
C LEU D 157 21.81 -24.59 37.12
N LYS D 158 22.46 -23.51 37.52
CA LYS D 158 22.35 -22.25 36.78
C LYS D 158 22.90 -22.40 35.37
N ASN D 159 24.07 -23.04 35.24
CA ASN D 159 24.68 -23.19 33.92
C ASN D 159 23.84 -24.10 33.03
N GLN D 160 23.29 -25.18 33.58
CA GLN D 160 22.52 -26.12 32.79
C GLN D 160 21.27 -25.47 32.21
N ALA D 161 20.55 -24.71 33.03
CA ALA D 161 19.34 -24.02 32.57
C ALA D 161 19.66 -22.57 32.18
N SER D 162 20.50 -22.45 31.16
CA SER D 162 20.90 -21.15 30.64
C SER D 162 20.85 -21.18 29.12
N LEU D 163 20.44 -20.06 28.54
CA LEU D 163 20.41 -19.92 27.09
C LEU D 163 21.75 -19.41 26.59
N GLY D 164 21.99 -19.60 25.30
CA GLY D 164 23.22 -19.11 24.71
C GLY D 164 23.22 -17.60 24.58
N PRO D 165 24.42 -17.04 24.42
CA PRO D 165 24.55 -15.57 24.40
C PRO D 165 23.70 -14.90 23.34
N SER D 166 23.60 -15.49 22.16
CA SER D 166 22.71 -14.93 21.13
C SER D 166 21.27 -14.95 21.60
N THR D 167 20.83 -16.08 22.17
CA THR D 167 19.47 -16.19 22.66
C THR D 167 19.23 -15.25 23.84
N GLU D 168 20.21 -15.12 24.74
CA GLU D 168 20.09 -14.15 25.81
C GLU D 168 19.91 -12.73 25.27
N ALA D 169 20.72 -12.34 24.29
CA ALA D 169 20.61 -10.97 23.77
C ALA D 169 19.26 -10.75 23.10
N ILE D 170 18.81 -11.72 22.31
CA ILE D 170 17.54 -11.56 21.61
C ILE D 170 16.39 -11.51 22.60
N VAL D 171 16.41 -12.37 23.62
CA VAL D 171 15.35 -12.40 24.62
C VAL D 171 15.36 -11.09 25.42
N LYS D 172 16.53 -10.56 25.74
CA LYS D 172 16.61 -9.31 26.46
C LYS D 172 16.04 -8.16 25.63
N GLU D 173 16.33 -8.14 24.33
CA GLU D 173 15.73 -7.12 23.48
C GLU D 173 14.21 -7.25 23.43
N ALA D 174 13.71 -8.48 23.32
CA ALA D 174 12.27 -8.69 23.31
C ALA D 174 11.62 -8.23 24.60
N GLU D 175 12.26 -8.50 25.74
CA GLU D 175 11.76 -8.01 27.01
C GLU D 175 11.77 -6.50 27.07
N ALA D 176 12.83 -5.88 26.54
CA ALA D 176 12.90 -4.42 26.50
C ALA D 176 11.78 -3.82 25.66
N ARG D 177 11.35 -4.52 24.62
CA ARG D 177 10.25 -4.06 23.78
C ARG D 177 8.88 -4.51 24.26
N GLY D 178 8.81 -5.23 25.38
CA GLY D 178 7.53 -5.68 25.88
C GLY D 178 6.90 -6.81 25.09
N ILE D 179 7.70 -7.57 24.35
CA ILE D 179 7.20 -8.70 23.57
C ILE D 179 7.23 -9.94 24.46
N PRO D 180 6.11 -10.61 24.66
CA PRO D 180 6.12 -11.83 25.49
C PRO D 180 6.99 -12.90 24.86
N TRP D 181 7.70 -13.64 25.69
CA TRP D 181 8.56 -14.72 25.22
C TRP D 181 8.43 -15.92 26.15
N THR D 182 8.40 -17.11 25.54
CA THR D 182 8.31 -18.36 26.28
C THR D 182 9.28 -19.35 25.68
N GLN D 183 9.64 -20.36 26.46
CA GLN D 183 10.57 -21.38 26.04
C GLN D 183 9.79 -22.64 25.66
N LEU D 184 9.93 -23.05 24.40
CA LEU D 184 9.32 -24.30 23.95
C LEU D 184 10.14 -25.48 24.45
N GLY D 185 9.48 -26.64 24.51
CA GLY D 185 10.06 -27.83 25.09
C GLY D 185 10.70 -28.81 24.12
N ALA D 186 10.85 -28.47 22.85
CA ALA D 186 11.35 -29.42 21.86
C ALA D 186 12.85 -29.31 21.62
N ARG D 187 13.32 -28.18 21.11
CA ARG D 187 14.68 -28.06 20.62
C ARG D 187 15.29 -26.72 21.03
N PHE D 188 15.09 -26.33 22.29
CA PHE D 188 15.60 -25.05 22.79
C PHE D 188 15.09 -23.88 21.95
N MET D 189 13.84 -23.96 21.52
CA MET D 189 13.23 -22.91 20.73
C MET D 189 12.50 -21.93 21.62
N ILE D 190 12.54 -20.66 21.22
CA ILE D 190 11.89 -19.57 21.93
C ILE D 190 10.75 -19.04 21.07
N GLN D 191 9.57 -18.93 21.65
CA GLN D 191 8.39 -18.38 20.99
C GLN D 191 8.16 -16.96 21.49
N PHE D 192 8.09 -16.01 20.56
CA PHE D 192 7.78 -14.63 20.86
C PHE D 192 6.34 -14.33 20.46
N GLY D 193 5.64 -13.60 21.30
CA GLY D 193 4.27 -13.23 20.99
C GLY D 193 3.29 -14.35 21.25
N TYR D 194 2.04 -14.11 20.83
CA TYR D 194 0.93 -15.00 21.09
C TYR D 194 0.15 -15.27 19.82
N GLY D 195 -0.42 -16.47 19.74
CA GLY D 195 -1.41 -16.77 18.71
C GLY D 195 -0.89 -16.59 17.31
N VAL D 196 -1.69 -15.91 16.48
CA VAL D 196 -1.35 -15.69 15.08
C VAL D 196 -0.18 -14.73 14.90
N ASN D 197 0.20 -14.00 15.95
CA ASN D 197 1.26 -13.01 15.88
C ASN D 197 2.60 -13.54 16.39
N GLN D 198 2.70 -14.85 16.63
CA GLN D 198 3.90 -15.41 17.23
C GLN D 198 4.99 -15.62 16.20
N LYS D 199 6.23 -15.66 16.68
CA LYS D 199 7.41 -16.01 15.90
C LYS D 199 8.24 -17.00 16.72
N LYS D 200 9.18 -17.67 16.07
CA LYS D 200 10.03 -18.63 16.73
C LYS D 200 11.48 -18.42 16.33
N ILE D 201 12.37 -18.57 17.30
CA ILE D 201 13.82 -18.55 17.04
C ILE D 201 14.44 -19.74 17.75
N GLN D 202 15.57 -20.22 17.21
CA GLN D 202 16.30 -21.24 17.95
C GLN D 202 17.52 -20.65 18.63
N ALA D 203 18.50 -20.20 17.83
CA ALA D 203 19.58 -19.34 18.32
C ALA D 203 19.65 -18.06 17.52
N THR D 204 19.78 -18.17 16.20
CA THR D 204 19.69 -17.04 15.28
C THR D 204 18.77 -17.33 14.10
N LEU D 205 18.43 -18.59 13.86
CA LEU D 205 17.46 -18.94 12.84
C LEU D 205 16.05 -18.60 13.34
N SER D 206 15.28 -17.91 12.51
CA SER D 206 13.89 -17.66 12.82
C SER D 206 13.01 -18.72 12.17
N ASN D 207 11.72 -18.67 12.47
CA ASN D 207 10.79 -19.59 11.83
C ASN D 207 10.60 -19.31 10.35
N GLN D 208 11.09 -18.16 9.87
CA GLN D 208 11.01 -17.80 8.45
C GLN D 208 12.30 -18.08 7.71
N THR D 209 13.33 -18.57 8.37
CA THR D 209 14.57 -18.94 7.67
C THR D 209 14.34 -20.19 6.84
N GLY D 210 14.75 -20.16 5.58
CA GLY D 210 14.41 -21.23 4.66
C GLY D 210 15.36 -22.42 4.78
N ILE D 211 14.79 -23.60 4.60
CA ILE D 211 15.59 -24.83 4.54
C ILE D 211 16.56 -24.78 3.36
N LEU D 212 16.09 -24.30 2.21
CA LEU D 212 16.92 -24.30 1.00
C LEU D 212 18.13 -23.38 1.16
N GLY D 213 17.91 -22.19 1.72
CA GLY D 213 19.03 -21.28 1.91
C GLY D 213 20.05 -21.80 2.89
N VAL D 214 19.58 -22.36 4.01
CA VAL D 214 20.50 -22.91 5.00
C VAL D 214 21.31 -24.06 4.42
N GLU D 215 20.64 -24.95 3.68
CA GLU D 215 21.35 -26.09 3.12
C GLU D 215 22.30 -25.67 1.99
N LEU D 216 21.96 -24.60 1.25
CA LEU D 216 22.87 -24.10 0.23
C LEU D 216 24.08 -23.42 0.85
N ALA D 217 23.89 -22.73 1.98
CA ALA D 217 25.02 -22.08 2.65
C ALA D 217 26.01 -23.11 3.16
N CYS D 218 25.51 -24.23 3.70
CA CYS D 218 26.39 -25.28 4.21
C CYS D 218 27.14 -26.00 3.09
N ASP D 219 26.72 -25.87 1.84
CA ASP D 219 27.39 -26.46 0.70
C ASP D 219 28.34 -25.41 0.12
N LYS D 220 29.64 -25.62 0.32
CA LYS D 220 30.62 -24.63 -0.13
C LYS D 220 30.63 -24.52 -1.65
N GLU D 221 30.73 -25.66 -2.34
CA GLU D 221 30.81 -25.63 -3.80
C GLU D 221 29.53 -25.11 -4.43
N GLY D 222 28.38 -25.52 -3.90
CA GLY D 222 27.12 -25.00 -4.42
C GLY D 222 26.99 -23.50 -4.22
N THR D 223 27.40 -23.00 -3.05
CA THR D 223 27.36 -21.57 -2.79
C THR D 223 28.28 -20.82 -3.75
N LYS D 224 29.49 -21.35 -3.97
CA LYS D 224 30.41 -20.70 -4.90
C LYS D 224 29.83 -20.69 -6.30
N ARG D 225 29.24 -21.80 -6.74
CA ARG D 225 28.66 -21.86 -8.08
C ARG D 225 27.53 -20.86 -8.24
N ILE D 226 26.63 -20.79 -7.26
CA ILE D 226 25.50 -19.86 -7.34
C ILE D 226 26.00 -18.42 -7.35
N LEU D 227 26.95 -18.09 -6.48
CA LEU D 227 27.45 -16.73 -6.41
C LEU D 227 28.20 -16.35 -7.69
N LYS D 228 28.94 -17.30 -8.27
CA LYS D 228 29.64 -17.01 -9.52
C LYS D 228 28.66 -16.81 -10.65
N ASP D 229 27.57 -17.58 -10.67
CA ASP D 229 26.53 -17.38 -11.67
C ASP D 229 25.87 -16.00 -11.55
N ALA D 230 25.97 -15.36 -10.39
CA ALA D 230 25.37 -14.06 -10.15
C ALA D 230 26.36 -12.92 -10.30
N GLY D 231 27.59 -13.21 -10.74
CA GLY D 231 28.59 -12.17 -10.91
C GLY D 231 29.34 -11.79 -9.65
N VAL D 232 29.10 -12.49 -8.54
CA VAL D 232 29.78 -12.20 -7.28
C VAL D 232 31.23 -12.66 -7.37
N PRO D 233 32.19 -11.86 -6.89
CA PRO D 233 33.60 -12.27 -6.95
C PRO D 233 33.97 -13.33 -5.93
N VAL D 234 33.76 -14.61 -6.27
CA VAL D 234 34.15 -15.71 -5.40
C VAL D 234 35.56 -16.16 -5.75
N PRO D 235 36.29 -16.79 -4.84
CA PRO D 235 37.65 -17.25 -5.17
C PRO D 235 37.64 -18.34 -6.22
N ARG D 236 38.69 -18.34 -7.03
CA ARG D 236 38.83 -19.32 -8.11
C ARG D 236 39.46 -20.59 -7.56
N GLY D 237 38.81 -21.73 -7.79
CA GLY D 237 39.31 -22.97 -7.25
C GLY D 237 38.53 -24.16 -7.75
N THR D 238 38.93 -25.33 -7.27
CA THR D 238 38.31 -26.59 -7.68
C THR D 238 38.52 -27.63 -6.59
N VAL D 239 37.72 -28.69 -6.66
CA VAL D 239 37.77 -29.77 -5.68
C VAL D 239 38.76 -30.82 -6.15
N ALA D 240 39.31 -31.58 -5.20
CA ALA D 240 40.26 -32.64 -5.52
C ALA D 240 40.10 -33.73 -4.47
N ARG D 241 39.51 -34.86 -4.86
CA ARG D 241 39.24 -35.94 -3.92
C ARG D 241 40.49 -36.76 -3.63
N TYR D 242 41.35 -36.98 -4.62
CA TYR D 242 42.48 -37.88 -4.50
C TYR D 242 43.80 -37.12 -4.56
N PHE D 243 44.89 -37.87 -4.34
CA PHE D 243 46.22 -37.26 -4.36
C PHE D 243 46.70 -36.99 -5.78
N ASP D 244 46.31 -37.84 -6.73
CA ASP D 244 46.81 -37.69 -8.10
C ASP D 244 46.32 -36.42 -8.77
N GLU D 245 45.24 -35.81 -8.26
CA GLU D 245 44.64 -34.64 -8.85
C GLU D 245 45.21 -33.33 -8.33
N LEU D 246 46.21 -33.38 -7.45
CA LEU D 246 46.71 -32.17 -6.81
C LEU D 246 47.33 -31.21 -7.84
N GLN D 247 48.27 -31.70 -8.64
CA GLN D 247 48.83 -30.87 -9.71
C GLN D 247 47.74 -30.29 -10.59
N ASP D 248 46.97 -31.17 -11.25
CA ASP D 248 45.99 -30.73 -12.24
C ASP D 248 45.06 -29.68 -11.67
N ALA D 249 44.76 -29.78 -10.38
CA ALA D 249 43.99 -28.73 -9.70
C ALA D 249 44.82 -27.46 -9.53
N ILE D 250 46.11 -27.57 -9.22
CA ILE D 250 46.93 -26.39 -8.99
C ILE D 250 47.08 -25.56 -10.26
N GLU D 251 47.33 -26.23 -11.40
CA GLU D 251 47.42 -25.43 -12.63
C GLU D 251 46.09 -24.79 -13.00
N TYR D 252 44.96 -25.27 -12.47
CA TYR D 252 43.68 -24.68 -12.79
C TYR D 252 43.52 -23.29 -12.17
N VAL D 253 43.92 -23.13 -10.90
CA VAL D 253 43.66 -21.88 -10.19
C VAL D 253 44.49 -20.73 -10.74
N GLY D 254 45.62 -21.01 -11.38
CA GLY D 254 46.40 -19.95 -12.00
C GLY D 254 47.75 -19.69 -11.37
N GLY D 255 48.38 -20.72 -10.82
CA GLY D 255 49.73 -20.62 -10.29
C GLY D 255 49.75 -20.71 -8.77
N TYR D 256 50.57 -19.87 -8.17
CA TYR D 256 50.82 -19.85 -6.73
C TYR D 256 50.67 -18.44 -6.20
N PRO D 257 50.35 -18.28 -4.91
CA PRO D 257 50.08 -19.31 -3.90
C PRO D 257 48.64 -19.81 -3.94
N ILE D 258 48.37 -20.93 -3.26
CA ILE D 258 47.04 -21.53 -3.24
C ILE D 258 46.66 -21.83 -1.79
N VAL D 259 45.40 -22.22 -1.62
CA VAL D 259 44.81 -22.57 -0.33
C VAL D 259 44.22 -23.97 -0.41
N ILE D 260 44.45 -24.76 0.62
CA ILE D 260 43.98 -26.14 0.72
C ILE D 260 43.05 -26.23 1.93
N LYS D 261 41.83 -26.72 1.71
CA LYS D 261 40.92 -26.80 2.86
C LYS D 261 39.82 -27.84 2.67
N PRO D 262 39.42 -28.54 3.72
CA PRO D 262 38.32 -29.51 3.59
C PRO D 262 36.99 -28.82 3.39
N LEU D 263 36.08 -29.51 2.70
CA LEU D 263 34.73 -28.99 2.49
C LEU D 263 33.76 -29.37 3.60
N ASP D 264 34.04 -30.46 4.31
CA ASP D 264 33.22 -30.88 5.44
C ASP D 264 33.71 -30.28 6.76
N GLY D 265 34.35 -29.12 6.72
CA GLY D 265 34.95 -28.51 7.88
C GLY D 265 34.31 -27.18 8.25
N ASN D 266 34.56 -26.78 9.49
CA ASN D 266 34.09 -25.51 10.02
C ASN D 266 35.03 -25.07 11.14
N HIS D 267 35.00 -23.78 11.44
CA HIS D 267 35.84 -23.20 12.49
C HIS D 267 37.33 -23.46 12.24
N GLY D 268 37.71 -23.54 10.97
CA GLY D 268 39.10 -23.77 10.62
C GLY D 268 39.66 -25.13 11.01
N ARG D 269 38.90 -26.20 10.79
CA ARG D 269 39.37 -27.55 11.10
C ARG D 269 40.33 -28.01 10.01
N GLY D 270 41.62 -27.93 10.29
CA GLY D 270 42.63 -28.43 9.38
C GLY D 270 42.73 -27.69 8.06
N ILE D 271 42.70 -26.36 8.08
CA ILE D 271 42.81 -25.54 6.89
C ILE D 271 44.20 -24.94 6.83
N THR D 272 44.85 -25.06 5.68
CA THR D 272 46.16 -24.48 5.44
C THR D 272 46.01 -23.30 4.49
N ILE D 273 46.44 -22.13 4.94
CA ILE D 273 46.13 -20.89 4.22
C ILE D 273 47.10 -20.68 3.07
N ASP D 274 48.39 -20.50 3.39
CA ASP D 274 49.39 -20.11 2.40
C ASP D 274 50.37 -21.25 2.18
N VAL D 275 50.49 -21.69 0.93
CA VAL D 275 51.49 -22.67 0.52
C VAL D 275 52.11 -22.19 -0.80
N LYS D 276 53.42 -22.36 -0.93
CA LYS D 276 54.15 -21.86 -2.10
C LYS D 276 55.02 -22.92 -2.76
N ASN D 277 54.89 -24.19 -2.39
CA ASN D 277 55.70 -25.24 -2.98
C ASN D 277 54.98 -26.57 -2.85
N TRP D 278 55.53 -27.59 -3.52
CA TRP D 278 54.87 -28.89 -3.57
C TRP D 278 54.94 -29.64 -2.25
N GLN D 279 56.04 -29.49 -1.49
CA GLN D 279 56.11 -30.14 -0.20
C GLN D 279 55.03 -29.60 0.74
N GLU D 280 54.89 -28.27 0.79
CA GLU D 280 53.82 -27.68 1.57
C GLU D 280 52.46 -28.09 1.04
N ALA D 281 52.32 -28.19 -0.29
CA ALA D 281 51.05 -28.57 -0.88
C ALA D 281 50.64 -29.98 -0.45
N GLU D 282 51.57 -30.93 -0.51
CA GLU D 282 51.23 -32.30 -0.16
C GLU D 282 50.99 -32.46 1.34
N GLU D 283 51.80 -31.77 2.16
CA GLU D 283 51.55 -31.80 3.60
C GLU D 283 50.18 -31.22 3.93
N ALA D 284 49.83 -30.11 3.27
CA ALA D 284 48.52 -29.49 3.47
C ALA D 284 47.39 -30.41 3.04
N TYR D 285 47.55 -31.09 1.90
CA TYR D 285 46.53 -32.03 1.45
C TYR D 285 46.35 -33.14 2.46
N ASP D 286 47.45 -33.70 2.96
CA ASP D 286 47.36 -34.78 3.94
C ASP D 286 46.66 -34.31 5.20
N LEU D 287 47.03 -33.12 5.70
CA LEU D 287 46.45 -32.62 6.94
C LEU D 287 44.96 -32.35 6.77
N ALA D 288 44.57 -31.73 5.65
CA ALA D 288 43.16 -31.45 5.41
C ALA D 288 42.36 -32.73 5.23
N ARG D 289 42.93 -33.72 4.54
CA ARG D 289 42.26 -35.00 4.38
C ARG D 289 42.06 -35.69 5.73
N LYS D 290 43.05 -35.58 6.62
CA LYS D 290 42.87 -36.07 7.98
C LYS D 290 41.75 -35.32 8.69
N ALA D 291 41.69 -34.00 8.51
CA ALA D 291 40.62 -33.22 9.11
C ALA D 291 39.29 -33.40 8.38
N SER D 292 39.32 -33.87 7.13
CA SER D 292 38.10 -34.05 6.35
C SER D 292 37.35 -35.29 6.83
N LYS D 293 36.03 -35.15 7.01
CA LYS D 293 35.21 -36.28 7.39
C LYS D 293 34.84 -37.17 6.21
N THR D 294 35.04 -36.69 4.98
CA THR D 294 34.71 -37.46 3.78
C THR D 294 35.90 -37.59 2.83
N LYS D 295 37.11 -37.31 3.31
CA LYS D 295 38.35 -37.44 2.53
C LYS D 295 38.33 -36.59 1.26
N THR D 296 37.67 -35.44 1.29
CA THR D 296 37.56 -34.58 0.13
C THR D 296 38.03 -33.18 0.50
N VAL D 297 38.80 -32.56 -0.40
CA VAL D 297 39.43 -31.28 -0.12
C VAL D 297 39.23 -30.36 -1.32
N ILE D 298 39.39 -29.05 -1.09
CA ILE D 298 39.27 -28.03 -2.11
C ILE D 298 40.60 -27.28 -2.19
N VAL D 299 41.08 -27.08 -3.41
CA VAL D 299 42.18 -26.17 -3.68
C VAL D 299 41.57 -24.90 -4.25
N GLU D 300 42.22 -23.78 -3.99
CA GLU D 300 41.76 -22.53 -4.61
C GLU D 300 42.90 -21.52 -4.63
N ARG D 301 42.70 -20.44 -5.38
CA ARG D 301 43.67 -19.36 -5.40
C ARG D 301 43.72 -18.69 -4.04
N TYR D 302 44.91 -18.24 -3.64
CA TYR D 302 45.07 -17.53 -2.39
C TYR D 302 44.92 -16.03 -2.64
N TYR D 303 44.06 -15.39 -1.85
CA TYR D 303 43.78 -13.97 -1.98
C TYR D 303 44.34 -13.23 -0.76
N THR D 304 45.22 -12.27 -1.02
CA THR D 304 45.76 -11.46 0.05
C THR D 304 44.73 -10.42 0.49
N GLY D 305 44.76 -10.10 1.77
CA GLY D 305 43.85 -9.12 2.34
C GLY D 305 43.37 -9.55 3.71
N LYS D 306 42.79 -8.60 4.43
CA LYS D 306 42.26 -8.88 5.75
C LYS D 306 40.93 -9.62 5.66
N ASP D 307 40.60 -10.32 6.74
CA ASP D 307 39.39 -11.12 6.84
C ASP D 307 38.31 -10.33 7.57
N HIS D 308 37.17 -10.13 6.93
CA HIS D 308 36.05 -9.42 7.50
C HIS D 308 34.84 -10.34 7.63
N ARG D 309 34.09 -10.14 8.69
CA ARG D 309 32.80 -10.79 8.88
C ARG D 309 31.72 -9.74 8.76
N VAL D 310 30.78 -9.94 7.84
CA VAL D 310 29.68 -9.01 7.61
C VAL D 310 28.39 -9.70 8.01
N LEU D 311 27.63 -9.07 8.90
CA LEU D 311 26.35 -9.58 9.34
C LEU D 311 25.25 -8.90 8.54
N VAL D 312 24.39 -9.70 7.93
CA VAL D 312 23.27 -9.19 7.14
C VAL D 312 21.99 -9.69 7.78
N VAL D 313 21.13 -8.76 8.20
CA VAL D 313 19.84 -9.06 8.80
C VAL D 313 18.77 -8.42 7.94
N ASN D 314 17.78 -9.22 7.55
CA ASN D 314 16.65 -8.75 6.74
C ASN D 314 17.11 -8.05 5.48
N GLY D 315 18.20 -8.54 4.88
CA GLY D 315 18.71 -7.95 3.66
C GLY D 315 19.46 -6.65 3.83
N LYS D 316 19.80 -6.26 5.06
CA LYS D 316 20.57 -5.04 5.30
C LYS D 316 21.82 -5.37 6.10
N VAL D 317 22.93 -4.71 5.75
CA VAL D 317 24.18 -4.90 6.47
C VAL D 317 24.05 -4.22 7.83
N VAL D 318 24.21 -4.99 8.90
CA VAL D 318 24.05 -4.48 10.25
C VAL D 318 25.38 -4.20 10.91
N ALA D 319 26.34 -5.11 10.77
CA ALA D 319 27.63 -4.98 11.41
C ALA D 319 28.71 -5.57 10.52
N VAL D 320 29.86 -4.90 10.47
CA VAL D 320 31.03 -5.38 9.76
C VAL D 320 32.19 -5.43 10.76
N ALA D 321 32.86 -6.57 10.84
CA ALA D 321 33.96 -6.76 11.77
C ALA D 321 35.14 -7.38 11.03
N GLU D 322 36.32 -6.78 11.19
CA GLU D 322 37.55 -7.34 10.70
C GLU D 322 38.17 -8.22 11.79
N ARG D 323 38.51 -9.45 11.41
CA ARG D 323 39.08 -10.44 12.37
C ARG D 323 40.60 -10.46 12.27
N VAL D 324 41.27 -9.92 13.29
CA VAL D 324 42.73 -9.90 13.37
C VAL D 324 43.17 -11.08 14.22
N PRO D 325 44.04 -11.94 13.72
CA PRO D 325 44.45 -13.12 14.51
C PRO D 325 45.29 -12.70 15.70
N ALA D 326 45.48 -13.66 16.61
CA ALA D 326 46.23 -13.40 17.84
C ALA D 326 47.61 -12.84 17.52
N HIS D 327 47.87 -11.64 18.02
CA HIS D 327 49.11 -10.94 17.71
C HIS D 327 49.56 -10.16 18.93
N VAL D 328 50.84 -9.79 18.94
CA VAL D 328 51.40 -8.95 19.99
C VAL D 328 52.26 -7.87 19.33
N VAL D 329 52.28 -6.69 19.94
CA VAL D 329 53.04 -5.56 19.44
C VAL D 329 54.07 -5.16 20.50
N GLY D 330 55.34 -5.14 20.11
CA GLY D 330 56.42 -4.85 21.03
C GLY D 330 56.84 -3.40 21.06
N ASN D 331 55.88 -2.48 21.17
CA ASN D 331 56.21 -1.06 21.23
C ASN D 331 56.74 -0.64 22.60
N GLY D 332 56.62 -1.49 23.61
CA GLY D 332 57.15 -1.20 24.93
C GLY D 332 58.53 -1.79 25.14
N LYS D 333 59.21 -2.12 24.04
CA LYS D 333 60.54 -2.72 24.08
C LYS D 333 60.53 -4.04 24.86
N SER D 334 59.49 -4.83 24.66
CA SER D 334 59.35 -6.13 25.28
C SER D 334 59.06 -7.18 24.22
N THR D 335 59.53 -8.40 24.45
CA THR D 335 59.44 -9.47 23.48
C THR D 335 58.17 -10.29 23.71
N ILE D 336 58.02 -11.35 22.92
CA ILE D 336 56.82 -12.19 22.98
C ILE D 336 56.71 -12.90 24.32
N ALA D 337 57.86 -13.30 24.89
CA ALA D 337 57.87 -14.12 26.09
C ALA D 337 57.15 -13.45 27.25
N GLU D 338 57.20 -12.13 27.33
CA GLU D 338 56.48 -11.42 28.38
C GLU D 338 55.05 -11.11 27.96
N LEU D 339 54.84 -10.72 26.71
CA LEU D 339 53.53 -10.28 26.26
C LEU D 339 52.51 -11.41 26.25
N ILE D 340 52.95 -12.65 26.04
CA ILE D 340 52.02 -13.77 25.98
C ILE D 340 51.21 -13.87 27.27
N GLU D 341 51.86 -13.67 28.41
CA GLU D 341 51.16 -13.67 29.69
C GLU D 341 50.75 -12.28 30.14
N GLU D 342 51.36 -11.22 29.60
CA GLU D 342 50.88 -9.87 29.88
C GLU D 342 49.47 -9.68 29.36
N THR D 343 49.19 -10.17 28.15
CA THR D 343 47.82 -10.12 27.63
C THR D 343 46.91 -11.06 28.40
N ASN D 344 47.44 -12.20 28.85
CA ASN D 344 46.64 -13.17 29.59
C ASN D 344 46.17 -12.63 30.93
N ARG D 345 46.82 -11.60 31.46
CA ARG D 345 46.43 -10.99 32.72
C ARG D 345 45.37 -9.90 32.56
N ASP D 346 44.97 -9.61 31.33
CA ASP D 346 43.91 -8.66 31.07
C ASP D 346 42.58 -9.19 31.58
N PRO D 347 41.83 -8.43 32.38
CA PRO D 347 40.51 -8.90 32.81
C PRO D 347 39.55 -9.20 31.65
N GLN D 348 39.80 -8.63 30.46
CA GLN D 348 39.00 -8.97 29.30
C GLN D 348 39.12 -10.44 28.93
N ARG D 349 40.22 -11.10 29.32
CA ARG D 349 40.41 -12.51 29.01
C ARG D 349 39.36 -13.35 29.73
N GLY D 350 38.79 -14.31 29.00
CA GLY D 350 37.78 -15.18 29.58
C GLY D 350 37.48 -16.39 28.71
N ASP D 351 37.36 -17.55 29.34
CA ASP D 351 37.09 -18.80 28.63
C ASP D 351 35.59 -19.09 28.65
N GLY D 352 35.21 -20.29 28.23
CA GLY D 352 33.83 -20.71 28.24
C GLY D 352 33.04 -20.24 27.05
N HIS D 353 31.77 -19.90 27.25
CA HIS D 353 30.89 -19.44 26.18
C HIS D 353 30.24 -18.10 26.51
N ASP D 354 30.82 -17.34 27.43
CA ASP D 354 30.30 -16.03 27.81
C ASP D 354 31.25 -14.90 27.42
N ASN D 355 32.51 -14.96 27.85
CA ASN D 355 33.48 -13.95 27.48
C ASN D 355 34.01 -14.25 26.08
N ILE D 356 33.82 -13.30 25.16
CA ILE D 356 34.17 -13.55 23.77
C ILE D 356 35.68 -13.55 23.58
N LEU D 357 36.39 -12.71 24.33
CA LEU D 357 37.82 -12.51 24.12
C LEU D 357 38.57 -13.60 24.87
N THR D 358 38.83 -14.70 24.18
CA THR D 358 39.49 -15.87 24.76
C THR D 358 40.97 -15.59 24.97
N ARG D 359 41.52 -16.18 26.02
CA ARG D 359 42.93 -16.03 26.32
C ARG D 359 43.79 -16.65 25.22
N ILE D 360 45.01 -16.14 25.09
CA ILE D 360 45.95 -16.64 24.09
C ILE D 360 46.40 -18.04 24.47
N THR D 361 45.91 -19.04 23.74
CA THR D 361 46.27 -20.42 24.01
C THR D 361 47.51 -20.78 23.21
N VAL D 362 48.61 -21.06 23.90
CA VAL D 362 49.88 -21.41 23.25
C VAL D 362 49.94 -22.93 23.17
N ASP D 363 49.61 -23.45 22.00
CA ASP D 363 49.66 -24.89 21.74
C ASP D 363 50.89 -25.22 20.91
N LYS D 364 51.14 -26.53 20.74
CA LYS D 364 52.26 -26.95 19.90
C LYS D 364 52.03 -26.55 18.44
N SER D 365 50.78 -26.54 17.99
CA SER D 365 50.48 -25.99 16.66
C SER D 365 50.80 -24.51 16.60
N ALA D 366 50.46 -23.77 17.67
CA ALA D 366 50.85 -22.37 17.74
C ALA D 366 52.36 -22.21 17.76
N LEU D 367 53.07 -23.11 18.44
CA LEU D 367 54.53 -23.08 18.42
C LEU D 367 55.06 -23.30 17.01
N ASP D 368 54.47 -24.22 16.26
CA ASP D 368 54.87 -24.44 14.89
C ASP D 368 54.61 -23.20 14.03
N ILE D 369 53.46 -22.55 14.24
CA ILE D 369 53.12 -21.37 13.44
C ILE D 369 54.11 -20.24 13.74
N LEU D 370 54.41 -20.01 15.02
CA LEU D 370 55.38 -18.97 15.35
C LEU D 370 56.79 -19.34 14.94
N GLY D 371 57.08 -20.64 14.79
CA GLY D 371 58.33 -21.04 14.16
C GLY D 371 58.37 -20.67 12.69
N LYS D 372 57.26 -20.89 11.98
CA LYS D 372 57.16 -20.45 10.60
C LYS D 372 57.17 -18.93 10.49
N GLN D 373 56.85 -18.22 11.56
CA GLN D 373 56.80 -16.76 11.54
C GLN D 373 58.13 -16.15 11.14
N GLY D 374 59.24 -16.78 11.52
CA GLY D 374 60.55 -16.23 11.27
C GLY D 374 61.20 -15.56 12.46
N TYR D 375 60.56 -15.58 13.62
CA TYR D 375 61.12 -15.05 14.86
C TYR D 375 60.87 -16.06 15.98
N SER D 376 61.42 -15.78 17.16
CA SER D 376 61.38 -16.74 18.25
C SER D 376 60.75 -16.15 19.49
N ILE D 377 60.83 -16.88 20.60
CA ILE D 377 60.17 -16.46 21.85
C ILE D 377 60.76 -15.15 22.34
N ASP D 378 62.09 -15.03 22.30
CA ASP D 378 62.78 -13.86 22.80
C ASP D 378 63.16 -12.87 21.70
N SER D 379 62.62 -13.04 20.50
CA SER D 379 62.89 -12.10 19.41
C SER D 379 62.02 -10.87 19.60
N ILE D 380 62.65 -9.75 19.96
CA ILE D 380 61.90 -8.51 20.21
C ILE D 380 61.31 -8.01 18.89
N PRO D 381 60.03 -7.62 18.87
CA PRO D 381 59.46 -7.07 17.63
C PRO D 381 60.19 -5.81 17.19
N LEU D 382 60.32 -5.66 15.87
CA LEU D 382 61.05 -4.54 15.30
C LEU D 382 60.15 -3.30 15.23
N LYS D 383 60.67 -2.18 15.75
CA LYS D 383 60.00 -0.88 15.69
C LYS D 383 58.67 -0.88 16.43
N GLY D 384 58.40 -1.92 17.21
CA GLY D 384 57.11 -2.06 17.84
C GLY D 384 56.01 -2.28 16.83
N LYS D 385 56.13 -3.35 16.04
CA LYS D 385 55.18 -3.67 14.98
C LYS D 385 54.46 -4.96 15.34
N LYS D 386 53.23 -5.10 14.83
CA LYS D 386 52.44 -6.29 15.10
C LYS D 386 53.15 -7.54 14.60
N CYS D 387 53.23 -8.56 15.45
CA CYS D 387 53.74 -9.87 15.07
C CYS D 387 52.72 -10.91 15.50
N PHE D 388 52.34 -11.78 14.58
CA PHE D 388 51.20 -12.65 14.74
C PHE D 388 51.57 -13.94 15.45
N LEU D 389 50.53 -14.70 15.85
CA LEU D 389 50.69 -16.02 16.42
C LEU D 389 50.10 -17.13 15.57
N ARG D 390 49.09 -16.82 14.75
CA ARG D 390 48.48 -17.80 13.86
C ARG D 390 47.85 -17.04 12.69
N ALA D 391 47.03 -17.75 11.91
CA ALA D 391 46.41 -17.17 10.72
C ALA D 391 44.93 -17.47 10.58
N THR D 392 44.32 -18.20 11.53
CA THR D 392 42.91 -18.54 11.39
C THR D 392 42.02 -17.34 11.69
N ALA D 393 42.49 -16.40 12.51
CA ALA D 393 41.75 -15.20 12.87
C ALA D 393 40.36 -15.55 13.41
N ASN D 394 40.35 -16.29 14.52
CA ASN D 394 39.08 -16.73 15.15
C ASN D 394 39.06 -16.27 16.62
N LEU D 395 37.92 -15.72 17.06
CA LEU D 395 37.75 -15.26 18.43
C LEU D 395 37.80 -16.39 19.44
N SER D 396 37.54 -17.62 19.00
CA SER D 396 37.59 -18.78 19.90
C SER D 396 39.00 -19.13 20.33
N THR D 397 40.01 -18.53 19.71
CA THR D 397 41.41 -18.86 20.00
C THR D 397 42.18 -17.72 20.65
N GLY D 398 41.74 -16.48 20.49
CA GLY D 398 42.46 -15.35 21.07
C GLY D 398 42.70 -14.21 20.10
N GLY D 399 41.99 -14.21 18.99
CA GLY D 399 42.01 -13.08 18.07
C GLY D 399 41.14 -11.94 18.56
N ILE D 400 41.14 -10.86 17.78
CA ILE D 400 40.35 -9.68 18.11
C ILE D 400 39.50 -9.30 16.92
N ALA D 401 38.44 -8.54 17.20
CA ALA D 401 37.54 -8.00 16.19
C ALA D 401 37.63 -6.49 16.19
N VAL D 402 37.58 -5.89 15.01
CA VAL D 402 37.61 -4.44 14.85
C VAL D 402 36.36 -4.02 14.10
N ASP D 403 35.59 -3.10 14.67
CA ASP D 403 34.37 -2.65 14.03
C ASP D 403 34.70 -1.84 12.78
N ARG D 404 34.07 -2.20 11.65
CA ARG D 404 34.25 -1.50 10.39
C ARG D 404 32.92 -1.17 9.74
N THR D 405 31.84 -1.09 10.52
CA THR D 405 30.51 -0.88 9.96
C THR D 405 30.40 0.47 9.29
N ASP D 406 31.02 1.50 9.87
CA ASP D 406 30.92 2.85 9.33
C ASP D 406 31.90 3.12 8.21
N GLU D 407 32.77 2.16 7.87
CA GLU D 407 33.78 2.36 6.85
C GLU D 407 33.53 1.56 5.58
N ILE D 408 32.46 0.79 5.51
CA ILE D 408 32.21 -0.07 4.35
C ILE D 408 31.66 0.76 3.21
N HIS D 409 32.15 0.47 2.00
CA HIS D 409 31.70 1.20 0.82
C HIS D 409 30.24 0.87 0.50
N PRO D 410 29.46 1.84 0.04
CA PRO D 410 28.05 1.56 -0.29
C PRO D 410 27.88 0.48 -1.34
N GLU D 411 28.79 0.42 -2.32
CA GLU D 411 28.73 -0.65 -3.31
C GLU D 411 28.91 -2.01 -2.66
N ASN D 412 29.81 -2.10 -1.68
CA ASN D 412 29.99 -3.35 -0.95
C ASN D 412 28.74 -3.71 -0.15
N VAL D 413 28.07 -2.71 0.42
CA VAL D 413 26.82 -2.96 1.14
C VAL D 413 25.78 -3.53 0.20
N TRP D 414 25.64 -2.94 -0.99
CA TRP D 414 24.71 -3.45 -1.97
C TRP D 414 25.05 -4.87 -2.38
N LEU D 415 26.34 -5.13 -2.63
CA LEU D 415 26.75 -6.46 -3.05
C LEU D 415 26.47 -7.51 -1.98
N LEU D 416 26.76 -7.19 -0.72
CA LEU D 416 26.57 -8.16 0.35
C LEU D 416 25.09 -8.41 0.63
N SER D 417 24.27 -7.35 0.55
CA SER D 417 22.83 -7.55 0.65
C SER D 417 22.32 -8.44 -0.48
N ARG D 418 22.82 -8.21 -1.69
CA ARG D 418 22.43 -9.06 -2.82
C ARG D 418 22.87 -10.49 -2.61
N VAL D 419 24.06 -10.71 -2.06
CA VAL D 419 24.54 -12.06 -1.79
C VAL D 419 23.63 -12.76 -0.80
N ALA D 420 23.27 -12.06 0.28
CA ALA D 420 22.39 -12.64 1.28
C ALA D 420 21.03 -12.98 0.70
N LYS D 421 20.51 -12.12 -0.18
CA LYS D 421 19.23 -12.43 -0.82
C LYS D 421 19.36 -13.58 -1.82
N ILE D 422 20.48 -13.68 -2.52
CA ILE D 422 20.67 -14.74 -3.50
C ILE D 422 20.72 -16.10 -2.82
N ILE D 423 21.49 -16.19 -1.73
CA ILE D 423 21.56 -17.46 -0.99
C ILE D 423 20.20 -17.80 -0.40
N GLY D 424 19.49 -16.80 0.13
CA GLY D 424 18.17 -17.03 0.65
C GLY D 424 18.12 -17.11 2.16
N LEU D 425 18.86 -16.22 2.83
CA LEU D 425 18.96 -16.22 4.29
C LEU D 425 18.50 -14.88 4.83
N ASP D 426 17.62 -14.92 5.83
CA ASP D 426 17.19 -13.69 6.48
C ASP D 426 18.25 -13.14 7.41
N ILE D 427 19.03 -14.01 8.05
CA ILE D 427 20.19 -13.64 8.84
C ILE D 427 21.37 -14.44 8.34
N ALA D 428 22.42 -13.74 7.88
CA ALA D 428 23.56 -14.40 7.27
C ALA D 428 24.85 -13.76 7.76
N GLY D 429 25.89 -14.59 7.84
CA GLY D 429 27.23 -14.10 8.12
C GLY D 429 28.15 -14.37 6.95
N ILE D 430 28.59 -13.32 6.27
CA ILE D 430 29.38 -13.45 5.05
C ILE D 430 30.83 -13.19 5.40
N ASP D 431 31.72 -14.07 4.95
CA ASP D 431 33.15 -13.92 5.17
C ASP D 431 33.78 -13.34 3.91
N VAL D 432 34.45 -12.21 4.06
CA VAL D 432 35.06 -11.50 2.94
C VAL D 432 36.56 -11.42 3.18
N VAL D 433 37.34 -11.57 2.12
CA VAL D 433 38.78 -11.36 2.18
C VAL D 433 39.08 -10.19 1.26
N THR D 434 39.50 -9.07 1.84
CA THR D 434 39.74 -7.87 1.06
C THR D 434 40.80 -7.00 1.72
N GLU D 435 41.58 -6.31 0.90
CA GLU D 435 42.61 -5.42 1.41
C GLU D 435 42.03 -4.16 2.03
N ASP D 436 40.86 -3.72 1.59
CA ASP D 436 40.26 -2.49 2.12
C ASP D 436 38.75 -2.58 1.93
N ILE D 437 38.01 -2.65 3.03
CA ILE D 437 36.56 -2.72 2.97
C ILE D 437 35.93 -1.39 2.58
N SER D 438 36.71 -0.30 2.60
CA SER D 438 36.19 1.00 2.20
C SER D 438 36.19 1.21 0.68
N GLN D 439 36.76 0.28 -0.08
CA GLN D 439 36.77 0.33 -1.53
C GLN D 439 35.94 -0.81 -2.09
N PRO D 440 35.40 -0.65 -3.30
CA PRO D 440 34.61 -1.74 -3.89
C PRO D 440 35.44 -2.99 -4.10
N LEU D 441 34.78 -4.14 -4.00
CA LEU D 441 35.46 -5.43 -4.12
C LEU D 441 35.99 -5.69 -5.51
N ARG D 442 35.68 -4.84 -6.49
CA ARG D 442 36.21 -5.00 -7.84
C ARG D 442 37.55 -4.31 -8.02
N GLU D 443 37.73 -3.12 -7.43
CA GLU D 443 39.00 -2.42 -7.53
C GLU D 443 40.12 -3.25 -6.91
N VAL D 444 40.04 -3.48 -5.60
CA VAL D 444 40.89 -4.47 -4.95
C VAL D 444 40.38 -5.84 -5.36
N GLU D 445 41.16 -6.87 -5.13
CA GLU D 445 40.75 -8.24 -5.49
C GLU D 445 40.08 -8.93 -4.30
N GLY D 446 39.03 -8.28 -3.80
CA GLY D 446 38.26 -8.86 -2.72
C GLY D 446 37.39 -10.01 -3.20
N VAL D 447 37.16 -10.97 -2.30
CA VAL D 447 36.36 -12.16 -2.61
C VAL D 447 35.42 -12.47 -1.47
N ILE D 448 34.35 -13.18 -1.80
CA ILE D 448 33.41 -13.71 -0.83
C ILE D 448 33.81 -15.16 -0.57
N VAL D 449 34.28 -15.45 0.64
CA VAL D 449 34.80 -16.78 0.94
C VAL D 449 33.67 -17.75 1.22
N GLU D 450 32.76 -17.39 2.13
CA GLU D 450 31.67 -18.29 2.48
C GLU D 450 30.52 -17.51 3.07
N VAL D 451 29.36 -18.15 3.10
CA VAL D 451 28.15 -17.62 3.72
C VAL D 451 27.69 -18.61 4.78
N ASN D 452 27.45 -18.12 5.99
CA ASN D 452 27.08 -18.96 7.12
C ASN D 452 25.66 -18.63 7.57
N ALA D 453 24.84 -19.66 7.69
CA ALA D 453 23.53 -19.53 8.32
C ALA D 453 23.67 -19.68 9.82
N ALA D 454 22.74 -19.06 10.55
CA ALA D 454 22.77 -18.99 11.99
C ALA D 454 24.12 -18.52 12.53
N PRO D 455 24.54 -17.30 12.16
CA PRO D 455 25.83 -16.81 12.64
C PRO D 455 25.76 -16.33 14.08
N GLY D 456 26.91 -16.40 14.75
CA GLY D 456 27.05 -15.82 16.07
C GLY D 456 27.50 -14.38 15.96
N PHE D 457 26.84 -13.51 16.74
CA PHE D 457 27.10 -12.08 16.68
C PHE D 457 27.71 -11.54 17.98
N ARG D 458 28.26 -12.40 18.82
CA ARG D 458 28.89 -11.94 20.04
C ARG D 458 30.14 -11.10 19.75
N MET D 459 30.70 -11.23 18.55
CA MET D 459 31.81 -10.40 18.12
C MET D 459 31.38 -9.00 17.70
N HIS D 460 30.09 -8.82 17.36
CA HIS D 460 29.61 -7.52 16.91
C HIS D 460 29.06 -6.67 18.05
N VAL D 461 28.53 -7.31 19.10
CA VAL D 461 28.01 -6.58 20.26
C VAL D 461 29.11 -6.19 21.24
N ALA D 462 30.34 -6.65 21.02
CA ALA D 462 31.48 -6.28 21.87
C ALA D 462 32.75 -6.34 21.04
N PRO D 463 32.90 -5.42 20.09
CA PRO D 463 34.05 -5.50 19.17
C PRO D 463 35.40 -5.48 19.86
N SER D 464 35.53 -4.69 20.94
CA SER D 464 36.73 -4.43 21.73
C SER D 464 37.68 -3.47 21.02
N ARG D 465 37.45 -3.10 19.78
CA ARG D 465 38.21 -2.02 19.12
C ARG D 465 37.25 -1.20 18.26
N GLY D 466 36.10 -0.84 18.81
CA GLY D 466 35.16 -0.03 18.06
C GLY D 466 33.82 0.02 18.77
N LEU D 467 32.82 0.49 18.01
CA LEU D 467 31.48 0.65 18.53
C LEU D 467 30.69 -0.65 18.44
N ALA D 468 30.00 -0.99 19.53
CA ALA D 468 29.12 -2.14 19.51
C ALA D 468 27.89 -1.86 18.65
N ARG D 469 27.36 -2.92 18.05
CA ARG D 469 26.20 -2.82 17.18
C ARG D 469 25.03 -3.57 17.81
N ASN D 470 23.84 -2.96 17.74
CA ASN D 470 22.63 -3.54 18.31
C ASN D 470 22.09 -4.58 17.33
N VAL D 471 22.72 -5.76 17.36
CA VAL D 471 22.29 -6.84 16.47
C VAL D 471 20.94 -7.40 16.91
N ALA D 472 20.76 -7.59 18.21
CA ALA D 472 19.48 -8.10 18.71
C ALA D 472 18.34 -7.15 18.38
N GLY D 473 18.61 -5.85 18.39
CA GLY D 473 17.61 -4.89 17.98
C GLY D 473 17.21 -5.07 16.53
N ALA D 474 18.19 -5.31 15.64
CA ALA D 474 17.88 -5.56 14.24
C ALA D 474 17.08 -6.84 14.07
N VAL D 475 17.43 -7.88 14.84
CA VAL D 475 16.68 -9.14 14.75
C VAL D 475 15.23 -8.94 15.19
N MET D 476 15.02 -8.22 16.29
CA MET D 476 13.66 -7.93 16.73
C MET D 476 12.91 -7.06 15.73
N ASP D 477 13.61 -6.11 15.09
CA ASP D 477 12.97 -5.31 14.05
C ASP D 477 12.53 -6.18 12.88
N MET D 478 13.36 -7.15 12.50
CA MET D 478 12.95 -8.09 11.44
C MET D 478 11.75 -8.91 11.88
N LEU D 479 11.76 -9.40 13.12
CA LEU D 479 10.69 -10.28 13.58
C LEU D 479 9.39 -9.50 13.78
N PHE D 480 9.48 -8.30 14.33
CA PHE D 480 8.31 -7.46 14.59
C PHE D 480 8.58 -6.08 14.00
N PRO D 481 8.18 -5.86 12.74
CA PRO D 481 8.65 -4.69 11.98
C PRO D 481 8.37 -3.33 12.62
N GLY D 482 7.10 -3.02 12.84
CA GLY D 482 6.72 -1.72 13.36
C GLY D 482 6.91 -1.63 14.86
N SER D 483 6.12 -0.77 15.49
CA SER D 483 6.05 -0.74 16.95
C SER D 483 4.99 -1.72 17.44
N LYS D 484 5.09 -2.96 16.96
CA LYS D 484 4.10 -3.99 17.23
C LYS D 484 4.73 -5.10 18.06
N ASN D 485 4.08 -5.43 19.17
CA ASN D 485 4.41 -6.63 19.92
C ASN D 485 3.68 -7.82 19.32
N GLY D 486 3.94 -9.00 19.87
CA GLY D 486 3.32 -10.20 19.34
C GLY D 486 2.05 -10.58 20.07
N ARG D 487 1.49 -9.62 20.80
CA ARG D 487 0.35 -9.90 21.67
C ARG D 487 -0.94 -10.04 20.87
N ILE D 488 -1.84 -10.85 21.41
CA ILE D 488 -3.23 -10.92 20.95
C ILE D 488 -4.10 -10.49 22.11
N PRO D 489 -5.33 -10.03 21.84
CA PRO D 489 -6.24 -9.68 22.93
C PRO D 489 -6.46 -10.84 23.88
N ILE D 490 -6.30 -10.57 25.17
CA ILE D 490 -6.49 -11.55 26.23
C ILE D 490 -7.56 -11.04 27.17
N LEU D 491 -8.58 -11.86 27.41
CA LEU D 491 -9.66 -11.54 28.33
C LEU D 491 -9.66 -12.60 29.43
N SER D 492 -9.26 -12.20 30.63
CA SER D 492 -9.17 -13.11 31.76
C SER D 492 -10.37 -12.89 32.67
N VAL D 493 -11.17 -13.93 32.86
CA VAL D 493 -12.38 -13.87 33.67
C VAL D 493 -12.12 -14.60 34.97
N THR D 494 -12.36 -13.92 36.09
CA THR D 494 -12.26 -14.51 37.41
C THR D 494 -13.48 -14.12 38.22
N GLY D 495 -13.65 -14.79 39.36
CA GLY D 495 -14.82 -14.58 40.18
C GLY D 495 -15.24 -15.88 40.84
N THR D 496 -16.10 -15.80 41.86
CA THR D 496 -16.42 -16.99 42.62
C THR D 496 -17.42 -17.89 41.90
N ASN D 497 -18.40 -17.32 41.19
CA ASN D 497 -19.59 -18.08 40.83
C ASN D 497 -19.96 -18.10 39.36
N GLY D 498 -19.45 -17.20 38.52
CA GLY D 498 -19.93 -17.18 37.15
C GLY D 498 -18.88 -17.21 36.06
N LYS D 499 -17.74 -17.84 36.33
CA LYS D 499 -16.61 -17.76 35.40
C LYS D 499 -16.91 -18.47 34.09
N THR D 500 -17.41 -19.70 34.16
CA THR D 500 -17.59 -20.51 32.95
C THR D 500 -18.63 -19.91 32.02
N THR D 501 -19.77 -19.49 32.57
CA THR D 501 -20.84 -18.94 31.75
C THR D 501 -20.38 -17.66 31.06
N THR D 502 -19.71 -16.77 31.80
CA THR D 502 -19.22 -15.52 31.23
C THR D 502 -18.18 -15.79 30.16
N THR D 503 -17.28 -16.75 30.41
CA THR D 503 -16.26 -17.08 29.42
C THR D 503 -16.88 -17.58 28.12
N ARG D 504 -17.85 -18.50 28.24
CA ARG D 504 -18.49 -19.03 27.04
C ARG D 504 -19.27 -17.94 26.31
N LEU D 505 -19.95 -17.07 27.05
CA LEU D 505 -20.70 -15.98 26.41
C LEU D 505 -19.75 -15.02 25.70
N LEU D 506 -18.62 -14.70 26.32
CA LEU D 506 -17.63 -13.84 25.68
C LEU D 506 -17.11 -14.47 24.39
N ALA D 507 -16.78 -15.76 24.44
CA ALA D 507 -16.30 -16.44 23.24
C ALA D 507 -17.35 -16.42 22.14
N HIS D 508 -18.61 -16.68 22.50
CA HIS D 508 -19.67 -16.67 21.50
C HIS D 508 -19.86 -15.29 20.89
N ILE D 509 -19.80 -14.23 21.72
CA ILE D 509 -19.96 -12.88 21.20
C ILE D 509 -18.82 -12.53 20.25
N ILE D 510 -17.57 -12.84 20.65
CA ILE D 510 -16.44 -12.54 19.79
C ILE D 510 -16.45 -13.37 18.51
N LYS D 511 -17.05 -14.57 18.56
CA LYS D 511 -17.17 -15.37 17.34
C LYS D 511 -18.02 -14.69 16.28
N GLN D 512 -18.92 -13.78 16.69
CA GLN D 512 -19.73 -13.07 15.71
C GLN D 512 -18.87 -12.24 14.78
N THR D 513 -17.86 -11.56 15.34
CA THR D 513 -16.81 -11.02 14.51
C THR D 513 -15.98 -12.16 13.92
N GLY D 514 -15.50 -11.98 12.70
CA GLY D 514 -14.80 -13.07 12.04
C GLY D 514 -13.42 -13.33 12.61
N LYS D 515 -13.38 -13.82 13.85
CA LYS D 515 -12.13 -14.07 14.55
C LYS D 515 -12.15 -15.46 15.16
N VAL D 516 -10.99 -16.12 15.15
CA VAL D 516 -10.85 -17.41 15.81
C VAL D 516 -10.57 -17.17 17.28
N VAL D 517 -11.44 -17.70 18.13
CA VAL D 517 -11.37 -17.48 19.57
C VAL D 517 -10.89 -18.76 20.23
N GLY D 518 -9.81 -18.68 21.00
CA GLY D 518 -9.37 -19.76 21.83
C GLY D 518 -9.72 -19.45 23.26
N TYR D 519 -10.57 -20.30 23.85
CA TYR D 519 -11.03 -20.06 25.21
C TYR D 519 -10.96 -21.32 26.04
N THR D 520 -10.52 -21.16 27.28
CA THR D 520 -10.47 -22.26 28.23
C THR D 520 -11.48 -22.01 29.34
N THR D 521 -12.29 -23.04 29.62
CA THR D 521 -13.27 -23.00 30.69
C THR D 521 -13.12 -24.25 31.56
N THR D 522 -14.05 -24.46 32.49
CA THR D 522 -14.01 -25.67 33.31
C THR D 522 -14.33 -26.91 32.48
N ASP D 523 -15.22 -26.77 31.50
CA ASP D 523 -15.59 -27.92 30.66
C ASP D 523 -14.41 -28.40 29.83
N GLY D 524 -13.64 -27.47 29.25
CA GLY D 524 -12.49 -27.85 28.47
C GLY D 524 -11.98 -26.67 27.67
N THR D 525 -10.89 -26.94 26.95
CA THR D 525 -10.22 -25.93 26.13
C THR D 525 -10.70 -26.07 24.70
N TYR D 526 -11.24 -24.97 24.15
CA TYR D 526 -11.77 -24.94 22.80
C TYR D 526 -11.00 -23.93 21.97
N ILE D 527 -10.83 -24.24 20.69
CA ILE D 527 -10.25 -23.33 19.71
C ILE D 527 -11.26 -23.24 18.57
N GLY D 528 -11.88 -22.07 18.42
CA GLY D 528 -12.96 -21.92 17.48
C GLY D 528 -14.16 -22.77 17.85
N GLU D 529 -14.62 -23.59 16.90
CA GLU D 529 -15.80 -24.43 17.12
C GLU D 529 -15.44 -25.84 17.57
N TYR D 530 -14.16 -26.17 17.75
CA TYR D 530 -13.73 -27.52 18.03
C TYR D 530 -13.04 -27.59 19.38
N LEU D 531 -13.17 -28.75 20.03
CA LEU D 531 -12.62 -28.96 21.37
C LEU D 531 -11.16 -29.33 21.25
N ALA D 532 -10.28 -28.45 21.73
CA ALA D 532 -8.85 -28.73 21.71
C ALA D 532 -8.43 -29.70 22.80
N GLU D 533 -9.04 -29.63 23.97
CA GLU D 533 -8.63 -30.50 25.07
C GLU D 533 -9.78 -30.67 26.06
N THR D 534 -9.86 -31.85 26.65
CA THR D 534 -10.87 -32.16 27.67
C THR D 534 -10.30 -31.87 29.06
N GLY D 535 -11.13 -32.11 30.07
CA GLY D 535 -10.71 -31.97 31.46
C GLY D 535 -11.09 -30.62 32.04
N ASP D 536 -10.49 -30.35 33.21
CA ASP D 536 -10.78 -29.10 33.90
C ASP D 536 -10.26 -27.90 33.10
N ASN D 537 -8.95 -27.85 32.87
CA ASN D 537 -8.33 -26.87 31.97
C ASN D 537 -8.67 -25.44 32.38
N THR D 538 -8.20 -25.05 33.56
CA THR D 538 -8.42 -23.71 34.07
C THR D 538 -7.14 -23.00 34.49
N GLY D 539 -6.09 -23.73 34.84
CA GLY D 539 -4.83 -23.10 35.21
C GLY D 539 -4.02 -22.69 34.00
N PRO D 540 -2.82 -22.15 34.27
CA PRO D 540 -1.96 -21.69 33.17
C PRO D 540 -1.51 -22.79 32.22
N GLN D 541 -1.50 -24.04 32.66
CA GLN D 541 -1.09 -25.13 31.78
C GLN D 541 -2.01 -25.26 30.58
N SER D 542 -3.25 -24.80 30.71
CA SER D 542 -4.17 -24.74 29.58
C SER D 542 -4.16 -23.39 28.89
N ALA D 543 -3.75 -22.33 29.59
CA ALA D 543 -3.60 -21.04 28.94
C ALA D 543 -2.46 -21.05 27.93
N HIS D 544 -1.40 -21.80 28.23
CA HIS D 544 -0.30 -21.92 27.27
C HIS D 544 -0.75 -22.57 25.98
N LEU D 545 -1.67 -23.54 26.06
CA LEU D 545 -2.18 -24.18 24.84
C LEU D 545 -2.88 -23.16 23.95
N ILE D 546 -3.67 -22.28 24.55
CA ILE D 546 -4.36 -21.25 23.77
C ILE D 546 -3.37 -20.25 23.20
N LEU D 547 -2.44 -19.77 24.04
CA LEU D 547 -1.55 -18.70 23.63
C LEU D 547 -0.50 -19.15 22.63
N SER D 548 -0.22 -20.45 22.54
CA SER D 548 0.77 -20.96 21.60
C SER D 548 0.16 -21.45 20.30
N ASP D 549 -1.16 -21.49 20.19
CA ASP D 549 -1.79 -21.98 18.96
C ASP D 549 -1.63 -20.96 17.84
N PRO D 550 -1.11 -21.37 16.69
CA PRO D 550 -0.84 -20.40 15.61
C PRO D 550 -2.09 -19.87 14.92
N THR D 551 -3.28 -20.33 15.30
CA THR D 551 -4.52 -19.89 14.65
C THR D 551 -5.40 -19.05 15.55
N VAL D 552 -5.03 -18.83 16.81
CA VAL D 552 -5.88 -18.13 17.75
C VAL D 552 -5.62 -16.63 17.65
N GLU D 553 -6.70 -15.86 17.49
CA GLU D 553 -6.59 -14.40 17.41
C GLU D 553 -7.02 -13.69 18.67
N VAL D 554 -7.94 -14.27 19.44
CA VAL D 554 -8.40 -13.70 20.71
C VAL D 554 -8.47 -14.83 21.73
N ALA D 555 -7.91 -14.61 22.91
CA ALA D 555 -7.88 -15.59 23.98
C ALA D 555 -8.84 -15.18 25.08
N VAL D 556 -9.68 -16.12 25.50
CA VAL D 556 -10.57 -15.93 26.65
C VAL D 556 -10.27 -17.04 27.65
N LEU D 557 -9.83 -16.64 28.83
CA LEU D 557 -9.30 -17.59 29.81
C LEU D 557 -10.11 -17.49 31.09
N GLU D 558 -10.70 -18.60 31.52
CA GLU D 558 -11.29 -18.67 32.85
C GLU D 558 -10.16 -18.90 33.86
N THR D 559 -10.02 -17.98 34.81
CA THR D 559 -8.90 -17.99 35.75
C THR D 559 -9.44 -18.20 37.15
N ALA D 560 -9.42 -19.46 37.60
CA ALA D 560 -9.89 -19.78 38.93
C ALA D 560 -8.81 -19.48 39.97
N ARG D 561 -9.24 -19.46 41.23
CA ARG D 561 -8.31 -19.19 42.33
C ARG D 561 -7.27 -20.29 42.47
N GLY D 562 -7.63 -21.53 42.13
CA GLY D 562 -6.70 -22.63 42.29
C GLY D 562 -5.45 -22.48 41.46
N GLY D 563 -5.61 -22.09 40.19
CA GLY D 563 -4.45 -21.91 39.33
C GLY D 563 -3.57 -20.75 39.79
N ILE D 564 -4.18 -19.65 40.21
CA ILE D 564 -3.40 -18.50 40.68
C ILE D 564 -2.62 -18.88 41.92
N LEU D 565 -3.25 -19.60 42.84
CA LEU D 565 -2.55 -20.02 44.06
C LEU D 565 -1.43 -21.00 43.72
N ARG D 566 -1.68 -21.94 42.82
CA ARG D 566 -0.70 -23.00 42.56
C ARG D 566 0.52 -22.45 41.80
N SER D 567 0.29 -21.70 40.72
CA SER D 567 1.42 -21.27 39.91
C SER D 567 1.27 -19.86 39.35
N GLY D 568 0.37 -19.06 39.89
CA GLY D 568 0.20 -17.70 39.41
C GLY D 568 -0.52 -17.66 38.07
N LEU D 569 -0.44 -16.50 37.43
CA LEU D 569 -1.08 -16.29 36.15
C LEU D 569 -0.23 -16.86 35.02
N GLY D 570 -0.90 -17.25 33.95
CA GLY D 570 -0.24 -17.76 32.76
C GLY D 570 0.20 -16.69 31.78
N PHE D 571 0.12 -15.43 32.16
CA PHE D 571 0.46 -14.32 31.28
C PHE D 571 0.92 -13.15 32.13
N SER D 572 1.73 -12.28 31.54
CA SER D 572 2.21 -11.11 32.26
C SER D 572 1.13 -10.04 32.36
N SER D 573 0.33 -9.86 31.30
CA SER D 573 -0.69 -8.83 31.29
C SER D 573 -1.88 -9.33 30.47
N CYS D 574 -3.03 -8.73 30.73
CA CYS D 574 -4.26 -9.03 30.00
C CYS D 574 -4.88 -7.74 29.50
N GLU D 575 -5.45 -7.80 28.30
CA GLU D 575 -6.12 -6.63 27.75
C GLU D 575 -7.40 -6.31 28.52
N VAL D 576 -8.15 -7.34 28.92
CA VAL D 576 -9.35 -7.16 29.72
C VAL D 576 -9.30 -8.10 30.91
N GLY D 577 -9.55 -7.55 32.09
CA GLY D 577 -9.64 -8.37 33.28
C GLY D 577 -10.98 -8.22 33.97
N ILE D 578 -11.77 -9.30 33.99
CA ILE D 578 -13.12 -9.26 34.55
C ILE D 578 -13.10 -9.91 35.93
N VAL D 579 -13.65 -9.21 36.91
CA VAL D 579 -13.89 -9.77 38.24
C VAL D 579 -15.39 -9.72 38.48
N LEU D 580 -16.01 -10.89 38.60
CA LEU D 580 -17.46 -10.97 38.67
C LEU D 580 -17.96 -10.75 40.10
N ASN D 581 -17.44 -11.52 41.06
CA ASN D 581 -17.86 -11.41 42.44
C ASN D 581 -16.84 -12.14 43.32
N VAL D 582 -16.88 -11.82 44.60
CA VAL D 582 -16.04 -12.47 45.60
C VAL D 582 -16.92 -12.80 46.80
N THR D 583 -17.19 -14.09 46.99
CA THR D 583 -17.98 -14.56 48.12
C THR D 583 -17.22 -15.67 48.83
N ALA D 584 -17.25 -15.65 50.16
CA ALA D 584 -16.55 -16.63 50.97
C ALA D 584 -17.42 -17.89 51.09
N ASP D 585 -17.22 -18.81 50.15
CA ASP D 585 -17.93 -20.08 50.15
C ASP D 585 -17.00 -21.25 50.42
N HIS D 586 -15.94 -21.40 49.61
CA HIS D 586 -14.93 -22.43 49.83
C HIS D 586 -13.72 -21.77 50.48
N LEU D 587 -13.78 -21.65 51.79
CA LEU D 587 -12.78 -20.93 52.57
C LEU D 587 -11.98 -21.91 53.42
N GLY D 588 -10.70 -21.61 53.60
CA GLY D 588 -9.79 -22.47 54.33
C GLY D 588 -8.85 -23.27 53.47
N ILE D 589 -9.14 -23.41 52.17
CA ILE D 589 -8.24 -24.10 51.27
C ILE D 589 -6.98 -23.27 51.07
N GLY D 590 -5.83 -23.93 51.09
CA GLY D 590 -4.57 -23.20 51.03
C GLY D 590 -4.39 -22.34 52.26
N ASP D 591 -3.80 -21.16 52.06
CA ASP D 591 -3.67 -20.18 53.13
C ASP D 591 -4.81 -19.17 53.14
N ILE D 592 -5.81 -19.34 52.27
CA ILE D 592 -6.92 -18.41 52.16
C ILE D 592 -7.92 -18.75 53.25
N ASP D 593 -7.90 -17.99 54.35
CA ASP D 593 -8.79 -18.23 55.48
C ASP D 593 -9.76 -17.08 55.75
N THR D 594 -9.57 -15.93 55.14
CA THR D 594 -10.47 -14.79 55.29
C THR D 594 -10.91 -14.31 53.91
N ILE D 595 -12.10 -13.71 53.86
CA ILE D 595 -12.59 -13.19 52.60
C ILE D 595 -11.74 -12.05 52.08
N GLU D 596 -11.02 -11.35 52.96
CA GLU D 596 -10.06 -10.35 52.51
C GLU D 596 -8.93 -10.99 51.74
N GLN D 597 -8.45 -12.15 52.21
CA GLN D 597 -7.43 -12.88 51.47
C GLN D 597 -7.95 -13.36 50.12
N LEU D 598 -9.21 -13.80 50.09
CA LEU D 598 -9.81 -14.22 48.81
C LEU D 598 -9.90 -13.05 47.85
N ALA D 599 -10.29 -11.87 48.34
CA ALA D 599 -10.35 -10.68 47.50
C ALA D 599 -8.96 -10.30 47.00
N LYS D 600 -7.96 -10.38 47.88
CA LYS D 600 -6.59 -10.09 47.47
C LYS D 600 -6.12 -11.05 46.40
N LEU D 601 -6.47 -12.33 46.52
CA LEU D 601 -6.07 -13.32 45.53
C LEU D 601 -6.78 -13.08 44.20
N LYS D 602 -8.09 -12.80 44.22
CA LYS D 602 -8.82 -12.54 42.98
C LYS D 602 -8.44 -11.21 42.36
N SER D 603 -7.86 -10.29 43.13
CA SER D 603 -7.44 -9.01 42.60
C SER D 603 -6.20 -9.10 41.73
N VAL D 604 -5.54 -10.27 41.67
CA VAL D 604 -4.38 -10.44 40.81
C VAL D 604 -4.76 -10.23 39.36
N VAL D 605 -5.93 -10.72 38.96
CA VAL D 605 -6.41 -10.53 37.59
C VAL D 605 -6.62 -9.05 37.30
N ALA D 606 -7.25 -8.34 38.22
CA ALA D 606 -7.53 -6.92 38.01
C ALA D 606 -6.24 -6.10 37.97
N GLU D 607 -5.26 -6.44 38.81
CA GLU D 607 -4.02 -5.69 38.88
C GLU D 607 -3.06 -6.02 37.74
N SER D 608 -3.27 -7.11 37.01
CA SER D 608 -2.43 -7.48 35.89
C SER D 608 -2.91 -6.86 34.58
N VAL D 609 -3.97 -6.06 34.62
CA VAL D 609 -4.46 -5.39 33.42
C VAL D 609 -3.44 -4.37 32.96
N MET D 610 -3.14 -4.37 31.66
CA MET D 610 -2.17 -3.45 31.09
C MET D 610 -2.68 -2.01 31.18
N PRO D 611 -1.77 -1.03 31.12
CA PRO D 611 -2.21 0.38 31.23
C PRO D 611 -3.22 0.81 30.19
N LYS D 612 -3.21 0.19 29.01
CA LYS D 612 -4.20 0.49 27.98
C LYS D 612 -5.43 -0.40 28.07
N GLY D 613 -5.48 -1.33 29.04
CA GLY D 613 -6.56 -2.28 29.15
C GLY D 613 -7.70 -1.76 30.01
N TYR D 614 -8.61 -2.68 30.33
CA TYR D 614 -9.78 -2.38 31.13
C TYR D 614 -9.96 -3.44 32.21
N ALA D 615 -10.38 -2.99 33.40
CA ALA D 615 -10.77 -3.88 34.48
C ALA D 615 -12.28 -3.76 34.64
N VAL D 616 -12.99 -4.84 34.32
CA VAL D 616 -14.45 -4.87 34.42
C VAL D 616 -14.82 -5.41 35.79
N LEU D 617 -15.32 -4.53 36.65
CA LEU D 617 -15.58 -4.84 38.05
C LEU D 617 -17.07 -4.73 38.35
N ASN D 618 -17.51 -5.52 39.32
CA ASN D 618 -18.88 -5.45 39.83
C ASN D 618 -18.97 -4.31 40.83
N ALA D 619 -19.73 -3.28 40.50
CA ALA D 619 -19.92 -2.17 41.42
C ALA D 619 -20.79 -2.54 42.61
N GLU D 620 -21.62 -3.57 42.48
CA GLU D 620 -22.48 -3.99 43.57
C GLU D 620 -21.76 -4.77 44.65
N ASP D 621 -20.57 -5.30 44.36
CA ASP D 621 -19.80 -6.05 45.32
C ASP D 621 -18.78 -5.13 45.97
N PRO D 622 -18.88 -4.86 47.28
CA PRO D 622 -17.93 -3.92 47.91
C PRO D 622 -16.48 -4.36 47.79
N LEU D 623 -16.20 -5.65 47.94
CA LEU D 623 -14.83 -6.12 47.84
C LEU D 623 -14.29 -6.00 46.41
N VAL D 624 -15.13 -6.33 45.42
CA VAL D 624 -14.71 -6.19 44.04
C VAL D 624 -14.56 -4.72 43.66
N ALA D 625 -15.51 -3.88 44.10
CA ALA D 625 -15.42 -2.45 43.81
C ALA D 625 -14.22 -1.81 44.49
N ALA D 626 -13.79 -2.35 45.64
CA ALA D 626 -12.61 -1.83 46.32
C ALA D 626 -11.34 -2.02 45.53
N MET D 627 -11.32 -2.93 44.55
CA MET D 627 -10.18 -3.11 43.67
C MET D 627 -10.05 -2.00 42.64
N ALA D 628 -10.88 -0.96 42.72
CA ALA D 628 -10.81 0.12 41.73
C ALA D 628 -9.45 0.79 41.73
N ASP D 629 -8.91 1.07 42.92
CA ASP D 629 -7.56 1.58 43.02
C ASP D 629 -6.57 0.46 42.73
N ARG D 630 -5.28 0.80 42.81
CA ARG D 630 -4.16 -0.10 42.52
C ARG D 630 -4.38 -0.90 41.24
N VAL D 631 -5.07 -0.31 40.27
CA VAL D 631 -5.29 -0.90 38.96
C VAL D 631 -4.75 0.07 37.91
N LYS D 632 -3.82 -0.42 37.09
CA LYS D 632 -3.33 0.33 35.95
C LYS D 632 -4.27 0.11 34.78
N GLY D 633 -4.66 1.19 34.12
CA GLY D 633 -5.66 1.12 33.08
C GLY D 633 -7.05 1.48 33.59
N GLN D 634 -7.96 1.64 32.63
CA GLN D 634 -9.29 2.13 32.96
C GLN D 634 -10.10 1.07 33.69
N VAL D 635 -11.12 1.54 34.40
CA VAL D 635 -12.04 0.71 35.15
C VAL D 635 -13.43 0.87 34.57
N ALA D 636 -14.11 -0.24 34.33
CA ALA D 636 -15.49 -0.24 33.84
C ALA D 636 -16.34 -1.02 34.83
N TYR D 637 -17.42 -0.41 35.30
CA TYR D 637 -18.28 -1.02 36.30
C TYR D 637 -19.52 -1.61 35.64
N PHE D 638 -19.96 -2.76 36.16
CA PHE D 638 -21.26 -3.29 35.80
C PHE D 638 -22.06 -3.53 37.08
N SER D 639 -23.37 -3.28 36.99
CA SER D 639 -24.22 -3.37 38.16
C SER D 639 -25.64 -3.76 37.74
N MET D 640 -26.23 -4.69 38.48
CA MET D 640 -27.62 -5.04 38.28
C MET D 640 -28.58 -4.01 38.86
N ASP D 641 -28.07 -3.10 39.68
CA ASP D 641 -28.89 -2.01 40.21
C ASP D 641 -28.54 -0.72 39.48
N PRO D 642 -29.44 -0.16 38.67
CA PRO D 642 -29.09 1.03 37.88
C PRO D 642 -28.80 2.27 38.71
N ASN D 643 -29.18 2.30 39.98
CA ASN D 643 -28.99 3.47 40.83
C ASN D 643 -27.76 3.36 41.72
N ASN D 644 -26.77 2.56 41.33
CA ASN D 644 -25.53 2.46 42.09
C ASN D 644 -24.81 3.80 42.09
N GLU D 645 -24.58 4.34 43.29
CA GLU D 645 -23.98 5.67 43.39
C GLU D 645 -22.56 5.69 42.82
N LEU D 646 -21.77 4.65 43.12
CA LEU D 646 -20.41 4.59 42.59
C LEU D 646 -20.42 4.53 41.08
N LEU D 647 -21.29 3.70 40.50
CA LEU D 647 -21.38 3.59 39.05
C LEU D 647 -21.81 4.90 38.41
N LEU D 648 -22.81 5.57 39.00
CA LEU D 648 -23.28 6.83 38.44
C LEU D 648 -22.20 7.90 38.52
N ARG D 649 -21.50 7.98 39.65
CA ARG D 649 -20.40 8.94 39.78
C ARG D 649 -19.30 8.64 38.78
N HIS D 650 -19.01 7.36 38.54
CA HIS D 650 -18.00 6.99 37.56
C HIS D 650 -18.43 7.37 36.15
N THR D 651 -19.71 7.19 35.82
CA THR D 651 -20.18 7.54 34.49
C THR D 651 -20.25 9.05 34.28
N GLU D 652 -20.51 9.82 35.34
CA GLU D 652 -20.58 11.26 35.20
C GLU D 652 -19.25 11.84 34.72
N ALA D 653 -18.15 11.34 35.26
CA ALA D 653 -16.81 11.77 34.88
C ALA D 653 -16.13 10.59 34.18
N GLY D 654 -16.30 10.53 32.86
CA GLY D 654 -15.79 9.42 32.09
C GLY D 654 -16.89 8.56 31.50
N GLY D 655 -17.06 7.35 32.00
CA GLY D 655 -18.15 6.50 31.58
C GLY D 655 -17.72 5.05 31.54
N LEU D 656 -18.20 4.33 30.53
CA LEU D 656 -17.93 2.91 30.34
C LEU D 656 -18.41 2.08 31.52
N ALA D 657 -19.74 2.03 31.66
CA ALA D 657 -20.39 1.16 32.62
C ALA D 657 -21.46 0.34 31.91
N ALA D 658 -22.04 -0.62 32.63
CA ALA D 658 -23.15 -1.42 32.11
C ALA D 658 -24.17 -1.63 33.22
N ILE D 659 -25.45 -1.45 32.89
CA ILE D 659 -26.53 -1.54 33.87
C ILE D 659 -27.69 -2.32 33.29
N TYR D 660 -28.64 -2.63 34.16
CA TYR D 660 -29.92 -3.28 33.83
C TYR D 660 -31.00 -2.32 34.30
N GLU D 661 -31.45 -1.45 33.40
CA GLU D 661 -32.21 -0.27 33.81
C GLU D 661 -33.73 -0.50 33.80
N ASN D 662 -34.31 -0.72 32.63
CA ASN D 662 -35.74 -1.00 32.50
C ASN D 662 -35.90 -2.20 31.59
N GLY D 663 -35.74 -3.40 32.16
CA GLY D 663 -35.72 -4.59 31.34
C GLY D 663 -34.77 -4.49 30.16
N TYR D 664 -33.65 -3.82 30.35
CA TYR D 664 -32.71 -3.57 29.27
C TYR D 664 -31.28 -3.76 29.76
N ILE D 665 -30.46 -4.38 28.92
CA ILE D 665 -29.02 -4.47 29.17
C ILE D 665 -28.39 -3.28 28.44
N SER D 666 -27.94 -2.29 29.20
CA SER D 666 -27.52 -1.03 28.62
C SER D 666 -26.07 -0.74 28.94
N ILE D 667 -25.39 -0.09 28.00
CA ILE D 667 -24.04 0.40 28.15
C ILE D 667 -24.11 1.91 28.34
N LEU D 668 -23.49 2.40 29.40
CA LEU D 668 -23.39 3.83 29.65
C LEU D 668 -22.01 4.29 29.24
N LYS D 669 -21.94 5.17 28.23
CA LYS D 669 -20.69 5.72 27.74
C LYS D 669 -20.47 7.14 28.24
N GLY D 670 -20.85 7.40 29.49
CA GLY D 670 -20.83 8.74 30.02
C GLY D 670 -22.24 9.27 30.17
N ASP D 671 -22.62 10.20 29.29
CA ASP D 671 -23.97 10.75 29.28
C ASP D 671 -24.88 10.03 28.28
N TRP D 672 -24.39 8.99 27.63
CA TRP D 672 -25.14 8.30 26.59
C TRP D 672 -25.49 6.88 27.03
N THR D 673 -26.70 6.46 26.70
CA THR D 673 -27.18 5.11 27.00
C THR D 673 -27.37 4.37 25.69
N LEU D 674 -26.79 3.18 25.59
CA LEU D 674 -26.90 2.33 24.41
C LEU D 674 -27.51 1.00 24.85
N ARG D 675 -28.75 0.77 24.49
CA ARG D 675 -29.44 -0.46 24.87
C ARG D 675 -29.09 -1.58 23.89
N ILE D 676 -28.81 -2.77 24.42
CA ILE D 676 -28.43 -3.91 23.59
C ILE D 676 -29.65 -4.78 23.32
N GLU D 677 -30.32 -5.21 24.39
CA GLU D 677 -31.40 -6.16 24.24
C GLU D 677 -32.37 -6.00 25.41
N LYS D 678 -33.56 -6.57 25.25
CA LYS D 678 -34.64 -6.46 26.22
C LYS D 678 -34.49 -7.44 27.39
N ALA D 679 -33.45 -8.27 27.38
CA ALA D 679 -33.13 -9.17 28.50
C ALA D 679 -34.18 -10.25 28.67
N VAL D 680 -35.26 -10.18 27.89
CA VAL D 680 -36.20 -11.29 27.76
C VAL D 680 -36.03 -11.98 26.41
N ASN D 681 -35.35 -11.35 25.46
CA ASN D 681 -34.96 -11.97 24.22
C ASN D 681 -33.60 -12.65 24.31
N VAL D 682 -32.98 -12.63 25.49
CA VAL D 682 -31.70 -13.30 25.72
C VAL D 682 -32.01 -14.67 26.32
N PRO D 683 -31.75 -15.77 25.61
CA PRO D 683 -32.17 -17.09 26.11
C PRO D 683 -31.60 -17.46 27.46
N ILE D 684 -30.35 -17.11 27.75
CA ILE D 684 -29.73 -17.57 28.98
C ILE D 684 -30.37 -16.92 30.21
N THR D 685 -30.93 -15.73 30.05
CA THR D 685 -31.59 -15.07 31.18
C THR D 685 -32.89 -15.75 31.58
N MET D 686 -33.38 -16.69 30.77
CA MET D 686 -34.64 -17.40 31.02
C MET D 686 -35.79 -16.41 31.14
N ALA D 687 -35.94 -15.59 30.10
CA ALA D 687 -36.95 -14.54 30.04
C ALA D 687 -36.82 -13.58 31.22
N GLY D 688 -35.58 -13.27 31.60
CA GLY D 688 -35.34 -12.32 32.66
C GLY D 688 -35.59 -12.84 34.06
N LYS D 689 -35.73 -14.15 34.22
CA LYS D 689 -36.00 -14.75 35.52
C LYS D 689 -34.74 -15.17 36.26
N ALA D 690 -33.57 -15.02 35.65
CA ALA D 690 -32.30 -15.42 36.26
C ALA D 690 -31.39 -14.20 36.40
N PRO D 691 -31.41 -13.52 37.54
CA PRO D 691 -30.56 -12.33 37.70
C PRO D 691 -29.07 -12.61 37.57
N PHE D 692 -28.61 -13.80 37.97
CA PHE D 692 -27.20 -14.13 37.83
C PHE D 692 -26.79 -14.16 36.36
N MET D 693 -27.63 -14.74 35.51
CA MET D 693 -27.33 -14.75 34.07
C MET D 693 -27.33 -13.35 33.51
N ILE D 694 -28.22 -12.47 34.01
CA ILE D 694 -28.24 -11.10 33.54
C ILE D 694 -26.96 -10.38 33.93
N ALA D 695 -26.46 -10.62 35.15
CA ALA D 695 -25.20 -10.01 35.57
C ALA D 695 -24.04 -10.51 34.73
N ASN D 696 -24.02 -11.82 34.44
CA ASN D 696 -22.96 -12.36 33.59
C ASN D 696 -23.01 -11.76 32.19
N ALA D 697 -24.21 -11.61 31.64
CA ALA D 697 -24.36 -10.98 30.33
C ALA D 697 -23.90 -9.52 30.37
N LEU D 698 -24.21 -8.81 31.46
CA LEU D 698 -23.73 -7.44 31.63
C LEU D 698 -22.21 -7.38 31.56
N ALA D 699 -21.56 -8.25 32.32
CA ALA D 699 -20.10 -8.26 32.36
C ALA D 699 -19.51 -8.57 30.99
N ALA D 700 -20.06 -9.59 30.31
CA ALA D 700 -19.53 -9.97 29.01
C ALA D 700 -19.74 -8.87 27.97
N CYS D 701 -20.92 -8.26 27.96
CA CYS D 701 -21.20 -7.18 27.01
C CYS D 701 -20.29 -5.98 27.26
N LEU D 702 -20.09 -5.62 28.53
CA LEU D 702 -19.19 -4.52 28.83
C LEU D 702 -17.77 -4.83 28.40
N ALA D 703 -17.32 -6.08 28.62
CA ALA D 703 -15.97 -6.45 28.25
C ALA D 703 -15.76 -6.36 26.75
N VAL D 704 -16.71 -6.87 25.96
CA VAL D 704 -16.53 -6.79 24.52
C VAL D 704 -16.67 -5.36 24.03
N PHE D 705 -17.53 -4.55 24.67
CA PHE D 705 -17.69 -3.17 24.25
C PHE D 705 -16.42 -2.36 24.49
N THR D 706 -15.73 -2.61 25.60
CA THR D 706 -14.49 -1.89 25.87
C THR D 706 -13.42 -2.12 24.81
N GLN D 707 -13.52 -3.21 24.06
CA GLN D 707 -12.56 -3.55 23.03
C GLN D 707 -12.97 -3.10 21.64
N GLY D 708 -14.04 -2.31 21.53
CA GLY D 708 -14.46 -1.78 20.26
C GLY D 708 -15.38 -2.68 19.45
N VAL D 709 -15.86 -3.78 20.02
CA VAL D 709 -16.80 -4.64 19.31
C VAL D 709 -18.10 -3.89 19.06
N LYS D 710 -18.57 -3.93 17.82
CA LYS D 710 -19.75 -3.16 17.43
C LYS D 710 -21.00 -3.69 18.13
N ILE D 711 -21.99 -2.80 18.27
CA ILE D 711 -23.18 -3.10 19.06
C ILE D 711 -23.98 -4.23 18.43
N GLU D 712 -24.05 -4.26 17.09
CA GLU D 712 -24.86 -5.28 16.43
C GLU D 712 -24.28 -6.67 16.63
N HIS D 713 -22.95 -6.78 16.64
CA HIS D 713 -22.33 -8.08 16.91
C HIS D 713 -22.61 -8.54 18.33
N ILE D 714 -22.56 -7.62 19.30
CA ILE D 714 -22.90 -7.97 20.67
C ILE D 714 -24.35 -8.42 20.76
N ARG D 715 -25.25 -7.71 20.07
CA ARG D 715 -26.67 -8.07 20.08
C ARG D 715 -26.89 -9.45 19.50
N LYS D 716 -26.27 -9.74 18.35
CA LYS D 716 -26.45 -11.05 17.72
C LYS D 716 -25.88 -12.17 18.58
N GLY D 717 -24.69 -11.97 19.15
CA GLY D 717 -24.10 -12.99 19.99
C GLY D 717 -24.92 -13.22 21.26
N LEU D 718 -25.46 -12.15 21.85
CA LEU D 718 -26.26 -12.29 23.04
C LEU D 718 -27.60 -12.96 22.76
N SER D 719 -28.17 -12.71 21.58
CA SER D 719 -29.44 -13.33 21.22
C SER D 719 -29.29 -14.79 20.83
N THR D 720 -28.19 -15.17 20.17
CA THR D 720 -28.04 -16.52 19.67
C THR D 720 -27.32 -17.46 20.63
N PHE D 721 -26.89 -16.97 21.80
CA PHE D 721 -26.18 -17.81 22.76
C PHE D 721 -27.17 -18.62 23.58
N VAL D 722 -27.03 -19.94 23.59
CA VAL D 722 -27.94 -20.83 24.30
C VAL D 722 -27.22 -21.40 25.51
N ALA D 723 -27.96 -21.52 26.61
CA ALA D 723 -27.41 -22.04 27.86
C ALA D 723 -27.14 -23.54 27.71
N SER D 724 -25.87 -23.92 27.83
CA SER D 724 -25.48 -25.31 27.72
C SER D 724 -24.13 -25.56 28.40
N ASP E 1 -34.34 26.27 4.09
CA ASP E 1 -32.95 25.97 3.69
C ASP E 1 -32.04 26.10 4.92
N ASP E 2 -30.99 25.27 4.93
CA ASP E 2 -30.01 25.27 6.03
C ASP E 2 -30.65 24.63 7.26
N ASP E 3 -30.07 23.51 7.69
CA ASP E 3 -30.55 22.76 8.86
C ASP E 3 -31.98 22.27 8.60
N ASP E 4 -32.13 21.54 7.48
CA ASP E 4 -33.41 20.99 7.07
C ASP E 4 -33.73 19.75 7.91
N ASP F 1 -24.88 29.26 -15.77
CA ASP F 1 -24.56 28.00 -15.09
C ASP F 1 -24.48 26.87 -16.11
N ASP F 2 -23.69 25.85 -15.76
CA ASP F 2 -23.49 24.68 -16.64
C ASP F 2 -22.54 25.04 -17.77
N ASP F 3 -21.46 24.24 -17.87
CA ASP F 3 -20.43 24.45 -18.91
C ASP F 3 -19.84 25.85 -18.78
N ASP F 4 -19.35 26.14 -17.57
CA ASP F 4 -18.74 27.44 -17.26
C ASP F 4 -17.35 27.51 -17.89
N ASP G 1 28.27 -27.11 14.61
CA ASP G 1 27.46 -26.02 14.03
C ASP G 1 26.90 -25.15 15.15
N ASP G 2 25.97 -24.26 14.76
CA ASP G 2 25.33 -23.34 15.71
C ASP G 2 26.30 -22.22 16.09
N ASP G 3 25.81 -20.98 15.98
CA ASP G 3 26.62 -19.80 16.31
C ASP G 3 27.89 -19.79 15.48
N ASP G 4 27.70 -19.82 14.15
CA ASP G 4 28.82 -19.82 13.21
C ASP G 4 29.37 -18.40 13.06
N ASP H 1 15.30 -40.38 3.54
CA ASP H 1 15.31 -38.93 3.28
C ASP H 1 15.01 -38.67 1.81
N ASP H 2 14.37 -37.52 1.55
CA ASP H 2 14.01 -37.11 0.18
C ASP H 2 12.80 -37.93 -0.27
N ASP H 3 11.69 -37.20 -0.50
CA ASP H 3 10.43 -37.82 -0.95
C ASP H 3 9.95 -38.81 0.10
N ASP H 4 9.45 -38.25 1.22
CA ASP H 4 8.95 -39.07 2.34
C ASP H 4 7.42 -39.14 2.28
MG MG I . -38.23 19.21 3.08
MG MG J . -40.00 17.18 5.86
MG MG K . 15.34 33.49 11.30
PG AGS L . -41.37 21.08 4.78
S1G AGS L . -41.71 20.55 6.62
O2G AGS L . -40.44 20.02 4.11
O3G AGS L . -40.69 22.47 4.75
PB AGS L . -42.83 20.60 2.53
O1B AGS L . -43.28 21.66 1.60
O2B AGS L . -41.45 20.04 2.16
O3B AGS L . -42.72 21.15 4.00
PA AGS L . -43.31 17.95 2.98
O1A AGS L . -42.13 18.09 3.86
O2A AGS L . -43.06 17.11 1.72
O3A AGS L . -43.83 19.37 2.49
O5' AGS L . -44.50 17.36 3.84
C5' AGS L . -44.74 17.84 5.18
C4' AGS L . -45.37 16.72 5.97
O4' AGS L . -46.67 16.42 5.41
C3' AGS L . -44.62 15.40 5.95
O3' AGS L . -43.63 15.37 6.97
C2' AGS L . -45.74 14.38 6.20
O2' AGS L . -46.02 14.25 7.60
C1' AGS L . -46.92 15.02 5.47
N9 AGS L . -47.12 14.53 4.12
C8 AGS L . -46.60 15.07 2.97
N7 AGS L . -46.93 14.42 1.87
C5 AGS L . -47.72 13.37 2.35
C6 AGS L . -48.39 12.33 1.69
N6 AGS L . -48.37 12.13 0.38
N1 AGS L . -49.08 11.45 2.46
C2 AGS L . -49.10 11.63 3.79
N3 AGS L . -48.52 12.59 4.51
C4 AGS L . -47.83 13.43 3.73
PG AGS M . 16.06 35.53 13.75
S1G AGS M . 16.38 37.44 13.55
O2G AGS M . 15.30 35.27 15.08
O3G AGS M . 15.19 35.03 12.55
PB AGS M . 17.46 33.23 13.32
O1B AGS M . 18.07 32.41 14.39
O2B AGS M . 16.03 32.82 13.03
O3B AGS M . 17.42 34.76 13.75
PA AGS M . 19.70 32.44 11.89
O1A AGS M . 19.65 31.00 12.19
O2A AGS M . 20.22 32.77 10.49
O3A AGS M . 18.25 33.09 11.96
O5' AGS M . 20.56 33.15 12.99
C5' AGS M . 21.37 34.30 12.68
C4' AGS M . 22.84 33.94 12.79
O4' AGS M . 23.09 33.31 14.06
C3' AGS M . 23.35 32.94 11.77
O3' AGS M . 23.68 33.57 10.54
C2' AGS M . 24.60 32.38 12.46
O2' AGS M . 25.75 33.17 12.19
C1' AGS M . 24.23 32.48 13.95
N9 AGS M . 23.90 31.19 14.57
C8 AGS M . 23.34 30.10 13.97
N7 AGS M . 23.16 29.08 14.76
C5 AGS M . 23.64 29.52 15.98
C6 AGS M . 23.74 28.91 17.25
N6 AGS M . 23.34 27.66 17.50
N1 AGS M . 24.28 29.63 18.25
C2 AGS M . 24.69 30.88 18.01
N3 AGS M . 24.64 31.57 16.86
C4 AGS M . 24.11 30.82 15.88
MG MG N . 9.01 -41.04 8.77
MG MG O . 5.67 -42.81 8.07
MG MG P . 26.21 -2.50 -28.15
PG AGS Q . 9.35 -44.99 8.23
S1G AGS Q . 7.97 -45.75 7.09
O2G AGS Q . 8.90 -43.58 8.71
O3G AGS Q . 10.67 -44.86 7.42
PB AGS Q . 9.75 -45.31 10.91
O1B AGS Q . 11.04 -45.72 11.51
O2B AGS Q . 9.66 -43.78 10.76
O3B AGS Q . 9.58 -45.91 9.46
PA AGS Q . 7.16 -44.94 11.70
O1A AGS Q . 7.06 -44.28 10.39
O2A AGS Q . 7.09 -44.01 12.91
O3A AGS Q . 8.54 -45.73 11.83
O5' AGS Q . 6.05 -46.06 11.76
C5' AGS Q . 5.77 -46.89 10.60
C4' AGS Q . 4.34 -47.33 10.68
O4' AGS Q . 4.14 -48.14 11.86
C3' AGS Q . 3.31 -46.21 10.80
O3' AGS Q . 2.95 -45.71 9.53
C2' AGS Q . 2.14 -46.91 11.49
O2' AGS Q . 1.32 -47.59 10.56
C1' AGS Q . 2.86 -47.90 12.41
N9 AGS Q . 3.04 -47.41 13.78
C8 AGS Q . 4.13 -46.74 14.28
N7 AGS Q . 4.03 -46.43 15.54
C5 AGS Q . 2.78 -46.92 15.91
C6 AGS Q . 2.08 -46.90 17.13
N6 AGS Q . 2.54 -46.35 18.24
N1 AGS Q . 0.85 -47.48 17.14
C2 AGS Q . 0.38 -48.03 16.02
N3 AGS Q . 0.96 -48.10 14.82
C4 AGS Q . 2.17 -47.52 14.82
PG AGS R . 26.89 -3.47 -31.22
S1G AGS R . 28.69 -3.80 -31.87
O2G AGS R . 25.91 -4.48 -31.87
O3G AGS R . 26.86 -3.65 -29.68
PB AGS R . 25.35 -1.27 -30.70
O1B AGS R . 24.22 -0.83 -31.55
O2B AGS R . 24.91 -2.28 -29.64
O3B AGS R . 26.45 -2.02 -31.57
PA AGS R . 25.70 1.44 -30.31
O1A AGS R . 24.31 1.79 -30.00
O2A AGS R . 26.74 2.27 -29.55
O3A AGS R . 26.01 -0.07 -29.92
O5' AGS R . 25.92 1.56 -31.86
C5' AGS R . 27.19 1.97 -32.41
C4' AGS R . 27.07 3.32 -33.06
O4' AGS R . 25.98 3.32 -34.00
C3' AGS R . 26.75 4.47 -32.12
O3' AGS R . 27.93 4.96 -31.49
C2' AGS R . 26.15 5.51 -33.07
O2' AGS R . 27.15 6.33 -33.66
C1' AGS R . 25.48 4.64 -34.14
N9 AGS R . 24.02 4.59 -34.05
C8 AGS R . 23.27 4.70 -32.91
N7 AGS R . 21.98 4.61 -33.11
C5 AGS R . 21.87 4.45 -34.49
C6 AGS R . 20.77 4.30 -35.34
N6 AGS R . 19.49 4.29 -34.93
N1 AGS R . 21.01 4.15 -36.66
C2 AGS R . 22.28 4.16 -37.08
N3 AGS R . 23.40 4.29 -36.38
C4 AGS R . 23.13 4.43 -35.07
MG MG S . -17.65 32.51 -14.16
MG MG T . -14.32 33.29 -16.37
MG MG U . -39.98 -18.60 -12.94
PG AGS V . -17.04 34.71 -16.88
S1G AGS V . -16.26 34.52 -18.65
O2G AGS V . -18.15 33.64 -16.67
O3G AGS V . -15.94 34.50 -15.80
PB AGS V . -17.68 36.81 -15.28
O1B AGS V . -19.04 37.32 -14.98
O2B AGS V . -17.24 35.72 -14.30
O3B AGS V . -17.65 36.14 -16.71
PA AGS V . -15.15 37.61 -14.64
O1A AGS V . -14.84 36.19 -14.84
O2A AGS V . -15.11 38.10 -13.19
O3A AGS V . -16.60 37.95 -15.19
O5' AGS V . -14.18 38.44 -15.56
C5' AGS V . -14.21 38.27 -16.99
C4' AGS V . -12.82 38.53 -17.52
O4' AGS V . -12.42 39.87 -17.17
C3' AGS V . -11.74 37.63 -16.95
O3' AGS V . -11.65 36.41 -17.67
C2' AGS V . -10.48 38.48 -17.14
O2' AGS V . -9.96 38.37 -18.46
C1' AGS V . -11.02 39.90 -16.91
N9 AGS V . -10.82 40.40 -15.56
C8 AGS V . -11.69 40.30 -14.50
N7 AGS V . -11.25 40.83 -13.39
C5 AGS V . -10.00 41.33 -13.74
C6 AGS V . -9.02 42.01 -13.00
N6 AGS V . -9.14 42.34 -11.72
N1 AGS V . -7.88 42.36 -13.66
C2 AGS V . -7.75 42.04 -14.95
N3 AGS V . -8.62 41.40 -15.73
C4 AGS V . -9.73 41.06 -15.07
PG AGS W . -41.04 -19.58 -15.66
S1G AGS W . -42.81 -19.47 -14.87
O2G AGS W . -41.14 -19.29 -17.19
O3G AGS W . -40.11 -18.52 -15.00
PB AGS W . -39.34 -21.28 -14.35
O1B AGS W . -38.27 -22.12 -14.91
O2B AGS W . -38.82 -19.92 -13.90
O3B AGS W . -40.46 -21.01 -15.44
PA AGS W . -39.30 -23.08 -12.23
O1A AGS W . -37.84 -23.00 -12.32
O2A AGS W . -39.83 -22.95 -10.80
O3A AGS W . -40.01 -21.93 -13.07
O5' AGS W . -39.77 -24.44 -12.88
C5' AGS W . -41.17 -24.82 -12.93
C4' AGS W . -41.26 -26.32 -12.97
O4' AGS W . -40.48 -26.83 -14.07
C3' AGS W . -40.72 -27.03 -11.74
O3' AGS W . -41.70 -27.10 -10.71
C2' AGS W . -40.39 -28.42 -12.30
O2' AGS W . -41.54 -29.28 -12.30
C1' AGS W . -39.96 -28.11 -13.73
N9 AGS W . -38.51 -28.08 -13.93
C8 AGS W . -37.59 -27.48 -13.12
N7 AGS W . -36.36 -27.61 -13.54
C5 AGS W . -36.48 -28.37 -14.71
C6 AGS W . -35.53 -28.85 -15.63
N6 AGS W . -34.22 -28.64 -15.52
N1 AGS W . -36.00 -29.56 -16.68
C2 AGS W . -37.31 -29.76 -16.79
N3 AGS W . -38.30 -29.36 -15.99
C4 AGS W . -37.81 -28.66 -14.96
MG MG X . 32.06 -21.80 8.30
MG MG Y . 34.23 -18.40 8.26
MG MG Z . -16.50 -23.53 35.86
PG AGS AA . 35.30 -21.07 9.48
S1G AGS AA . 36.08 -19.70 10.63
O2G AGS AA . 34.10 -21.74 10.19
O3G AGS AA . 34.80 -20.40 8.15
PB AGS AA . 36.27 -22.93 7.75
O1B AGS AA . 36.37 -24.39 7.97
O2B AGS AA . 34.93 -22.50 7.13
O3B AGS AA . 36.37 -22.13 9.12
PA AGS AA . 37.06 -21.26 5.75
O1A AGS AA . 35.96 -20.40 6.25
O2A AGS AA . 36.80 -21.89 4.39
O3A AGS AA . 37.39 -22.43 6.75
O5' AGS AA . 38.38 -20.37 5.73
C5' AGS AA . 38.90 -19.82 6.96
C4' AGS AA . 39.59 -18.53 6.64
O4' AGS AA . 40.66 -18.76 5.71
C3' AGS AA . 38.71 -17.47 5.97
O3' AGS AA . 37.99 -16.72 6.94
C2' AGS AA . 39.74 -16.62 5.24
O2' AGS AA . 40.33 -15.65 6.10
C1' AGS AA . 40.78 -17.66 4.81
N9 AGS AA . 40.61 -18.15 3.46
C8 AGS AA . 39.89 -19.23 3.05
N7 AGS AA . 39.91 -19.44 1.75
C5 AGS AA . 40.71 -18.41 1.27
C6 AGS AA . 41.13 -18.06 -0.03
N6 AGS AA . 40.78 -18.74 -1.13
N1 AGS AA . 41.91 -16.97 -0.16
C2 AGS AA . 42.26 -16.29 0.94
N3 AGS AA . 41.92 -16.53 2.21
C4 AGS AA . 41.14 -17.61 2.30
PG AGS BA . -16.20 -23.14 38.91
S1G AGS BA . -16.77 -25.00 39.09
O2G AGS BA . -15.23 -22.79 40.07
O3G AGS BA . -15.45 -22.97 37.55
PB AGS BA . -18.02 -21.54 37.65
O1B AGS BA . -18.31 -20.11 37.89
O2B AGS BA . -16.97 -21.73 36.55
O3B AGS BA . -17.43 -22.21 38.96
PA AGS BA . -20.58 -21.62 36.57
O1A AGS BA . -20.24 -20.34 35.92
O2A AGS BA . -21.23 -22.63 35.61
O3A AGS BA . -19.30 -22.34 37.16
O5' AGS BA . -21.52 -21.32 37.80
C5' AGS BA . -22.07 -22.38 38.61
C4' AGS BA . -23.37 -21.92 39.22
O4' AGS BA . -23.16 -20.68 39.91
C3' AGS BA . -24.48 -21.63 38.22
O3' AGS BA . -25.18 -22.82 37.86
C2' AGS BA . -25.37 -20.67 39.00
O2' AGS BA . -26.29 -21.35 39.84
C1' AGS BA . -24.34 -19.89 39.85
N9 AGS BA . -23.99 -18.58 39.31
C8 AGS BA . -23.70 -18.27 38.01
N7 AGS BA . -23.42 -17.01 37.81
C5 AGS BA . -23.54 -16.45 39.08
C6 AGS BA . -23.36 -15.13 39.54
N6 AGS BA . -23.03 -14.10 38.77
N1 AGS BA . -23.56 -14.90 40.86
C2 AGS BA . -23.91 -15.93 41.65
N3 AGS BA . -24.10 -17.21 41.32
C4 AGS BA . -23.89 -17.41 40.01
N ARG CA . -28.78 25.31 10.47
CA ARG CA . -27.43 25.80 10.78
C ARG CA . -26.92 25.15 12.06
O ARG CA . -27.75 24.56 12.78
CB ARG CA . -27.46 27.32 10.97
CG ARG CA . -26.12 27.80 11.54
CD ARG CA . -25.17 28.09 10.38
NE ARG CA . -25.48 29.40 9.79
CZ ARG CA . -24.81 30.53 10.05
NH1 ARG CA . -25.17 31.68 9.46
NH2 ARG CA . -23.77 30.51 10.91
OXT ARG CA . -25.68 25.24 12.30
N ARG DA . -32.10 21.48 3.72
CA ARG DA . -31.55 22.51 2.82
C ARG DA . -32.64 22.98 1.85
O ARG DA . -33.55 22.17 1.60
CB ARG DA . -30.39 21.91 2.03
CG ARG DA . -30.03 22.83 0.85
CD ARG DA . -28.54 22.67 0.52
NE ARG DA . -27.74 23.47 1.46
CZ ARG DA . -26.82 24.36 1.08
NH1 ARG DA . -26.57 24.56 -0.22
NH2 ARG DA . -26.14 25.06 2.00
OXT ARG DA . -32.52 24.13 1.37
N ARG EA . -23.07 22.91 -20.49
CA ARG EA . -23.86 21.67 -20.58
C ARG EA . -23.17 20.68 -21.53
O ARG EA . -23.23 19.47 -21.22
CB ARG EA . -25.25 22.00 -21.12
CG ARG EA . -25.78 20.82 -21.94
CD ARG EA . -26.44 19.80 -21.01
NE ARG EA . -27.61 20.42 -20.37
CZ ARG EA . -28.86 19.93 -20.45
NH1 ARG EA . -29.86 20.57 -19.83
NH2 ARG EA . -29.10 18.81 -21.14
OXT ARG EA . -22.60 21.15 -22.53
N ARG FA . -20.20 26.80 -14.10
CA ARG FA . -21.48 26.72 -13.39
C ARG FA . -21.90 28.12 -12.92
O ARG FA . -23.11 28.29 -12.65
CB ARG FA . -21.32 25.81 -12.16
CG ARG FA . -22.27 26.26 -11.06
CD ARG FA . -22.68 25.05 -10.21
NE ARG FA . -23.41 24.09 -11.04
CZ ARG FA . -24.46 23.37 -10.61
NH1 ARG FA . -24.88 23.50 -9.34
NH2 ARG FA . -25.08 22.52 -11.43
OXT ARG FA . -21.00 28.98 -12.85
N ARG GA . 25.36 -20.80 19.32
CA ARG GA . 24.16 -20.88 20.16
C ARG GA . 24.08 -19.64 21.08
O ARG GA . 22.94 -19.26 21.39
CB ARG GA . 24.20 -22.14 21.03
CG ARG GA . 23.15 -22.04 22.13
CD ARG GA . 21.94 -22.91 21.77
NE ARG GA . 22.32 -24.32 21.84
CZ ARG GA . 22.57 -24.98 22.98
NH1 ARG GA . 22.47 -24.33 24.15
NH2 ARG GA . 22.90 -26.27 22.95
OXT ARG GA . 25.16 -19.12 21.42
N ARG HA . 27.13 -22.29 11.12
CA ARG HA . 26.81 -23.72 11.06
C ARG HA . 27.87 -24.44 10.21
O ARG HA . 28.16 -25.61 10.53
CB ARG HA . 25.44 -23.90 10.40
CG ARG HA . 24.48 -24.49 11.43
CD ARG HA . 23.07 -23.97 11.15
NE ARG HA . 22.24 -25.06 10.62
CZ ARG HA . 21.46 -25.83 11.37
NH1 ARG HA . 21.38 -25.64 12.69
NH2 ARG HA . 20.73 -26.82 10.80
OXT ARG HA . 28.35 -23.80 9.25
N ARG IA . 12.26 -37.81 -3.96
CA ARG IA . 12.84 -36.92 -4.99
C ARG IA . 11.75 -36.50 -5.98
O ARG IA . 10.70 -37.16 -5.98
CB ARG IA . 13.95 -37.66 -5.73
CG ARG IA . 14.39 -36.85 -6.94
CD ARG IA . 15.13 -35.59 -6.46
NE ARG IA . 16.51 -35.95 -6.11
CZ ARG IA . 17.55 -35.86 -6.94
NH1 ARG IA . 18.78 -36.21 -6.53
NH2 ARG IA . 17.37 -35.44 -8.20
OXT ARG IA . 12.01 -35.51 -6.70
N ARG JA . 11.34 -37.41 4.67
CA ARG JA . 12.71 -36.89 4.71
C ARG JA . 13.40 -37.37 5.99
O ARG JA . 12.67 -37.80 6.91
CB ARG JA . 12.67 -35.35 4.71
CG ARG JA . 14.05 -34.81 5.06
CD ARG JA . 14.06 -33.29 4.86
NE ARG JA . 14.78 -32.95 3.62
CZ ARG JA . 15.98 -32.37 3.58
NH1 ARG JA . 16.56 -32.10 2.40
NH2 ARG JA . 16.61 -32.06 4.71
OXT ARG JA . 14.65 -37.30 6.02
#